data_7XCN
#
_entry.id   7XCN
#
_cell.length_a   120.434
_cell.length_b   188.138
_cell.length_c   123.952
_cell.angle_alpha   90.000
_cell.angle_beta   119.250
_cell.angle_gamma   90.000
#
_symmetry.space_group_name_H-M   'P 1 21 1'
#
loop_
_entity.id
_entity.type
_entity.pdbx_description
1 polymer 'Trimethylamine methyltransferase'
2 polymer 'Trimethylamine methyltransferase corrinoid protein'
3 non-polymer GLYCEROL
4 non-polymer 5-HYDROXYBENZIMIDAZOLYLCOBAMIDE
5 water water
#
loop_
_entity_poly.entity_id
_entity_poly.type
_entity_poly.pdbx_seq_one_letter_code
_entity_poly.pdbx_strand_id
1 'polypeptide(L)'
;MAKNNAVAGFNALNGVELNLFTTDELKAIHYATMEVLMDPGIQVSDPEARQIFKENGCEVNEKTNVVKIPEYLVRKALQL
APSRFVLWGRDKKFNTVQECGGKVHWTCFGTGVKVCKYQDGKYVTVDSVEKDIADIAKLCDWAENIDYFSLPVSARDIAG
QGAQDVHETLTPLANTAKHFHHIDPVGENVEYYRDIVKAYYGGDEEEARKKPIFSMLLCPTSPLELSVNACQVIIKGARF
GIPVNVLSMAMSGGSSPVYLAGTLVTHNAEVLSGIVLAQLTVPGAKVWYGSSTTTFDLKKGTAPVGSPELGLISAAVAKL
AQFYGLPSYVAGSOSDAKVPDDQAGHEKTMTTLLPALAGANTIYGAGMLELGMTFSMEQLVIDNDIFSMVKKAMQGIPVS
EETLAVESIQKVGIGNNFLALKQTRQLVDYPSNPMLLDRHMFGDWAAAGSKDLATVAHEKVEDVLKNHQVTPIDADIFKD
MQAIVDKADKAFRGMGGHHHHHH
;
A,B,C,D,E,F
2 'polypeptide(L)'
;MANKEEIIAKAKEAITDFDDELAEEVANEALAAGIDPVELIEKGFTAGMEEVGEKFGQGELFLPHVLAAAEAMNSGIKVI
TPEMEKRKSQTKSLGTVAIGTIEGDIHSIGKDIVASMLNIAGFKVVDLGRDVPINTFVEKVKELKPQVVASSALMTTTMV
NQIQIEEQLKEAGVRDQVKTMVGGAPVTQDWADKIGADIYGESANDAVAKVKAALNVGGHHHHH
;
M,N,O,P,Q,R
#
# COMPACT_ATOMS: atom_id res chain seq x y z
N ALA A 2 -28.96 -20.62 5.48
CA ALA A 2 -28.10 -21.44 4.58
C ALA A 2 -26.65 -20.94 4.58
N LYS A 3 -25.80 -21.59 3.78
CA LYS A 3 -24.40 -21.21 3.69
C LYS A 3 -24.16 -19.98 2.83
N ASN A 4 -23.15 -19.20 3.19
CA ASN A 4 -22.85 -17.98 2.47
C ASN A 4 -22.47 -18.22 1.02
N ASN A 5 -23.00 -17.40 0.14
CA ASN A 5 -22.69 -17.48 -1.26
C ASN A 5 -22.61 -16.03 -1.67
N ALA A 6 -22.20 -15.20 -0.70
CA ALA A 6 -22.06 -13.76 -0.88
C ALA A 6 -21.07 -13.13 0.09
N VAL A 7 -19.82 -13.03 -0.35
CA VAL A 7 -18.75 -12.44 0.44
C VAL A 7 -18.48 -11.09 -0.18
N ALA A 8 -17.97 -10.16 0.63
CA ALA A 8 -17.69 -8.83 0.10
C ALA A 8 -16.26 -8.78 -0.37
N GLY A 9 -15.80 -7.58 -0.68
CA GLY A 9 -14.45 -7.37 -1.16
C GLY A 9 -13.38 -8.17 -0.43
N PHE A 10 -12.67 -9.01 -1.18
CA PHE A 10 -11.61 -9.88 -0.64
C PHE A 10 -10.33 -9.79 -1.49
N ASN A 11 -9.18 -9.61 -0.85
CA ASN A 11 -7.91 -9.52 -1.57
C ASN A 11 -7.14 -10.81 -1.49
N ALA A 12 -6.74 -11.32 -2.65
CA ALA A 12 -6.04 -12.58 -2.70
C ALA A 12 -4.75 -12.49 -3.49
N LEU A 13 -3.83 -13.41 -3.18
CA LEU A 13 -2.58 -13.49 -3.89
C LEU A 13 -2.57 -14.84 -4.58
N ASN A 14 -2.55 -14.80 -5.91
CA ASN A 14 -2.56 -16.01 -6.69
C ASN A 14 -1.16 -16.46 -7.07
N GLY A 15 -0.73 -17.55 -6.43
CA GLY A 15 0.58 -18.09 -6.70
C GLY A 15 1.58 -17.67 -5.65
N VAL A 16 2.78 -17.30 -6.09
CA VAL A 16 3.83 -16.89 -5.19
C VAL A 16 4.47 -15.64 -5.73
N GLU A 17 4.42 -14.55 -4.99
CA GLU A 17 5.05 -13.34 -5.49
C GLU A 17 6.44 -13.22 -4.88
N LEU A 18 7.39 -12.84 -5.72
CA LEU A 18 8.78 -12.67 -5.30
C LEU A 18 9.24 -11.26 -5.64
N ASN A 19 9.69 -10.52 -4.64
CA ASN A 19 10.14 -9.15 -4.84
C ASN A 19 11.61 -8.89 -4.54
N LEU A 20 12.24 -8.12 -5.43
CA LEU A 20 13.62 -7.75 -5.30
C LEU A 20 13.72 -6.24 -5.25
N PHE A 21 12.75 -5.56 -5.86
CA PHE A 21 12.80 -4.09 -5.90
C PHE A 21 11.55 -3.33 -5.51
N THR A 22 11.77 -2.05 -5.24
CA THR A 22 10.69 -1.13 -4.93
C THR A 22 10.71 -0.27 -6.19
N THR A 23 9.73 0.61 -6.32
CA THR A 23 9.68 1.49 -7.47
C THR A 23 10.87 2.43 -7.46
N ASP A 24 11.18 2.96 -6.29
CA ASP A 24 12.32 3.85 -6.15
C ASP A 24 13.57 3.19 -6.67
N GLU A 25 13.81 1.95 -6.28
CA GLU A 25 14.99 1.24 -6.72
C GLU A 25 14.99 1.04 -8.25
N LEU A 26 13.86 0.59 -8.80
CA LEU A 26 13.80 0.38 -10.25
C LEU A 26 14.19 1.67 -10.94
N LYS A 27 13.58 2.78 -10.52
CA LYS A 27 13.88 4.08 -11.10
C LYS A 27 15.35 4.41 -10.89
N ALA A 28 15.90 4.01 -9.75
CA ALA A 28 17.30 4.26 -9.44
C ALA A 28 18.17 3.63 -10.51
N ILE A 29 17.76 2.46 -10.95
CA ILE A 29 18.52 1.79 -11.99
C ILE A 29 18.26 2.40 -13.37
N HIS A 30 17.03 2.87 -13.60
CA HIS A 30 16.72 3.47 -14.88
C HIS A 30 17.52 4.75 -15.07
N TYR A 31 17.48 5.64 -14.08
CA TYR A 31 18.21 6.90 -14.18
C TYR A 31 19.70 6.65 -14.44
N ALA A 32 20.26 5.65 -13.76
CA ALA A 32 21.67 5.30 -13.90
C ALA A 32 21.98 4.84 -15.33
N THR A 33 21.02 4.16 -15.95
CA THR A 33 21.19 3.69 -17.32
C THR A 33 21.13 4.90 -18.28
N MET A 34 20.33 5.89 -17.91
CA MET A 34 20.20 7.08 -18.72
C MET A 34 21.49 7.90 -18.66
N GLU A 35 22.16 7.94 -17.52
CA GLU A 35 23.43 8.65 -17.44
C GLU A 35 24.45 7.94 -18.33
N VAL A 36 24.55 6.62 -18.18
CA VAL A 36 25.47 5.81 -18.97
C VAL A 36 25.19 5.89 -20.48
N LEU A 37 23.93 5.94 -20.88
CA LEU A 37 23.64 6.04 -22.30
C LEU A 37 24.19 7.34 -22.89
N MET A 38 24.56 8.28 -22.02
CA MET A 38 25.12 9.54 -22.48
C MET A 38 26.64 9.49 -22.35
N ASP A 39 27.11 8.77 -21.33
CA ASP A 39 28.53 8.62 -21.09
C ASP A 39 28.79 7.29 -20.40
N PRO A 40 29.66 6.46 -20.98
CA PRO A 40 30.37 6.77 -22.22
C PRO A 40 29.46 6.74 -23.44
N GLY A 41 28.35 6.02 -23.32
CA GLY A 41 27.43 5.90 -24.43
C GLY A 41 27.62 4.52 -25.02
N ILE A 42 27.09 4.29 -26.22
CA ILE A 42 27.21 2.99 -26.85
C ILE A 42 28.00 3.09 -28.15
N GLN A 43 28.82 2.07 -28.41
CA GLN A 43 29.61 2.04 -29.62
C GLN A 43 28.89 1.15 -30.64
N VAL A 44 28.32 1.77 -31.66
CA VAL A 44 27.64 1.04 -32.71
C VAL A 44 28.59 0.91 -33.88
N SER A 45 29.07 -0.31 -34.12
CA SER A 45 30.01 -0.56 -35.21
C SER A 45 29.40 -0.40 -36.59
N ASP A 46 28.20 -0.91 -36.79
CA ASP A 46 27.50 -0.84 -38.08
C ASP A 46 27.16 0.59 -38.52
N PRO A 47 27.58 0.99 -39.72
CA PRO A 47 27.24 2.35 -40.14
C PRO A 47 25.76 2.54 -40.50
N GLU A 48 25.09 1.46 -40.90
CA GLU A 48 23.67 1.57 -41.22
C GLU A 48 22.92 1.86 -39.92
N ALA A 49 23.35 1.21 -38.84
CA ALA A 49 22.75 1.43 -37.53
C ALA A 49 23.06 2.83 -37.05
N ARG A 50 24.28 3.30 -37.27
CA ARG A 50 24.65 4.64 -36.83
C ARG A 50 23.79 5.74 -37.47
N GLN A 51 23.39 5.55 -38.72
CA GLN A 51 22.58 6.54 -39.41
C GLN A 51 21.17 6.57 -38.86
N ILE A 52 20.59 5.40 -38.58
CA ILE A 52 19.24 5.35 -38.01
C ILE A 52 19.25 6.13 -36.70
N PHE A 53 20.23 5.85 -35.85
CA PHE A 53 20.34 6.56 -34.57
C PHE A 53 20.46 8.07 -34.86
N LYS A 54 21.44 8.45 -35.67
CA LYS A 54 21.65 9.86 -36.01
C LYS A 54 20.41 10.53 -36.58
N GLU A 55 19.70 9.84 -37.48
CA GLU A 55 18.47 10.37 -38.08
C GLU A 55 17.42 10.67 -37.02
N ASN A 56 17.53 10.01 -35.88
CA ASN A 56 16.55 10.19 -34.82
C ASN A 56 16.93 11.00 -33.59
N GLY A 57 18.04 11.73 -33.67
CA GLY A 57 18.43 12.56 -32.55
C GLY A 57 19.71 12.21 -31.83
N CYS A 58 20.13 10.95 -31.87
CA CYS A 58 21.36 10.58 -31.20
C CYS A 58 22.56 11.31 -31.80
N GLU A 59 23.41 11.84 -30.93
CA GLU A 59 24.62 12.54 -31.37
C GLU A 59 25.61 11.43 -31.66
N VAL A 60 25.96 11.22 -32.93
CA VAL A 60 26.91 10.15 -33.27
C VAL A 60 28.29 10.66 -33.61
N ASN A 61 29.30 10.12 -32.95
CA ASN A 61 30.70 10.47 -33.20
C ASN A 61 31.21 9.46 -34.24
N GLU A 62 31.42 9.90 -35.48
CA GLU A 62 31.88 8.98 -36.53
C GLU A 62 33.32 8.50 -36.41
N LYS A 63 34.17 9.28 -35.74
CA LYS A 63 35.56 8.86 -35.56
C LYS A 63 35.63 7.67 -34.64
N THR A 64 34.89 7.71 -33.54
CA THR A 64 34.90 6.65 -32.53
C THR A 64 33.72 5.68 -32.60
N ASN A 65 32.73 6.00 -33.44
CA ASN A 65 31.56 5.15 -33.58
C ASN A 65 30.68 5.14 -32.33
N VAL A 66 30.86 6.13 -31.46
CA VAL A 66 30.06 6.18 -30.25
C VAL A 66 28.75 6.95 -30.46
N VAL A 67 27.69 6.35 -29.92
CA VAL A 67 26.34 6.89 -30.00
C VAL A 67 25.81 7.23 -28.62
N LYS A 68 25.34 8.45 -28.43
CA LYS A 68 24.75 8.87 -27.14
C LYS A 68 23.24 8.97 -27.32
N ILE A 69 22.56 7.89 -26.96
CA ILE A 69 21.10 7.80 -27.08
C ILE A 69 20.45 8.67 -26.02
N PRO A 70 19.66 9.67 -26.44
CA PRO A 70 19.00 10.52 -25.44
C PRO A 70 17.83 9.77 -24.81
N GLU A 71 17.49 10.12 -23.57
CA GLU A 71 16.42 9.43 -22.86
C GLU A 71 15.06 9.44 -23.56
N TYR A 72 14.76 10.46 -24.37
CA TYR A 72 13.46 10.49 -25.02
C TYR A 72 13.34 9.41 -26.09
N LEU A 73 14.48 8.92 -26.59
CA LEU A 73 14.44 7.88 -27.60
C LEU A 73 14.20 6.55 -26.93
N VAL A 74 14.59 6.43 -25.68
CA VAL A 74 14.33 5.18 -24.97
C VAL A 74 12.83 5.14 -24.74
N ARG A 75 12.30 6.28 -24.30
CA ARG A 75 10.87 6.39 -24.04
C ARG A 75 10.07 6.07 -25.31
N LYS A 76 10.38 6.79 -26.40
CA LYS A 76 9.71 6.58 -27.68
C LYS A 76 9.84 5.12 -28.13
N ALA A 77 11.02 4.56 -27.94
CA ALA A 77 11.22 3.17 -28.32
C ALA A 77 10.27 2.29 -27.51
N LEU A 78 10.28 2.46 -26.19
CA LEU A 78 9.43 1.68 -25.31
C LEU A 78 7.93 1.84 -25.61
N GLN A 79 7.52 3.05 -25.94
CA GLN A 79 6.11 3.30 -26.24
C GLN A 79 5.70 2.51 -27.49
N LEU A 80 6.69 2.20 -28.33
CA LEU A 80 6.48 1.49 -29.57
C LEU A 80 6.55 -0.04 -29.50
N ALA A 81 7.55 -0.56 -28.80
CA ALA A 81 7.71 -2.01 -28.68
C ALA A 81 6.39 -2.62 -28.16
N PRO A 82 5.92 -3.69 -28.81
CA PRO A 82 4.67 -4.25 -28.32
C PRO A 82 4.92 -4.89 -26.96
N SER A 83 3.85 -5.10 -26.20
CA SER A 83 3.95 -5.69 -24.87
C SER A 83 3.79 -7.19 -24.92
N ARG A 84 3.31 -7.69 -26.06
CA ARG A 84 3.17 -9.13 -26.25
C ARG A 84 3.21 -9.53 -27.73
N PHE A 85 3.45 -10.82 -27.95
CA PHE A 85 3.49 -11.39 -29.28
C PHE A 85 3.52 -12.90 -29.14
N VAL A 86 3.14 -13.59 -30.21
CA VAL A 86 3.08 -15.02 -30.19
C VAL A 86 4.09 -15.73 -31.07
N LEU A 87 4.86 -16.63 -30.45
CA LEU A 87 5.82 -17.39 -31.23
C LEU A 87 4.93 -18.48 -31.75
N TRP A 88 5.26 -19.00 -32.92
CA TRP A 88 4.48 -20.06 -33.52
C TRP A 88 5.33 -21.29 -33.73
N GLY A 89 4.68 -22.44 -33.73
CA GLY A 89 5.37 -23.68 -33.98
C GLY A 89 4.66 -24.12 -35.25
N ARG A 90 4.95 -25.30 -35.78
CA ARG A 90 4.21 -25.72 -36.96
C ARG A 90 2.83 -26.16 -36.43
N ASP A 91 2.81 -26.70 -35.20
CA ASP A 91 1.57 -27.14 -34.57
C ASP A 91 1.04 -26.08 -33.59
N LYS A 92 -0.05 -25.41 -33.97
CA LYS A 92 -0.66 -24.38 -33.12
C LYS A 92 -0.63 -24.75 -31.64
N LYS A 93 -0.79 -26.03 -31.35
CA LYS A 93 -0.80 -26.48 -29.97
C LYS A 93 0.48 -26.11 -29.25
N PHE A 94 1.54 -25.93 -30.01
CA PHE A 94 2.83 -25.56 -29.45
C PHE A 94 3.07 -24.06 -29.50
N ASN A 95 2.08 -23.31 -29.98
CA ASN A 95 2.22 -21.85 -30.02
C ASN A 95 2.56 -21.40 -28.59
N THR A 96 3.26 -20.27 -28.47
CA THR A 96 3.64 -19.77 -27.16
C THR A 96 3.57 -18.24 -27.06
N VAL A 97 2.85 -17.75 -26.07
CA VAL A 97 2.76 -16.31 -25.87
C VAL A 97 4.01 -15.84 -25.12
N GLN A 98 4.32 -14.57 -25.31
CA GLN A 98 5.43 -13.92 -24.65
C GLN A 98 4.92 -12.54 -24.33
N GLU A 99 4.53 -12.32 -23.08
CA GLU A 99 4.02 -11.02 -22.74
C GLU A 99 4.48 -10.50 -21.41
N CYS A 100 4.55 -9.18 -21.35
CA CYS A 100 4.96 -8.44 -20.18
C CYS A 100 4.18 -8.93 -18.96
N GLY A 101 4.88 -9.53 -18.00
CA GLY A 101 4.21 -10.02 -16.82
C GLY A 101 4.91 -11.17 -16.15
N GLY A 102 4.11 -12.08 -15.58
CA GLY A 102 4.65 -13.23 -14.88
C GLY A 102 4.33 -14.54 -15.55
N LYS A 103 3.99 -14.52 -16.83
CA LYS A 103 3.68 -15.77 -17.53
C LYS A 103 4.99 -16.45 -17.94
N VAL A 104 5.39 -17.43 -17.15
CA VAL A 104 6.63 -18.17 -17.35
C VAL A 104 6.60 -19.30 -18.39
N HIS A 105 7.69 -19.47 -19.12
CA HIS A 105 7.86 -20.56 -20.11
C HIS A 105 9.31 -21.00 -20.16
N TRP A 106 9.55 -22.26 -20.47
CA TRP A 106 10.91 -22.76 -20.54
C TRP A 106 11.34 -23.14 -21.95
N THR A 107 12.63 -23.00 -22.22
CA THR A 107 13.19 -23.39 -23.50
C THR A 107 14.56 -23.97 -23.19
N CYS A 108 15.13 -24.73 -24.12
CA CYS A 108 16.43 -25.34 -23.87
C CYS A 108 17.63 -24.40 -24.05
N PHE A 109 18.79 -24.87 -23.57
CA PHE A 109 20.06 -24.14 -23.64
C PHE A 109 20.60 -24.07 -25.07
N GLY A 110 21.51 -23.13 -25.29
CA GLY A 110 22.13 -22.96 -26.58
C GLY A 110 23.29 -22.00 -26.44
N THR A 111 24.42 -22.26 -27.11
CA THR A 111 24.59 -23.44 -27.95
C THR A 111 25.83 -24.18 -27.48
N GLY A 112 25.72 -25.50 -27.36
CA GLY A 112 26.85 -26.29 -26.93
C GLY A 112 27.74 -26.67 -28.11
N VAL A 113 29.01 -26.93 -27.81
CA VAL A 113 29.95 -27.33 -28.84
C VAL A 113 30.15 -28.83 -28.74
N LYS A 114 29.77 -29.39 -27.59
CA LYS A 114 29.90 -30.82 -27.31
C LYS A 114 28.57 -31.43 -26.89
N VAL A 115 28.47 -32.75 -26.93
CA VAL A 115 27.25 -33.44 -26.52
C VAL A 115 27.56 -34.64 -25.64
N CYS A 116 27.07 -34.59 -24.41
CA CYS A 116 27.27 -35.66 -23.43
C CYS A 116 26.60 -36.94 -23.88
N LYS A 117 27.35 -38.04 -23.87
N LYS A 117 27.37 -38.03 -23.91
CA LYS A 117 26.80 -39.34 -24.25
CA LYS A 117 26.87 -39.34 -24.32
C LYS A 117 27.09 -40.39 -23.18
C LYS A 117 27.34 -40.41 -23.32
N TYR A 118 26.03 -40.87 -22.55
N TYR A 118 27.31 -41.67 -23.74
CA TYR A 118 26.13 -41.88 -21.49
CA TYR A 118 27.73 -42.78 -22.89
C TYR A 118 25.53 -43.19 -21.99
C TYR A 118 27.91 -44.03 -23.74
N LYS A 122 30.52 -45.20 -20.01
N LYS A 122 30.67 -43.94 -15.91
CA LYS A 122 30.18 -44.26 -18.96
CA LYS A 122 30.89 -42.52 -16.14
C LYS A 122 29.75 -42.91 -19.54
C LYS A 122 30.49 -42.10 -17.55
N TYR A 123 30.21 -41.83 -18.94
N TYR A 123 30.31 -40.80 -17.76
CA TYR A 123 29.87 -40.48 -19.41
CA TYR A 123 29.92 -40.26 -19.06
C TYR A 123 31.02 -39.87 -20.22
C TYR A 123 31.12 -39.65 -19.77
N VAL A 124 30.78 -39.66 -21.51
N VAL A 124 30.92 -39.25 -21.02
CA VAL A 124 31.79 -39.08 -22.38
CA VAL A 124 31.96 -38.64 -21.82
C VAL A 124 31.20 -37.92 -23.18
C VAL A 124 31.43 -37.40 -22.53
N THR A 125 32.07 -37.02 -23.62
CA THR A 125 31.64 -35.86 -24.38
C THR A 125 32.27 -35.87 -25.77
N VAL A 126 31.46 -35.66 -26.80
CA VAL A 126 31.98 -35.65 -28.16
C VAL A 126 31.49 -34.48 -29.00
N ASP A 127 32.42 -33.62 -29.42
CA ASP A 127 32.10 -32.44 -30.24
C ASP A 127 30.84 -32.63 -31.08
N SER A 128 29.91 -31.69 -30.94
CA SER A 128 28.63 -31.76 -31.64
C SER A 128 28.66 -31.61 -33.15
N VAL A 129 27.57 -32.06 -33.77
CA VAL A 129 27.40 -32.00 -35.22
C VAL A 129 25.91 -31.95 -35.50
N GLU A 130 25.55 -31.38 -36.65
CA GLU A 130 24.16 -31.23 -37.06
C GLU A 130 23.20 -32.37 -36.73
N LYS A 131 23.69 -33.60 -36.70
CA LYS A 131 22.81 -34.72 -36.40
C LYS A 131 22.30 -34.64 -34.97
N ASP A 132 23.15 -34.11 -34.09
CA ASP A 132 22.80 -33.95 -32.68
C ASP A 132 21.62 -32.99 -32.53
N ILE A 133 21.65 -31.89 -33.28
CA ILE A 133 20.58 -30.92 -33.22
C ILE A 133 19.26 -31.60 -33.60
N ALA A 134 19.35 -32.61 -34.45
CA ALA A 134 18.16 -33.32 -34.90
C ALA A 134 17.50 -34.11 -33.77
N ASP A 135 18.32 -34.78 -32.95
CA ASP A 135 17.81 -35.57 -31.84
C ASP A 135 17.24 -34.71 -30.73
N ILE A 136 18.05 -33.79 -30.23
CA ILE A 136 17.61 -32.90 -29.18
C ILE A 136 16.28 -32.28 -29.59
N ALA A 137 16.14 -32.01 -30.87
CA ALA A 137 14.88 -31.43 -31.36
C ALA A 137 13.76 -32.45 -31.14
N LYS A 138 14.08 -33.73 -31.33
CA LYS A 138 13.11 -34.79 -31.15
C LYS A 138 12.80 -34.92 -29.66
N LEU A 139 13.84 -34.85 -28.84
CA LEU A 139 13.70 -34.96 -27.39
C LEU A 139 12.97 -33.74 -26.82
N CYS A 140 13.37 -32.55 -27.28
CA CYS A 140 12.74 -31.33 -26.81
C CYS A 140 11.31 -31.22 -27.30
N ASP A 141 11.02 -31.85 -28.43
CA ASP A 141 9.66 -31.82 -28.98
C ASP A 141 8.73 -32.60 -28.06
N TRP A 142 9.27 -33.64 -27.45
CA TRP A 142 8.52 -34.48 -26.53
C TRP A 142 8.41 -33.86 -25.12
N ALA A 143 9.44 -33.14 -24.69
CA ALA A 143 9.45 -32.52 -23.36
C ALA A 143 8.36 -31.46 -23.18
N GLU A 144 7.31 -31.81 -22.43
CA GLU A 144 6.17 -30.92 -22.20
C GLU A 144 6.43 -29.55 -21.62
N ASN A 145 7.44 -29.44 -20.75
CA ASN A 145 7.75 -28.16 -20.14
C ASN A 145 8.62 -27.30 -21.01
N ILE A 146 9.09 -27.87 -22.13
CA ILE A 146 9.93 -27.13 -23.06
C ILE A 146 9.03 -26.50 -24.12
N ASP A 147 8.48 -25.33 -23.80
CA ASP A 147 7.59 -24.60 -24.69
C ASP A 147 8.06 -24.46 -26.14
N TYR A 148 9.28 -23.98 -26.34
CA TYR A 148 9.82 -23.89 -27.68
C TYR A 148 11.29 -24.30 -27.74
N PHE A 149 11.78 -24.48 -28.95
CA PHE A 149 13.15 -24.94 -29.17
C PHE A 149 14.11 -23.81 -29.45
N SER A 150 15.32 -23.92 -28.89
CA SER A 150 16.39 -22.95 -29.08
C SER A 150 17.64 -23.72 -29.56
N LEU A 151 18.30 -23.25 -30.62
CA LEU A 151 19.50 -23.92 -31.15
C LEU A 151 20.33 -24.41 -29.97
N PRO A 152 20.32 -25.73 -29.71
CA PRO A 152 21.05 -26.39 -28.61
C PRO A 152 22.56 -26.56 -28.72
N VAL A 153 23.03 -26.96 -29.90
CA VAL A 153 24.46 -27.20 -30.16
C VAL A 153 24.84 -26.85 -31.60
N SER A 154 26.05 -26.32 -31.77
CA SER A 154 26.53 -25.95 -33.10
C SER A 154 26.89 -27.18 -33.94
N ALA A 155 26.42 -27.19 -35.19
CA ALA A 155 26.73 -28.28 -36.10
C ALA A 155 28.12 -27.99 -36.65
N ARG A 156 29.15 -28.35 -35.90
CA ARG A 156 30.54 -28.12 -36.28
C ARG A 156 30.93 -28.80 -37.57
N ASP A 157 30.23 -29.88 -37.92
CA ASP A 157 30.55 -30.62 -39.13
C ASP A 157 30.23 -29.83 -40.40
N ILE A 158 29.15 -29.06 -40.38
CA ILE A 158 28.78 -28.27 -41.56
C ILE A 158 29.60 -26.99 -41.57
N ALA A 159 30.46 -26.85 -40.57
CA ALA A 159 31.32 -25.67 -40.42
C ALA A 159 32.45 -25.59 -41.44
N GLY A 160 32.39 -24.62 -42.33
CA GLY A 160 33.42 -24.45 -43.33
C GLY A 160 33.11 -25.15 -44.64
N GLN A 161 32.00 -25.90 -44.67
CA GLN A 161 31.60 -26.61 -45.87
C GLN A 161 30.33 -26.01 -46.43
N GLY A 162 29.79 -25.02 -45.73
CA GLY A 162 28.57 -24.36 -46.17
C GLY A 162 28.08 -23.37 -45.15
N ALA A 163 26.87 -22.87 -45.32
CA ALA A 163 26.30 -21.91 -44.37
C ALA A 163 25.86 -22.65 -43.11
N GLN A 164 26.81 -22.85 -42.19
CA GLN A 164 26.53 -23.55 -40.94
C GLN A 164 25.21 -23.11 -40.33
N ASP A 165 25.02 -21.80 -40.24
CA ASP A 165 23.82 -21.23 -39.67
C ASP A 165 22.54 -21.53 -40.43
N VAL A 166 22.60 -21.55 -41.76
CA VAL A 166 21.38 -21.85 -42.51
C VAL A 166 21.01 -23.31 -42.29
N HIS A 167 22.02 -24.15 -42.10
CA HIS A 167 21.76 -25.55 -41.84
C HIS A 167 21.12 -25.62 -40.47
N GLU A 168 21.68 -24.86 -39.52
CA GLU A 168 21.17 -24.80 -38.16
C GLU A 168 19.75 -24.24 -38.07
N THR A 169 19.19 -23.86 -39.22
CA THR A 169 17.84 -23.34 -39.28
C THR A 169 16.87 -24.39 -39.80
N LEU A 170 17.29 -25.13 -40.82
CA LEU A 170 16.43 -26.14 -41.41
C LEU A 170 16.24 -27.39 -40.54
N THR A 171 17.34 -27.94 -40.01
CA THR A 171 17.23 -29.13 -39.18
C THR A 171 16.33 -28.96 -37.95
N PRO A 172 16.39 -27.80 -37.28
CA PRO A 172 15.52 -27.61 -36.12
C PRO A 172 14.03 -27.58 -36.51
N LEU A 173 13.68 -26.75 -37.49
CA LEU A 173 12.30 -26.65 -37.93
C LEU A 173 11.85 -28.00 -38.45
N ALA A 174 12.81 -28.77 -38.94
CA ALA A 174 12.55 -30.11 -39.47
C ALA A 174 12.18 -31.10 -38.37
N ASN A 175 13.11 -31.32 -37.46
CA ASN A 175 12.89 -32.28 -36.37
C ASN A 175 12.05 -31.79 -35.18
N THR A 176 11.38 -30.66 -35.33
CA THR A 176 10.52 -30.10 -34.27
C THR A 176 9.39 -29.29 -34.86
N ALA A 177 8.25 -29.29 -34.17
CA ALA A 177 7.08 -28.54 -34.64
C ALA A 177 6.86 -27.31 -33.75
N LYS A 178 7.75 -27.09 -32.80
CA LYS A 178 7.63 -25.96 -31.88
C LYS A 178 8.40 -24.76 -32.40
N HIS A 179 8.07 -23.58 -31.91
CA HIS A 179 8.77 -22.37 -32.34
C HIS A 179 10.27 -22.64 -32.27
N PHE A 180 11.03 -21.97 -33.10
CA PHE A 180 12.49 -22.18 -33.10
C PHE A 180 13.21 -20.87 -32.86
N HIS A 181 13.93 -20.81 -31.75
CA HIS A 181 14.67 -19.61 -31.39
C HIS A 181 16.14 -19.79 -31.74
N HIS A 182 16.57 -19.14 -32.81
CA HIS A 182 17.96 -19.24 -33.25
C HIS A 182 18.93 -18.50 -32.31
N ILE A 183 19.67 -19.27 -31.53
CA ILE A 183 20.62 -18.72 -30.57
C ILE A 183 21.85 -18.07 -31.21
N ASP A 184 22.17 -18.45 -32.45
CA ASP A 184 23.34 -17.87 -33.09
C ASP A 184 23.28 -17.69 -34.62
N PRO A 185 22.58 -16.64 -35.08
CA PRO A 185 22.46 -16.37 -36.51
C PRO A 185 23.56 -15.46 -37.01
N VAL A 186 23.61 -15.32 -38.33
CA VAL A 186 24.58 -14.46 -38.99
C VAL A 186 23.71 -13.40 -39.63
N GLY A 187 24.01 -12.14 -39.34
CA GLY A 187 23.23 -11.06 -39.91
C GLY A 187 23.15 -11.17 -41.41
N GLU A 188 24.31 -11.32 -42.04
CA GLU A 188 24.37 -11.42 -43.49
C GLU A 188 23.42 -12.47 -44.04
N ASN A 189 23.02 -13.42 -43.21
CA ASN A 189 22.15 -14.49 -43.68
C ASN A 189 20.70 -14.42 -43.24
N VAL A 190 20.29 -13.34 -42.61
CA VAL A 190 18.91 -13.25 -42.17
C VAL A 190 17.99 -13.49 -43.38
N GLU A 191 18.33 -12.90 -44.54
CA GLU A 191 17.49 -13.07 -45.72
C GLU A 191 17.17 -14.54 -45.94
N TYR A 192 18.16 -15.40 -45.77
CA TYR A 192 17.92 -16.84 -45.94
C TYR A 192 16.85 -17.33 -44.98
N TYR A 193 17.02 -17.09 -43.68
CA TYR A 193 16.04 -17.54 -42.70
C TYR A 193 14.64 -17.10 -43.13
N ARG A 194 14.52 -15.84 -43.53
CA ARG A 194 13.23 -15.31 -43.97
C ARG A 194 12.72 -16.21 -45.09
N ASP A 195 13.56 -16.45 -46.08
CA ASP A 195 13.19 -17.28 -47.21
C ASP A 195 12.82 -18.70 -46.80
N ILE A 196 13.45 -19.20 -45.75
CA ILE A 196 13.15 -20.55 -45.28
C ILE A 196 11.77 -20.60 -44.64
N VAL A 197 11.46 -19.59 -43.82
CA VAL A 197 10.16 -19.53 -43.17
C VAL A 197 9.11 -19.26 -44.23
N LYS A 198 9.46 -18.40 -45.19
CA LYS A 198 8.57 -18.05 -46.30
C LYS A 198 8.30 -19.28 -47.16
N ALA A 199 9.35 -20.06 -47.41
CA ALA A 199 9.21 -21.28 -48.21
C ALA A 199 8.26 -22.23 -47.49
N TYR A 200 8.32 -22.24 -46.16
CA TYR A 200 7.44 -23.11 -45.39
C TYR A 200 5.97 -22.72 -45.63
N TYR A 201 5.68 -21.44 -45.49
CA TYR A 201 4.33 -20.94 -45.68
C TYR A 201 3.90 -20.80 -47.15
N GLY A 202 4.56 -21.57 -48.01
CA GLY A 202 4.24 -21.54 -49.43
C GLY A 202 4.46 -20.21 -50.12
N GLY A 203 5.51 -19.50 -49.73
CA GLY A 203 5.81 -18.22 -50.37
C GLY A 203 4.96 -17.04 -49.95
N ASP A 204 4.12 -17.22 -48.94
CA ASP A 204 3.24 -16.15 -48.44
C ASP A 204 3.95 -15.37 -47.33
N GLU A 205 4.66 -14.31 -47.71
CA GLU A 205 5.37 -13.50 -46.72
C GLU A 205 4.45 -12.99 -45.63
N GLU A 206 3.17 -12.82 -45.95
CA GLU A 206 2.21 -12.35 -44.97
C GLU A 206 2.04 -13.40 -43.88
N GLU A 207 1.92 -14.66 -44.28
CA GLU A 207 1.77 -15.76 -43.33
C GLU A 207 2.98 -15.86 -42.42
N ALA A 208 4.17 -15.78 -43.00
CA ALA A 208 5.41 -15.87 -42.25
C ALA A 208 5.47 -14.79 -41.15
N ARG A 209 5.09 -13.57 -41.51
CA ARG A 209 5.11 -12.47 -40.57
C ARG A 209 4.07 -12.61 -39.47
N LYS A 210 2.83 -12.90 -39.88
CA LYS A 210 1.71 -13.08 -38.97
C LYS A 210 1.88 -14.25 -38.00
N LYS A 211 2.55 -15.31 -38.44
CA LYS A 211 2.74 -16.49 -37.61
C LYS A 211 4.20 -16.88 -37.55
N PRO A 212 5.02 -16.03 -36.92
CA PRO A 212 6.45 -16.30 -36.82
C PRO A 212 6.79 -17.63 -36.17
N ILE A 213 7.40 -18.53 -36.96
CA ILE A 213 7.80 -19.83 -36.44
C ILE A 213 9.29 -19.81 -36.18
N PHE A 214 9.90 -18.67 -36.44
CA PHE A 214 11.33 -18.53 -36.25
C PHE A 214 11.68 -17.16 -35.67
N SER A 215 12.40 -17.18 -34.56
CA SER A 215 12.85 -15.96 -33.90
C SER A 215 14.38 -16.02 -33.79
N MET A 216 15.02 -14.94 -33.39
CA MET A 216 16.48 -14.95 -33.26
C MET A 216 17.05 -14.03 -32.19
N LEU A 217 18.15 -14.49 -31.60
CA LEU A 217 18.84 -13.78 -30.53
C LEU A 217 20.13 -13.12 -31.00
N LEU A 218 20.58 -12.12 -30.28
CA LEU A 218 21.82 -11.44 -30.61
C LEU A 218 22.36 -10.86 -29.30
N CYS A 219 23.67 -10.76 -29.18
CA CYS A 219 24.24 -10.27 -27.95
C CYS A 219 25.05 -9.01 -28.03
N PRO A 220 24.77 -8.08 -27.12
CA PRO A 220 25.54 -6.83 -27.15
C PRO A 220 26.93 -7.26 -26.73
N THR A 221 27.95 -6.57 -27.21
CA THR A 221 29.30 -6.89 -26.84
C THR A 221 29.63 -6.19 -25.53
N SER A 222 29.50 -6.91 -24.43
CA SER A 222 29.77 -6.35 -23.11
C SER A 222 31.25 -5.99 -22.99
N PRO A 223 31.56 -4.75 -22.57
CA PRO A 223 30.59 -3.71 -22.21
C PRO A 223 30.33 -2.55 -23.17
N LEU A 224 29.08 -2.10 -23.17
CA LEU A 224 28.63 -0.95 -23.94
C LEU A 224 28.89 -0.79 -25.43
N GLU A 225 28.54 -1.79 -26.22
CA GLU A 225 28.68 -1.67 -27.67
C GLU A 225 27.99 -2.75 -28.47
N LEU A 226 27.38 -2.36 -29.58
CA LEU A 226 26.69 -3.29 -30.48
C LEU A 226 27.60 -3.56 -31.67
N SER A 227 27.81 -4.83 -32.01
CA SER A 227 28.66 -5.18 -33.15
C SER A 227 27.87 -5.08 -34.44
N VAL A 228 28.58 -5.10 -35.56
CA VAL A 228 27.90 -5.00 -36.85
C VAL A 228 26.87 -6.12 -36.99
N ASN A 229 27.18 -7.28 -36.43
CA ASN A 229 26.26 -8.43 -36.52
C ASN A 229 25.01 -8.23 -35.69
N ALA A 230 25.21 -7.83 -34.45
CA ALA A 230 24.11 -7.60 -33.53
C ALA A 230 23.14 -6.64 -34.21
N CYS A 231 23.70 -5.56 -34.75
CA CYS A 231 22.91 -4.53 -35.43
C CYS A 231 22.14 -5.09 -36.62
N GLN A 232 22.83 -5.86 -37.43
CA GLN A 232 22.22 -6.43 -38.62
C GLN A 232 21.11 -7.41 -38.27
N VAL A 233 21.26 -8.13 -37.17
CA VAL A 233 20.23 -9.07 -36.74
C VAL A 233 19.00 -8.28 -36.33
N ILE A 234 19.21 -7.21 -35.57
CA ILE A 234 18.13 -6.34 -35.13
C ILE A 234 17.45 -5.72 -36.34
N ILE A 235 18.19 -4.86 -37.04
CA ILE A 235 17.69 -4.16 -38.22
C ILE A 235 16.94 -5.07 -39.16
N LYS A 236 17.60 -6.15 -39.58
CA LYS A 236 16.96 -7.08 -40.49
C LYS A 236 15.78 -7.74 -39.81
N GLY A 237 15.97 -8.14 -38.55
CA GLY A 237 14.90 -8.76 -37.80
C GLY A 237 13.65 -7.93 -37.86
N ALA A 238 13.80 -6.62 -37.67
CA ALA A 238 12.66 -5.68 -37.68
C ALA A 238 12.00 -5.47 -39.04
N ARG A 239 12.79 -5.51 -40.11
CA ARG A 239 12.26 -5.32 -41.45
C ARG A 239 11.50 -6.56 -41.93
N PHE A 240 11.99 -7.72 -41.51
CA PHE A 240 11.40 -9.00 -41.90
C PHE A 240 10.30 -9.51 -40.96
N GLY A 241 10.13 -8.85 -39.82
CA GLY A 241 9.11 -9.30 -38.90
C GLY A 241 9.47 -10.57 -38.18
N ILE A 242 10.76 -10.70 -37.83
CA ILE A 242 11.26 -11.86 -37.11
C ILE A 242 11.53 -11.35 -35.69
N PRO A 243 10.86 -11.97 -34.69
CA PRO A 243 11.04 -11.57 -33.29
C PRO A 243 12.51 -11.63 -32.90
N VAL A 244 12.99 -10.55 -32.27
CA VAL A 244 14.39 -10.53 -31.87
C VAL A 244 14.64 -10.43 -30.38
N ASN A 245 15.46 -11.34 -29.88
CA ASN A 245 15.81 -11.34 -28.48
C ASN A 245 17.14 -10.60 -28.29
N VAL A 246 17.05 -9.35 -27.83
CA VAL A 246 18.25 -8.55 -27.57
C VAL A 246 18.69 -8.98 -26.18
N LEU A 247 19.57 -9.96 -26.12
CA LEU A 247 20.04 -10.52 -24.86
C LEU A 247 21.52 -10.29 -24.55
N SER A 248 21.80 -9.35 -23.66
CA SER A 248 23.18 -9.07 -23.28
C SER A 248 23.70 -10.19 -22.38
N MET A 249 24.98 -10.15 -22.06
CA MET A 249 25.60 -11.19 -21.27
C MET A 249 26.87 -10.65 -20.62
N ALA A 250 26.69 -9.69 -19.72
CA ALA A 250 27.84 -9.11 -19.04
C ALA A 250 28.29 -10.07 -17.95
N MET A 251 29.43 -9.76 -17.34
CA MET A 251 29.97 -10.59 -16.27
C MET A 251 30.50 -9.72 -15.14
N SER A 252 29.85 -9.82 -13.98
CA SER A 252 30.22 -9.08 -12.78
C SER A 252 31.70 -9.26 -12.47
N GLY A 253 32.42 -8.15 -12.32
CA GLY A 253 33.84 -8.21 -12.03
C GLY A 253 34.67 -8.25 -13.30
N GLY A 254 34.04 -8.68 -14.39
CA GLY A 254 34.74 -8.76 -15.66
C GLY A 254 34.33 -7.64 -16.59
N SER A 255 33.20 -7.82 -17.28
CA SER A 255 32.74 -6.80 -18.21
C SER A 255 31.84 -5.75 -17.55
N SER A 256 31.58 -5.93 -16.26
CA SER A 256 30.73 -4.98 -15.54
C SER A 256 31.07 -4.92 -14.05
N PRO A 257 30.48 -3.96 -13.32
CA PRO A 257 30.74 -3.82 -11.88
C PRO A 257 30.61 -5.13 -11.10
N VAL A 258 31.37 -5.26 -10.02
CA VAL A 258 31.30 -6.45 -9.19
C VAL A 258 29.92 -6.51 -8.54
N TYR A 259 29.36 -5.33 -8.24
CA TYR A 259 28.04 -5.26 -7.62
C TYR A 259 27.00 -5.69 -8.66
N LEU A 260 25.91 -6.30 -8.19
CA LEU A 260 24.85 -6.74 -9.10
C LEU A 260 24.04 -5.55 -9.61
N ALA A 261 23.89 -4.52 -8.80
CA ALA A 261 23.15 -3.34 -9.23
C ALA A 261 23.87 -2.73 -10.43
N GLY A 262 25.16 -2.47 -10.26
CA GLY A 262 25.94 -1.89 -11.35
C GLY A 262 25.92 -2.76 -12.60
N THR A 263 25.88 -4.07 -12.40
CA THR A 263 25.85 -5.00 -13.52
C THR A 263 24.49 -4.97 -14.21
N LEU A 264 23.47 -4.47 -13.54
CA LEU A 264 22.18 -4.39 -14.19
C LEU A 264 22.17 -3.09 -14.99
N VAL A 265 22.89 -2.08 -14.50
CA VAL A 265 22.93 -0.81 -15.20
C VAL A 265 23.65 -0.98 -16.53
N THR A 266 24.71 -1.75 -16.54
CA THR A 266 25.44 -1.97 -17.78
C THR A 266 24.62 -2.85 -18.70
N HIS A 267 24.06 -3.91 -18.13
CA HIS A 267 23.20 -4.83 -18.87
C HIS A 267 22.01 -4.06 -19.47
N ASN A 268 21.41 -3.19 -18.66
CA ASN A 268 20.25 -2.44 -19.11
C ASN A 268 20.57 -1.58 -20.32
N ALA A 269 21.61 -0.77 -20.22
CA ALA A 269 22.01 0.14 -21.30
C ALA A 269 22.22 -0.57 -22.63
N GLU A 270 22.93 -1.69 -22.59
CA GLU A 270 23.20 -2.46 -23.79
C GLU A 270 21.87 -2.85 -24.43
N VAL A 271 21.05 -3.58 -23.66
CA VAL A 271 19.76 -4.05 -24.14
C VAL A 271 18.84 -2.96 -24.64
N LEU A 272 18.69 -1.89 -23.87
CA LEU A 272 17.83 -0.83 -24.33
C LEU A 272 18.30 -0.27 -25.66
N SER A 273 19.59 0.03 -25.75
CA SER A 273 20.15 0.59 -26.98
C SER A 273 19.81 -0.30 -28.17
N GLY A 274 19.75 -1.61 -27.92
CA GLY A 274 19.40 -2.53 -28.97
C GLY A 274 17.93 -2.36 -29.27
N ILE A 275 17.11 -2.41 -28.22
CA ILE A 275 15.67 -2.26 -28.37
C ILE A 275 15.32 -0.92 -29.01
N VAL A 276 16.12 0.12 -28.73
CA VAL A 276 15.86 1.44 -29.34
C VAL A 276 16.11 1.37 -30.85
N LEU A 277 17.20 0.71 -31.22
CA LEU A 277 17.56 0.57 -32.62
C LEU A 277 16.52 -0.28 -33.38
N ALA A 278 15.87 -1.23 -32.71
CA ALA A 278 14.87 -2.04 -33.38
C ALA A 278 13.61 -1.20 -33.62
N GLN A 279 13.15 -0.51 -32.59
CA GLN A 279 11.96 0.32 -32.71
C GLN A 279 12.12 1.49 -33.69
N LEU A 280 13.35 1.97 -33.87
CA LEU A 280 13.58 3.05 -34.81
C LEU A 280 13.58 2.52 -36.25
N THR A 281 14.14 1.33 -36.45
CA THR A 281 14.16 0.76 -37.78
C THR A 281 12.72 0.48 -38.24
N VAL A 282 11.93 -0.10 -37.34
CA VAL A 282 10.53 -0.39 -37.62
C VAL A 282 9.70 -0.38 -36.35
N PRO A 283 8.95 0.71 -36.13
CA PRO A 283 8.13 0.77 -34.92
C PRO A 283 7.15 -0.40 -34.82
N GLY A 284 6.99 -0.93 -33.61
CA GLY A 284 6.09 -2.04 -33.39
C GLY A 284 6.81 -3.34 -33.65
N ALA A 285 8.14 -3.27 -33.71
CA ALA A 285 8.96 -4.46 -33.94
C ALA A 285 8.97 -5.33 -32.68
N LYS A 286 8.87 -6.64 -32.86
CA LYS A 286 8.85 -7.56 -31.73
C LYS A 286 10.23 -7.82 -31.16
N VAL A 287 10.40 -7.45 -29.90
CA VAL A 287 11.67 -7.64 -29.22
C VAL A 287 11.50 -8.25 -27.82
N TRP A 288 12.61 -8.72 -27.29
CA TRP A 288 12.69 -9.33 -25.97
C TRP A 288 13.76 -8.59 -25.20
N TYR A 289 13.50 -8.28 -23.95
CA TYR A 289 14.52 -7.65 -23.11
C TYR A 289 15.05 -8.92 -22.45
N GLY A 290 16.19 -9.41 -22.92
CA GLY A 290 16.73 -10.64 -22.38
C GLY A 290 18.05 -10.56 -21.67
N SER A 291 18.46 -11.68 -21.06
CA SER A 291 19.72 -11.73 -20.35
C SER A 291 20.21 -13.08 -19.93
N SER A 292 21.53 -13.24 -20.05
CA SER A 292 22.21 -14.44 -19.63
C SER A 292 23.33 -13.94 -18.73
N THR A 293 23.35 -12.63 -18.52
CA THR A 293 24.33 -11.97 -17.68
C THR A 293 24.52 -12.68 -16.34
N THR A 294 25.76 -12.74 -15.87
CA THR A 294 26.04 -13.40 -14.61
C THR A 294 27.19 -12.72 -13.87
N THR A 295 27.85 -13.50 -13.02
CA THR A 295 28.98 -13.01 -12.25
C THR A 295 30.23 -13.80 -12.66
N PHE A 296 31.34 -13.09 -12.86
CA PHE A 296 32.60 -13.72 -13.24
C PHE A 296 33.31 -14.14 -11.96
N ASP A 297 33.79 -15.39 -11.92
CA ASP A 297 34.47 -15.89 -10.72
C ASP A 297 35.92 -15.41 -10.65
N LEU A 298 36.15 -14.43 -9.77
CA LEU A 298 37.46 -13.84 -9.60
C LEU A 298 38.50 -14.78 -8.98
N LYS A 299 38.04 -15.88 -8.39
CA LYS A 299 38.96 -16.82 -7.78
C LYS A 299 39.15 -18.11 -8.58
N LYS A 300 38.35 -18.27 -9.62
CA LYS A 300 38.44 -19.47 -10.46
C LYS A 300 38.69 -19.12 -11.92
N GLY A 301 38.74 -17.82 -12.22
CA GLY A 301 39.00 -17.39 -13.59
C GLY A 301 38.05 -18.02 -14.58
N THR A 302 36.80 -18.18 -14.16
CA THR A 302 35.77 -18.77 -15.01
C THR A 302 34.45 -17.98 -14.90
N ALA A 303 33.50 -18.31 -15.77
CA ALA A 303 32.20 -17.64 -15.82
C ALA A 303 31.07 -18.53 -15.31
N PRO A 304 31.05 -18.85 -14.00
CA PRO A 304 29.99 -19.71 -13.46
C PRO A 304 28.61 -19.23 -13.88
N VAL A 305 27.82 -20.14 -14.43
CA VAL A 305 26.49 -19.81 -14.90
C VAL A 305 25.42 -20.59 -14.12
N GLY A 306 25.80 -21.09 -12.95
CA GLY A 306 24.89 -21.85 -12.13
C GLY A 306 24.91 -21.30 -10.71
N SER A 307 25.51 -20.14 -10.55
CA SER A 307 25.62 -19.51 -9.23
C SER A 307 24.31 -18.87 -8.84
N PRO A 308 24.19 -18.50 -7.55
CA PRO A 308 22.95 -17.85 -7.13
C PRO A 308 22.89 -16.45 -7.74
N GLU A 309 24.03 -15.96 -8.22
CA GLU A 309 24.06 -14.65 -8.83
C GLU A 309 23.34 -14.64 -10.18
N LEU A 310 23.53 -15.67 -10.99
CA LEU A 310 22.84 -15.72 -12.27
C LEU A 310 21.36 -15.79 -11.98
N GLY A 311 20.99 -16.58 -10.96
CA GLY A 311 19.60 -16.71 -10.58
C GLY A 311 18.99 -15.37 -10.24
N LEU A 312 19.73 -14.55 -9.48
CA LEU A 312 19.27 -13.21 -9.09
C LEU A 312 19.21 -12.26 -10.29
N ILE A 313 20.29 -12.19 -11.06
CA ILE A 313 20.28 -11.30 -12.20
C ILE A 313 19.13 -11.66 -13.14
N SER A 314 18.92 -12.94 -13.40
CA SER A 314 17.82 -13.37 -14.26
C SER A 314 16.48 -12.91 -13.70
N ALA A 315 16.26 -13.14 -12.40
CA ALA A 315 15.03 -12.71 -11.75
C ALA A 315 14.94 -11.18 -11.79
N ALA A 316 16.08 -10.50 -11.66
CA ALA A 316 16.12 -9.05 -11.69
C ALA A 316 15.82 -8.51 -13.08
N VAL A 317 16.31 -9.18 -14.12
CA VAL A 317 16.05 -8.73 -15.49
C VAL A 317 14.57 -8.92 -15.80
N ALA A 318 13.98 -9.95 -15.20
CA ALA A 318 12.57 -10.23 -15.39
C ALA A 318 11.73 -9.07 -14.82
N LYS A 319 12.13 -8.57 -13.65
CA LYS A 319 11.41 -7.47 -13.03
C LYS A 319 11.64 -6.18 -13.82
N LEU A 320 12.84 -6.02 -14.36
CA LEU A 320 13.14 -4.83 -15.15
C LEU A 320 12.27 -4.81 -16.37
N ALA A 321 12.22 -5.94 -17.07
CA ALA A 321 11.41 -6.04 -18.27
C ALA A 321 9.96 -5.68 -17.95
N GLN A 322 9.46 -6.16 -16.82
CA GLN A 322 8.08 -5.88 -16.49
C GLN A 322 7.94 -4.39 -16.30
N PHE A 323 8.91 -3.82 -15.62
CA PHE A 323 8.94 -2.40 -15.36
C PHE A 323 8.77 -1.63 -16.67
N TYR A 324 9.56 -2.00 -17.68
CA TYR A 324 9.54 -1.36 -19.00
C TYR A 324 8.41 -1.75 -19.94
N GLY A 325 7.62 -2.76 -19.56
CA GLY A 325 6.51 -3.19 -20.39
C GLY A 325 6.83 -4.20 -21.49
N LEU A 326 7.96 -4.90 -21.35
CA LEU A 326 8.41 -5.87 -22.34
C LEU A 326 8.54 -7.32 -21.87
N PRO A 327 8.51 -8.27 -22.83
CA PRO A 327 8.65 -9.69 -22.47
C PRO A 327 10.13 -9.92 -22.12
N SER A 328 10.38 -10.87 -21.24
CA SER A 328 11.72 -11.20 -20.80
C SER A 328 12.17 -12.59 -21.23
N TYR A 329 13.45 -12.72 -21.55
CA TYR A 329 14.04 -14.00 -21.94
C TYR A 329 15.32 -14.07 -21.09
N VAL A 330 15.36 -14.97 -20.12
CA VAL A 330 16.53 -15.07 -19.26
C VAL A 330 17.05 -16.47 -19.01
N ALA A 331 18.28 -16.52 -18.53
CA ALA A 331 18.98 -17.74 -18.19
C ALA A 331 18.37 -18.41 -16.97
N GLY A 332 18.21 -19.74 -17.03
CA GLY A 332 17.64 -20.46 -15.92
C GLY A 332 18.02 -21.93 -16.05
N SER A 333 17.73 -22.71 -15.03
CA SER A 333 18.07 -24.13 -15.02
C SER A 333 19.43 -24.32 -15.70
CA PYL A 334 21.83 -23.92 -15.55
C PYL A 334 22.74 -24.56 -14.51
N PYL A 334 20.47 -23.82 -15.04
N SER A 335 23.90 -25.04 -14.95
CA SER A 335 24.86 -25.67 -14.05
C SER A 335 26.30 -25.54 -14.56
N ASP A 336 27.25 -25.59 -13.65
CA ASP A 336 28.66 -25.50 -14.00
C ASP A 336 29.24 -26.92 -13.91
N ALA A 337 28.40 -27.83 -13.44
CA ALA A 337 28.76 -29.23 -13.27
C ALA A 337 29.15 -29.87 -14.58
N LYS A 338 30.03 -30.86 -14.51
CA LYS A 338 30.50 -31.54 -15.70
C LYS A 338 29.80 -32.87 -15.89
N VAL A 339 29.07 -33.30 -14.86
CA VAL A 339 28.35 -34.55 -14.89
C VAL A 339 27.03 -34.42 -14.13
N PRO A 340 25.99 -35.16 -14.52
CA PRO A 340 24.71 -35.06 -13.82
C PRO A 340 24.70 -35.62 -12.39
N ASP A 341 25.17 -34.82 -11.43
CA ASP A 341 25.22 -35.21 -10.02
C ASP A 341 24.44 -34.25 -9.13
N ASP A 342 24.70 -34.31 -7.83
CA ASP A 342 24.03 -33.45 -6.86
C ASP A 342 24.12 -32.00 -7.32
N GLN A 343 25.33 -31.52 -7.57
CA GLN A 343 25.54 -30.14 -8.00
C GLN A 343 24.70 -29.68 -9.19
N ALA A 344 24.50 -30.54 -10.19
CA ALA A 344 23.71 -30.15 -11.34
C ALA A 344 22.29 -29.84 -10.87
N GLY A 345 21.69 -30.81 -10.20
CA GLY A 345 20.35 -30.63 -9.68
C GLY A 345 20.19 -29.38 -8.83
N HIS A 346 21.12 -29.16 -7.92
CA HIS A 346 21.07 -27.96 -7.06
C HIS A 346 21.11 -26.68 -7.87
N GLU A 347 22.16 -26.50 -8.66
CA GLU A 347 22.31 -25.30 -9.47
C GLU A 347 21.15 -25.15 -10.45
N LYS A 348 20.77 -26.24 -11.11
CA LYS A 348 19.65 -26.18 -12.05
C LYS A 348 18.42 -25.63 -11.38
N THR A 349 18.21 -25.99 -10.12
CA THR A 349 17.04 -25.56 -9.38
C THR A 349 17.15 -24.13 -8.86
N MET A 350 18.32 -23.79 -8.35
CA MET A 350 18.59 -22.45 -7.82
C MET A 350 18.41 -21.39 -8.88
N THR A 351 19.05 -21.63 -10.04
CA THR A 351 18.99 -20.69 -11.16
C THR A 351 17.68 -20.70 -11.94
N THR A 352 16.78 -21.61 -11.60
CA THR A 352 15.50 -21.64 -12.32
C THR A 352 14.36 -21.15 -11.43
N LEU A 353 14.42 -21.51 -10.15
CA LEU A 353 13.37 -21.13 -9.22
C LEU A 353 13.25 -19.62 -9.06
N LEU A 354 14.38 -18.92 -8.96
CA LEU A 354 14.35 -17.47 -8.80
C LEU A 354 13.67 -16.77 -9.96
N PRO A 355 14.18 -16.89 -11.21
CA PRO A 355 13.51 -16.21 -12.31
C PRO A 355 12.09 -16.72 -12.56
N ALA A 356 11.81 -17.95 -12.13
CA ALA A 356 10.45 -18.47 -12.33
C ALA A 356 9.52 -17.73 -11.37
N LEU A 357 9.86 -17.72 -10.08
CA LEU A 357 9.03 -17.04 -9.08
C LEU A 357 8.95 -15.55 -9.38
N ALA A 358 9.97 -15.05 -10.07
CA ALA A 358 10.03 -13.65 -10.42
C ALA A 358 9.14 -13.29 -11.61
N GLY A 359 8.96 -14.23 -12.53
CA GLY A 359 8.11 -13.95 -13.68
C GLY A 359 8.74 -13.99 -15.08
N ALA A 360 9.97 -14.48 -15.20
CA ALA A 360 10.62 -14.56 -16.51
C ALA A 360 9.69 -15.20 -17.53
N ASN A 361 9.52 -14.55 -18.68
CA ASN A 361 8.64 -15.03 -19.75
C ASN A 361 9.21 -16.25 -20.47
N THR A 362 10.53 -16.32 -20.50
CA THR A 362 11.23 -17.45 -21.07
C THR A 362 12.49 -17.61 -20.23
N ILE A 363 12.75 -18.86 -19.86
CA ILE A 363 13.90 -19.25 -19.04
C ILE A 363 14.65 -20.33 -19.82
N TYR A 364 15.82 -20.00 -20.37
CA TYR A 364 16.56 -20.99 -21.13
C TYR A 364 17.78 -21.46 -20.38
N GLY A 365 18.13 -22.72 -20.61
CA GLY A 365 19.27 -23.34 -19.95
C GLY A 365 19.11 -24.83 -19.85
N ALA A 366 17.87 -25.31 -19.88
CA ALA A 366 17.58 -26.73 -19.78
C ALA A 366 18.49 -27.54 -20.72
N GLY A 367 19.05 -28.63 -20.19
CA GLY A 367 19.93 -29.47 -20.98
C GLY A 367 21.38 -29.16 -20.73
N MET A 368 21.67 -27.94 -20.30
CA MET A 368 23.05 -27.54 -20.06
C MET A 368 23.86 -28.33 -19.06
N LEU A 369 25.17 -28.12 -19.14
CA LEU A 369 26.19 -28.71 -18.27
C LEU A 369 27.51 -28.03 -18.63
N GLU A 370 28.45 -28.07 -17.70
CA GLU A 370 29.77 -27.50 -17.91
C GLU A 370 29.83 -26.05 -18.35
N LEU A 371 29.02 -25.21 -17.71
CA LEU A 371 29.02 -23.77 -18.02
C LEU A 371 28.58 -23.42 -19.44
N GLY A 372 27.86 -24.34 -20.09
CA GLY A 372 27.40 -24.09 -21.44
C GLY A 372 28.23 -24.73 -22.55
N MET A 373 29.28 -25.48 -22.18
CA MET A 373 30.11 -26.13 -23.19
C MET A 373 29.50 -27.41 -23.73
N THR A 374 28.74 -28.08 -22.87
CA THR A 374 28.11 -29.34 -23.23
C THR A 374 26.60 -29.32 -23.10
N PHE A 375 25.95 -30.22 -23.82
CA PHE A 375 24.49 -30.35 -23.75
C PHE A 375 24.24 -31.81 -23.40
N SER A 376 23.65 -32.02 -22.23
CA SER A 376 23.33 -33.36 -21.73
C SER A 376 21.87 -33.67 -22.07
N MET A 377 21.63 -34.76 -22.79
CA MET A 377 20.26 -35.10 -23.11
C MET A 377 19.58 -35.64 -21.86
N GLU A 378 20.38 -36.08 -20.89
CA GLU A 378 19.84 -36.60 -19.63
C GLU A 378 19.38 -35.41 -18.80
N GLN A 379 20.31 -34.50 -18.53
CA GLN A 379 20.01 -33.31 -17.75
C GLN A 379 18.79 -32.59 -18.34
N LEU A 380 18.59 -32.69 -19.65
CA LEU A 380 17.46 -32.03 -20.33
C LEU A 380 16.11 -32.58 -19.90
N VAL A 381 15.98 -33.89 -19.79
CA VAL A 381 14.69 -34.44 -19.34
C VAL A 381 14.58 -34.35 -17.83
N ILE A 382 15.72 -34.27 -17.14
CA ILE A 382 15.72 -34.12 -15.70
C ILE A 382 15.19 -32.72 -15.45
N ASP A 383 15.75 -31.77 -16.20
CA ASP A 383 15.38 -30.37 -16.11
C ASP A 383 13.90 -30.24 -16.39
N ASN A 384 13.45 -30.90 -17.44
CA ASN A 384 12.04 -30.82 -17.78
C ASN A 384 11.20 -31.40 -16.65
N ASP A 385 11.78 -32.31 -15.88
CA ASP A 385 11.03 -32.89 -14.77
C ASP A 385 11.04 -31.91 -13.59
N ILE A 386 12.14 -31.16 -13.47
CA ILE A 386 12.28 -30.17 -12.42
C ILE A 386 11.29 -29.02 -12.63
N PHE A 387 10.95 -28.75 -13.88
CA PHE A 387 10.03 -27.66 -14.18
C PHE A 387 8.62 -28.02 -13.75
N SER A 388 8.31 -29.31 -13.70
CA SER A 388 6.97 -29.71 -13.27
C SER A 388 6.85 -29.34 -11.80
N MET A 389 7.88 -29.68 -11.03
CA MET A 389 7.90 -29.37 -9.61
C MET A 389 7.88 -27.86 -9.38
N VAL A 390 8.46 -27.12 -10.31
CA VAL A 390 8.49 -25.67 -10.19
C VAL A 390 7.07 -25.14 -10.40
N LYS A 391 6.41 -25.62 -11.46
CA LYS A 391 5.04 -25.19 -11.78
C LYS A 391 4.13 -25.49 -10.60
N LYS A 392 4.37 -26.63 -9.96
CA LYS A 392 3.58 -26.99 -8.80
C LYS A 392 3.79 -25.88 -7.79
N ALA A 393 5.03 -25.76 -7.31
CA ALA A 393 5.40 -24.74 -6.36
C ALA A 393 4.83 -23.36 -6.74
N MET A 394 4.82 -23.03 -8.02
CA MET A 394 4.29 -21.73 -8.47
C MET A 394 2.80 -21.54 -8.24
N GLN A 395 2.09 -22.62 -7.97
CA GLN A 395 0.66 -22.51 -7.71
C GLN A 395 0.45 -21.94 -6.32
N GLY A 396 1.53 -21.74 -5.59
CA GLY A 396 1.44 -21.21 -4.24
C GLY A 396 0.46 -22.02 -3.43
N ILE A 397 -0.31 -21.34 -2.59
CA ILE A 397 -1.32 -21.98 -1.76
C ILE A 397 -2.67 -21.30 -1.95
N PRO A 398 -3.53 -21.87 -2.80
CA PRO A 398 -4.84 -21.26 -3.03
C PRO A 398 -5.67 -21.29 -1.75
N VAL A 399 -6.22 -20.14 -1.37
CA VAL A 399 -7.03 -20.07 -0.16
C VAL A 399 -8.45 -19.64 -0.51
N SER A 400 -9.38 -20.58 -0.40
CA SER A 400 -10.80 -20.34 -0.65
C SER A 400 -11.52 -21.15 0.41
N GLU A 401 -12.85 -21.10 0.41
CA GLU A 401 -13.58 -21.86 1.41
C GLU A 401 -13.44 -23.33 1.03
N GLU A 402 -13.39 -23.59 -0.27
CA GLU A 402 -13.26 -24.96 -0.75
C GLU A 402 -11.95 -25.57 -0.32
N THR A 403 -10.85 -24.83 -0.50
CA THR A 403 -9.53 -25.34 -0.12
C THR A 403 -9.23 -25.33 1.38
N LEU A 404 -9.89 -24.46 2.17
CA LEU A 404 -9.65 -24.45 3.61
C LEU A 404 -10.26 -25.76 4.14
N ALA A 405 -11.25 -26.24 3.38
CA ALA A 405 -11.94 -27.50 3.62
C ALA A 405 -12.41 -27.83 5.03
N VAL A 406 -12.89 -26.84 5.78
CA VAL A 406 -13.32 -27.10 7.14
C VAL A 406 -14.24 -28.33 7.29
N GLU A 407 -15.24 -28.45 6.41
CA GLU A 407 -16.16 -29.58 6.48
C GLU A 407 -15.47 -30.95 6.35
N SER A 408 -14.40 -31.02 5.57
CA SER A 408 -13.67 -32.27 5.40
C SER A 408 -12.99 -32.61 6.72
N ILE A 409 -12.39 -31.60 7.35
CA ILE A 409 -11.70 -31.81 8.61
C ILE A 409 -12.77 -32.32 9.59
N GLN A 410 -13.92 -31.68 9.57
CA GLN A 410 -15.02 -32.05 10.44
C GLN A 410 -15.64 -33.41 10.07
N LYS A 411 -15.66 -33.76 8.79
CA LYS A 411 -16.22 -35.04 8.39
C LYS A 411 -15.32 -36.18 8.83
N VAL A 412 -14.02 -36.04 8.56
CA VAL A 412 -13.03 -37.05 8.92
C VAL A 412 -12.82 -37.18 10.42
N GLY A 413 -13.00 -36.05 11.13
CA GLY A 413 -12.84 -36.04 12.57
C GLY A 413 -11.46 -36.38 13.10
N ILE A 414 -11.36 -36.48 14.42
CA ILE A 414 -10.12 -36.80 15.11
C ILE A 414 -9.68 -38.25 14.89
N GLY A 415 -8.38 -38.43 14.70
CA GLY A 415 -7.79 -39.76 14.52
C GLY A 415 -8.14 -40.58 13.30
N ASN A 416 -8.65 -39.97 12.24
CA ASN A 416 -8.97 -40.72 11.03
C ASN A 416 -8.09 -40.22 9.92
N ASN A 417 -8.35 -40.66 8.69
CA ASN A 417 -7.54 -40.19 7.57
C ASN A 417 -8.46 -39.74 6.47
N PHE A 418 -7.91 -39.05 5.48
CA PHE A 418 -8.70 -38.52 4.38
C PHE A 418 -8.65 -39.35 3.10
N LEU A 419 -8.00 -40.50 3.17
CA LEU A 419 -7.87 -41.36 2.00
C LEU A 419 -9.20 -41.75 1.35
N ALA A 420 -10.15 -42.24 2.14
CA ALA A 420 -11.43 -42.67 1.58
C ALA A 420 -12.32 -41.54 1.11
N LEU A 421 -11.86 -40.29 1.22
CA LEU A 421 -12.68 -39.16 0.80
C LEU A 421 -12.87 -38.98 -0.70
N LYS A 422 -14.03 -38.47 -1.06
CA LYS A 422 -14.38 -38.21 -2.45
C LYS A 422 -13.50 -37.10 -2.97
N GLN A 423 -13.27 -36.12 -2.10
CA GLN A 423 -12.44 -34.95 -2.40
C GLN A 423 -11.02 -35.41 -2.70
N THR A 424 -10.55 -36.38 -1.92
CA THR A 424 -9.21 -36.89 -2.11
C THR A 424 -9.10 -37.62 -3.44
N ARG A 425 -10.16 -38.33 -3.80
CA ARG A 425 -10.22 -39.09 -5.05
C ARG A 425 -10.18 -38.17 -6.27
N GLN A 426 -11.08 -37.20 -6.27
CA GLN A 426 -11.21 -36.27 -7.37
C GLN A 426 -9.98 -35.40 -7.59
N LEU A 427 -9.20 -35.21 -6.53
CA LEU A 427 -8.01 -34.38 -6.62
C LEU A 427 -6.74 -35.19 -6.73
N VAL A 428 -6.88 -36.45 -7.13
CA VAL A 428 -5.73 -37.34 -7.24
C VAL A 428 -4.63 -36.82 -8.17
N ASP A 429 -5.00 -36.16 -9.24
CA ASP A 429 -4.01 -35.65 -10.18
C ASP A 429 -3.50 -34.25 -9.85
N TYR A 430 -3.99 -33.65 -8.76
CA TYR A 430 -3.55 -32.31 -8.41
C TYR A 430 -2.16 -32.27 -7.77
N PRO A 431 -1.91 -33.11 -6.74
CA PRO A 431 -0.61 -33.12 -6.08
C PRO A 431 0.49 -33.41 -7.09
N SER A 432 1.69 -32.89 -6.85
CA SER A 432 2.82 -33.10 -7.76
C SER A 432 3.02 -34.60 -8.02
N ASN A 433 3.45 -34.92 -9.22
CA ASN A 433 3.68 -36.31 -9.59
C ASN A 433 4.85 -36.40 -10.58
N PRO A 434 6.08 -36.40 -10.05
CA PRO A 434 7.27 -36.48 -10.88
C PRO A 434 7.49 -37.73 -11.72
N MET A 435 7.72 -37.49 -13.00
CA MET A 435 7.97 -38.52 -14.00
C MET A 435 9.29 -39.25 -13.77
N LEU A 436 10.33 -38.51 -13.40
CA LEU A 436 11.65 -39.08 -13.20
C LEU A 436 12.10 -39.20 -11.76
N LEU A 437 11.83 -38.15 -10.97
CA LEU A 437 12.20 -38.15 -9.55
C LEU A 437 11.61 -39.36 -8.86
N ASP A 438 12.44 -40.08 -8.12
CA ASP A 438 12.04 -41.30 -7.44
C ASP A 438 11.49 -41.08 -6.05
N ARG A 439 10.26 -41.50 -5.81
CA ARG A 439 9.68 -41.36 -4.50
C ARG A 439 9.34 -42.70 -3.83
N HIS A 440 9.92 -43.79 -4.32
CA HIS A 440 9.68 -45.11 -3.76
C HIS A 440 10.52 -45.35 -2.51
N MET A 441 10.07 -46.25 -1.64
CA MET A 441 10.84 -46.58 -0.45
C MET A 441 12.02 -47.42 -0.95
N PHE A 442 13.12 -47.41 -0.20
CA PHE A 442 14.33 -48.15 -0.59
C PHE A 442 14.12 -49.51 -1.24
N GLY A 443 13.20 -50.30 -0.69
CA GLY A 443 12.93 -51.62 -1.22
C GLY A 443 12.51 -51.68 -2.68
N ASP A 444 11.46 -50.96 -3.04
CA ASP A 444 10.99 -50.98 -4.43
C ASP A 444 12.01 -50.34 -5.35
N TRP A 445 12.63 -49.28 -4.87
CA TRP A 445 13.65 -48.60 -5.65
C TRP A 445 14.73 -49.63 -5.96
N ALA A 446 15.36 -50.15 -4.90
CA ALA A 446 16.43 -51.15 -5.02
C ALA A 446 16.04 -52.32 -5.92
N ALA A 447 14.75 -52.67 -5.91
CA ALA A 447 14.21 -53.76 -6.72
C ALA A 447 13.97 -53.31 -8.17
N ALA A 448 14.54 -52.16 -8.52
CA ALA A 448 14.37 -51.61 -9.84
C ALA A 448 15.74 -51.32 -10.45
N GLY A 449 16.78 -51.59 -9.68
CA GLY A 449 18.13 -51.37 -10.17
C GLY A 449 18.98 -50.50 -9.27
N SER A 450 18.40 -50.01 -8.18
CA SER A 450 19.14 -49.13 -7.27
C SER A 450 19.72 -48.02 -8.14
N LYS A 451 18.94 -47.65 -9.16
CA LYS A 451 19.31 -46.62 -10.13
C LYS A 451 19.15 -45.16 -9.69
N ASP A 452 20.10 -44.32 -10.10
CA ASP A 452 20.03 -42.91 -9.75
C ASP A 452 19.41 -42.14 -10.92
N LEU A 453 19.01 -40.90 -10.65
CA LEU A 453 18.37 -40.07 -11.65
C LEU A 453 19.05 -40.10 -13.02
N ALA A 454 20.38 -39.98 -13.03
CA ALA A 454 21.12 -39.99 -14.30
C ALA A 454 20.76 -41.19 -15.19
N THR A 455 20.96 -42.41 -14.70
CA THR A 455 20.63 -43.59 -15.50
C THR A 455 19.14 -43.67 -15.83
N VAL A 456 18.29 -43.41 -14.84
CA VAL A 456 16.85 -43.46 -15.07
C VAL A 456 16.53 -42.46 -16.18
N ALA A 457 17.30 -41.37 -16.20
CA ALA A 457 17.15 -40.32 -17.21
C ALA A 457 17.61 -40.81 -18.59
N HIS A 458 18.80 -41.39 -18.64
CA HIS A 458 19.35 -41.90 -19.88
C HIS A 458 18.42 -42.96 -20.49
N GLU A 459 17.80 -43.76 -19.63
CA GLU A 459 16.90 -44.79 -20.12
C GLU A 459 15.74 -44.13 -20.82
N LYS A 460 15.35 -42.96 -20.31
CA LYS A 460 14.25 -42.19 -20.88
C LYS A 460 14.67 -41.63 -22.23
N VAL A 461 15.83 -40.99 -22.26
CA VAL A 461 16.37 -40.39 -23.48
C VAL A 461 16.23 -41.39 -24.63
N GLU A 462 16.78 -42.57 -24.40
CA GLU A 462 16.77 -43.69 -25.36
C GLU A 462 15.36 -44.09 -25.77
N ASP A 463 14.41 -44.01 -24.83
CA ASP A 463 13.04 -44.39 -25.14
C ASP A 463 12.35 -43.29 -25.96
N VAL A 464 12.57 -42.04 -25.57
CA VAL A 464 11.96 -40.94 -26.28
C VAL A 464 12.49 -40.92 -27.70
N LEU A 465 13.81 -40.83 -27.82
CA LEU A 465 14.46 -40.78 -29.13
C LEU A 465 14.11 -41.95 -30.03
N LYS A 466 13.52 -43.00 -29.46
CA LYS A 466 13.18 -44.18 -30.24
C LYS A 466 11.70 -44.32 -30.55
N ASN A 467 10.83 -43.77 -29.71
CA ASN A 467 9.39 -43.90 -29.93
C ASN A 467 8.63 -42.62 -30.23
N HIS A 468 9.28 -41.47 -30.11
CA HIS A 468 8.57 -40.22 -30.35
C HIS A 468 8.47 -39.80 -31.82
N GLN A 469 7.25 -39.54 -32.24
CA GLN A 469 6.96 -39.12 -33.59
C GLN A 469 6.81 -37.60 -33.60
N VAL A 470 7.60 -36.93 -34.43
CA VAL A 470 7.51 -35.49 -34.58
C VAL A 470 6.64 -35.28 -35.84
N THR A 471 5.93 -34.17 -35.90
CA THR A 471 5.10 -33.89 -37.07
C THR A 471 6.03 -33.43 -38.18
N PRO A 472 6.09 -34.18 -39.29
CA PRO A 472 6.96 -33.79 -40.39
C PRO A 472 6.38 -32.72 -41.29
N ILE A 473 7.26 -31.95 -41.93
CA ILE A 473 6.83 -30.91 -42.85
C ILE A 473 6.49 -31.61 -44.16
N ASP A 474 5.44 -31.16 -44.83
CA ASP A 474 5.05 -31.77 -46.09
C ASP A 474 6.23 -31.75 -47.08
N ALA A 475 6.40 -32.86 -47.79
CA ALA A 475 7.47 -33.01 -48.76
C ALA A 475 7.65 -31.85 -49.74
N ASP A 476 6.56 -31.42 -50.38
CA ASP A 476 6.63 -30.30 -51.33
C ASP A 476 7.33 -29.15 -50.64
N ILE A 477 6.74 -28.71 -49.53
CA ILE A 477 7.26 -27.61 -48.73
C ILE A 477 8.70 -27.82 -48.31
N PHE A 478 9.01 -29.01 -47.80
CA PHE A 478 10.36 -29.25 -47.36
C PHE A 478 11.38 -29.00 -48.46
N LYS A 479 11.17 -29.62 -49.63
CA LYS A 479 12.09 -29.44 -50.74
C LYS A 479 12.37 -27.96 -50.97
N ASP A 480 11.30 -27.16 -50.97
CA ASP A 480 11.42 -25.73 -51.17
C ASP A 480 12.33 -25.07 -50.14
N MET A 481 12.29 -25.55 -48.90
CA MET A 481 13.12 -25.00 -47.85
C MET A 481 14.53 -25.54 -48.01
N GLN A 482 14.63 -26.83 -48.30
CA GLN A 482 15.93 -27.46 -48.49
C GLN A 482 16.65 -26.73 -49.62
N ALA A 483 15.90 -26.40 -50.66
CA ALA A 483 16.47 -25.69 -51.79
C ALA A 483 17.28 -24.52 -51.26
N ILE A 484 16.60 -23.60 -50.57
CA ILE A 484 17.24 -22.42 -50.00
C ILE A 484 18.50 -22.76 -49.22
N VAL A 485 18.45 -23.79 -48.39
CA VAL A 485 19.62 -24.17 -47.65
C VAL A 485 20.71 -24.46 -48.67
N ASP A 486 20.35 -25.16 -49.74
CA ASP A 486 21.29 -25.51 -50.79
C ASP A 486 21.82 -24.25 -51.48
N LYS A 487 20.93 -23.30 -51.73
CA LYS A 487 21.32 -22.05 -52.38
C LYS A 487 22.32 -21.33 -51.49
N ALA A 488 22.17 -21.53 -50.18
CA ALA A 488 23.05 -20.90 -49.18
C ALA A 488 24.45 -21.49 -49.19
N ASP A 489 24.54 -22.80 -49.30
CA ASP A 489 25.84 -23.45 -49.32
C ASP A 489 26.51 -23.07 -50.63
N LYS A 490 25.71 -23.02 -51.70
CA LYS A 490 26.21 -22.64 -53.01
C LYS A 490 27.05 -21.39 -52.84
N ALA A 491 26.39 -20.33 -52.36
CA ALA A 491 27.04 -19.05 -52.16
C ALA A 491 28.26 -19.19 -51.26
N PHE A 492 28.13 -19.91 -50.16
CA PHE A 492 29.27 -20.05 -49.26
C PHE A 492 30.49 -20.54 -49.99
N ARG A 493 30.33 -21.58 -50.79
CA ARG A 493 31.45 -22.14 -51.55
C ARG A 493 31.91 -21.12 -52.59
N GLY A 494 30.95 -20.43 -53.20
CA GLY A 494 31.28 -19.42 -54.20
C GLY A 494 32.24 -18.37 -53.69
N MET A 495 32.00 -17.88 -52.48
CA MET A 495 32.86 -16.87 -51.86
C MET A 495 34.00 -17.51 -51.08
N ALA B 2 -24.83 20.99 -14.61
CA ALA B 2 -24.43 21.97 -13.56
C ALA B 2 -23.06 21.63 -12.99
N LYS B 3 -22.64 22.40 -11.98
CA LYS B 3 -21.35 22.17 -11.31
C LYS B 3 -21.40 20.86 -10.54
N ASN B 4 -20.37 20.05 -10.70
CA ASN B 4 -20.32 18.78 -10.02
C ASN B 4 -20.44 18.96 -8.52
N ASN B 5 -21.05 17.98 -7.86
CA ASN B 5 -21.21 18.00 -6.43
C ASN B 5 -21.44 16.55 -6.02
N ALA B 6 -20.77 15.66 -6.74
CA ALA B 6 -20.84 14.24 -6.48
C ALA B 6 -19.56 13.56 -6.99
N VAL B 7 -18.67 13.23 -6.06
CA VAL B 7 -17.41 12.59 -6.41
C VAL B 7 -17.27 11.23 -5.77
N ALA B 8 -16.66 10.29 -6.50
CA ALA B 8 -16.46 8.94 -5.96
C ALA B 8 -15.32 8.97 -4.95
N GLY B 9 -15.10 7.84 -4.28
CA GLY B 9 -14.06 7.76 -3.28
C GLY B 9 -12.79 8.48 -3.71
N PHE B 10 -12.28 9.30 -2.81
CA PHE B 10 -11.08 10.07 -3.08
C PHE B 10 -10.10 9.91 -1.91
N ASN B 11 -8.84 9.64 -2.22
CA ASN B 11 -7.84 9.48 -1.18
C ASN B 11 -7.14 10.78 -0.93
N ALA B 12 -7.14 11.20 0.32
CA ALA B 12 -6.51 12.46 0.70
C ALA B 12 -5.53 12.33 1.84
N LEU B 13 -4.59 13.27 1.88
CA LEU B 13 -3.62 13.32 2.95
C LEU B 13 -3.82 14.68 3.59
N ASN B 14 -4.37 14.72 4.79
CA ASN B 14 -4.59 15.99 5.47
C ASN B 14 -3.36 16.34 6.26
N GLY B 15 -2.74 17.45 5.90
CA GLY B 15 -1.57 17.90 6.62
C GLY B 15 -0.29 17.45 5.97
N VAL B 16 0.74 17.26 6.79
CA VAL B 16 2.04 16.82 6.33
C VAL B 16 2.46 15.55 7.05
N GLU B 17 2.70 14.49 6.30
CA GLU B 17 3.11 13.24 6.91
C GLU B 17 4.61 13.05 6.81
N LEU B 18 5.24 12.74 7.94
CA LEU B 18 6.68 12.50 7.99
C LEU B 18 6.92 11.06 8.43
N ASN B 19 7.70 10.33 7.64
CA ASN B 19 8.01 8.94 7.94
C ASN B 19 9.48 8.67 8.20
N LEU B 20 9.74 7.79 9.16
CA LEU B 20 11.09 7.40 9.54
C LEU B 20 11.24 5.89 9.51
N PHE B 21 10.13 5.17 9.64
CA PHE B 21 10.20 3.73 9.67
C PHE B 21 9.12 3.01 8.90
N THR B 22 9.34 1.71 8.74
CA THR B 22 8.42 0.80 8.12
C THR B 22 8.04 -0.12 9.29
N THR B 23 6.96 -0.86 9.15
CA THR B 23 6.56 -1.75 10.21
C THR B 23 7.71 -2.68 10.58
N ASP B 24 8.39 -3.22 9.57
CA ASP B 24 9.49 -4.14 9.80
C ASP B 24 10.54 -3.50 10.70
N GLU B 25 10.80 -2.21 10.49
CA GLU B 25 11.80 -1.53 11.28
C GLU B 25 11.35 -1.32 12.72
N LEU B 26 10.09 -0.93 12.92
CA LEU B 26 9.60 -0.74 14.27
C LEU B 26 9.68 -2.07 15.01
N LYS B 27 9.38 -3.16 14.30
CA LYS B 27 9.44 -4.49 14.90
C LYS B 27 10.86 -4.81 15.31
N ALA B 28 11.80 -4.44 14.45
CA ALA B 28 13.22 -4.69 14.72
C ALA B 28 13.64 -4.06 16.04
N ILE B 29 13.24 -2.80 16.24
CA ILE B 29 13.55 -2.07 17.45
C ILE B 29 12.87 -2.73 18.65
N HIS B 30 11.63 -3.18 18.44
CA HIS B 30 10.88 -3.83 19.49
C HIS B 30 11.56 -5.12 19.94
N TYR B 31 11.90 -5.97 18.97
CA TYR B 31 12.56 -7.22 19.28
C TYR B 31 13.88 -6.96 19.98
N ALA B 32 14.62 -5.98 19.49
CA ALA B 32 15.90 -5.64 20.09
C ALA B 32 15.69 -5.21 21.54
N THR B 33 14.58 -4.53 21.81
CA THR B 33 14.32 -4.10 23.16
C THR B 33 13.93 -5.28 24.05
N MET B 34 13.01 -6.12 23.59
CA MET B 34 12.62 -7.28 24.39
C MET B 34 13.87 -8.07 24.74
N GLU B 35 14.80 -8.14 23.79
CA GLU B 35 16.04 -8.85 24.01
C GLU B 35 16.77 -8.20 25.18
N VAL B 36 16.99 -6.89 25.08
CA VAL B 36 17.68 -6.12 26.12
C VAL B 36 16.99 -6.22 27.47
N LEU B 37 15.66 -6.30 27.47
CA LEU B 37 14.92 -6.38 28.73
C LEU B 37 15.19 -7.67 29.49
N MET B 38 15.68 -8.68 28.78
CA MET B 38 15.99 -9.98 29.38
C MET B 38 17.48 -10.06 29.65
N ASP B 39 18.25 -9.32 28.86
CA ASP B 39 19.70 -9.27 29.01
C ASP B 39 20.16 -7.92 28.48
N PRO B 40 20.81 -7.10 29.33
CA PRO B 40 21.17 -7.35 30.73
C PRO B 40 20.03 -7.18 31.72
N GLY B 41 18.86 -6.78 31.20
CA GLY B 41 17.73 -6.57 32.07
C GLY B 41 17.76 -5.16 32.62
N ILE B 42 16.96 -4.90 33.64
CA ILE B 42 16.90 -3.57 34.23
C ILE B 42 17.11 -3.58 35.73
N GLN B 43 17.96 -2.67 36.21
CA GLN B 43 18.24 -2.55 37.62
C GLN B 43 17.21 -1.66 38.31
N VAL B 44 16.41 -2.26 39.18
CA VAL B 44 15.36 -1.55 39.91
C VAL B 44 15.80 -1.39 41.37
N SER B 45 16.24 -0.19 41.72
CA SER B 45 16.72 0.09 43.07
C SER B 45 15.69 0.03 44.19
N ASP B 46 14.46 0.44 43.89
CA ASP B 46 13.41 0.44 44.89
C ASP B 46 12.92 -0.98 45.18
N PRO B 47 13.03 -1.42 46.45
CA PRO B 47 12.59 -2.76 46.86
C PRO B 47 11.11 -3.00 46.64
N GLU B 48 10.30 -1.97 46.86
CA GLU B 48 8.85 -2.08 46.68
C GLU B 48 8.49 -2.34 45.21
N ALA B 49 9.23 -1.72 44.29
CA ALA B 49 8.98 -1.89 42.86
C ALA B 49 9.42 -3.28 42.46
N ARG B 50 10.59 -3.69 42.95
CA ARG B 50 11.13 -5.00 42.67
C ARG B 50 10.14 -6.08 43.05
N GLN B 51 9.42 -5.85 44.15
CA GLN B 51 8.42 -6.80 44.63
C GLN B 51 7.23 -6.86 43.68
N ILE B 52 6.77 -5.69 43.24
CA ILE B 52 5.65 -5.62 42.31
C ILE B 52 6.03 -6.33 41.01
N PHE B 53 7.28 -6.18 40.59
CA PHE B 53 7.74 -6.85 39.37
C PHE B 53 7.74 -8.34 39.63
N LYS B 54 8.39 -8.76 40.71
CA LYS B 54 8.47 -10.18 41.07
C LYS B 54 7.10 -10.84 41.19
N GLU B 55 6.15 -10.16 41.81
CA GLU B 55 4.81 -10.69 41.99
C GLU B 55 4.08 -10.96 40.69
N ASN B 56 4.55 -10.35 39.61
CA ASN B 56 3.86 -10.55 38.34
C ASN B 56 4.54 -11.46 37.35
N GLY B 57 5.67 -12.05 37.74
CA GLY B 57 6.34 -12.99 36.86
C GLY B 57 7.75 -12.67 36.41
N CYS B 58 8.28 -11.52 36.83
CA CYS B 58 9.63 -11.14 36.44
C CYS B 58 10.67 -11.86 37.27
N GLU B 59 11.83 -12.11 36.68
CA GLU B 59 12.92 -12.75 37.40
C GLU B 59 13.65 -11.62 38.09
N VAL B 60 13.78 -11.72 39.41
CA VAL B 60 14.46 -10.68 40.16
C VAL B 60 15.60 -11.21 41.00
N ASN B 61 16.80 -10.73 40.69
CA ASN B 61 18.02 -11.10 41.40
C ASN B 61 18.19 -10.09 42.54
N GLU B 62 17.95 -10.54 43.78
CA GLU B 62 18.06 -9.62 44.91
C GLU B 62 19.46 -9.10 45.23
N LYS B 63 20.50 -9.81 44.78
CA LYS B 63 21.86 -9.36 45.04
C LYS B 63 22.28 -8.21 44.13
N THR B 64 21.88 -8.30 42.86
CA THR B 64 22.24 -7.28 41.88
C THR B 64 21.11 -6.29 41.67
N ASN B 65 19.91 -6.67 42.12
CA ASN B 65 18.71 -5.85 42.00
C ASN B 65 18.25 -5.71 40.55
N VAL B 66 18.73 -6.59 39.69
CA VAL B 66 18.35 -6.56 38.28
C VAL B 66 17.05 -7.33 38.04
N VAL B 67 16.19 -6.72 37.25
CA VAL B 67 14.90 -7.32 36.91
C VAL B 67 14.85 -7.65 35.42
N LYS B 68 14.38 -8.84 35.10
CA LYS B 68 14.25 -9.22 33.70
C LYS B 68 12.77 -9.26 33.42
N ILE B 69 12.33 -8.32 32.59
CA ILE B 69 10.94 -8.24 32.24
C ILE B 69 10.62 -9.04 31.01
N PRO B 70 9.73 -10.03 31.12
CA PRO B 70 9.33 -10.88 30.00
C PRO B 70 8.40 -10.08 29.07
N GLU B 71 8.43 -10.40 27.78
CA GLU B 71 7.60 -9.69 26.82
C GLU B 71 6.09 -9.71 27.12
N TYR B 72 5.58 -10.81 27.66
CA TYR B 72 4.15 -10.84 27.96
C TYR B 72 3.74 -9.76 28.96
N LEU B 73 4.67 -9.30 29.77
CA LEU B 73 4.34 -8.24 30.72
C LEU B 73 4.39 -6.91 30.00
N VAL B 74 5.30 -6.78 29.05
CA VAL B 74 5.36 -5.54 28.27
C VAL B 74 4.02 -5.45 27.53
N ARG B 75 3.60 -6.58 26.94
CA ARG B 75 2.33 -6.64 26.21
C ARG B 75 1.15 -6.34 27.12
N LYS B 76 1.16 -6.96 28.30
CA LYS B 76 0.09 -6.74 29.30
C LYS B 76 0.00 -5.27 29.69
N ALA B 77 1.14 -4.70 30.07
CA ALA B 77 1.18 -3.30 30.45
C ALA B 77 0.62 -2.41 29.33
N LEU B 78 1.01 -2.67 28.09
CA LEU B 78 0.53 -1.87 26.97
C LEU B 78 -0.98 -2.02 26.72
N GLN B 79 -1.55 -3.16 27.08
CA GLN B 79 -2.99 -3.34 26.91
C GLN B 79 -3.73 -2.58 28.00
N LEU B 80 -3.07 -2.39 29.14
CA LEU B 80 -3.66 -1.68 30.28
C LEU B 80 -3.57 -0.15 30.19
N ALA B 81 -2.45 0.37 29.69
CA ALA B 81 -2.27 1.81 29.59
C ALA B 81 -3.31 2.45 28.67
N PRO B 82 -3.94 3.55 29.13
CA PRO B 82 -4.95 4.23 28.31
C PRO B 82 -4.29 4.95 27.13
N SER B 83 -4.96 4.95 25.98
CA SER B 83 -4.43 5.60 24.78
C SER B 83 -4.56 7.12 24.90
N ARG B 84 -5.36 7.57 25.85
CA ARG B 84 -5.52 9.00 26.03
C ARG B 84 -6.02 9.37 27.41
N PHE B 85 -5.80 10.63 27.77
CA PHE B 85 -6.24 11.18 29.04
C PHE B 85 -6.20 12.69 28.85
N VAL B 86 -6.98 13.39 29.67
CA VAL B 86 -7.07 14.83 29.58
C VAL B 86 -6.35 15.52 30.72
N LEU B 87 -5.52 16.50 30.38
CA LEU B 87 -4.81 17.24 31.41
C LEU B 87 -5.70 18.44 31.64
N TRP B 88 -6.23 18.57 32.85
CA TRP B 88 -7.09 19.70 33.15
C TRP B 88 -6.27 20.89 33.59
N GLY B 89 -6.81 22.07 33.34
CA GLY B 89 -6.15 23.28 33.77
C GLY B 89 -7.00 23.79 34.92
N ARG B 90 -6.58 24.86 35.57
CA ARG B 90 -7.40 25.42 36.62
C ARG B 90 -8.62 25.97 35.88
N ASP B 91 -8.40 26.38 34.63
CA ASP B 91 -9.45 26.88 33.74
C ASP B 91 -9.72 25.84 32.67
N LYS B 92 -10.95 25.35 32.65
CA LYS B 92 -11.37 24.32 31.71
C LYS B 92 -10.99 24.57 30.24
N LYS B 93 -10.89 25.83 29.85
CA LYS B 93 -10.55 26.14 28.46
C LYS B 93 -9.09 25.79 28.14
N PHE B 94 -8.28 25.61 29.19
CA PHE B 94 -6.88 25.27 28.98
C PHE B 94 -6.67 23.76 28.99
N ASN B 95 -7.78 23.01 29.04
CA ASN B 95 -7.69 21.56 29.04
C ASN B 95 -6.96 21.15 27.78
N THR B 96 -6.12 20.13 27.91
CA THR B 96 -5.33 19.64 26.80
C THR B 96 -5.41 18.12 26.76
N VAL B 97 -5.76 17.58 25.60
CA VAL B 97 -5.85 16.14 25.44
C VAL B 97 -4.52 15.56 24.99
N GLN B 98 -4.14 14.46 25.60
CA GLN B 98 -2.92 13.78 25.22
C GLN B 98 -3.37 12.40 24.75
N GLU B 99 -3.22 12.11 23.47
CA GLU B 99 -3.65 10.82 22.98
C GLU B 99 -2.81 10.29 21.86
N CYS B 100 -2.73 8.97 21.80
CA CYS B 100 -1.97 8.28 20.77
C CYS B 100 -2.41 8.87 19.44
N GLY B 101 -1.46 9.33 18.66
CA GLY B 101 -1.80 9.92 17.38
C GLY B 101 -0.88 11.05 17.01
N GLY B 102 -1.35 11.96 16.17
CA GLY B 102 -0.51 13.06 15.75
C GLY B 102 -0.95 14.42 16.28
N LYS B 103 -1.81 14.43 17.29
CA LYS B 103 -2.23 15.72 17.84
C LYS B 103 -1.10 16.30 18.66
N VAL B 104 -0.49 17.35 18.12
CA VAL B 104 0.65 18.00 18.73
C VAL B 104 0.33 19.16 19.66
N HIS B 105 1.12 19.26 20.73
CA HIS B 105 0.99 20.32 21.71
C HIS B 105 2.37 20.70 22.20
N TRP B 106 2.51 21.92 22.68
CA TRP B 106 3.80 22.38 23.14
C TRP B 106 3.72 22.84 24.58
N THR B 107 4.84 22.71 25.28
CA THR B 107 4.94 23.17 26.66
C THR B 107 6.36 23.71 26.79
N CYS B 108 6.58 24.59 27.76
CA CYS B 108 7.93 25.12 27.91
C CYS B 108 8.82 24.03 28.48
N PHE B 109 10.12 24.32 28.53
CA PHE B 109 11.06 23.34 29.05
C PHE B 109 11.30 23.50 30.54
N GLY B 110 11.98 22.50 31.11
CA GLY B 110 12.30 22.53 32.52
C GLY B 110 13.42 21.54 32.74
N THR B 111 14.28 21.81 33.73
CA THR B 111 14.19 23.01 34.54
C THR B 111 15.54 23.69 34.50
N GLY B 112 15.55 24.98 34.22
CA GLY B 112 16.81 25.69 34.19
C GLY B 112 17.21 26.04 35.61
N VAL B 113 18.48 26.40 35.80
CA VAL B 113 18.97 26.77 37.11
C VAL B 113 19.29 28.25 37.06
N LYS B 114 19.27 28.81 35.84
CA LYS B 114 19.54 30.22 35.63
C LYS B 114 18.45 30.85 34.77
N VAL B 115 18.42 32.18 34.78
CA VAL B 115 17.42 32.93 34.03
C VAL B 115 18.04 34.15 33.38
N CYS B 116 17.79 34.34 32.09
CA CYS B 116 18.29 35.49 31.34
C CYS B 116 17.52 36.77 31.65
N LYS B 117 18.20 37.92 31.54
N LYS B 117 18.19 37.91 31.51
CA LYS B 117 17.56 39.20 31.81
CA LYS B 117 17.56 39.19 31.76
C LYS B 117 18.48 40.39 31.56
C LYS B 117 18.10 40.32 30.88
N TYR B 118 17.93 41.43 30.95
N TYR B 118 17.41 40.58 29.77
CA TYR B 118 18.69 42.65 30.65
CA TYR B 118 17.78 41.62 28.81
C TYR B 118 19.13 43.33 31.94
C TYR B 118 17.55 42.99 29.49
N GLN B 119 20.44 43.31 32.19
N GLN B 119 18.52 43.88 29.35
CA GLN B 119 20.99 43.94 33.39
CA GLN B 119 18.44 45.21 29.95
C GLN B 119 21.87 45.12 33.04
C GLN B 119 18.69 46.31 28.92
N ASP B 120 21.41 46.31 33.43
N ASP B 120 19.94 46.43 28.48
CA ASP B 120 22.14 47.55 33.18
CA ASP B 120 20.32 47.42 27.49
C ASP B 120 22.46 47.80 31.71
C ASP B 120 20.78 46.74 26.22
N GLY B 121 22.11 46.84 30.85
N GLY B 121 20.15 45.61 25.91
CA GLY B 121 22.38 47.03 29.44
CA GLY B 121 20.50 44.87 24.71
C GLY B 121 22.68 45.78 28.63
C GLY B 121 21.67 43.92 24.90
N LYS B 122 22.33 44.60 29.14
N LYS B 122 22.05 43.69 26.16
CA LYS B 122 22.59 43.37 28.38
CA LYS B 122 23.16 42.79 26.46
C LYS B 122 21.86 42.14 28.92
C LYS B 122 22.72 41.46 27.06
N TYR B 123 21.76 41.10 28.08
N TYR B 123 23.69 40.63 27.43
CA TYR B 123 21.11 39.85 28.45
CA TYR B 123 23.43 39.30 27.98
C TYR B 123 22.08 38.95 29.21
C TYR B 123 23.82 39.11 29.45
N VAL B 124 22.13 39.07 30.54
N VAL B 124 22.85 38.69 30.26
CA VAL B 124 23.02 38.22 31.32
CA VAL B 124 23.06 38.46 31.69
C VAL B 124 22.20 37.08 31.94
C VAL B 124 22.16 37.35 32.24
N THR B 125 22.78 36.39 32.93
CA THR B 125 22.07 35.26 33.53
C THR B 125 22.25 35.25 35.05
N VAL B 126 21.14 35.12 35.78
CA VAL B 126 21.20 35.08 37.24
C VAL B 126 20.52 33.79 37.73
N ASP B 127 21.10 33.16 38.74
CA ASP B 127 20.55 31.92 39.27
C ASP B 127 19.06 32.06 39.55
N SER B 128 18.30 31.01 39.25
CA SER B 128 16.86 31.03 39.43
C SER B 128 16.34 30.97 40.87
N VAL B 129 15.20 31.62 41.08
CA VAL B 129 14.56 31.68 42.38
C VAL B 129 13.04 31.49 42.21
N GLU B 130 12.38 31.05 43.27
CA GLU B 130 10.95 30.79 43.25
C GLU B 130 10.15 31.87 42.55
N LYS B 131 10.62 33.11 42.61
CA LYS B 131 9.88 34.20 41.98
C LYS B 131 9.92 34.09 40.46
N ASP B 132 11.06 33.64 39.93
CA ASP B 132 11.23 33.48 38.48
C ASP B 132 10.18 32.50 37.95
N ILE B 133 9.86 31.48 38.73
CA ILE B 133 8.86 30.51 38.33
C ILE B 133 7.54 31.22 38.18
N ALA B 134 7.29 32.16 39.08
CA ALA B 134 6.05 32.93 39.07
C ALA B 134 5.93 33.78 37.82
N ASP B 135 7.01 34.46 37.45
CA ASP B 135 6.99 35.31 36.25
C ASP B 135 6.79 34.45 35.00
N ILE B 136 7.64 33.44 34.86
CA ILE B 136 7.57 32.54 33.73
C ILE B 136 6.20 31.89 33.63
N ALA B 137 5.58 31.58 34.76
CA ALA B 137 4.27 30.96 34.76
C ALA B 137 3.24 31.93 34.18
N LYS B 138 3.41 33.20 34.49
CA LYS B 138 2.49 34.22 34.00
C LYS B 138 2.66 34.32 32.48
N LEU B 139 3.91 34.42 32.06
CA LEU B 139 4.19 34.54 30.64
C LEU B 139 3.56 33.36 29.88
N CYS B 140 3.81 32.14 30.34
CA CYS B 140 3.28 30.95 29.70
C CYS B 140 1.76 30.92 29.68
N ASP B 141 1.13 31.46 30.72
CA ASP B 141 -0.33 31.48 30.80
C ASP B 141 -0.84 32.29 29.61
N TRP B 142 -0.05 33.26 29.20
CA TRP B 142 -0.37 34.14 28.08
C TRP B 142 -0.10 33.51 26.70
N ALA B 143 1.04 32.82 26.57
CA ALA B 143 1.41 32.19 25.31
C ALA B 143 0.37 31.18 24.87
N GLU B 144 -0.31 31.45 23.76
CA GLU B 144 -1.36 30.57 23.26
C GLU B 144 -0.92 29.22 22.71
N ASN B 145 0.33 29.12 22.29
CA ASN B 145 0.80 27.87 21.74
C ASN B 145 1.47 27.01 22.80
N ILE B 146 1.45 27.52 24.02
CA ILE B 146 2.01 26.79 25.16
C ILE B 146 0.79 26.17 25.85
N ASP B 147 0.44 24.96 25.44
CA ASP B 147 -0.73 24.28 25.99
C ASP B 147 -0.74 24.16 27.49
N TYR B 148 0.37 23.73 28.08
CA TYR B 148 0.43 23.67 29.53
C TYR B 148 1.78 24.04 30.09
N PHE B 149 1.80 24.28 31.38
CA PHE B 149 3.00 24.73 32.05
C PHE B 149 3.85 23.60 32.62
N SER B 150 5.17 23.73 32.46
CA SER B 150 6.12 22.74 32.96
C SER B 150 7.13 23.47 33.82
N LEU B 151 7.45 22.93 35.00
CA LEU B 151 8.40 23.56 35.91
C LEU B 151 9.59 24.06 35.09
N PRO B 152 9.64 25.37 34.80
CA PRO B 152 10.72 25.98 34.01
C PRO B 152 12.10 26.07 34.64
N VAL B 153 12.15 26.48 35.91
CA VAL B 153 13.42 26.61 36.62
C VAL B 153 13.30 26.20 38.08
N SER B 154 14.44 25.94 38.71
CA SER B 154 14.46 25.53 40.11
C SER B 154 14.33 26.69 41.07
N ALA B 155 13.60 26.45 42.16
CA ALA B 155 13.42 27.45 43.20
C ALA B 155 14.64 27.32 44.11
N ARG B 156 15.81 27.64 43.56
CA ARG B 156 17.08 27.55 44.27
C ARG B 156 17.09 28.16 45.66
N ASP B 157 16.37 29.27 45.80
CA ASP B 157 16.31 29.99 47.07
C ASP B 157 15.54 29.29 48.19
N ILE B 158 14.96 28.13 47.89
CA ILE B 158 14.21 27.38 48.88
C ILE B 158 15.00 26.15 49.27
N ALA B 159 16.10 25.91 48.57
CA ALA B 159 16.95 24.77 48.85
C ALA B 159 17.54 24.85 50.26
N GLY B 160 17.30 23.81 51.06
CA GLY B 160 17.82 23.80 52.42
C GLY B 160 17.04 24.58 53.45
N GLN B 161 16.02 25.33 53.01
CA GLN B 161 15.20 26.12 53.91
C GLN B 161 13.81 25.50 54.04
N GLY B 162 13.42 24.77 53.00
CA GLY B 162 12.12 24.13 53.00
C GLY B 162 12.02 23.05 51.93
N ALA B 163 10.81 22.62 51.63
CA ALA B 163 10.58 21.60 50.63
C ALA B 163 10.53 22.27 49.25
N GLN B 164 11.69 22.41 48.63
CA GLN B 164 11.78 23.05 47.33
C GLN B 164 10.74 22.57 46.31
N ASP B 165 10.64 21.27 46.13
CA ASP B 165 9.70 20.69 45.18
C ASP B 165 8.23 20.96 45.50
N VAL B 166 7.93 21.25 46.76
CA VAL B 166 6.55 21.54 47.12
C VAL B 166 6.25 22.99 46.80
N HIS B 167 7.28 23.83 46.91
CA HIS B 167 7.15 25.25 46.58
C HIS B 167 7.01 25.29 45.06
N GLU B 168 7.76 24.40 44.41
CA GLU B 168 7.76 24.31 42.95
C GLU B 168 6.45 23.72 42.46
N THR B 169 5.50 23.57 43.36
CA THR B 169 4.19 23.04 42.99
C THR B 169 3.08 24.08 43.18
N LEU B 170 3.08 24.76 44.32
CA LEU B 170 2.05 25.76 44.56
C LEU B 170 2.29 27.00 43.73
N THR B 171 3.53 27.48 43.69
CA THR B 171 3.87 28.67 42.91
C THR B 171 3.31 28.55 41.49
N PRO B 172 3.64 27.47 40.77
CA PRO B 172 3.12 27.34 39.41
C PRO B 172 1.59 27.35 39.38
N LEU B 173 0.97 26.50 40.19
CA LEU B 173 -0.48 26.40 40.24
C LEU B 173 -1.14 27.73 40.57
N ALA B 174 -0.45 28.56 41.33
CA ALA B 174 -1.00 29.86 41.70
C ALA B 174 -0.87 30.89 40.60
N ASN B 175 0.17 30.76 39.77
CA ASN B 175 0.43 31.70 38.70
C ASN B 175 0.00 31.32 37.29
N THR B 176 -0.70 30.20 37.15
CA THR B 176 -1.17 29.78 35.83
C THR B 176 -2.45 29.00 35.99
N ALA B 177 -3.41 29.28 35.13
CA ALA B 177 -4.67 28.58 35.18
C ALA B 177 -4.56 27.34 34.31
N LYS B 178 -3.37 27.12 33.76
CA LYS B 178 -3.13 25.95 32.90
C LYS B 178 -2.62 24.77 33.69
N HIS B 179 -2.67 23.60 33.09
CA HIS B 179 -2.21 22.37 33.75
C HIS B 179 -0.74 22.48 34.10
N PHE B 180 -0.34 21.90 35.21
CA PHE B 180 1.05 21.94 35.62
C PHE B 180 1.72 20.57 35.57
N HIS B 181 2.86 20.52 34.92
CA HIS B 181 3.62 19.29 34.80
C HIS B 181 4.91 19.51 35.61
N HIS B 182 5.07 18.75 36.69
CA HIS B 182 6.25 18.88 37.53
C HIS B 182 7.42 18.12 36.93
N ILE B 183 8.42 18.86 36.49
CA ILE B 183 9.61 18.31 35.86
C ILE B 183 10.58 17.67 36.83
N ASP B 184 10.50 18.05 38.10
CA ASP B 184 11.44 17.52 39.08
C ASP B 184 10.78 17.15 40.41
N PRO B 185 9.83 16.19 40.40
CA PRO B 185 9.15 15.76 41.62
C PRO B 185 10.04 14.90 42.50
N VAL B 186 9.64 14.74 43.76
CA VAL B 186 10.38 13.93 44.72
C VAL B 186 9.49 12.79 45.16
N GLY B 187 9.96 11.56 45.01
CA GLY B 187 9.16 10.41 45.40
C GLY B 187 8.54 10.53 46.78
N GLU B 188 9.38 10.85 47.77
CA GLU B 188 8.94 10.99 49.15
C GLU B 188 7.81 11.99 49.39
N ASN B 189 7.76 13.05 48.59
CA ASN B 189 6.74 14.08 48.77
C ASN B 189 5.53 14.07 47.86
N VAL B 190 5.36 13.01 47.08
CA VAL B 190 4.22 12.96 46.18
C VAL B 190 2.89 13.18 46.89
N GLU B 191 2.80 12.74 48.15
CA GLU B 191 1.58 12.93 48.93
C GLU B 191 1.23 14.42 49.03
N TYR B 192 2.25 15.26 49.21
CA TYR B 192 2.02 16.69 49.28
C TYR B 192 1.36 17.19 48.01
N TYR B 193 1.85 16.76 46.85
CA TYR B 193 1.25 17.19 45.60
C TYR B 193 -0.21 16.74 45.59
N ARG B 194 -0.45 15.47 45.90
CA ARG B 194 -1.81 14.97 45.95
C ARG B 194 -2.68 15.86 46.84
N ASP B 195 -2.18 16.17 48.03
CA ASP B 195 -2.93 17.00 48.98
C ASP B 195 -3.18 18.43 48.50
N ILE B 196 -2.18 19.01 47.84
CA ILE B 196 -2.34 20.36 47.32
C ILE B 196 -3.43 20.36 46.25
N VAL B 197 -3.48 19.33 45.43
CA VAL B 197 -4.49 19.25 44.40
C VAL B 197 -5.84 18.92 45.03
N LYS B 198 -5.80 18.14 46.12
CA LYS B 198 -7.03 17.76 46.82
C LYS B 198 -7.61 19.02 47.46
N ALA B 199 -6.74 19.83 48.06
CA ALA B 199 -7.17 21.08 48.68
C ALA B 199 -7.86 21.95 47.64
N TYR B 200 -7.19 22.17 46.51
CA TYR B 200 -7.73 22.98 45.44
C TYR B 200 -9.17 22.57 45.12
N TYR B 201 -9.44 21.28 45.14
CA TYR B 201 -10.78 20.79 44.84
C TYR B 201 -11.65 20.64 46.07
N GLY B 202 -11.38 21.49 47.07
CA GLY B 202 -12.15 21.47 48.30
C GLY B 202 -12.09 20.17 49.06
N GLY B 203 -10.96 19.49 49.01
CA GLY B 203 -10.80 18.24 49.72
C GLY B 203 -11.48 17.04 49.06
N ASP B 204 -12.00 17.26 47.86
CA ASP B 204 -12.67 16.19 47.12
C ASP B 204 -11.64 15.42 46.29
N GLU B 205 -11.12 14.33 46.83
CA GLU B 205 -10.11 13.53 46.13
C GLU B 205 -10.62 12.90 44.84
N GLU B 206 -11.91 12.60 44.77
CA GLU B 206 -12.48 12.01 43.57
C GLU B 206 -12.43 13.03 42.43
N GLU B 207 -12.60 14.30 42.78
CA GLU B 207 -12.54 15.38 41.80
C GLU B 207 -11.09 15.56 41.33
N ALA B 208 -10.17 15.52 42.27
CA ALA B 208 -8.76 15.67 41.96
C ALA B 208 -8.31 14.62 40.95
N ARG B 209 -8.84 13.40 41.08
CA ARG B 209 -8.48 12.31 40.18
C ARG B 209 -9.09 12.46 38.79
N LYS B 210 -10.34 12.95 38.76
CA LYS B 210 -11.07 13.15 37.51
C LYS B 210 -10.60 14.37 36.72
N LYS B 211 -10.11 15.39 37.41
CA LYS B 211 -9.66 16.60 36.73
C LYS B 211 -8.24 16.94 37.14
N PRO B 212 -7.28 16.07 36.83
CA PRO B 212 -5.87 16.27 37.16
C PRO B 212 -5.25 17.57 36.64
N ILE B 213 -4.98 18.50 37.54
CA ILE B 213 -4.37 19.77 37.15
C ILE B 213 -2.87 19.65 37.39
N PHE B 214 -2.46 18.51 37.91
CA PHE B 214 -1.06 18.25 38.20
C PHE B 214 -0.61 16.89 37.68
N SER B 215 0.54 16.87 37.00
CA SER B 215 1.12 15.64 36.50
C SER B 215 2.61 15.77 36.78
N MET B 216 3.36 14.66 36.66
CA MET B 216 4.78 14.71 36.94
C MET B 216 5.64 13.80 36.07
N LEU B 217 6.91 14.15 35.99
CA LEU B 217 7.87 13.43 35.19
C LEU B 217 8.92 12.72 36.02
N LEU B 218 9.56 11.72 35.43
CA LEU B 218 10.62 10.97 36.09
C LEU B 218 11.56 10.45 35.01
N CYS B 219 12.82 10.26 35.35
CA CYS B 219 13.78 9.78 34.38
C CYS B 219 14.47 8.47 34.72
N PRO B 220 14.39 7.49 33.82
CA PRO B 220 15.09 6.25 34.14
C PRO B 220 16.57 6.63 34.14
N THR B 221 17.37 6.02 35.01
CA THR B 221 18.79 6.34 35.03
C THR B 221 19.45 5.52 33.92
N SER B 222 19.86 6.20 32.86
CA SER B 222 20.48 5.52 31.72
C SER B 222 21.97 5.28 31.92
N PRO B 223 22.45 4.09 31.50
CA PRO B 223 21.67 3.03 30.84
C PRO B 223 21.00 1.95 31.70
N LEU B 224 19.77 1.64 31.33
CA LEU B 224 18.97 0.58 31.93
C LEU B 224 18.78 0.43 33.44
N GLU B 225 18.27 1.46 34.12
CA GLU B 225 18.03 1.32 35.54
C GLU B 225 17.09 2.37 36.10
N LEU B 226 16.19 1.93 36.98
CA LEU B 226 15.23 2.83 37.59
C LEU B 226 15.69 3.12 39.03
N SER B 227 15.86 4.39 39.35
CA SER B 227 16.26 4.78 40.70
C SER B 227 15.08 4.60 41.65
N VAL B 228 15.35 4.74 42.94
CA VAL B 228 14.29 4.63 43.93
C VAL B 228 13.31 5.78 43.72
N ASN B 229 13.81 6.99 43.50
CA ASN B 229 12.93 8.13 43.31
C ASN B 229 12.03 7.93 42.11
N ALA B 230 12.60 7.39 41.03
CA ALA B 230 11.84 7.16 39.83
C ALA B 230 10.72 6.15 40.08
N CYS B 231 11.03 5.09 40.82
CA CYS B 231 10.03 4.07 41.11
C CYS B 231 8.92 4.59 41.99
N GLN B 232 9.29 5.43 42.96
CA GLN B 232 8.31 6.01 43.86
C GLN B 232 7.37 6.98 43.15
N VAL B 233 7.91 7.79 42.24
CA VAL B 233 7.08 8.74 41.48
C VAL B 233 6.08 7.94 40.65
N ILE B 234 6.56 6.88 40.02
CA ILE B 234 5.70 6.03 39.19
C ILE B 234 4.62 5.40 40.06
N ILE B 235 5.05 4.63 41.07
CA ILE B 235 4.14 3.93 41.97
C ILE B 235 3.14 4.86 42.62
N LYS B 236 3.63 5.89 43.29
CA LYS B 236 2.71 6.82 43.94
C LYS B 236 1.80 7.48 42.91
N GLY B 237 2.40 7.88 41.78
CA GLY B 237 1.62 8.52 40.73
C GLY B 237 0.46 7.65 40.29
N ALA B 238 0.72 6.39 40.00
CA ALA B 238 -0.34 5.50 39.57
C ALA B 238 -1.41 5.35 40.64
N ARG B 239 -0.99 5.26 41.90
CA ARG B 239 -1.93 5.08 43.00
C ARG B 239 -2.72 6.33 43.37
N PHE B 240 -2.18 7.51 43.07
CA PHE B 240 -2.89 8.72 43.39
C PHE B 240 -3.64 9.29 42.19
N GLY B 241 -3.58 8.58 41.08
CA GLY B 241 -4.26 9.04 39.88
C GLY B 241 -3.63 10.30 39.31
N ILE B 242 -2.31 10.36 39.31
CA ILE B 242 -1.56 11.49 38.78
C ILE B 242 -0.82 11.04 37.52
N PRO B 243 -1.12 11.67 36.37
CA PRO B 243 -0.45 11.31 35.12
C PRO B 243 1.08 11.34 35.25
N VAL B 244 1.73 10.26 34.81
CA VAL B 244 3.18 10.18 34.92
C VAL B 244 3.85 10.14 33.55
N ASN B 245 4.88 10.95 33.41
CA ASN B 245 5.65 11.03 32.17
C ASN B 245 6.96 10.27 32.37
N VAL B 246 7.05 9.07 31.79
CA VAL B 246 8.25 8.25 31.88
C VAL B 246 9.16 8.73 30.75
N LEU B 247 10.10 9.61 31.08
CA LEU B 247 10.98 10.20 30.10
C LEU B 247 12.44 9.78 30.19
N SER B 248 12.88 8.98 29.23
CA SER B 248 14.27 8.54 29.21
C SER B 248 15.08 9.75 28.80
N MET B 249 16.38 9.70 29.07
CA MET B 249 17.30 10.78 28.75
C MET B 249 18.68 10.15 28.52
N ALA B 250 18.76 9.27 27.52
CA ALA B 250 20.01 8.62 27.18
C ALA B 250 20.81 9.53 26.24
N MET B 251 22.06 9.17 25.96
CA MET B 251 22.92 9.95 25.06
C MET B 251 23.75 9.05 24.14
N SER B 252 23.58 9.24 22.83
CA SER B 252 24.33 8.46 21.85
C SER B 252 25.81 8.66 22.09
N GLY B 253 26.54 7.56 22.22
CA GLY B 253 27.97 7.62 22.47
C GLY B 253 28.30 7.71 23.95
N GLY B 254 27.34 8.14 24.76
CA GLY B 254 27.55 8.25 26.19
C GLY B 254 26.95 7.10 26.98
N SER B 255 25.65 7.17 27.24
CA SER B 255 24.98 6.12 27.98
C SER B 255 24.23 5.15 27.07
N SER B 256 24.40 5.32 25.77
CA SER B 256 23.78 4.43 24.80
C SER B 256 24.61 4.44 23.52
N PRO B 257 24.35 3.50 22.60
CA PRO B 257 25.09 3.42 21.33
C PRO B 257 25.21 4.73 20.56
N VAL B 258 26.25 4.81 19.73
CA VAL B 258 26.48 6.01 18.93
C VAL B 258 25.39 6.04 17.87
N TYR B 259 24.96 4.85 17.43
CA TYR B 259 23.91 4.70 16.44
C TYR B 259 22.58 5.10 17.02
N LEU B 260 21.83 5.94 16.31
CA LEU B 260 20.53 6.38 16.81
C LEU B 260 19.57 5.23 17.09
N ALA B 261 19.54 4.23 16.23
CA ALA B 261 18.63 3.11 16.43
C ALA B 261 18.94 2.37 17.74
N GLY B 262 20.22 2.10 17.98
CA GLY B 262 20.62 1.43 19.21
C GLY B 262 20.26 2.27 20.42
N THR B 263 20.39 3.58 20.27
CA THR B 263 20.04 4.51 21.32
C THR B 263 18.55 4.39 21.58
N LEU B 264 17.77 4.13 20.53
CA LEU B 264 16.32 4.00 20.69
C LEU B 264 15.98 2.72 21.44
N VAL B 265 16.76 1.67 21.19
CA VAL B 265 16.54 0.39 21.88
C VAL B 265 16.74 0.59 23.38
N THR B 266 17.83 1.27 23.73
CA THR B 266 18.16 1.58 25.12
C THR B 266 17.02 2.39 25.72
N HIS B 267 16.71 3.50 25.07
CA HIS B 267 15.63 4.38 25.50
C HIS B 267 14.33 3.59 25.63
N ASN B 268 14.05 2.73 24.66
CA ASN B 268 12.82 1.95 24.67
C ASN B 268 12.71 1.00 25.87
N ALA B 269 13.81 0.34 26.22
CA ALA B 269 13.79 -0.58 27.35
C ALA B 269 13.52 0.22 28.62
N GLU B 270 14.29 1.28 28.82
CA GLU B 270 14.14 2.10 29.99
C GLU B 270 12.70 2.55 30.20
N VAL B 271 12.12 3.18 29.20
CA VAL B 271 10.75 3.69 29.30
C VAL B 271 9.71 2.61 29.48
N LEU B 272 9.82 1.52 28.72
CA LEU B 272 8.84 0.45 28.84
C LEU B 272 8.82 -0.14 30.24
N SER B 273 9.99 -0.30 30.85
CA SER B 273 10.06 -0.86 32.19
C SER B 273 9.30 0.05 33.14
N GLY B 274 9.48 1.36 32.95
CA GLY B 274 8.80 2.32 33.78
C GLY B 274 7.30 2.20 33.57
N ILE B 275 6.89 2.06 32.32
CA ILE B 275 5.49 1.92 31.99
C ILE B 275 4.91 0.61 32.53
N VAL B 276 5.70 -0.47 32.47
CA VAL B 276 5.26 -1.77 32.98
C VAL B 276 5.01 -1.67 34.49
N LEU B 277 5.91 -1.00 35.19
CA LEU B 277 5.79 -0.84 36.62
C LEU B 277 4.48 -0.13 36.92
N ALA B 278 4.25 0.97 36.23
CA ALA B 278 3.05 1.77 36.42
C ALA B 278 1.78 0.93 36.28
N GLN B 279 1.70 0.15 35.21
CA GLN B 279 0.52 -0.67 34.97
C GLN B 279 0.34 -1.82 35.97
N LEU B 280 1.45 -2.38 36.45
CA LEU B 280 1.37 -3.48 37.41
C LEU B 280 0.95 -2.95 38.78
N THR B 281 1.32 -1.71 39.06
CA THR B 281 0.96 -1.06 40.32
C THR B 281 -0.54 -0.76 40.31
N VAL B 282 -1.02 -0.22 39.19
CA VAL B 282 -2.43 0.12 39.03
C VAL B 282 -2.83 0.05 37.56
N PRO B 283 -3.54 -1.01 37.16
CA PRO B 283 -3.94 -1.11 35.75
C PRO B 283 -4.69 0.12 35.26
N GLY B 284 -4.33 0.62 34.09
CA GLY B 284 -4.99 1.79 33.55
C GLY B 284 -4.40 3.13 33.97
N ALA B 285 -3.26 3.10 34.65
CA ALA B 285 -2.61 4.33 35.11
C ALA B 285 -2.22 5.18 33.93
N LYS B 286 -2.46 6.49 34.04
CA LYS B 286 -2.13 7.42 32.98
C LYS B 286 -0.63 7.65 32.86
N VAL B 287 -0.08 7.32 31.69
CA VAL B 287 1.35 7.47 31.44
C VAL B 287 1.70 7.95 30.06
N TRP B 288 2.88 8.56 29.99
CA TRP B 288 3.44 9.11 28.77
C TRP B 288 4.66 8.32 28.40
N TYR B 289 4.85 8.10 27.10
CA TYR B 289 6.05 7.42 26.62
C TYR B 289 6.87 8.67 26.30
N GLY B 290 7.86 8.96 27.14
CA GLY B 290 8.60 10.18 26.94
C GLY B 290 10.07 10.09 26.60
N SER B 291 10.60 11.19 26.09
CA SER B 291 12.00 11.25 25.70
C SER B 291 12.60 12.63 25.58
N SER B 292 13.88 12.70 25.95
CA SER B 292 14.68 13.89 25.82
C SER B 292 16.04 13.38 25.43
N THR B 293 16.08 12.10 25.08
CA THR B 293 17.30 11.46 24.64
C THR B 293 17.91 12.23 23.48
N THR B 294 19.21 12.43 23.54
CA THR B 294 19.91 13.14 22.49
C THR B 294 21.23 12.43 22.17
N THR B 295 22.13 13.13 21.52
CA THR B 295 23.42 12.56 21.18
C THR B 295 24.50 13.28 21.96
N PHE B 296 25.48 12.52 22.46
CA PHE B 296 26.59 13.11 23.19
C PHE B 296 27.62 13.55 22.16
N ASP B 297 28.04 14.81 22.22
CA ASP B 297 29.03 15.30 21.26
C ASP B 297 30.40 14.77 21.64
N LEU B 298 30.82 13.71 20.97
CA LEU B 298 32.12 13.09 21.25
C LEU B 298 33.29 14.05 21.04
N LYS B 299 33.10 15.04 20.17
CA LYS B 299 34.16 16.00 19.88
C LYS B 299 34.11 17.27 20.72
N LYS B 300 33.07 17.45 21.51
CA LYS B 300 32.97 18.64 22.34
C LYS B 300 32.75 18.29 23.82
N GLY B 301 32.53 17.01 24.08
CA GLY B 301 32.31 16.56 25.45
C GLY B 301 31.17 17.29 26.13
N THR B 302 30.14 17.59 25.35
CA THR B 302 28.98 18.30 25.87
C THR B 302 27.74 17.55 25.41
N ALA B 303 26.57 17.92 25.94
CA ALA B 303 25.33 17.26 25.54
C ALA B 303 24.47 18.20 24.69
N PRO B 304 24.85 18.41 23.42
CA PRO B 304 24.07 19.31 22.55
C PRO B 304 22.64 18.83 22.47
N VAL B 305 21.71 19.75 22.70
CA VAL B 305 20.32 19.38 22.68
C VAL B 305 19.56 20.14 21.58
N GLY B 306 20.31 20.86 20.76
CA GLY B 306 19.71 21.59 19.66
C GLY B 306 20.13 20.98 18.34
N SER B 307 20.72 19.79 18.41
CA SER B 307 21.21 19.09 17.22
C SER B 307 20.10 18.39 16.41
N PRO B 308 20.42 18.03 15.15
CA PRO B 308 19.41 17.35 14.34
C PRO B 308 19.11 15.97 14.92
N GLU B 309 20.04 15.40 15.68
CA GLU B 309 19.81 14.10 16.27
C GLU B 309 18.68 14.18 17.28
N LEU B 310 18.66 15.25 18.08
CA LEU B 310 17.61 15.40 19.06
C LEU B 310 16.26 15.45 18.34
N GLY B 311 16.20 16.18 17.24
CA GLY B 311 14.96 16.28 16.49
C GLY B 311 14.56 14.91 15.94
N LEU B 312 15.54 14.18 15.42
CA LEU B 312 15.28 12.85 14.89
C LEU B 312 14.81 11.87 15.97
N ILE B 313 15.52 11.85 17.09
CA ILE B 313 15.18 10.95 18.18
C ILE B 313 13.79 11.27 18.72
N SER B 314 13.49 12.55 18.90
CA SER B 314 12.18 12.94 19.38
C SER B 314 11.10 12.52 18.38
N ALA B 315 11.36 12.70 17.09
CA ALA B 315 10.40 12.31 16.06
C ALA B 315 10.23 10.79 16.08
N ALA B 316 11.33 10.08 16.26
CA ALA B 316 11.29 8.64 16.32
C ALA B 316 10.50 8.16 17.53
N VAL B 317 10.76 8.76 18.69
CA VAL B 317 10.06 8.38 19.92
C VAL B 317 8.56 8.58 19.74
N ALA B 318 8.16 9.61 19.01
CA ALA B 318 6.75 9.88 18.77
C ALA B 318 6.17 8.75 17.93
N LYS B 319 6.93 8.31 16.94
CA LYS B 319 6.50 7.23 16.07
C LYS B 319 6.39 5.95 16.88
N LEU B 320 7.32 5.77 17.81
CA LEU B 320 7.34 4.58 18.67
C LEU B 320 6.15 4.60 19.61
N ALA B 321 5.87 5.76 20.20
CA ALA B 321 4.75 5.90 21.10
C ALA B 321 3.48 5.52 20.32
N GLN B 322 3.37 6.02 19.11
CA GLN B 322 2.22 5.75 18.28
C GLN B 322 2.13 4.24 18.04
N PHE B 323 3.29 3.64 17.78
CA PHE B 323 3.37 2.20 17.51
C PHE B 323 2.89 1.38 18.70
N TYR B 324 3.25 1.82 19.91
CA TYR B 324 2.86 1.14 21.12
C TYR B 324 1.50 1.56 21.65
N GLY B 325 0.91 2.57 21.00
CA GLY B 325 -0.40 3.03 21.40
C GLY B 325 -0.47 4.01 22.54
N LEU B 326 0.66 4.63 22.88
CA LEU B 326 0.73 5.58 23.99
C LEU B 326 0.96 7.03 23.56
N PRO B 327 0.58 7.98 24.43
CA PRO B 327 0.77 9.40 24.14
C PRO B 327 2.29 9.66 24.27
N SER B 328 2.84 10.58 23.48
CA SER B 328 4.27 10.86 23.52
C SER B 328 4.57 12.24 24.09
N TYR B 329 5.73 12.35 24.73
CA TYR B 329 6.19 13.61 25.32
C TYR B 329 7.67 13.64 24.97
N VAL B 330 8.06 14.57 24.11
CA VAL B 330 9.45 14.64 23.68
C VAL B 330 10.04 16.04 23.70
N ALA B 331 11.37 16.10 23.59
CA ALA B 331 12.07 17.38 23.57
C ALA B 331 11.93 18.00 22.19
N GLY B 332 11.82 19.33 22.16
CA GLY B 332 11.68 20.04 20.92
C GLY B 332 11.84 21.52 21.21
N SER B 333 12.07 22.31 20.17
CA SER B 333 12.30 23.74 20.33
C SER B 333 13.36 23.98 21.41
CA PYL B 334 15.59 23.41 22.16
C PYL B 334 16.83 23.95 21.45
N PYL B 334 14.48 23.29 21.24
N SER B 335 17.73 24.58 22.20
CA SER B 335 18.93 25.15 21.62
C SER B 335 20.11 25.08 22.54
N ASP B 336 21.30 25.12 21.97
CA ASP B 336 22.53 25.08 22.74
C ASP B 336 23.09 26.50 22.78
N ALA B 337 22.46 27.39 22.03
CA ALA B 337 22.88 28.79 21.97
C ALA B 337 22.85 29.40 23.36
N LYS B 338 23.86 30.19 23.67
CA LYS B 338 23.98 30.85 24.96
C LYS B 338 23.22 32.19 24.99
N VAL B 339 22.73 32.60 23.83
CA VAL B 339 22.01 33.86 23.71
C VAL B 339 21.03 33.74 22.52
N PRO B 340 19.87 34.41 22.59
CA PRO B 340 18.88 34.36 21.50
C PRO B 340 19.32 34.95 20.16
N ASP B 341 20.16 34.21 19.44
CA ASP B 341 20.66 34.66 18.15
C ASP B 341 20.21 33.79 16.96
N ASP B 342 20.92 33.95 15.86
CA ASP B 342 20.66 33.19 14.63
C ASP B 342 20.64 31.70 14.94
N GLN B 343 21.57 31.25 15.78
CA GLN B 343 21.67 29.85 16.16
C GLN B 343 20.43 29.35 16.93
N ALA B 344 19.96 30.15 17.88
CA ALA B 344 18.80 29.72 18.64
C ALA B 344 17.65 29.47 17.66
N GLY B 345 17.40 30.46 16.81
CA GLY B 345 16.34 30.32 15.83
C GLY B 345 16.44 29.06 15.00
N HIS B 346 17.65 28.75 14.53
CA HIS B 346 17.83 27.56 13.73
C HIS B 346 17.55 26.30 14.52
N GLU B 347 18.29 26.11 15.60
CA GLU B 347 18.14 24.92 16.42
C GLU B 347 16.72 24.75 16.93
N LYS B 348 16.12 25.82 17.42
CA LYS B 348 14.76 25.74 17.92
C LYS B 348 13.79 25.21 16.87
N THR B 349 13.96 25.65 15.62
CA THR B 349 13.08 25.26 14.54
C THR B 349 13.35 23.85 14.06
N MET B 350 14.63 23.48 14.07
CA MET B 350 15.04 22.15 13.65
C MET B 350 14.49 21.09 14.60
N THR B 351 14.72 21.29 15.90
CA THR B 351 14.27 20.34 16.91
C THR B 351 12.79 20.37 17.18
N THR B 352 12.08 21.32 16.60
CA THR B 352 10.65 21.37 16.83
C THR B 352 9.88 20.84 15.61
N LEU B 353 10.35 21.22 14.43
CA LEU B 353 9.70 20.82 13.19
C LEU B 353 9.62 19.32 13.00
N LEU B 354 10.73 18.63 13.27
CA LEU B 354 10.74 17.18 13.11
C LEU B 354 9.73 16.48 14.02
N PRO B 355 9.85 16.64 15.34
CA PRO B 355 8.87 15.96 16.20
C PRO B 355 7.42 16.40 15.95
N ALA B 356 7.22 17.64 15.51
CA ALA B 356 5.86 18.13 15.23
C ALA B 356 5.32 17.41 13.99
N LEU B 357 6.07 17.47 12.89
CA LEU B 357 5.63 16.79 11.68
C LEU B 357 5.45 15.28 11.96
N ALA B 358 6.17 14.77 12.97
CA ALA B 358 6.09 13.36 13.34
C ALA B 358 4.86 13.04 14.18
N GLY B 359 4.31 14.04 14.86
CA GLY B 359 3.13 13.82 15.67
C GLY B 359 3.33 13.69 17.17
N ALA B 360 4.43 14.22 17.70
CA ALA B 360 4.67 14.16 19.13
C ALA B 360 3.49 14.88 19.84
N ASN B 361 2.92 14.25 20.86
CA ASN B 361 1.75 14.84 21.53
C ASN B 361 2.02 16.01 22.46
N THR B 362 3.26 16.13 22.87
CA THR B 362 3.72 17.23 23.70
C THR B 362 5.18 17.42 23.32
N ILE B 363 5.52 18.65 23.02
CA ILE B 363 6.90 18.97 22.69
C ILE B 363 7.33 20.00 23.69
N TYR B 364 8.30 19.65 24.53
CA TYR B 364 8.77 20.58 25.54
C TYR B 364 10.18 21.07 25.24
N GLY B 365 10.42 22.34 25.54
CA GLY B 365 11.73 22.91 25.26
C GLY B 365 11.65 24.41 25.15
N ALA B 366 10.47 24.91 24.78
CA ALA B 366 10.24 26.33 24.63
C ALA B 366 10.87 27.12 25.77
N GLY B 367 11.51 28.23 25.41
CA GLY B 367 12.13 29.08 26.41
C GLY B 367 13.54 28.69 26.78
N MET B 368 13.97 27.52 26.34
CA MET B 368 15.30 27.08 26.70
C MET B 368 16.45 27.74 25.93
N LEU B 369 17.61 27.69 26.56
CA LEU B 369 18.87 28.20 26.00
C LEU B 369 19.98 27.52 26.77
N GLU B 370 21.22 27.71 26.31
CA GLU B 370 22.37 27.13 26.99
C GLU B 370 22.23 25.65 27.37
N LEU B 371 21.83 24.82 26.42
CA LEU B 371 21.68 23.38 26.64
C LEU B 371 20.82 22.98 27.83
N GLY B 372 19.83 23.78 28.17
CA GLY B 372 18.97 23.44 29.28
C GLY B 372 19.31 24.08 30.61
N MET B 373 20.43 24.81 30.67
CA MET B 373 20.85 25.46 31.90
C MET B 373 20.08 26.74 32.18
N THR B 374 19.71 27.43 31.11
CA THR B 374 19.01 28.70 31.25
C THR B 374 17.62 28.73 30.67
N PHE B 375 16.82 29.67 31.16
CA PHE B 375 15.48 29.87 30.65
C PHE B 375 15.41 31.32 30.27
N SER B 376 15.02 31.58 29.01
CA SER B 376 14.92 32.94 28.49
C SER B 376 13.48 33.26 28.14
N MET B 377 12.92 34.27 28.81
CA MET B 377 11.56 34.67 28.53
C MET B 377 11.52 35.25 27.11
N GLU B 378 12.60 35.92 26.70
CA GLU B 378 12.63 36.50 25.37
C GLU B 378 12.46 35.34 24.40
N GLN B 379 13.29 34.32 24.58
CA GLN B 379 13.25 33.16 23.71
C GLN B 379 11.91 32.43 23.80
N LEU B 380 11.28 32.44 24.97
CA LEU B 380 10.01 31.76 25.13
C LEU B 380 8.93 32.34 24.24
N VAL B 381 8.81 33.68 24.19
CA VAL B 381 7.78 34.26 23.32
C VAL B 381 8.16 34.06 21.86
N ILE B 382 9.45 34.06 21.56
CA ILE B 382 9.90 33.83 20.19
C ILE B 382 9.49 32.42 19.77
N ASP B 383 9.70 31.45 20.64
CA ASP B 383 9.33 30.07 20.33
C ASP B 383 7.83 29.95 20.12
N ASN B 384 7.07 30.67 20.94
CA ASN B 384 5.62 30.67 20.85
C ASN B 384 5.18 31.14 19.47
N ASP B 385 5.94 32.08 18.91
CA ASP B 385 5.62 32.60 17.59
C ASP B 385 6.03 31.56 16.56
N ILE B 386 7.18 30.94 16.80
CA ILE B 386 7.64 29.89 15.92
C ILE B 386 6.58 28.78 15.83
N PHE B 387 5.93 28.46 16.94
CA PHE B 387 4.93 27.41 16.91
C PHE B 387 3.72 27.77 16.04
N SER B 388 3.39 29.05 15.95
CA SER B 388 2.28 29.46 15.11
C SER B 388 2.68 29.16 13.66
N MET B 389 3.92 29.49 13.31
CA MET B 389 4.41 29.24 11.97
C MET B 389 4.42 27.75 11.71
N VAL B 390 4.86 26.98 12.71
CA VAL B 390 4.91 25.53 12.56
C VAL B 390 3.50 24.96 12.41
N LYS B 391 2.54 25.51 13.15
CA LYS B 391 1.17 25.04 13.05
C LYS B 391 0.63 25.29 11.65
N LYS B 392 1.11 26.36 11.02
CA LYS B 392 0.67 26.71 9.67
C LYS B 392 1.23 25.70 8.70
N ALA B 393 2.52 25.42 8.84
CA ALA B 393 3.18 24.47 7.98
C ALA B 393 2.47 23.12 8.07
N MET B 394 2.01 22.77 9.29
CA MET B 394 1.32 21.50 9.50
C MET B 394 -0.04 21.37 8.82
N GLN B 395 -0.57 22.47 8.31
CA GLN B 395 -1.86 22.39 7.64
C GLN B 395 -1.64 21.81 6.25
N GLY B 396 -0.37 21.69 5.88
CA GLY B 396 -0.01 21.16 4.58
C GLY B 396 -0.62 21.94 3.44
N ILE B 397 -1.02 21.24 2.38
CA ILE B 397 -1.64 21.88 1.26
C ILE B 397 -2.98 21.20 0.99
N PRO B 398 -4.06 21.74 1.55
CA PRO B 398 -5.40 21.18 1.38
C PRO B 398 -5.74 21.15 -0.11
N VAL B 399 -6.19 20.00 -0.59
CA VAL B 399 -6.54 19.88 -1.99
C VAL B 399 -8.00 19.49 -2.22
N SER B 400 -8.80 20.46 -2.64
CA SER B 400 -10.22 20.27 -2.91
C SER B 400 -10.62 21.17 -4.07
N GLU B 401 -11.82 20.96 -4.60
CA GLU B 401 -12.28 21.80 -5.71
C GLU B 401 -12.22 23.26 -5.29
N GLU B 402 -12.59 23.54 -4.04
CA GLU B 402 -12.57 24.91 -3.56
C GLU B 402 -11.17 25.49 -3.48
N THR B 403 -10.21 24.71 -2.98
CA THR B 403 -8.84 25.20 -2.85
C THR B 403 -8.11 25.30 -4.18
N LEU B 404 -8.42 24.39 -5.11
CA LEU B 404 -7.80 24.41 -6.43
C LEU B 404 -8.18 25.71 -7.14
N ALA B 405 -9.31 26.27 -6.71
CA ALA B 405 -9.85 27.55 -7.18
C ALA B 405 -9.76 27.88 -8.68
N VAL B 406 -10.15 26.95 -9.55
CA VAL B 406 -10.09 27.21 -10.98
C VAL B 406 -10.99 28.36 -11.41
N GLU B 407 -12.21 28.43 -10.87
CA GLU B 407 -13.12 29.50 -11.26
C GLU B 407 -12.56 30.88 -10.91
N SER B 408 -11.79 30.96 -9.83
CA SER B 408 -11.19 32.22 -9.42
C SER B 408 -10.11 32.61 -10.41
N ILE B 409 -9.28 31.63 -10.79
CA ILE B 409 -8.20 31.84 -11.74
C ILE B 409 -8.76 32.31 -13.07
N GLN B 410 -9.85 31.68 -13.51
CA GLN B 410 -10.48 32.07 -14.76
C GLN B 410 -11.19 33.42 -14.63
N LYS B 411 -11.79 33.66 -13.48
CA LYS B 411 -12.48 34.93 -13.23
C LYS B 411 -11.47 36.07 -13.28
N VAL B 412 -10.33 35.90 -12.60
CA VAL B 412 -9.30 36.94 -12.58
C VAL B 412 -8.68 37.10 -13.95
N GLY B 413 -8.41 35.97 -14.60
CA GLY B 413 -7.82 36.00 -15.92
C GLY B 413 -6.36 36.40 -15.95
N ILE B 414 -5.79 36.39 -17.15
CA ILE B 414 -4.39 36.72 -17.39
C ILE B 414 -4.00 38.15 -17.07
N GLY B 415 -2.89 38.31 -16.36
CA GLY B 415 -2.39 39.63 -16.04
C GLY B 415 -3.09 40.50 -15.01
N ASN B 416 -3.95 39.90 -14.19
CA ASN B 416 -4.65 40.65 -13.16
C ASN B 416 -4.34 40.08 -11.80
N ASN B 417 -4.87 40.69 -10.74
CA ASN B 417 -4.60 40.16 -9.40
C ASN B 417 -5.85 39.64 -8.67
N PHE B 418 -5.64 39.07 -7.50
CA PHE B 418 -6.74 38.50 -6.71
C PHE B 418 -7.08 39.30 -5.46
N LEU B 419 -6.42 40.43 -5.27
CA LEU B 419 -6.65 41.26 -4.09
C LEU B 419 -8.11 41.62 -3.78
N ALA B 420 -8.91 41.87 -4.81
CA ALA B 420 -10.29 42.28 -4.58
C ALA B 420 -11.36 41.19 -4.64
N LEU B 421 -10.96 39.93 -4.81
CA LEU B 421 -11.94 38.85 -4.85
C LEU B 421 -12.59 38.64 -3.49
N LYS B 422 -13.83 38.16 -3.50
CA LYS B 422 -14.54 37.87 -2.27
C LYS B 422 -13.73 36.80 -1.55
N GLN B 423 -13.34 35.79 -2.31
CA GLN B 423 -12.53 34.69 -1.82
C GLN B 423 -11.35 35.19 -0.98
N THR B 424 -10.54 36.06 -1.57
CA THR B 424 -9.37 36.60 -0.88
C THR B 424 -9.68 37.30 0.44
N ARG B 425 -10.75 38.10 0.48
CA ARG B 425 -11.12 38.83 1.69
C ARG B 425 -11.55 37.90 2.81
N GLN B 426 -12.43 36.98 2.48
CA GLN B 426 -12.96 36.04 3.44
C GLN B 426 -11.86 35.24 4.13
N LEU B 427 -10.73 35.07 3.43
CA LEU B 427 -9.62 34.30 3.97
C LEU B 427 -8.45 35.12 4.44
N VAL B 428 -8.66 36.43 4.62
CA VAL B 428 -7.56 37.30 5.04
C VAL B 428 -6.84 36.82 6.31
N ASP B 429 -7.53 36.07 7.16
CA ASP B 429 -6.93 35.58 8.41
C ASP B 429 -6.30 34.21 8.29
N TYR B 430 -6.44 33.56 7.15
CA TYR B 430 -5.88 32.20 6.95
C TYR B 430 -4.35 32.16 6.85
N PRO B 431 -3.77 32.98 5.97
CA PRO B 431 -2.30 32.99 5.83
C PRO B 431 -1.60 33.20 7.15
N SER B 432 -0.37 32.70 7.26
CA SER B 432 0.41 32.86 8.49
C SER B 432 0.54 34.34 8.84
N ASN B 433 0.31 34.67 10.09
CA ASN B 433 0.41 36.05 10.54
C ASN B 433 1.19 36.14 11.84
N PRO B 434 2.53 36.03 11.76
CA PRO B 434 3.41 36.09 12.93
C PRO B 434 3.23 37.34 13.78
N MET B 435 3.35 37.16 15.08
CA MET B 435 3.20 38.22 16.05
C MET B 435 4.49 38.99 16.29
N LEU B 436 5.64 38.32 16.17
CA LEU B 436 6.92 38.96 16.40
C LEU B 436 7.86 38.98 15.20
N LEU B 437 7.87 37.91 14.41
CA LEU B 437 8.72 37.85 13.23
C LEU B 437 8.39 39.06 12.35
N ASP B 438 9.42 39.84 12.01
CA ASP B 438 9.23 41.04 11.21
C ASP B 438 9.15 40.80 9.70
N ARG B 439 8.06 41.24 9.09
CA ARG B 439 7.88 41.09 7.65
C ARG B 439 7.83 42.43 6.90
N HIS B 440 8.18 43.52 7.55
CA HIS B 440 8.17 44.83 6.90
C HIS B 440 9.39 45.04 6.05
N MET B 441 9.32 46.00 5.16
CA MET B 441 10.44 46.33 4.29
C MET B 441 11.40 47.14 5.14
N PHE B 442 12.64 47.25 4.70
CA PHE B 442 13.65 47.98 5.45
C PHE B 442 13.18 49.28 6.06
N GLY B 443 12.62 50.16 5.24
CA GLY B 443 12.13 51.46 5.71
C GLY B 443 11.27 51.44 6.96
N ASP B 444 10.14 50.74 6.90
CA ASP B 444 9.23 50.65 8.04
C ASP B 444 9.95 50.04 9.23
N TRP B 445 10.76 49.02 8.96
CA TRP B 445 11.51 48.33 10.00
C TRP B 445 12.52 49.26 10.68
N ALA B 446 13.28 50.00 9.89
CA ALA B 446 14.29 50.92 10.43
C ALA B 446 13.61 52.01 11.25
N ALA B 447 12.42 52.42 10.81
CA ALA B 447 11.66 53.45 11.47
C ALA B 447 11.13 52.98 12.82
N ALA B 448 10.88 51.69 12.95
CA ALA B 448 10.38 51.14 14.20
C ALA B 448 11.56 51.01 15.17
N GLY B 449 12.75 51.35 14.70
CA GLY B 449 13.93 51.29 15.55
C GLY B 449 15.01 50.31 15.13
N SER B 450 14.87 49.68 13.97
CA SER B 450 15.87 48.72 13.52
C SER B 450 16.16 47.71 14.64
N LYS B 451 15.09 47.12 15.15
CA LYS B 451 15.19 46.15 16.23
C LYS B 451 15.29 44.70 15.77
N ASP B 452 16.22 43.95 16.37
CA ASP B 452 16.37 42.55 16.02
C ASP B 452 15.23 41.82 16.76
N LEU B 453 15.03 40.54 16.49
CA LEU B 453 13.94 39.82 17.12
C LEU B 453 14.00 39.78 18.63
N ALA B 454 15.20 39.68 19.18
CA ALA B 454 15.33 39.59 20.64
C ALA B 454 14.82 40.79 21.40
N THR B 455 15.16 42.00 20.95
CA THR B 455 14.68 43.19 21.65
C THR B 455 13.17 43.31 21.48
N VAL B 456 12.67 42.92 20.32
CA VAL B 456 11.24 43.00 20.07
C VAL B 456 10.55 42.02 21.01
N ALA B 457 11.12 40.82 21.12
CA ALA B 457 10.57 39.82 22.02
C ALA B 457 10.56 40.36 23.45
N HIS B 458 11.68 40.93 23.86
CA HIS B 458 11.82 41.49 25.20
C HIS B 458 10.75 42.52 25.54
N GLU B 459 10.52 43.47 24.63
CA GLU B 459 9.51 44.49 24.86
C GLU B 459 8.15 43.80 25.04
N LYS B 460 7.96 42.68 24.34
CA LYS B 460 6.71 41.93 24.45
C LYS B 460 6.61 41.30 25.85
N VAL B 461 7.72 40.71 26.30
CA VAL B 461 7.77 40.10 27.61
C VAL B 461 7.40 41.14 28.66
N GLU B 462 8.06 42.30 28.58
CA GLU B 462 7.79 43.41 29.49
C GLU B 462 6.30 43.74 29.48
N ASP B 463 5.76 43.88 28.28
CA ASP B 463 4.35 44.21 28.14
C ASP B 463 3.43 43.14 28.73
N VAL B 464 3.75 41.86 28.49
CA VAL B 464 2.94 40.77 29.01
C VAL B 464 2.97 40.68 30.54
N LEU B 465 4.17 40.67 31.11
CA LEU B 465 4.33 40.58 32.55
C LEU B 465 3.62 41.72 33.23
N LYS B 466 3.57 42.85 32.54
CA LYS B 466 2.94 44.03 33.09
C LYS B 466 1.41 44.02 33.01
N ASN B 467 0.87 43.71 31.84
CA ASN B 467 -0.59 43.75 31.66
C ASN B 467 -1.40 42.45 31.62
N HIS B 468 -0.76 41.29 31.65
CA HIS B 468 -1.56 40.07 31.59
C HIS B 468 -2.17 39.62 32.92
N GLN B 469 -3.45 39.27 32.85
CA GLN B 469 -4.18 38.83 34.05
C GLN B 469 -4.41 37.32 34.06
N VAL B 470 -4.01 36.68 35.17
CA VAL B 470 -4.20 35.24 35.33
C VAL B 470 -5.32 34.93 36.32
N THR B 471 -6.25 34.06 35.93
CA THR B 471 -7.35 33.68 36.81
C THR B 471 -6.82 33.21 38.19
N PRO B 472 -6.91 34.06 39.21
CA PRO B 472 -6.42 33.71 40.54
C PRO B 472 -7.20 32.55 41.18
N ILE B 473 -6.58 31.90 42.14
CA ILE B 473 -7.24 30.82 42.85
C ILE B 473 -7.99 31.44 44.01
N ASP B 474 -9.18 30.92 44.29
CA ASP B 474 -10.00 31.40 45.40
C ASP B 474 -9.10 31.59 46.62
N ALA B 475 -9.15 32.78 47.22
CA ALA B 475 -8.32 33.08 48.38
C ALA B 475 -8.43 32.08 49.53
N ASP B 476 -9.63 31.55 49.76
CA ASP B 476 -9.80 30.58 50.82
C ASP B 476 -9.15 29.25 50.42
N ILE B 477 -9.46 28.80 49.21
CA ILE B 477 -8.88 27.56 48.70
C ILE B 477 -7.35 27.71 48.76
N PHE B 478 -6.86 28.88 48.35
CA PHE B 478 -5.43 29.11 48.36
C PHE B 478 -4.81 28.90 49.74
N LYS B 479 -5.50 29.34 50.78
CA LYS B 479 -4.99 29.18 52.14
C LYS B 479 -4.80 27.70 52.46
N ASP B 480 -5.76 26.87 52.08
CA ASP B 480 -5.65 25.44 52.33
C ASP B 480 -4.44 24.90 51.60
N MET B 481 -4.30 25.26 50.33
CA MET B 481 -3.17 24.81 49.53
C MET B 481 -1.87 25.31 50.14
N GLN B 482 -1.87 26.57 50.53
CA GLN B 482 -0.69 27.17 51.14
C GLN B 482 -0.33 26.43 52.42
N ALA B 483 -1.34 25.95 53.14
CA ALA B 483 -1.11 25.21 54.39
C ALA B 483 -0.25 23.97 54.16
N ILE B 484 -0.63 23.14 53.19
CA ILE B 484 0.11 21.93 52.86
C ILE B 484 1.59 22.24 52.62
N VAL B 485 1.85 23.34 51.92
CA VAL B 485 3.24 23.73 51.64
C VAL B 485 3.93 24.00 52.97
N ASP B 486 3.26 24.71 53.86
CA ASP B 486 3.84 25.02 55.17
C ASP B 486 4.09 23.73 55.95
N LYS B 487 3.12 22.83 55.91
CA LYS B 487 3.23 21.55 56.60
C LYS B 487 4.48 20.84 56.10
N ALA B 488 4.65 20.85 54.77
CA ALA B 488 5.80 20.20 54.14
C ALA B 488 7.10 20.87 54.56
N ASP B 489 7.06 22.19 54.74
CA ASP B 489 8.23 22.95 55.15
C ASP B 489 8.63 22.57 56.57
N LYS B 490 7.65 22.46 57.46
CA LYS B 490 7.93 22.09 58.85
C LYS B 490 8.66 20.76 58.87
N ALA B 491 8.02 19.75 58.27
CA ALA B 491 8.61 18.42 58.21
C ALA B 491 10.06 18.50 57.75
N PHE B 492 10.32 19.28 56.71
CA PHE B 492 11.68 19.44 56.20
C PHE B 492 12.66 19.91 57.27
N ARG B 493 12.21 20.84 58.11
CA ARG B 493 13.07 21.37 59.17
C ARG B 493 13.23 20.33 60.27
N GLY B 494 12.21 19.48 60.43
CA GLY B 494 12.27 18.44 61.45
C GLY B 494 13.20 17.32 61.06
N MET B 495 13.88 17.46 59.93
CA MET B 495 14.81 16.43 59.47
C MET B 495 16.26 16.74 59.88
N ALA C 2 -4.66 24.27 25.64
CA ALA C 2 -5.91 24.62 24.89
C ALA C 2 -6.33 23.48 23.96
N LYS C 3 -7.40 23.72 23.21
CA LYS C 3 -7.89 22.73 22.24
C LYS C 3 -6.88 22.56 21.11
N ASN C 4 -6.61 21.31 20.75
CA ASN C 4 -5.65 21.04 19.70
C ASN C 4 -6.08 21.71 18.41
N ASN C 5 -5.08 22.10 17.63
CA ASN C 5 -5.32 22.73 16.34
C ASN C 5 -4.04 22.55 15.55
N ALA C 6 -3.39 21.41 15.78
CA ALA C 6 -2.15 21.05 15.11
C ALA C 6 -2.03 19.53 15.06
N VAL C 7 -2.33 18.94 13.90
CA VAL C 7 -2.24 17.50 13.75
C VAL C 7 -1.25 17.09 12.68
N ALA C 8 -0.53 15.99 12.91
CA ALA C 8 0.44 15.50 11.93
C ALA C 8 -0.29 14.85 10.77
N GLY C 9 0.46 14.48 9.75
CA GLY C 9 -0.13 13.86 8.58
C GLY C 9 -1.22 12.88 8.94
N PHE C 10 -2.35 13.00 8.27
CA PHE C 10 -3.48 12.13 8.51
C PHE C 10 -4.01 11.62 7.16
N ASN C 11 -4.27 10.32 7.10
CA ASN C 11 -4.78 9.72 5.88
C ASN C 11 -6.29 9.64 5.91
N ALA C 12 -6.92 10.25 4.90
CA ALA C 12 -8.36 10.27 4.83
C ALA C 12 -8.92 9.73 3.52
N LEU C 13 -10.15 9.27 3.58
CA LEU C 13 -10.84 8.77 2.40
C LEU C 13 -12.08 9.63 2.31
N ASN C 14 -12.12 10.54 1.33
CA ASN C 14 -13.27 11.41 1.15
C ASN C 14 -14.29 10.71 0.27
N GLY C 15 -15.48 10.49 0.83
CA GLY C 15 -16.53 9.83 0.08
C GLY C 15 -16.56 8.33 0.26
N VAL C 16 -16.96 7.64 -0.80
CA VAL C 16 -17.07 6.19 -0.78
C VAL C 16 -16.29 5.62 -1.95
N GLU C 17 -15.33 4.75 -1.67
CA GLU C 17 -14.52 4.15 -2.70
C GLU C 17 -14.99 2.74 -3.01
N LEU C 18 -15.21 2.45 -4.29
CA LEU C 18 -15.65 1.13 -4.71
C LEU C 18 -14.60 0.54 -5.64
N ASN C 19 -14.13 -0.66 -5.32
CA ASN C 19 -13.10 -1.32 -6.11
C ASN C 19 -13.55 -2.60 -6.74
N LEU C 20 -13.10 -2.82 -7.98
CA LEU C 20 -13.43 -4.01 -8.75
C LEU C 20 -12.17 -4.71 -9.24
N PHE C 21 -11.09 -3.95 -9.35
CA PHE C 21 -9.85 -4.50 -9.87
C PHE C 21 -8.60 -4.07 -9.16
N THR C 22 -7.53 -4.78 -9.48
CA THR C 22 -6.19 -4.50 -9.00
C THR C 22 -5.48 -4.11 -10.30
N THR C 23 -4.32 -3.48 -10.17
CA THR C 23 -3.59 -3.10 -11.37
C THR C 23 -3.35 -4.31 -12.25
N ASP C 24 -2.96 -5.43 -11.63
CA ASP C 24 -2.69 -6.65 -12.38
C ASP C 24 -3.88 -7.06 -13.23
N GLU C 25 -5.07 -6.91 -12.68
CA GLU C 25 -6.28 -7.29 -13.40
C GLU C 25 -6.58 -6.34 -14.55
N LEU C 26 -6.41 -5.03 -14.34
CA LEU C 26 -6.66 -4.08 -15.42
C LEU C 26 -5.66 -4.38 -16.55
N LYS C 27 -4.44 -4.73 -16.19
CA LYS C 27 -3.43 -5.05 -17.18
C LYS C 27 -3.85 -6.28 -17.97
N ALA C 28 -4.42 -7.26 -17.27
CA ALA C 28 -4.87 -8.50 -17.90
C ALA C 28 -5.87 -8.20 -19.00
N ILE C 29 -6.84 -7.35 -18.70
CA ILE C 29 -7.87 -6.95 -19.63
C ILE C 29 -7.26 -6.18 -20.80
N HIS C 30 -6.26 -5.35 -20.49
CA HIS C 30 -5.58 -4.57 -21.52
C HIS C 30 -4.84 -5.47 -22.48
N TYR C 31 -4.04 -6.39 -21.95
CA TYR C 31 -3.29 -7.31 -22.79
C TYR C 31 -4.25 -8.14 -23.63
N ALA C 32 -5.32 -8.62 -23.02
CA ALA C 32 -6.29 -9.41 -23.74
C ALA C 32 -6.88 -8.59 -24.88
N THR C 33 -7.05 -7.29 -24.68
CA THR C 33 -7.62 -6.45 -25.74
C THR C 33 -6.61 -6.22 -26.86
N MET C 34 -5.37 -5.89 -26.51
CA MET C 34 -4.35 -5.69 -27.53
C MET C 34 -4.28 -6.97 -28.37
N GLU C 35 -4.43 -8.10 -27.71
CA GLU C 35 -4.39 -9.37 -28.42
C GLU C 35 -5.52 -9.38 -29.45
N VAL C 36 -6.74 -9.14 -28.98
CA VAL C 36 -7.91 -9.14 -29.83
C VAL C 36 -7.81 -8.13 -30.96
N LEU C 37 -7.17 -6.99 -30.69
CA LEU C 37 -7.03 -5.95 -31.72
C LEU C 37 -6.17 -6.40 -32.90
N MET C 38 -5.37 -7.42 -32.69
CA MET C 38 -4.49 -7.95 -33.73
C MET C 38 -5.14 -9.19 -34.33
N ASP C 39 -5.94 -9.87 -33.52
CA ASP C 39 -6.64 -11.07 -33.94
C ASP C 39 -7.92 -11.15 -33.12
N PRO C 40 -9.09 -11.16 -33.78
CA PRO C 40 -9.32 -11.11 -35.23
C PRO C 40 -9.17 -9.72 -35.81
N GLY C 41 -8.93 -8.73 -34.96
CA GLY C 41 -8.80 -7.37 -35.44
C GLY C 41 -10.16 -6.70 -35.48
N ILE C 42 -10.25 -5.59 -36.19
CA ILE C 42 -11.51 -4.88 -36.30
C ILE C 42 -11.91 -4.56 -37.72
N GLN C 43 -13.18 -4.83 -38.04
CA GLN C 43 -13.69 -4.56 -39.36
C GLN C 43 -14.17 -3.12 -39.49
N VAL C 44 -13.46 -2.35 -40.31
CA VAL C 44 -13.78 -0.95 -40.54
C VAL C 44 -14.41 -0.78 -41.92
N SER C 45 -15.73 -0.63 -41.95
CA SER C 45 -16.47 -0.50 -43.21
C SER C 45 -16.20 0.75 -44.03
N ASP C 46 -15.97 1.87 -43.35
CA ASP C 46 -15.71 3.13 -44.05
C ASP C 46 -14.32 3.14 -44.68
N PRO C 47 -14.25 3.31 -46.01
CA PRO C 47 -12.97 3.34 -46.72
C PRO C 47 -12.06 4.49 -46.29
N GLU C 48 -12.66 5.65 -45.98
CA GLU C 48 -11.89 6.80 -45.54
C GLU C 48 -11.20 6.54 -44.20
N ALA C 49 -11.88 5.82 -43.31
CA ALA C 49 -11.33 5.49 -41.99
C ALA C 49 -10.22 4.48 -42.17
N ARG C 50 -10.48 3.49 -43.02
CA ARG C 50 -9.51 2.44 -43.31
C ARG C 50 -8.19 3.06 -43.80
N GLN C 51 -8.32 4.14 -44.57
CA GLN C 51 -7.16 4.84 -45.11
C GLN C 51 -6.39 5.53 -43.99
N ILE C 52 -7.13 6.18 -43.11
CA ILE C 52 -6.51 6.88 -41.99
C ILE C 52 -5.79 5.86 -41.10
N PHE C 53 -6.38 4.69 -40.94
CA PHE C 53 -5.74 3.65 -40.14
C PHE C 53 -4.47 3.22 -40.86
N LYS C 54 -4.61 2.84 -42.13
CA LYS C 54 -3.48 2.39 -42.94
C LYS C 54 -2.31 3.38 -42.95
N GLU C 55 -2.62 4.66 -43.10
CA GLU C 55 -1.62 5.73 -43.15
C GLU C 55 -0.80 5.84 -41.88
N ASN C 56 -1.31 5.29 -40.79
CA ASN C 56 -0.58 5.41 -39.53
C ASN C 56 0.13 4.14 -39.06
N GLY C 57 0.07 3.08 -39.86
CA GLY C 57 0.78 1.86 -39.48
C GLY C 57 -0.02 0.59 -39.30
N CYS C 58 -1.34 0.68 -39.41
CA CYS C 58 -2.18 -0.49 -39.24
C CYS C 58 -2.18 -1.38 -40.47
N GLU C 59 -2.32 -2.68 -40.25
CA GLU C 59 -2.39 -3.62 -41.36
C GLU C 59 -3.84 -3.61 -41.80
N VAL C 60 -4.09 -3.35 -43.07
CA VAL C 60 -5.44 -3.32 -43.57
C VAL C 60 -5.66 -4.22 -44.76
N ASN C 61 -6.53 -5.21 -44.56
CA ASN C 61 -6.89 -6.18 -45.59
C ASN C 61 -8.08 -5.59 -46.35
N GLU C 62 -7.86 -5.13 -47.59
CA GLU C 62 -8.95 -4.53 -48.36
C GLU C 62 -10.08 -5.46 -48.78
N LYS C 63 -9.82 -6.76 -48.82
CA LYS C 63 -10.86 -7.70 -49.20
C LYS C 63 -11.85 -7.96 -48.07
N THR C 64 -11.34 -8.08 -46.84
CA THR C 64 -12.16 -8.33 -45.68
C THR C 64 -12.51 -7.05 -44.93
N ASN C 65 -11.75 -6.00 -45.21
CA ASN C 65 -11.92 -4.69 -44.58
C ASN C 65 -11.52 -4.71 -43.09
N VAL C 66 -10.79 -5.75 -42.70
CA VAL C 66 -10.37 -5.87 -41.31
C VAL C 66 -9.08 -5.09 -41.05
N VAL C 67 -9.07 -4.38 -39.95
CA VAL C 67 -7.91 -3.57 -39.56
C VAL C 67 -7.29 -4.14 -38.28
N LYS C 68 -5.98 -4.27 -38.28
CA LYS C 68 -5.30 -4.76 -37.10
C LYS C 68 -4.55 -3.56 -36.52
N ILE C 69 -5.01 -3.12 -35.36
CA ILE C 69 -4.40 -1.98 -34.71
C ILE C 69 -3.30 -2.40 -33.76
N PRO C 70 -2.07 -1.94 -34.00
CA PRO C 70 -0.91 -2.26 -33.15
C PRO C 70 -0.99 -1.49 -31.85
N GLU C 71 -0.47 -2.05 -30.77
CA GLU C 71 -0.54 -1.39 -29.47
C GLU C 71 0.06 0.02 -29.44
N TYR C 72 1.13 0.27 -30.17
CA TYR C 72 1.72 1.61 -30.15
C TYR C 72 0.76 2.69 -30.64
N LEU C 73 -0.24 2.31 -31.43
CA LEU C 73 -1.21 3.29 -31.89
C LEU C 73 -2.25 3.48 -30.80
N VAL C 74 -2.55 2.41 -30.06
CA VAL C 74 -3.51 2.54 -28.97
C VAL C 74 -2.86 3.48 -27.96
N ARG C 75 -1.57 3.26 -27.69
CA ARG C 75 -0.82 4.11 -26.77
C ARG C 75 -0.76 5.55 -27.26
N LYS C 76 -0.44 5.73 -28.54
CA LYS C 76 -0.37 7.06 -29.16
C LYS C 76 -1.70 7.79 -29.01
N ALA C 77 -2.78 7.13 -29.44
CA ALA C 77 -4.11 7.73 -29.35
C ALA C 77 -4.41 8.17 -27.92
N LEU C 78 -4.09 7.32 -26.94
CA LEU C 78 -4.34 7.66 -25.54
C LEU C 78 -3.51 8.83 -25.05
N GLN C 79 -2.35 9.04 -25.65
CA GLN C 79 -1.52 10.16 -25.24
C GLN C 79 -2.08 11.46 -25.82
N LEU C 80 -2.79 11.32 -26.94
CA LEU C 80 -3.39 12.46 -27.63
C LEU C 80 -4.74 12.91 -27.08
N ALA C 81 -5.59 11.96 -26.70
CA ALA C 81 -6.91 12.29 -26.16
C ALA C 81 -6.84 13.11 -24.87
N PRO C 82 -7.60 14.20 -24.80
CA PRO C 82 -7.60 15.05 -23.61
C PRO C 82 -8.27 14.35 -22.42
N SER C 83 -7.71 14.54 -21.23
CA SER C 83 -8.27 13.93 -20.02
C SER C 83 -9.57 14.62 -19.61
N ARG C 84 -9.82 15.80 -20.17
CA ARG C 84 -11.06 16.50 -19.84
C ARG C 84 -11.45 17.52 -20.89
N PHE C 85 -12.72 17.88 -20.85
CA PHE C 85 -13.27 18.88 -21.73
C PHE C 85 -14.59 19.33 -21.11
N VAL C 86 -15.00 20.55 -21.44
CA VAL C 86 -16.21 21.12 -20.87
C VAL C 86 -17.36 21.10 -21.86
N LEU C 87 -18.51 20.61 -21.41
CA LEU C 87 -19.69 20.59 -22.26
C LEU C 87 -20.40 21.87 -21.88
N TRP C 88 -20.54 22.78 -22.84
CA TRP C 88 -21.21 24.03 -22.57
C TRP C 88 -22.71 23.88 -22.76
N GLY C 89 -23.45 24.70 -22.03
CA GLY C 89 -24.89 24.71 -22.16
C GLY C 89 -25.19 26.01 -22.87
N ARG C 90 -26.44 26.24 -23.22
CA ARG C 90 -26.79 27.50 -23.85
C ARG C 90 -26.57 28.51 -22.72
N ASP C 91 -26.78 28.06 -21.49
CA ASP C 91 -26.59 28.87 -20.29
C ASP C 91 -25.33 28.37 -19.60
N LYS C 92 -24.35 29.26 -19.46
CA LYS C 92 -23.07 28.94 -18.83
C LYS C 92 -23.17 28.23 -17.48
N LYS C 93 -24.23 28.47 -16.72
CA LYS C 93 -24.36 27.82 -15.43
C LYS C 93 -24.62 26.31 -15.55
N PHE C 94 -25.05 25.87 -16.72
CA PHE C 94 -25.30 24.46 -16.94
C PHE C 94 -24.08 23.74 -17.48
N ASN C 95 -22.96 24.46 -17.56
CA ASN C 95 -21.73 23.88 -18.05
C ASN C 95 -21.40 22.67 -17.17
N THR C 96 -20.93 21.61 -17.80
CA THR C 96 -20.61 20.39 -17.11
C THR C 96 -19.24 19.91 -17.55
N VAL C 97 -18.38 19.63 -16.58
CA VAL C 97 -17.04 19.14 -16.88
C VAL C 97 -17.01 17.61 -16.94
N GLN C 98 -16.33 17.09 -17.95
CA GLN C 98 -16.19 15.65 -18.11
C GLN C 98 -14.69 15.41 -18.02
N GLU C 99 -14.23 14.77 -16.96
CA GLU C 99 -12.81 14.51 -16.83
C GLU C 99 -12.48 13.20 -16.15
N CYS C 100 -11.35 12.63 -16.58
CA CYS C 100 -10.87 11.40 -16.01
C CYS C 100 -10.91 11.56 -14.50
N GLY C 101 -11.54 10.61 -13.82
CA GLY C 101 -11.65 10.70 -12.37
C GLY C 101 -12.98 10.18 -11.86
N GLY C 102 -13.39 10.66 -10.68
CA GLY C 102 -14.64 10.19 -10.11
C GLY C 102 -15.74 11.22 -10.06
N LYS C 103 -15.60 12.33 -10.79
CA LYS C 103 -16.65 13.33 -10.79
C LYS C 103 -17.81 12.81 -11.61
N VAL C 104 -18.88 12.48 -10.90
CA VAL C 104 -20.08 11.92 -11.50
C VAL C 104 -21.16 12.91 -11.91
N HIS C 105 -21.80 12.62 -13.04
CA HIS C 105 -22.89 13.44 -13.57
C HIS C 105 -23.92 12.52 -14.18
N TRP C 106 -25.16 12.98 -14.24
CA TRP C 106 -26.22 12.18 -14.80
C TRP C 106 -26.89 12.88 -15.96
N THR C 107 -27.41 12.09 -16.88
CA THR C 107 -28.14 12.62 -18.03
C THR C 107 -29.25 11.62 -18.30
N CYS C 108 -30.31 12.05 -18.95
CA CYS C 108 -31.40 11.12 -19.22
C CYS C 108 -30.96 10.12 -20.28
N PHE C 109 -31.78 9.11 -20.51
CA PHE C 109 -31.45 8.11 -21.49
C PHE C 109 -32.00 8.45 -22.88
N GLY C 110 -31.55 7.69 -23.86
CA GLY C 110 -32.00 7.89 -25.23
C GLY C 110 -31.67 6.63 -26.01
N THR C 111 -32.49 6.30 -27.00
CA THR C 111 -33.67 7.09 -27.34
C THR C 111 -34.85 6.13 -27.37
N GLY C 112 -35.92 6.49 -26.68
CA GLY C 112 -37.09 5.63 -26.70
C GLY C 112 -37.85 5.86 -27.98
N VAL C 113 -38.77 4.94 -28.30
CA VAL C 113 -39.58 5.07 -29.50
C VAL C 113 -41.01 5.29 -29.03
N LYS C 114 -41.23 5.11 -27.73
CA LYS C 114 -42.54 5.31 -27.13
C LYS C 114 -42.46 6.21 -25.90
N VAL C 115 -43.59 6.73 -25.48
CA VAL C 115 -43.67 7.62 -24.32
C VAL C 115 -44.88 7.31 -23.46
N CYS C 116 -44.65 7.16 -22.15
CA CYS C 116 -45.72 6.88 -21.20
C CYS C 116 -46.59 8.10 -20.94
N LYS C 117 -47.89 7.88 -20.72
N LYS C 117 -47.88 7.84 -20.70
CA LYS C 117 -48.77 9.01 -20.47
CA LYS C 117 -48.86 8.88 -20.40
C LYS C 117 -50.14 8.68 -19.87
C LYS C 117 -49.86 8.44 -19.33
N TYR C 118 -50.76 9.71 -19.31
N TYR C 118 -49.55 8.76 -18.08
CA TYR C 118 -52.06 9.60 -18.66
CA TYR C 118 -50.40 8.45 -16.94
C TYR C 118 -53.10 10.17 -19.63
C TYR C 118 -51.72 9.20 -17.14
N GLN C 119 -54.23 9.48 -19.77
N GLN C 119 -52.84 8.47 -17.04
CA GLN C 119 -55.28 9.95 -20.69
CA GLN C 119 -54.14 9.09 -17.23
C GLN C 119 -56.69 9.60 -20.21
C GLN C 119 -55.04 8.98 -16.00
N ASP C 120 -57.23 8.52 -20.77
N ASP C 120 -55.10 7.78 -15.42
CA ASP C 120 -58.57 8.05 -20.44
CA ASP C 120 -55.93 7.54 -14.25
C ASP C 120 -58.71 7.80 -18.95
C ASP C 120 -55.38 6.39 -13.41
N GLY C 121 -57.63 8.04 -18.21
N GLY C 121 -54.14 6.54 -12.95
CA GLY C 121 -57.65 7.83 -16.78
CA GLY C 121 -53.53 5.49 -12.15
C GLY C 121 -56.71 6.71 -16.35
C GLY C 121 -52.97 4.42 -13.07
N LYS C 122 -55.57 6.62 -17.05
N LYS C 122 -53.66 4.18 -14.18
CA LYS C 122 -54.56 5.62 -16.77
CA LYS C 122 -53.24 3.20 -15.17
C LYS C 122 -53.33 5.86 -17.63
C LYS C 122 -52.05 3.75 -15.93
N TYR C 123 -52.31 5.02 -17.47
N TYR C 123 -51.48 2.96 -16.83
CA TYR C 123 -51.08 5.14 -18.26
CA TYR C 123 -50.31 3.41 -17.59
C TYR C 123 -51.08 4.30 -19.54
C TYR C 123 -50.28 2.95 -19.05
N VAL C 124 -50.78 4.95 -20.65
N VAL C 124 -50.31 3.93 -19.96
CA VAL C 124 -50.75 4.28 -21.94
CA VAL C 124 -50.29 3.68 -21.40
C VAL C 124 -49.53 4.77 -22.72
C VAL C 124 -49.02 4.24 -22.07
N THR C 125 -48.80 3.84 -23.32
CA THR C 125 -47.62 4.23 -24.09
C THR C 125 -48.01 4.56 -25.54
N VAL C 126 -47.56 5.72 -26.01
CA VAL C 126 -47.84 6.14 -27.38
C VAL C 126 -46.53 6.43 -28.11
N ASP C 127 -46.44 6.03 -29.36
CA ASP C 127 -45.22 6.25 -30.15
C ASP C 127 -44.77 7.70 -30.05
N SER C 128 -43.45 7.90 -29.94
CA SER C 128 -42.88 9.23 -29.79
C SER C 128 -42.91 10.12 -31.02
N VAL C 129 -43.03 11.42 -30.77
CA VAL C 129 -43.07 12.45 -31.80
C VAL C 129 -42.19 13.63 -31.38
N GLU C 130 -41.75 14.40 -32.37
CA GLU C 130 -40.89 15.54 -32.12
C GLU C 130 -41.34 16.41 -30.94
N LYS C 131 -42.64 16.46 -30.69
CA LYS C 131 -43.13 17.29 -29.59
C LYS C 131 -42.75 16.70 -28.23
N ASP C 132 -42.75 15.37 -28.14
CA ASP C 132 -42.38 14.71 -26.89
C ASP C 132 -40.96 15.12 -26.51
N ILE C 133 -40.07 15.23 -27.49
CA ILE C 133 -38.70 15.65 -27.24
C ILE C 133 -38.72 17.01 -26.58
N ALA C 134 -39.61 17.88 -27.07
CA ALA C 134 -39.74 19.22 -26.54
C ALA C 134 -40.18 19.22 -25.08
N ASP C 135 -41.15 18.37 -24.75
CA ASP C 135 -41.64 18.32 -23.38
C ASP C 135 -40.56 17.79 -22.46
N ILE C 136 -40.02 16.63 -22.82
CA ILE C 136 -38.96 16.00 -22.05
C ILE C 136 -37.76 16.93 -21.87
N ALA C 137 -37.48 17.74 -22.89
CA ALA C 137 -36.35 18.66 -22.81
C ALA C 137 -36.63 19.69 -21.73
N LYS C 138 -37.87 20.13 -21.65
CA LYS C 138 -38.26 21.13 -20.67
C LYS C 138 -38.13 20.53 -19.28
N LEU C 139 -38.64 19.32 -19.12
CA LEU C 139 -38.58 18.66 -17.85
C LEU C 139 -37.13 18.53 -17.38
N CYS C 140 -36.27 18.03 -18.26
CA CYS C 140 -34.86 17.85 -17.94
C CYS C 140 -34.17 19.17 -17.61
N ASP C 141 -34.59 20.25 -18.26
CA ASP C 141 -33.99 21.55 -18.01
C ASP C 141 -34.21 21.89 -16.55
N TRP C 142 -35.33 21.41 -16.02
CA TRP C 142 -35.73 21.64 -14.64
C TRP C 142 -35.01 20.73 -13.65
N ALA C 143 -34.87 19.45 -13.98
CA ALA C 143 -34.21 18.48 -13.11
C ALA C 143 -32.77 18.90 -12.83
N GLU C 144 -32.49 19.19 -11.55
CA GLU C 144 -31.17 19.64 -11.16
C GLU C 144 -30.07 18.60 -11.18
N ASN C 145 -30.43 17.33 -11.08
CA ASN C 145 -29.41 16.29 -11.10
C ASN C 145 -29.17 15.74 -12.50
N ILE C 146 -29.87 16.31 -13.47
CA ILE C 146 -29.71 15.94 -14.86
C ILE C 146 -28.79 17.02 -15.43
N ASP C 147 -27.49 16.78 -15.36
CA ASP C 147 -26.50 17.74 -15.84
C ASP C 147 -26.71 18.21 -17.26
N TYR C 148 -26.93 17.28 -18.18
CA TYR C 148 -27.20 17.68 -19.54
C TYR C 148 -28.24 16.82 -20.23
N PHE C 149 -28.74 17.33 -21.34
CA PHE C 149 -29.78 16.66 -22.10
C PHE C 149 -29.27 15.68 -23.16
N SER C 150 -29.91 14.52 -23.24
CA SER C 150 -29.57 13.52 -24.24
C SER C 150 -30.85 13.17 -25.00
N LEU C 151 -30.76 13.10 -26.33
CA LEU C 151 -31.92 12.78 -27.17
C LEU C 151 -32.70 11.65 -26.50
N PRO C 152 -33.82 11.97 -25.84
CA PRO C 152 -34.66 10.99 -25.13
C PRO C 152 -35.48 10.04 -25.99
N VAL C 153 -36.11 10.57 -27.02
CA VAL C 153 -36.94 9.75 -27.91
C VAL C 153 -36.83 10.18 -29.37
N SER C 154 -37.22 9.28 -30.27
CA SER C 154 -37.16 9.57 -31.69
C SER C 154 -38.32 10.44 -32.17
N ALA C 155 -38.03 11.33 -33.10
CA ALA C 155 -39.03 12.19 -33.68
C ALA C 155 -39.63 11.37 -34.84
N ARG C 156 -40.29 10.27 -34.48
CA ARG C 156 -40.91 9.36 -35.44
C ARG C 156 -41.76 10.04 -36.52
N ASP C 157 -42.45 11.11 -36.14
CA ASP C 157 -43.33 11.84 -37.05
C ASP C 157 -42.61 12.63 -38.14
N ILE C 158 -41.27 12.63 -38.11
CA ILE C 158 -40.49 13.34 -39.11
C ILE C 158 -39.83 12.35 -40.05
N ALA C 159 -39.96 11.07 -39.72
CA ALA C 159 -39.40 10.01 -40.53
C ALA C 159 -40.02 10.01 -41.92
N GLY C 160 -39.19 10.11 -42.95
CA GLY C 160 -39.68 10.09 -44.31
C GLY C 160 -40.23 11.41 -44.86
N GLN C 161 -40.35 12.40 -43.99
CA GLN C 161 -40.87 13.71 -44.38
C GLN C 161 -39.75 14.73 -44.40
N GLY C 162 -38.71 14.48 -43.61
CA GLY C 162 -37.59 15.39 -43.54
C GLY C 162 -36.39 14.73 -42.88
N ALA C 163 -35.41 15.55 -42.49
CA ALA C 163 -34.21 15.06 -41.84
C ALA C 163 -34.50 14.87 -40.35
N GLN C 164 -34.99 13.70 -39.98
CA GLN C 164 -35.32 13.40 -38.59
C GLN C 164 -34.24 13.81 -37.59
N ASP C 165 -33.01 13.35 -37.81
CA ASP C 165 -31.89 13.66 -36.93
C ASP C 165 -31.56 15.15 -36.82
N VAL C 166 -31.95 15.94 -37.81
CA VAL C 166 -31.67 17.37 -37.76
C VAL C 166 -32.76 18.03 -36.93
N HIS C 167 -33.96 17.48 -36.97
CA HIS C 167 -35.07 18.00 -36.17
C HIS C 167 -34.73 17.63 -34.73
N GLU C 168 -34.15 16.45 -34.57
CA GLU C 168 -33.77 15.94 -33.27
C GLU C 168 -32.58 16.71 -32.71
N THR C 169 -32.21 17.78 -33.41
CA THR C 169 -31.09 18.62 -32.97
C THR C 169 -31.57 20.01 -32.56
N LEU C 170 -32.39 20.65 -33.40
CA LEU C 170 -32.88 21.98 -33.07
C LEU C 170 -33.89 21.93 -31.95
N THR C 171 -34.84 21.00 -32.01
CA THR C 171 -35.86 20.88 -30.98
C THR C 171 -35.23 20.85 -29.59
N PRO C 172 -34.27 19.93 -29.35
CA PRO C 172 -33.65 19.90 -28.03
C PRO C 172 -32.98 21.23 -27.67
N LEU C 173 -32.12 21.71 -28.56
CA LEU C 173 -31.43 22.98 -28.32
C LEU C 173 -32.38 24.12 -28.04
N ALA C 174 -33.57 24.09 -28.65
CA ALA C 174 -34.53 25.16 -28.44
C ALA C 174 -35.27 25.04 -27.11
N ASN C 175 -35.44 23.81 -26.62
CA ASN C 175 -36.16 23.57 -25.38
C ASN C 175 -35.33 23.34 -24.11
N THR C 176 -34.02 23.50 -24.19
CA THR C 176 -33.17 23.34 -23.01
C THR C 176 -31.97 24.23 -23.14
N ALA C 177 -31.63 24.89 -22.04
CA ALA C 177 -30.47 25.76 -22.06
C ALA C 177 -29.25 24.93 -21.68
N LYS C 178 -29.45 23.63 -21.50
CA LYS C 178 -28.37 22.73 -21.14
C LYS C 178 -27.71 22.12 -22.37
N HIS C 179 -26.52 21.55 -22.19
CA HIS C 179 -25.79 20.92 -23.29
C HIS C 179 -26.62 19.79 -23.88
N PHE C 180 -26.51 19.60 -25.20
CA PHE C 180 -27.24 18.54 -25.86
C PHE C 180 -26.33 17.46 -26.41
N HIS C 181 -26.64 16.21 -26.06
CA HIS C 181 -25.86 15.06 -26.53
C HIS C 181 -26.79 14.29 -27.46
N HIS C 182 -26.42 14.24 -28.74
CA HIS C 182 -27.22 13.54 -29.72
C HIS C 182 -26.93 12.05 -29.68
N ILE C 183 -27.92 11.28 -29.22
CA ILE C 183 -27.83 9.83 -29.08
C ILE C 183 -27.91 9.08 -30.41
N ASP C 184 -28.46 9.71 -31.43
CA ASP C 184 -28.61 9.04 -32.71
C ASP C 184 -28.28 9.91 -33.91
N PRO C 185 -27.03 10.38 -34.01
CA PRO C 185 -26.60 11.23 -35.14
C PRO C 185 -26.42 10.43 -36.41
N VAL C 186 -26.36 11.14 -37.54
CA VAL C 186 -26.17 10.51 -38.84
C VAL C 186 -24.88 11.05 -39.43
N GLY C 187 -23.98 10.14 -39.79
CA GLY C 187 -22.71 10.54 -40.36
C GLY C 187 -22.83 11.58 -41.45
N GLU C 188 -23.68 11.31 -42.43
CA GLU C 188 -23.90 12.20 -43.58
C GLU C 188 -24.32 13.62 -43.22
N ASN C 189 -25.07 13.78 -42.14
CA ASN C 189 -25.56 15.10 -41.76
C ASN C 189 -24.83 15.85 -40.67
N VAL C 190 -23.67 15.38 -40.26
CA VAL C 190 -22.94 16.04 -39.19
C VAL C 190 -22.70 17.51 -39.48
N GLU C 191 -22.57 17.85 -40.78
CA GLU C 191 -22.35 19.25 -41.17
C GLU C 191 -23.51 20.11 -40.69
N TYR C 192 -24.73 19.58 -40.82
CA TYR C 192 -25.90 20.33 -40.37
C TYR C 192 -25.79 20.66 -38.88
N TYR C 193 -25.38 19.69 -38.06
CA TYR C 193 -25.25 19.96 -36.63
C TYR C 193 -24.22 21.07 -36.47
N ARG C 194 -23.06 20.93 -37.13
CA ARG C 194 -22.03 21.96 -37.03
C ARG C 194 -22.63 23.32 -37.37
N ASP C 195 -23.35 23.40 -38.49
CA ASP C 195 -23.96 24.65 -38.93
C ASP C 195 -24.99 25.22 -37.96
N ILE C 196 -25.81 24.35 -37.38
CA ILE C 196 -26.81 24.80 -36.43
C ILE C 196 -26.11 25.41 -35.21
N VAL C 197 -25.02 24.79 -34.77
CA VAL C 197 -24.30 25.31 -33.63
C VAL C 197 -23.55 26.57 -34.05
N LYS C 198 -23.11 26.62 -35.30
CA LYS C 198 -22.40 27.79 -35.81
C LYS C 198 -23.37 28.96 -35.86
N ALA C 199 -24.59 28.68 -36.31
CA ALA C 199 -25.62 29.71 -36.39
C ALA C 199 -25.86 30.28 -35.01
N TYR C 200 -26.10 29.39 -34.05
CA TYR C 200 -26.36 29.82 -32.67
C TYR C 200 -25.31 30.82 -32.20
N TYR C 201 -24.06 30.61 -32.58
CA TYR C 201 -22.99 31.51 -32.19
C TYR C 201 -22.74 32.62 -33.20
N GLY C 202 -23.81 33.02 -33.89
CA GLY C 202 -23.72 34.09 -34.85
C GLY C 202 -22.77 33.83 -36.00
N GLY C 203 -22.65 32.57 -36.41
CA GLY C 203 -21.77 32.22 -37.51
C GLY C 203 -20.30 32.17 -37.14
N ASP C 204 -19.99 32.32 -35.85
CA ASP C 204 -18.62 32.28 -35.39
C ASP C 204 -18.21 30.82 -35.08
N GLU C 205 -17.59 30.15 -36.06
CA GLU C 205 -17.19 28.75 -35.88
C GLU C 205 -16.16 28.54 -34.79
N GLU C 206 -15.32 29.54 -34.56
CA GLU C 206 -14.29 29.43 -33.53
C GLU C 206 -14.97 29.36 -32.15
N GLU C 207 -16.08 30.09 -32.01
CA GLU C 207 -16.86 30.10 -30.78
C GLU C 207 -17.54 28.76 -30.60
N ALA C 208 -18.10 28.24 -31.69
CA ALA C 208 -18.79 26.96 -31.64
C ALA C 208 -17.85 25.86 -31.16
N ARG C 209 -16.59 25.94 -31.56
CA ARG C 209 -15.60 24.94 -31.16
C ARG C 209 -15.17 25.07 -29.69
N LYS C 210 -15.06 26.32 -29.24
CA LYS C 210 -14.66 26.63 -27.88
C LYS C 210 -15.75 26.39 -26.84
N LYS C 211 -17.01 26.55 -27.25
CA LYS C 211 -18.12 26.36 -26.32
C LYS C 211 -19.13 25.37 -26.90
N PRO C 212 -18.72 24.11 -27.09
CA PRO C 212 -19.58 23.07 -27.63
C PRO C 212 -20.87 22.82 -26.87
N ILE C 213 -21.99 23.22 -27.45
CA ILE C 213 -23.29 23.02 -26.81
C ILE C 213 -23.88 21.74 -27.39
N PHE C 214 -23.17 21.14 -28.33
CA PHE C 214 -23.62 19.93 -28.98
C PHE C 214 -22.52 18.89 -29.05
N SER C 215 -22.86 17.66 -28.69
CA SER C 215 -21.93 16.52 -28.74
C SER C 215 -22.75 15.34 -29.28
N MET C 216 -22.08 14.27 -29.69
CA MET C 216 -22.80 13.13 -30.24
C MET C 216 -22.19 11.78 -29.92
N LEU C 217 -23.03 10.76 -30.01
CA LEU C 217 -22.66 9.39 -29.70
C LEU C 217 -22.68 8.51 -30.93
N LEU C 218 -21.99 7.37 -30.83
CA LEU C 218 -21.92 6.41 -31.91
C LEU C 218 -21.64 5.04 -31.30
N CYS C 219 -22.10 3.98 -31.95
CA CYS C 219 -21.89 2.65 -31.42
C CYS C 219 -21.09 1.70 -32.30
N PRO C 220 -20.02 1.11 -31.76
CA PRO C 220 -19.30 0.19 -32.62
C PRO C 220 -20.29 -0.96 -32.82
N THR C 221 -20.28 -1.60 -33.98
CA THR C 221 -21.17 -2.72 -34.21
C THR C 221 -20.52 -3.97 -33.60
N SER C 222 -21.06 -4.43 -32.47
CA SER C 222 -20.51 -5.58 -31.79
C SER C 222 -20.98 -6.90 -32.40
N PRO C 223 -20.07 -7.88 -32.48
CA PRO C 223 -18.67 -7.79 -32.04
C PRO C 223 -17.61 -7.32 -33.03
N LEU C 224 -16.73 -6.46 -32.53
CA LEU C 224 -15.57 -5.95 -33.27
C LEU C 224 -15.67 -5.34 -34.66
N GLU C 225 -16.49 -4.32 -34.85
CA GLU C 225 -16.55 -3.69 -36.15
C GLU C 225 -17.19 -2.30 -36.13
N LEU C 226 -16.59 -1.37 -36.88
CA LEU C 226 -17.11 -0.01 -36.95
C LEU C 226 -17.84 0.16 -38.27
N SER C 227 -19.10 0.57 -38.20
CA SER C 227 -19.89 0.79 -39.40
C SER C 227 -19.42 2.07 -40.07
N VAL C 228 -19.94 2.33 -41.26
CA VAL C 228 -19.59 3.53 -42.00
C VAL C 228 -20.09 4.74 -41.22
N ASN C 229 -21.33 4.66 -40.73
CA ASN C 229 -21.92 5.78 -39.99
C ASN C 229 -21.09 6.09 -38.75
N ALA C 230 -20.66 5.04 -38.05
CA ALA C 230 -19.87 5.22 -36.85
C ALA C 230 -18.55 5.92 -37.16
N CYS C 231 -17.89 5.51 -38.24
CA CYS C 231 -16.62 6.12 -38.65
C CYS C 231 -16.80 7.58 -39.04
N GLN C 232 -17.88 7.88 -39.74
CA GLN C 232 -18.15 9.23 -40.18
C GLN C 232 -18.44 10.16 -39.01
N VAL C 233 -19.19 9.68 -38.03
CA VAL C 233 -19.51 10.50 -36.85
C VAL C 233 -18.21 10.81 -36.13
N ILE C 234 -17.36 9.79 -36.00
CA ILE C 234 -16.07 9.97 -35.34
C ILE C 234 -15.21 10.96 -36.12
N ILE C 235 -14.95 10.64 -37.39
CA ILE C 235 -14.13 11.49 -38.25
C ILE C 235 -14.63 12.91 -38.34
N LYS C 236 -15.90 13.08 -38.71
CA LYS C 236 -16.45 14.43 -38.79
C LYS C 236 -16.43 15.11 -37.44
N GLY C 237 -16.79 14.37 -36.40
CA GLY C 237 -16.80 14.93 -35.06
C GLY C 237 -15.44 15.51 -34.68
N ALA C 238 -14.39 14.73 -34.88
CA ALA C 238 -13.04 15.20 -34.55
C ALA C 238 -12.65 16.43 -35.37
N ARG C 239 -13.02 16.44 -36.64
CA ARG C 239 -12.69 17.55 -37.51
C ARG C 239 -13.54 18.82 -37.29
N PHE C 240 -14.73 18.67 -36.72
CA PHE C 240 -15.57 19.83 -36.48
C PHE C 240 -15.49 20.27 -35.03
N GLY C 241 -14.67 19.58 -34.24
CA GLY C 241 -14.53 19.94 -32.85
C GLY C 241 -15.77 19.66 -32.04
N ILE C 242 -16.38 18.53 -32.32
CA ILE C 242 -17.60 18.12 -31.62
C ILE C 242 -17.26 16.91 -30.76
N PRO C 243 -17.47 17.00 -29.45
CA PRO C 243 -17.17 15.89 -28.54
C PRO C 243 -17.89 14.61 -28.98
N VAL C 244 -17.14 13.52 -29.07
CA VAL C 244 -17.72 12.25 -29.48
C VAL C 244 -17.70 11.21 -28.38
N ASN C 245 -18.83 10.54 -28.21
CA ASN C 245 -18.98 9.50 -27.23
C ASN C 245 -18.91 8.16 -27.93
N VAL C 246 -17.78 7.47 -27.80
CA VAL C 246 -17.60 6.14 -28.42
C VAL C 246 -18.18 5.13 -27.44
N LEU C 247 -19.44 4.75 -27.64
CA LEU C 247 -20.13 3.85 -26.75
C LEU C 247 -20.42 2.46 -27.27
N SER C 248 -19.71 1.46 -26.75
CA SER C 248 -19.92 0.08 -27.16
C SER C 248 -21.26 -0.35 -26.55
N MET C 249 -21.84 -1.42 -27.10
CA MET C 249 -23.12 -1.93 -26.65
C MET C 249 -23.14 -3.43 -26.90
N ALA C 250 -22.17 -4.13 -26.33
CA ALA C 250 -22.09 -5.58 -26.49
C ALA C 250 -23.03 -6.26 -25.51
N MET C 251 -23.17 -7.58 -25.64
CA MET C 251 -24.05 -8.34 -24.75
C MET C 251 -23.43 -9.68 -24.37
N SER C 252 -23.25 -9.89 -23.06
CA SER C 252 -22.69 -11.14 -22.57
C SER C 252 -23.58 -12.29 -23.05
N GLY C 253 -22.95 -13.28 -23.68
CA GLY C 253 -23.69 -14.42 -24.19
C GLY C 253 -24.21 -14.20 -25.59
N GLY C 254 -24.34 -12.94 -26.00
CA GLY C 254 -24.84 -12.62 -27.32
C GLY C 254 -23.74 -12.25 -28.29
N SER C 255 -23.28 -11.01 -28.23
CA SER C 255 -22.22 -10.54 -29.12
C SER C 255 -20.86 -10.54 -28.43
N SER C 256 -20.82 -11.06 -27.21
CA SER C 256 -19.56 -11.15 -26.46
C SER C 256 -19.66 -12.30 -25.45
N PRO C 257 -18.52 -12.72 -24.88
CA PRO C 257 -18.50 -13.82 -23.91
C PRO C 257 -19.54 -13.70 -22.79
N VAL C 258 -19.90 -14.84 -22.21
CA VAL C 258 -20.88 -14.88 -21.13
C VAL C 258 -20.22 -14.25 -19.92
N TYR C 259 -18.90 -14.46 -19.80
CA TYR C 259 -18.10 -13.92 -18.71
C TYR C 259 -18.01 -12.42 -18.84
N LEU C 260 -18.25 -11.70 -17.75
CA LEU C 260 -18.18 -10.25 -17.78
C LEU C 260 -16.80 -9.72 -18.21
N ALA C 261 -15.73 -10.33 -17.73
CA ALA C 261 -14.39 -9.88 -18.08
C ALA C 261 -14.16 -9.98 -19.60
N GLY C 262 -14.54 -11.10 -20.19
CA GLY C 262 -14.37 -11.27 -21.62
C GLY C 262 -15.21 -10.27 -22.38
N THR C 263 -16.39 -9.97 -21.84
CA THR C 263 -17.27 -9.00 -22.45
C THR C 263 -16.57 -7.64 -22.41
N LEU C 264 -15.80 -7.40 -21.35
CA LEU C 264 -15.07 -6.14 -21.23
C LEU C 264 -13.96 -6.05 -22.26
N VAL C 265 -13.32 -7.17 -22.56
CA VAL C 265 -12.25 -7.21 -23.55
C VAL C 265 -12.82 -6.83 -24.91
N THR C 266 -13.97 -7.42 -25.23
CA THR C 266 -14.67 -7.15 -26.49
C THR C 266 -15.02 -5.67 -26.54
N HIS C 267 -15.71 -5.22 -25.50
CA HIS C 267 -16.11 -3.83 -25.38
C HIS C 267 -14.89 -2.91 -25.52
N ASN C 268 -13.79 -3.29 -24.85
CA ASN C 268 -12.58 -2.49 -24.83
C ASN C 268 -11.95 -2.33 -26.21
N ALA C 269 -11.90 -3.42 -26.98
CA ALA C 269 -11.33 -3.36 -28.32
C ALA C 269 -12.17 -2.42 -29.17
N GLU C 270 -13.48 -2.65 -29.17
CA GLU C 270 -14.39 -1.84 -29.95
C GLU C 270 -14.20 -0.36 -29.67
N VAL C 271 -14.29 0.04 -28.41
CA VAL C 271 -14.16 1.44 -28.05
C VAL C 271 -12.79 2.04 -28.35
N LEU C 272 -11.73 1.31 -28.03
CA LEU C 272 -10.39 1.82 -28.29
C LEU C 272 -10.16 2.08 -29.78
N SER C 273 -10.64 1.20 -30.63
CA SER C 273 -10.46 1.40 -32.06
C SER C 273 -11.15 2.70 -32.48
N GLY C 274 -12.31 2.96 -31.90
CA GLY C 274 -13.02 4.17 -32.23
C GLY C 274 -12.21 5.36 -31.76
N ILE C 275 -11.66 5.24 -30.55
CA ILE C 275 -10.86 6.32 -29.98
C ILE C 275 -9.57 6.53 -30.78
N VAL C 276 -8.97 5.44 -31.24
CA VAL C 276 -7.75 5.52 -32.05
C VAL C 276 -8.03 6.27 -33.34
N LEU C 277 -9.17 5.94 -33.97
CA LEU C 277 -9.57 6.59 -35.21
C LEU C 277 -9.68 8.09 -34.98
N ALA C 278 -10.40 8.46 -33.93
CA ALA C 278 -10.61 9.87 -33.60
C ALA C 278 -9.29 10.62 -33.47
N GLN C 279 -8.35 10.06 -32.70
CA GLN C 279 -7.06 10.72 -32.49
C GLN C 279 -6.19 10.80 -33.75
N LEU C 280 -6.27 9.79 -34.63
CA LEU C 280 -5.49 9.79 -35.86
C LEU C 280 -6.06 10.80 -36.86
N THR C 281 -7.36 11.01 -36.78
CA THR C 281 -8.03 11.97 -37.66
C THR C 281 -7.65 13.38 -37.23
N VAL C 282 -7.68 13.62 -35.94
CA VAL C 282 -7.33 14.93 -35.37
C VAL C 282 -6.79 14.76 -33.96
N PRO C 283 -5.47 14.86 -33.78
CA PRO C 283 -4.92 14.71 -32.43
C PRO C 283 -5.56 15.67 -31.41
N GLY C 284 -5.92 15.14 -30.24
CA GLY C 284 -6.54 15.96 -29.23
C GLY C 284 -8.05 16.06 -29.30
N ALA C 285 -8.66 15.28 -30.19
CA ALA C 285 -10.11 15.28 -30.35
C ALA C 285 -10.79 14.86 -29.05
N LYS C 286 -11.86 15.56 -28.69
CA LYS C 286 -12.57 15.25 -27.46
C LYS C 286 -13.40 13.97 -27.59
N VAL C 287 -13.10 13.01 -26.74
CA VAL C 287 -13.81 11.75 -26.78
C VAL C 287 -14.12 11.16 -25.41
N TRP C 288 -15.14 10.32 -25.41
CA TRP C 288 -15.62 9.62 -24.23
C TRP C 288 -15.36 8.13 -24.40
N TYR C 289 -14.99 7.46 -23.32
CA TYR C 289 -14.82 6.02 -23.37
C TYR C 289 -16.20 5.64 -22.85
N GLY C 290 -17.07 5.18 -23.75
CA GLY C 290 -18.44 4.89 -23.35
C GLY C 290 -18.92 3.47 -23.37
N SER C 291 -20.00 3.21 -22.63
CA SER C 291 -20.56 1.88 -22.57
C SER C 291 -22.01 1.79 -22.12
N SER C 292 -22.71 0.84 -22.74
CA SER C 292 -24.08 0.53 -22.39
C SER C 292 -24.14 -0.98 -22.48
N THR C 293 -22.96 -1.58 -22.57
CA THR C 293 -22.83 -3.02 -22.63
C THR C 293 -23.54 -3.66 -21.45
N THR C 294 -24.30 -4.71 -21.74
CA THR C 294 -25.00 -5.42 -20.68
C THR C 294 -24.88 -6.92 -20.90
N THR C 295 -25.78 -7.68 -20.27
CA THR C 295 -25.76 -9.12 -20.42
C THR C 295 -27.03 -9.55 -21.15
N PHE C 296 -26.90 -10.51 -22.05
CA PHE C 296 -28.05 -11.02 -22.78
C PHE C 296 -28.67 -12.11 -21.92
N ASP C 297 -29.96 -12.00 -21.63
CA ASP C 297 -30.62 -13.01 -20.79
C ASP C 297 -30.83 -14.28 -21.61
N LEU C 298 -29.95 -15.25 -21.44
CA LEU C 298 -30.03 -16.51 -22.17
C LEU C 298 -31.34 -17.27 -21.92
N LYS C 299 -31.95 -17.03 -20.77
CA LYS C 299 -33.19 -17.71 -20.41
C LYS C 299 -34.47 -16.95 -20.78
N LYS C 300 -34.33 -15.72 -21.22
CA LYS C 300 -35.52 -14.93 -21.56
C LYS C 300 -35.40 -14.37 -22.98
N GLY C 301 -34.25 -14.54 -23.61
CA GLY C 301 -34.05 -14.04 -24.95
C GLY C 301 -34.33 -12.56 -25.08
N THR C 302 -33.97 -11.82 -24.05
CA THR C 302 -34.20 -10.39 -24.06
C THR C 302 -32.89 -9.73 -23.60
N ALA C 303 -32.81 -8.41 -23.72
CA ALA C 303 -31.60 -7.69 -23.30
C ALA C 303 -31.87 -6.87 -22.04
N PRO C 304 -31.97 -7.54 -20.88
CA PRO C 304 -32.25 -6.84 -19.62
C PRO C 304 -31.18 -5.78 -19.41
N VAL C 305 -31.62 -4.56 -19.13
CA VAL C 305 -30.69 -3.47 -18.91
C VAL C 305 -30.79 -2.92 -17.49
N GLY C 306 -31.59 -3.59 -16.66
CA GLY C 306 -31.74 -3.16 -15.28
C GLY C 306 -31.08 -4.18 -14.36
N SER C 307 -30.33 -5.10 -14.93
CA SER C 307 -29.68 -6.17 -14.17
C SER C 307 -28.42 -5.72 -13.42
N PRO C 308 -27.98 -6.54 -12.43
CA PRO C 308 -26.78 -6.19 -11.69
C PRO C 308 -25.54 -6.25 -12.59
N GLU C 309 -25.63 -6.97 -13.71
CA GLU C 309 -24.50 -7.05 -14.63
C GLU C 309 -24.30 -5.69 -15.29
N LEU C 310 -25.38 -5.04 -15.67
CA LEU C 310 -25.25 -3.73 -16.30
C LEU C 310 -24.57 -2.75 -15.34
N GLY C 311 -24.95 -2.80 -14.07
CA GLY C 311 -24.35 -1.93 -13.08
C GLY C 311 -22.86 -2.24 -12.93
N LEU C 312 -22.53 -3.53 -12.91
CA LEU C 312 -21.14 -3.97 -12.79
C LEU C 312 -20.31 -3.57 -13.99
N ILE C 313 -20.83 -3.84 -15.19
CA ILE C 313 -20.12 -3.49 -16.42
C ILE C 313 -19.91 -1.97 -16.51
N SER C 314 -20.94 -1.19 -16.21
CA SER C 314 -20.81 0.25 -16.24
C SER C 314 -19.77 0.70 -15.22
N ALA C 315 -19.78 0.10 -14.03
CA ALA C 315 -18.81 0.46 -13.01
C ALA C 315 -17.40 0.10 -13.49
N ALA C 316 -17.30 -1.07 -14.10
CA ALA C 316 -16.03 -1.53 -14.62
C ALA C 316 -15.52 -0.61 -15.73
N VAL C 317 -16.40 -0.23 -16.65
CA VAL C 317 -16.02 0.65 -17.76
C VAL C 317 -15.51 1.98 -17.21
N ALA C 318 -16.10 2.44 -16.11
CA ALA C 318 -15.66 3.70 -15.50
C ALA C 318 -14.24 3.53 -14.98
N LYS C 319 -13.97 2.39 -14.37
CA LYS C 319 -12.64 2.10 -13.82
C LYS C 319 -11.65 1.99 -14.96
N LEU C 320 -12.09 1.42 -16.08
CA LEU C 320 -11.25 1.26 -17.25
C LEU C 320 -10.95 2.61 -17.87
N ALA C 321 -11.96 3.46 -17.95
CA ALA C 321 -11.77 4.78 -18.50
C ALA C 321 -10.72 5.50 -17.67
N GLN C 322 -10.87 5.40 -16.35
CA GLN C 322 -9.94 6.02 -15.42
C GLN C 322 -8.53 5.48 -15.68
N PHE C 323 -8.44 4.16 -15.84
CA PHE C 323 -7.18 3.50 -16.10
C PHE C 323 -6.52 4.01 -17.37
N TYR C 324 -7.31 4.26 -18.41
CA TYR C 324 -6.78 4.75 -19.68
C TYR C 324 -6.67 6.26 -19.73
N GLY C 325 -7.15 6.92 -18.68
CA GLY C 325 -7.07 8.37 -18.63
C GLY C 325 -8.15 9.14 -19.34
N LEU C 326 -9.25 8.47 -19.69
CA LEU C 326 -10.35 9.12 -20.40
C LEU C 326 -11.62 9.32 -19.60
N PRO C 327 -12.46 10.27 -20.02
CA PRO C 327 -13.73 10.51 -19.32
C PRO C 327 -14.64 9.31 -19.68
N SER C 328 -15.50 8.89 -18.75
CA SER C 328 -16.40 7.76 -19.02
C SER C 328 -17.85 8.18 -19.15
N TYR C 329 -18.59 7.42 -19.97
CA TYR C 329 -20.02 7.67 -20.22
C TYR C 329 -20.63 6.27 -20.19
N VAL C 330 -21.44 5.99 -19.18
CA VAL C 330 -22.03 4.66 -19.04
C VAL C 330 -23.51 4.64 -18.72
N ALA C 331 -24.12 3.49 -18.92
CA ALA C 331 -25.55 3.31 -18.64
C ALA C 331 -25.74 3.19 -17.13
N GLY C 332 -26.84 3.76 -16.65
CA GLY C 332 -27.15 3.72 -15.23
C GLY C 332 -28.57 4.21 -15.04
N SER C 333 -29.14 3.92 -13.87
CA SER C 333 -30.53 4.31 -13.59
C SER C 333 -31.41 3.82 -14.75
CA PYL C 334 -32.06 1.90 -16.11
C PYL C 334 -32.92 0.80 -15.54
N PYL C 334 -31.28 2.54 -15.07
N SER C 335 -34.02 0.49 -16.22
CA SER C 335 -34.92 -0.55 -15.75
C SER C 335 -35.59 -1.31 -16.88
N ASP C 336 -35.99 -2.54 -16.59
CA ASP C 336 -36.66 -3.38 -17.57
C ASP C 336 -38.16 -3.34 -17.27
N ALA C 337 -38.50 -2.72 -16.14
CA ALA C 337 -39.89 -2.60 -15.73
C ALA C 337 -40.71 -1.90 -16.79
N LYS C 338 -41.91 -2.42 -17.04
CA LYS C 338 -42.82 -1.86 -18.03
C LYS C 338 -43.65 -0.71 -17.47
N VAL C 339 -43.54 -0.51 -16.17
CA VAL C 339 -44.31 0.54 -15.49
C VAL C 339 -43.54 0.95 -14.24
N PRO C 340 -43.63 2.23 -13.83
CA PRO C 340 -42.92 2.73 -12.64
C PRO C 340 -43.35 2.12 -11.29
N ASP C 341 -42.94 0.87 -11.06
CA ASP C 341 -43.27 0.17 -9.84
C ASP C 341 -42.08 -0.13 -8.92
N ASP C 342 -42.28 -1.08 -8.01
CA ASP C 342 -41.26 -1.51 -7.07
C ASP C 342 -40.00 -1.94 -7.84
N GLN C 343 -40.20 -2.63 -8.96
CA GLN C 343 -39.08 -3.09 -9.78
C GLN C 343 -38.27 -1.93 -10.37
N ALA C 344 -38.95 -0.93 -10.91
CA ALA C 344 -38.24 0.20 -11.48
C ALA C 344 -37.31 0.78 -10.43
N GLY C 345 -37.88 1.07 -9.26
CA GLY C 345 -37.11 1.64 -8.17
C GLY C 345 -35.87 0.82 -7.84
N HIS C 346 -36.03 -0.50 -7.78
CA HIS C 346 -34.91 -1.35 -7.46
C HIS C 346 -33.83 -1.30 -8.54
N GLU C 347 -34.22 -1.64 -9.76
CA GLU C 347 -33.29 -1.66 -10.88
C GLU C 347 -32.62 -0.32 -11.11
N LYS C 348 -33.41 0.75 -11.05
CA LYS C 348 -32.86 2.08 -11.25
C LYS C 348 -31.75 2.39 -10.26
N THR C 349 -31.96 1.98 -9.00
CA THR C 349 -30.99 2.25 -7.94
C THR C 349 -29.77 1.35 -8.01
N MET C 350 -30.00 0.11 -8.43
CA MET C 350 -28.92 -0.86 -8.57
C MET C 350 -27.96 -0.43 -9.67
N THR C 351 -28.51 -0.14 -10.84
CA THR C 351 -27.70 0.24 -11.99
C THR C 351 -27.14 1.63 -11.92
N THR C 352 -27.53 2.40 -10.92
CA THR C 352 -26.99 3.74 -10.80
C THR C 352 -25.95 3.81 -9.69
N LEU C 353 -26.24 3.17 -8.57
CA LEU C 353 -25.36 3.18 -7.41
C LEU C 353 -23.95 2.64 -7.72
N LEU C 354 -23.87 1.50 -8.41
CA LEU C 354 -22.58 0.93 -8.75
C LEU C 354 -21.73 1.89 -9.61
N PRO C 355 -22.20 2.27 -10.80
CA PRO C 355 -21.37 3.18 -11.60
C PRO C 355 -21.07 4.52 -10.92
N ALA C 356 -21.96 4.97 -10.05
CA ALA C 356 -21.74 6.23 -9.36
C ALA C 356 -20.63 6.05 -8.33
N LEU C 357 -20.76 5.03 -7.47
CA LEU C 357 -19.73 4.77 -6.48
C LEU C 357 -18.40 4.50 -7.18
N ALA C 358 -18.46 4.04 -8.43
CA ALA C 358 -17.28 3.72 -9.21
C ALA C 358 -16.64 4.97 -9.84
N GLY C 359 -17.42 6.03 -10.01
CA GLY C 359 -16.89 7.25 -10.57
C GLY C 359 -17.16 7.51 -12.05
N ALA C 360 -18.24 6.95 -12.60
CA ALA C 360 -18.55 7.17 -14.00
C ALA C 360 -18.84 8.67 -14.15
N ASN C 361 -18.24 9.30 -15.17
CA ASN C 361 -18.38 10.75 -15.36
C ASN C 361 -19.72 11.23 -15.89
N THR C 362 -20.45 10.32 -16.51
CA THR C 362 -21.78 10.59 -17.00
C THR C 362 -22.50 9.26 -16.91
N ILE C 363 -23.67 9.27 -16.31
CA ILE C 363 -24.48 8.08 -16.18
C ILE C 363 -25.79 8.42 -16.87
N TYR C 364 -26.08 7.73 -17.96
CA TYR C 364 -27.31 8.00 -18.67
C TYR C 364 -28.28 6.83 -18.53
N GLY C 365 -29.56 7.15 -18.43
CA GLY C 365 -30.57 6.12 -18.27
C GLY C 365 -31.84 6.71 -17.69
N ALA C 366 -31.68 7.79 -16.93
CA ALA C 366 -32.79 8.46 -16.29
C ALA C 366 -33.99 8.56 -17.22
N GLY C 367 -35.17 8.29 -16.66
CA GLY C 367 -36.40 8.38 -17.42
C GLY C 367 -36.75 7.13 -18.21
N MET C 368 -35.82 6.18 -18.27
CA MET C 368 -36.08 4.97 -19.03
C MET C 368 -36.99 3.95 -18.35
N LEU C 369 -37.61 3.13 -19.19
CA LEU C 369 -38.47 2.02 -18.78
C LEU C 369 -38.53 1.05 -19.95
N GLU C 370 -39.12 -0.11 -19.73
CA GLU C 370 -39.26 -1.11 -20.78
C GLU C 370 -38.00 -1.36 -21.59
N LEU C 371 -36.89 -1.65 -20.90
CA LEU C 371 -35.59 -1.95 -21.53
C LEU C 371 -35.12 -0.94 -22.58
N GLY C 372 -35.48 0.33 -22.41
CA GLY C 372 -35.04 1.33 -23.38
C GLY C 372 -36.03 1.67 -24.48
N MET C 373 -37.16 0.99 -24.52
CA MET C 373 -38.18 1.25 -25.55
C MET C 373 -39.02 2.47 -25.21
N THR C 374 -39.24 2.69 -23.92
CA THR C 374 -40.08 3.80 -23.48
C THR C 374 -39.37 4.83 -22.63
N PHE C 375 -39.95 6.03 -22.61
CA PHE C 375 -39.43 7.10 -21.78
C PHE C 375 -40.59 7.56 -20.94
N SER C 376 -40.38 7.57 -19.63
CA SER C 376 -41.41 7.97 -18.67
C SER C 376 -41.00 9.24 -17.96
N MET C 377 -41.79 10.30 -18.12
CA MET C 377 -41.49 11.54 -17.43
C MET C 377 -41.69 11.33 -15.93
N GLU C 378 -42.65 10.50 -15.57
CA GLU C 378 -42.89 10.22 -14.16
C GLU C 378 -41.60 9.64 -13.59
N GLN C 379 -41.11 8.61 -14.27
CA GLN C 379 -39.89 7.94 -13.85
C GLN C 379 -38.68 8.88 -13.89
N LEU C 380 -38.66 9.82 -14.83
CA LEU C 380 -37.55 10.74 -14.93
C LEU C 380 -37.41 11.61 -13.69
N VAL C 381 -38.50 12.18 -13.18
CA VAL C 381 -38.38 12.99 -11.97
C VAL C 381 -38.06 12.10 -10.76
N ILE C 382 -38.58 10.88 -10.76
CA ILE C 382 -38.30 9.96 -9.67
C ILE C 382 -36.79 9.68 -9.65
N ASP C 383 -36.20 9.44 -10.82
CA ASP C 383 -34.78 9.16 -10.92
C ASP C 383 -33.98 10.36 -10.44
N ASN C 384 -34.44 11.55 -10.80
CA ASN C 384 -33.78 12.78 -10.39
C ASN C 384 -33.71 12.88 -8.88
N ASP C 385 -34.74 12.38 -8.20
CA ASP C 385 -34.79 12.42 -6.75
C ASP C 385 -33.85 11.33 -6.24
N ILE C 386 -33.85 10.19 -6.91
CA ILE C 386 -32.97 9.12 -6.53
C ILE C 386 -31.50 9.60 -6.58
N PHE C 387 -31.17 10.44 -7.57
CA PHE C 387 -29.81 10.92 -7.69
C PHE C 387 -29.42 11.82 -6.50
N SER C 388 -30.39 12.54 -5.94
CA SER C 388 -30.08 13.37 -4.77
C SER C 388 -29.69 12.45 -3.62
N MET C 389 -30.44 11.38 -3.44
CA MET C 389 -30.15 10.40 -2.41
C MET C 389 -28.79 9.78 -2.68
N VAL C 390 -28.52 9.44 -3.94
CA VAL C 390 -27.26 8.84 -4.29
C VAL C 390 -26.10 9.82 -4.03
N LYS C 391 -26.34 11.09 -4.31
CA LYS C 391 -25.30 12.11 -4.08
C LYS C 391 -24.99 12.19 -2.59
N LYS C 392 -26.00 11.98 -1.77
CA LYS C 392 -25.83 12.03 -0.32
C LYS C 392 -25.00 10.85 0.13
N ALA C 393 -25.34 9.67 -0.38
CA ALA C 393 -24.62 8.47 -0.04
C ALA C 393 -23.15 8.66 -0.40
N MET C 394 -22.90 9.30 -1.55
CA MET C 394 -21.54 9.52 -2.01
C MET C 394 -20.68 10.45 -1.14
N GLN C 395 -21.30 11.14 -0.20
CA GLN C 395 -20.54 12.01 0.69
C GLN C 395 -19.85 11.18 1.74
N GLY C 396 -20.19 9.89 1.75
CA GLY C 396 -19.62 8.96 2.70
C GLY C 396 -19.79 9.41 4.13
N ILE C 397 -18.79 9.13 4.95
CA ILE C 397 -18.84 9.54 6.33
C ILE C 397 -17.61 10.36 6.64
N PRO C 398 -17.72 11.69 6.53
CA PRO C 398 -16.62 12.62 6.81
C PRO C 398 -16.12 12.43 8.23
N VAL C 399 -14.82 12.26 8.39
CA VAL C 399 -14.27 12.06 9.72
C VAL C 399 -13.25 13.13 10.11
N SER C 400 -13.68 14.01 10.99
CA SER C 400 -12.82 15.09 11.49
C SER C 400 -13.21 15.38 12.95
N GLU C 401 -12.39 16.17 13.64
CA GLU C 401 -12.68 16.50 15.01
C GLU C 401 -14.08 17.12 15.08
N GLU C 402 -14.43 17.95 14.10
CA GLU C 402 -15.74 18.58 14.10
C GLU C 402 -16.89 17.59 13.91
N THR C 403 -16.72 16.64 13.00
CA THR C 403 -17.77 15.67 12.74
C THR C 403 -17.89 14.61 13.83
N LEU C 404 -16.78 14.28 14.48
CA LEU C 404 -16.77 13.30 15.57
C LEU C 404 -17.59 13.86 16.72
N ALA C 405 -17.70 15.19 16.75
CA ALA C 405 -18.50 15.92 17.71
C ALA C 405 -18.50 15.48 19.17
N VAL C 406 -17.33 15.24 19.76
CA VAL C 406 -17.29 14.80 21.15
C VAL C 406 -17.81 15.86 22.10
N GLU C 407 -17.44 17.12 21.90
CA GLU C 407 -17.92 18.17 22.79
C GLU C 407 -19.42 18.30 22.80
N SER C 408 -20.06 17.99 21.67
CA SER C 408 -21.52 18.06 21.59
C SER C 408 -22.12 16.93 22.40
N ILE C 409 -21.54 15.73 22.25
CA ILE C 409 -22.02 14.54 22.96
C ILE C 409 -21.91 14.77 24.47
N GLN C 410 -20.80 15.35 24.89
CA GLN C 410 -20.59 15.63 26.30
C GLN C 410 -21.48 16.77 26.77
N LYS C 411 -21.68 17.75 25.90
CA LYS C 411 -22.54 18.88 26.24
C LYS C 411 -23.97 18.39 26.45
N VAL C 412 -24.47 17.57 25.52
CA VAL C 412 -25.83 17.07 25.63
C VAL C 412 -25.95 16.10 26.81
N GLY C 413 -24.93 15.26 26.99
CA GLY C 413 -24.97 14.31 28.09
C GLY C 413 -25.95 13.18 27.92
N ILE C 414 -25.92 12.27 28.88
CA ILE C 414 -26.76 11.08 28.92
C ILE C 414 -28.25 11.37 29.00
N GLY C 415 -29.03 10.68 28.18
CA GLY C 415 -30.47 10.81 28.20
C GLY C 415 -31.13 12.06 27.68
N ASN C 416 -30.41 12.88 26.92
CA ASN C 416 -30.99 14.11 26.38
C ASN C 416 -30.89 14.08 24.86
N ASN C 417 -31.40 15.10 24.19
CA ASN C 417 -31.34 15.11 22.73
C ASN C 417 -30.51 16.25 22.17
N PHE C 418 -30.32 16.26 20.85
CA PHE C 418 -29.52 17.27 20.17
C PHE C 418 -30.32 18.29 19.36
N LEU C 419 -31.65 18.17 19.40
CA LEU C 419 -32.52 19.06 18.64
C LEU C 419 -32.27 20.56 18.79
N ALA C 420 -31.93 21.02 19.98
CA ALA C 420 -31.73 22.44 20.21
C ALA C 420 -30.30 22.97 20.13
N LEU C 421 -29.34 22.10 19.79
CA LEU C 421 -27.97 22.57 19.69
C LEU C 421 -27.78 23.52 18.51
N LYS C 422 -26.82 24.43 18.64
CA LYS C 422 -26.51 25.35 17.56
C LYS C 422 -26.08 24.50 16.38
N GLN C 423 -25.22 23.53 16.68
CA GLN C 423 -24.68 22.61 15.69
C GLN C 423 -25.80 22.04 14.83
N THR C 424 -26.81 21.43 15.48
CA THR C 424 -27.94 20.84 14.78
C THR C 424 -28.69 21.80 13.84
N ARG C 425 -28.93 23.02 14.29
CA ARG C 425 -29.66 24.02 13.50
C ARG C 425 -28.88 24.44 12.27
N GLN C 426 -27.61 24.77 12.47
CA GLN C 426 -26.78 25.20 11.37
C GLN C 426 -26.70 24.18 10.26
N LEU C 427 -26.89 22.91 10.59
CA LEU C 427 -26.81 21.83 9.60
C LEU C 427 -28.15 21.25 9.18
N VAL C 428 -29.23 21.94 9.49
CA VAL C 428 -30.56 21.45 9.14
C VAL C 428 -30.71 21.08 7.67
N ASP C 429 -29.94 21.71 6.79
CA ASP C 429 -30.03 21.41 5.36
C ASP C 429 -29.07 20.32 4.87
N TYR C 430 -28.19 19.83 5.74
CA TYR C 430 -27.23 18.81 5.36
C TYR C 430 -27.84 17.43 5.12
N PRO C 431 -28.62 16.91 6.07
CA PRO C 431 -29.24 15.59 5.91
C PRO C 431 -30.02 15.47 4.60
N SER C 432 -30.13 14.26 4.07
CA SER C 432 -30.87 14.05 2.83
C SER C 432 -32.29 14.56 2.98
N ASN C 433 -32.75 15.29 1.96
CA ASN C 433 -34.09 15.85 1.97
C ASN C 433 -34.78 15.63 0.63
N PRO C 434 -35.23 14.39 0.38
CA PRO C 434 -35.91 14.03 -0.87
C PRO C 434 -37.09 14.93 -1.20
N MET C 435 -37.26 15.18 -2.49
CA MET C 435 -38.34 16.01 -3.00
C MET C 435 -39.64 15.22 -3.23
N LEU C 436 -39.53 13.95 -3.59
CA LEU C 436 -40.70 13.12 -3.87
C LEU C 436 -40.87 11.91 -2.96
N LEU C 437 -39.77 11.28 -2.58
CA LEU C 437 -39.84 10.12 -1.70
C LEU C 437 -40.56 10.55 -0.43
N ASP C 438 -41.62 9.82 -0.08
CA ASP C 438 -42.44 10.13 1.08
C ASP C 438 -41.90 9.61 2.41
N ARG C 439 -41.67 10.53 3.35
CA ARG C 439 -41.16 10.17 4.67
C ARG C 439 -42.13 10.45 5.81
N HIS C 440 -43.39 10.74 5.48
CA HIS C 440 -44.39 11.01 6.51
C HIS C 440 -44.91 9.73 7.11
N MET C 441 -45.54 9.84 8.28
CA MET C 441 -46.14 8.67 8.91
C MET C 441 -47.45 8.41 8.18
N PHE C 442 -48.00 7.22 8.36
CA PHE C 442 -49.24 6.85 7.69
C PHE C 442 -50.31 7.94 7.66
N GLY C 443 -50.66 8.47 8.83
CA GLY C 443 -51.67 9.51 8.93
C GLY C 443 -51.54 10.67 7.96
N ASP C 444 -50.43 11.40 8.02
CA ASP C 444 -50.20 12.53 7.13
C ASP C 444 -50.21 12.07 5.68
N TRP C 445 -49.63 10.90 5.43
CA TRP C 445 -49.57 10.36 4.09
C TRP C 445 -50.96 10.04 3.56
N ALA C 446 -51.77 9.36 4.36
CA ALA C 446 -53.13 9.00 3.95
C ALA C 446 -53.96 10.23 3.69
N ALA C 447 -53.71 11.27 4.49
CA ALA C 447 -54.43 12.54 4.38
C ALA C 447 -54.06 13.28 3.08
N ALA C 448 -52.85 13.06 2.59
CA ALA C 448 -52.41 13.73 1.37
C ALA C 448 -52.99 12.98 0.18
N GLY C 449 -53.70 11.90 0.47
CA GLY C 449 -54.34 11.14 -0.58
C GLY C 449 -53.89 9.71 -0.76
N SER C 450 -53.05 9.22 0.15
CA SER C 450 -52.54 7.84 0.06
C SER C 450 -52.01 7.61 -1.37
N LYS C 451 -51.11 8.48 -1.81
CA LYS C 451 -50.55 8.41 -3.14
C LYS C 451 -49.23 7.65 -3.21
N ASP C 452 -49.11 6.77 -4.20
CA ASP C 452 -47.86 6.03 -4.39
C ASP C 452 -46.89 7.00 -5.06
N LEU C 453 -45.62 6.63 -5.18
CA LEU C 453 -44.65 7.55 -5.75
C LEU C 453 -44.95 7.98 -7.18
N ALA C 454 -45.47 7.07 -8.00
CA ALA C 454 -45.76 7.40 -9.39
C ALA C 454 -46.77 8.54 -9.57
N THR C 455 -47.88 8.52 -8.85
CA THR C 455 -48.86 9.59 -9.00
C THR C 455 -48.28 10.88 -8.48
N VAL C 456 -47.50 10.81 -7.41
CA VAL C 456 -46.88 12.00 -6.87
C VAL C 456 -45.93 12.57 -7.92
N ALA C 457 -45.15 11.68 -8.54
CA ALA C 457 -44.20 12.11 -9.55
C ALA C 457 -44.96 12.79 -10.69
N HIS C 458 -46.05 12.14 -11.11
CA HIS C 458 -46.87 12.66 -12.20
C HIS C 458 -47.39 14.08 -11.93
N GLU C 459 -47.91 14.30 -10.74
CA GLU C 459 -48.41 15.62 -10.41
C GLU C 459 -47.25 16.60 -10.51
N LYS C 460 -46.05 16.15 -10.19
CA LYS C 460 -44.87 17.02 -10.27
C LYS C 460 -44.57 17.33 -11.74
N VAL C 461 -44.63 16.31 -12.58
CA VAL C 461 -44.39 16.50 -14.02
C VAL C 461 -45.38 17.55 -14.55
N GLU C 462 -46.66 17.36 -14.24
CA GLU C 462 -47.69 18.28 -14.68
C GLU C 462 -47.32 19.68 -14.23
N ASP C 463 -46.96 19.82 -12.97
CA ASP C 463 -46.60 21.12 -12.41
C ASP C 463 -45.39 21.74 -13.11
N VAL C 464 -44.36 20.93 -13.38
CA VAL C 464 -43.16 21.43 -14.04
C VAL C 464 -43.43 21.86 -15.48
N LEU C 465 -44.04 20.98 -16.27
CA LEU C 465 -44.33 21.28 -17.66
C LEU C 465 -45.17 22.54 -17.77
N LYS C 466 -45.99 22.77 -16.74
CA LYS C 466 -46.86 23.92 -16.73
C LYS C 466 -46.18 25.22 -16.34
N ASN C 467 -45.43 25.21 -15.24
CA ASN C 467 -44.80 26.44 -14.76
C ASN C 467 -43.31 26.68 -14.98
N HIS C 468 -42.56 25.70 -15.51
CA HIS C 468 -41.14 25.95 -15.68
C HIS C 468 -40.76 26.77 -16.91
N GLN C 469 -39.87 27.74 -16.70
CA GLN C 469 -39.42 28.62 -17.78
C GLN C 469 -37.99 28.30 -18.23
N VAL C 470 -37.83 28.09 -19.54
CA VAL C 470 -36.53 27.78 -20.12
C VAL C 470 -35.99 28.97 -20.90
N THR C 471 -34.73 29.34 -20.64
CA THR C 471 -34.11 30.46 -21.33
C THR C 471 -34.21 30.26 -22.85
N PRO C 472 -35.12 30.99 -23.50
CA PRO C 472 -35.30 30.87 -24.96
C PRO C 472 -34.10 31.36 -25.75
N ILE C 473 -33.99 30.90 -26.98
CA ILE C 473 -32.90 31.33 -27.84
C ILE C 473 -33.37 32.60 -28.54
N ASP C 474 -32.45 33.54 -28.72
CA ASP C 474 -32.75 34.81 -29.40
C ASP C 474 -33.55 34.48 -30.68
N ALA C 475 -34.70 35.13 -30.82
CA ALA C 475 -35.58 34.89 -31.97
C ALA C 475 -34.87 35.01 -33.33
N ASP C 476 -33.94 35.94 -33.45
CA ASP C 476 -33.24 36.11 -34.72
C ASP C 476 -32.28 34.93 -34.91
N ILE C 477 -31.49 34.65 -33.88
CA ILE C 477 -30.56 33.53 -33.93
C ILE C 477 -31.36 32.29 -34.28
N PHE C 478 -32.50 32.13 -33.62
CA PHE C 478 -33.34 30.96 -33.86
C PHE C 478 -33.72 30.79 -35.33
N LYS C 479 -34.04 31.91 -35.99
CA LYS C 479 -34.40 31.85 -37.41
C LYS C 479 -33.26 31.25 -38.23
N ASP C 480 -32.03 31.67 -37.94
CA ASP C 480 -30.87 31.16 -38.65
C ASP C 480 -30.77 29.65 -38.43
N MET C 481 -30.87 29.24 -37.18
CA MET C 481 -30.79 27.83 -36.84
C MET C 481 -31.93 27.08 -37.51
N GLN C 482 -33.12 27.67 -37.47
CA GLN C 482 -34.29 27.06 -38.09
C GLN C 482 -34.07 26.90 -39.59
N ALA C 483 -33.34 27.83 -40.18
CA ALA C 483 -33.08 27.78 -41.62
C ALA C 483 -32.32 26.50 -41.98
N ILE C 484 -31.22 26.23 -41.28
CA ILE C 484 -30.41 25.04 -41.52
C ILE C 484 -31.29 23.78 -41.52
N VAL C 485 -32.21 23.70 -40.57
CA VAL C 485 -33.10 22.55 -40.50
C VAL C 485 -33.92 22.46 -41.78
N ASP C 486 -34.45 23.60 -42.22
CA ASP C 486 -35.24 23.63 -43.44
C ASP C 486 -34.38 23.20 -44.64
N LYS C 487 -33.16 23.74 -44.70
CA LYS C 487 -32.23 23.42 -45.78
C LYS C 487 -32.05 21.90 -45.81
N ALA C 488 -31.85 21.31 -44.64
CA ALA C 488 -31.65 19.87 -44.50
C ALA C 488 -32.89 19.11 -44.95
N ASP C 489 -34.07 19.68 -44.67
CA ASP C 489 -35.32 19.06 -45.06
C ASP C 489 -35.46 19.04 -46.58
N LYS C 490 -35.14 20.15 -47.23
CA LYS C 490 -35.22 20.24 -48.69
C LYS C 490 -34.36 19.13 -49.29
N ALA C 491 -33.08 19.13 -48.93
CA ALA C 491 -32.16 18.12 -49.42
C ALA C 491 -32.77 16.73 -49.30
N PHE C 492 -33.36 16.45 -48.14
CA PHE C 492 -33.97 15.16 -47.91
C PHE C 492 -35.03 14.80 -48.95
N ARG C 493 -35.85 15.79 -49.31
CA ARG C 493 -36.89 15.58 -50.31
C ARG C 493 -36.28 15.44 -51.70
N GLY C 494 -35.13 16.07 -51.90
CA GLY C 494 -34.46 16.00 -53.19
C GLY C 494 -33.80 14.65 -53.41
N MET C 495 -33.96 13.74 -52.46
CA MET C 495 -33.39 12.41 -52.56
C MET C 495 -34.36 11.40 -53.15
N ALA D 2 3.27 -24.89 -26.07
CA ALA D 2 2.32 -24.94 -24.92
C ALA D 2 1.73 -23.56 -24.63
N LYS D 3 0.44 -23.54 -24.27
CA LYS D 3 -0.26 -22.30 -23.98
C LYS D 3 -0.18 -21.89 -22.51
N ASN D 4 1.03 -21.96 -21.96
CA ASN D 4 1.35 -21.60 -20.59
C ASN D 4 0.40 -22.08 -19.51
N ASN D 5 0.97 -22.58 -18.42
CA ASN D 5 0.19 -23.05 -17.30
C ASN D 5 0.94 -22.77 -16.00
N ALA D 6 1.86 -21.80 -16.06
CA ALA D 6 2.65 -21.39 -14.90
C ALA D 6 2.79 -19.87 -14.83
N VAL D 7 2.22 -19.27 -13.80
CA VAL D 7 2.30 -17.81 -13.66
C VAL D 7 2.84 -17.39 -12.30
N ALA D 8 3.58 -16.29 -12.31
CA ALA D 8 4.16 -15.76 -11.08
C ALA D 8 3.07 -15.12 -10.22
N GLY D 9 3.50 -14.50 -9.13
CA GLY D 9 2.56 -13.85 -8.22
C GLY D 9 1.61 -12.91 -8.94
N PHE D 10 0.33 -12.99 -8.58
CA PHE D 10 -0.70 -12.15 -9.18
C PHE D 10 -1.66 -11.69 -8.09
N ASN D 11 -1.94 -10.39 -8.03
CA ASN D 11 -2.85 -9.85 -7.03
C ASN D 11 -4.25 -9.72 -7.56
N ALA D 12 -5.19 -10.29 -6.83
CA ALA D 12 -6.57 -10.24 -7.27
C ALA D 12 -7.50 -9.65 -6.23
N LEU D 13 -8.65 -9.23 -6.72
CA LEU D 13 -9.67 -8.67 -5.86
C LEU D 13 -10.87 -9.50 -6.20
N ASN D 14 -11.21 -10.43 -5.32
CA ASN D 14 -12.36 -11.29 -5.53
C ASN D 14 -13.60 -10.63 -4.94
N GLY D 15 -14.44 -10.15 -5.84
CA GLY D 15 -15.66 -9.49 -5.40
C GLY D 15 -15.72 -8.01 -5.67
N VAL D 16 -16.25 -7.29 -4.70
CA VAL D 16 -16.40 -5.85 -4.84
C VAL D 16 -16.04 -5.23 -3.50
N GLU D 17 -15.05 -4.36 -3.51
CA GLU D 17 -14.64 -3.74 -2.28
C GLU D 17 -15.17 -2.31 -2.20
N LEU D 18 -15.78 -2.00 -1.06
CA LEU D 18 -16.33 -0.69 -0.80
C LEU D 18 -15.71 -0.22 0.52
N ASN D 19 -15.08 0.95 0.50
CA ASN D 19 -14.46 1.49 1.70
C ASN D 19 -14.97 2.88 2.00
N LEU D 20 -14.95 3.21 3.29
CA LEU D 20 -15.41 4.50 3.78
C LEU D 20 -14.32 5.07 4.66
N PHE D 21 -13.45 4.19 5.13
CA PHE D 21 -12.42 4.63 6.07
C PHE D 21 -11.00 4.22 5.82
N THR D 22 -10.12 5.00 6.43
CA THR D 22 -8.70 4.74 6.41
C THR D 22 -8.52 4.33 7.88
N THR D 23 -7.45 3.60 8.18
CA THR D 23 -7.19 3.20 9.56
C THR D 23 -7.20 4.44 10.44
N ASP D 24 -6.47 5.45 10.01
CA ASP D 24 -6.43 6.68 10.76
C ASP D 24 -7.82 7.08 11.17
N GLU D 25 -8.76 6.93 10.24
CA GLU D 25 -10.14 7.30 10.49
C GLU D 25 -10.86 6.39 11.48
N LEU D 26 -10.56 5.09 11.42
CA LEU D 26 -11.16 4.14 12.34
C LEU D 26 -10.62 4.40 13.73
N LYS D 27 -9.31 4.65 13.81
CA LYS D 27 -8.62 4.93 15.06
C LYS D 27 -9.17 6.22 15.65
N ALA D 28 -9.55 7.15 14.79
CA ALA D 28 -10.08 8.44 15.22
C ALA D 28 -11.44 8.26 15.89
N ILE D 29 -12.31 7.47 15.28
CA ILE D 29 -13.63 7.19 15.82
C ILE D 29 -13.48 6.43 17.15
N HIS D 30 -12.59 5.44 17.15
CA HIS D 30 -12.31 4.65 18.34
C HIS D 30 -11.88 5.52 19.51
N TYR D 31 -10.84 6.32 19.34
CA TYR D 31 -10.38 7.21 20.41
C TYR D 31 -11.50 8.12 20.94
N ALA D 32 -12.37 8.58 20.06
CA ALA D 32 -13.46 9.46 20.45
C ALA D 32 -14.50 8.71 21.29
N THR D 33 -14.63 7.42 21.05
CA THR D 33 -15.59 6.63 21.80
C THR D 33 -15.02 6.42 23.22
N MET D 34 -13.70 6.28 23.32
CA MET D 34 -13.03 6.11 24.62
C MET D 34 -13.18 7.37 25.44
N GLU D 35 -13.10 8.53 24.78
CA GLU D 35 -13.28 9.81 25.46
C GLU D 35 -14.67 9.73 26.09
N VAL D 36 -15.67 9.52 25.23
CA VAL D 36 -17.06 9.39 25.61
C VAL D 36 -17.34 8.39 26.73
N LEU D 37 -16.67 7.24 26.69
CA LEU D 37 -16.86 6.22 27.71
C LEU D 37 -16.40 6.67 29.10
N MET D 38 -15.45 7.59 29.14
CA MET D 38 -14.94 8.14 30.39
C MET D 38 -15.75 9.37 30.78
N ASP D 39 -16.35 10.02 29.79
CA ASP D 39 -17.14 11.23 30.01
C ASP D 39 -17.99 11.51 28.79
N PRO D 40 -19.32 11.58 28.96
CA PRO D 40 -20.09 11.42 30.19
C PRO D 40 -20.13 10.02 30.75
N GLY D 41 -19.69 9.04 29.98
CA GLY D 41 -19.75 7.68 30.47
C GLY D 41 -21.10 7.08 30.15
N ILE D 42 -21.40 5.93 30.75
CA ILE D 42 -22.66 5.27 30.46
C ILE D 42 -23.52 4.97 31.67
N GLN D 43 -24.82 5.19 31.48
CA GLN D 43 -25.78 4.96 32.56
C GLN D 43 -26.30 3.54 32.53
N VAL D 44 -25.87 2.76 33.52
CA VAL D 44 -26.32 1.40 33.64
C VAL D 44 -27.37 1.41 34.74
N SER D 45 -28.63 1.20 34.35
CA SER D 45 -29.72 1.20 35.31
C SER D 45 -29.83 -0.09 36.12
N ASP D 46 -29.27 -1.18 35.58
CA ASP D 46 -29.31 -2.47 36.26
C ASP D 46 -28.22 -2.54 37.34
N PRO D 47 -28.63 -2.68 38.62
CA PRO D 47 -27.71 -2.77 39.76
C PRO D 47 -26.77 -3.96 39.69
N GLU D 48 -27.19 -5.00 38.98
CA GLU D 48 -26.37 -6.19 38.81
C GLU D 48 -25.25 -5.92 37.81
N ALA D 49 -25.60 -5.20 36.74
CA ALA D 49 -24.62 -4.86 35.71
C ALA D 49 -23.60 -3.88 36.29
N ARG D 50 -24.09 -2.90 37.02
CA ARG D 50 -23.22 -1.91 37.66
C ARG D 50 -22.19 -2.60 38.53
N GLN D 51 -22.65 -3.66 39.20
CA GLN D 51 -21.81 -4.44 40.09
C GLN D 51 -20.73 -5.18 39.31
N ILE D 52 -21.12 -5.84 38.23
CA ILE D 52 -20.18 -6.58 37.40
C ILE D 52 -19.12 -5.60 36.90
N PHE D 53 -19.58 -4.43 36.43
CA PHE D 53 -18.67 -3.39 35.96
C PHE D 53 -17.72 -2.94 37.06
N LYS D 54 -18.26 -2.63 38.24
CA LYS D 54 -17.43 -2.17 39.36
C LYS D 54 -16.38 -3.21 39.80
N GLU D 55 -16.73 -4.49 39.74
CA GLU D 55 -15.81 -5.57 40.13
C GLU D 55 -14.61 -5.68 39.23
N ASN D 56 -14.74 -5.18 38.00
CA ASN D 56 -13.66 -5.28 37.02
C ASN D 56 -12.82 -4.03 36.79
N GLY D 57 -13.17 -2.92 37.45
CA GLY D 57 -12.38 -1.72 37.29
C GLY D 57 -13.14 -0.44 36.95
N CYS D 58 -14.35 -0.57 36.43
CA CYS D 58 -15.13 0.60 36.09
C CYS D 58 -15.44 1.42 37.34
N GLU D 59 -15.52 2.73 37.20
CA GLU D 59 -15.84 3.61 38.30
C GLU D 59 -17.33 3.85 38.21
N VAL D 60 -18.06 3.48 39.26
CA VAL D 60 -19.49 3.63 39.24
C VAL D 60 -20.00 4.64 40.24
N ASN D 61 -20.73 5.62 39.75
CA ASN D 61 -21.33 6.63 40.61
C ASN D 61 -22.71 6.04 40.96
N GLU D 62 -22.86 5.56 42.19
CA GLU D 62 -24.11 4.97 42.61
C GLU D 62 -25.30 5.92 42.69
N LYS D 63 -25.04 7.21 42.78
CA LYS D 63 -26.14 8.18 42.85
C LYS D 63 -26.77 8.42 41.47
N THR D 64 -25.95 8.52 40.43
CA THR D 64 -26.44 8.76 39.08
C THR D 64 -26.42 7.52 38.19
N ASN D 65 -25.98 6.39 38.76
CA ASN D 65 -25.88 5.13 38.02
C ASN D 65 -24.95 5.22 36.80
N VAL D 66 -24.08 6.23 36.79
CA VAL D 66 -23.17 6.41 35.67
C VAL D 66 -21.88 5.62 35.80
N VAL D 67 -21.58 4.86 34.77
CA VAL D 67 -20.39 4.04 34.72
C VAL D 67 -19.45 4.56 33.63
N LYS D 68 -18.18 4.71 34.00
CA LYS D 68 -17.14 5.15 33.07
C LYS D 68 -16.23 3.93 32.86
N ILE D 69 -16.34 3.33 31.67
CA ILE D 69 -15.56 2.15 31.31
C ILE D 69 -14.17 2.50 30.80
N PRO D 70 -13.12 2.05 31.49
CA PRO D 70 -11.77 2.38 31.00
C PRO D 70 -11.46 1.59 29.72
N GLU D 71 -10.57 2.13 28.90
CA GLU D 71 -10.24 1.47 27.64
C GLU D 71 -9.71 0.04 27.76
N TYR D 72 -8.98 -0.25 28.84
CA TYR D 72 -8.43 -1.59 28.99
C TYR D 72 -9.52 -2.64 29.15
N LEU D 73 -10.69 -2.25 29.63
CA LEU D 73 -11.79 -3.20 29.78
C LEU D 73 -12.53 -3.38 28.46
N VAL D 74 -12.28 -2.50 27.50
CA VAL D 74 -12.88 -2.63 26.18
C VAL D 74 -11.97 -3.59 25.40
N ARG D 75 -10.66 -3.47 25.60
CA ARG D 75 -9.69 -4.34 24.94
C ARG D 75 -9.78 -5.76 25.48
N LYS D 76 -9.98 -5.88 26.79
CA LYS D 76 -10.13 -7.20 27.39
C LYS D 76 -11.39 -7.84 26.80
N ALA D 77 -12.47 -7.10 26.77
CA ALA D 77 -13.70 -7.64 26.23
C ALA D 77 -13.53 -8.03 24.77
N LEU D 78 -12.95 -7.16 23.96
CA LEU D 78 -12.78 -7.49 22.54
C LEU D 78 -11.93 -8.75 22.42
N GLN D 79 -10.94 -8.91 23.29
CA GLN D 79 -10.09 -10.08 23.21
C GLN D 79 -10.82 -11.36 23.59
N LEU D 80 -11.83 -11.26 24.45
CA LEU D 80 -12.58 -12.43 24.90
C LEU D 80 -13.70 -12.79 23.94
N ALA D 81 -14.27 -11.79 23.28
CA ALA D 81 -15.36 -12.03 22.34
C ALA D 81 -14.89 -12.90 21.18
N PRO D 82 -15.64 -13.98 20.89
CA PRO D 82 -15.26 -14.86 19.79
C PRO D 82 -15.51 -14.16 18.47
N SER D 83 -14.56 -14.27 17.54
CA SER D 83 -14.72 -13.62 16.24
C SER D 83 -15.78 -14.30 15.40
N ARG D 84 -16.33 -15.41 15.90
CA ARG D 84 -17.37 -16.07 15.16
C ARG D 84 -18.19 -17.05 15.97
N PHE D 85 -19.24 -17.53 15.31
CA PHE D 85 -20.16 -18.49 15.89
C PHE D 85 -21.20 -18.87 14.86
N VAL D 86 -21.82 -20.02 15.09
CA VAL D 86 -22.80 -20.57 14.16
C VAL D 86 -24.20 -20.52 14.69
N LEU D 87 -25.08 -19.84 13.99
CA LEU D 87 -26.46 -19.84 14.43
C LEU D 87 -26.97 -21.17 13.88
N TRP D 88 -27.63 -21.96 14.71
CA TRP D 88 -28.16 -23.23 14.25
C TRP D 88 -29.63 -23.11 13.92
N GLY D 89 -30.10 -23.99 13.05
CA GLY D 89 -31.51 -24.03 12.72
C GLY D 89 -32.00 -25.37 13.25
N ARG D 90 -33.30 -25.64 13.19
CA ARG D 90 -33.73 -26.95 13.64
C ARG D 90 -33.22 -27.91 12.58
N ASP D 91 -33.00 -27.37 11.38
CA ASP D 91 -32.49 -28.14 10.26
C ASP D 91 -31.10 -27.62 9.86
N LYS D 92 -30.09 -28.48 9.99
CA LYS D 92 -28.70 -28.14 9.66
C LYS D 92 -28.51 -27.28 8.41
N LYS D 93 -29.11 -27.69 7.30
CA LYS D 93 -28.94 -26.95 6.07
C LYS D 93 -29.12 -25.46 6.23
N PHE D 94 -29.87 -25.04 7.25
CA PHE D 94 -30.10 -23.63 7.48
C PHE D 94 -29.12 -22.98 8.43
N ASN D 95 -28.19 -23.75 8.98
CA ASN D 95 -27.20 -23.20 9.88
C ASN D 95 -26.46 -22.06 9.21
N THR D 96 -26.31 -20.96 9.93
CA THR D 96 -25.65 -19.79 9.38
C THR D 96 -24.46 -19.34 10.20
N VAL D 97 -23.39 -18.98 9.52
CA VAL D 97 -22.22 -18.49 10.22
C VAL D 97 -22.27 -16.99 10.41
N GLN D 98 -21.70 -16.54 11.51
CA GLN D 98 -21.62 -15.13 11.79
C GLN D 98 -20.14 -14.98 12.17
N GLU D 99 -19.38 -14.42 11.23
CA GLU D 99 -17.97 -14.29 11.43
C GLU D 99 -17.41 -12.96 11.01
N CYS D 100 -16.45 -12.47 11.80
CA CYS D 100 -15.80 -11.22 11.53
C CYS D 100 -15.31 -11.33 10.09
N GLY D 101 -15.55 -10.30 9.30
CA GLY D 101 -15.16 -10.34 7.91
C GLY D 101 -16.25 -9.80 7.01
N GLY D 102 -16.26 -10.23 5.75
CA GLY D 102 -17.25 -9.73 4.82
C GLY D 102 -18.22 -10.74 4.28
N LYS D 103 -18.67 -11.67 5.12
CA LYS D 103 -19.63 -12.69 4.66
C LYS D 103 -21.02 -12.21 5.02
N VAL D 104 -21.81 -11.95 3.98
CA VAL D 104 -23.14 -11.41 4.18
C VAL D 104 -24.29 -12.40 4.17
N HIS D 105 -25.26 -12.13 5.03
CA HIS D 105 -26.48 -12.92 5.18
C HIS D 105 -27.61 -11.94 5.48
N TRP D 106 -28.82 -12.34 5.09
CA TRP D 106 -29.97 -11.50 5.31
C TRP D 106 -31.00 -12.15 6.25
N THR D 107 -31.84 -11.30 6.82
CA THR D 107 -32.93 -11.72 7.71
C THR D 107 -34.03 -10.67 7.60
N CYS D 108 -35.27 -11.07 7.85
CA CYS D 108 -36.39 -10.15 7.78
C CYS D 108 -36.34 -9.13 8.91
N PHE D 109 -37.16 -8.10 8.76
CA PHE D 109 -37.26 -7.02 9.72
C PHE D 109 -38.07 -7.40 10.98
N GLY D 110 -37.93 -6.58 12.02
CA GLY D 110 -38.65 -6.80 13.27
C GLY D 110 -38.62 -5.56 14.15
N THR D 111 -39.75 -5.23 14.80
CA THR D 111 -40.99 -5.97 14.71
C THR D 111 -42.07 -5.00 14.28
N GLY D 112 -42.90 -5.40 13.33
CA GLY D 112 -43.96 -4.52 12.90
C GLY D 112 -45.11 -4.69 13.87
N VAL D 113 -46.09 -3.80 13.78
CA VAL D 113 -47.26 -3.87 14.64
C VAL D 113 -48.46 -4.06 13.75
N LYS D 114 -48.24 -3.82 12.45
CA LYS D 114 -49.27 -3.98 11.44
C LYS D 114 -48.75 -4.89 10.34
N VAL D 115 -49.66 -5.46 9.57
CA VAL D 115 -49.31 -6.35 8.48
C VAL D 115 -50.08 -5.92 7.24
N CYS D 116 -49.38 -5.29 6.29
CA CYS D 116 -49.98 -4.83 5.05
C CYS D 116 -50.61 -6.00 4.30
N LYS D 117 -51.75 -5.76 3.65
N LYS D 117 -51.69 -5.72 3.57
CA LYS D 117 -52.43 -6.83 2.91
CA LYS D 117 -52.38 -6.72 2.77
C LYS D 117 -53.60 -6.37 2.04
C LYS D 117 -52.87 -6.15 1.44
N TYR D 118 -54.15 -7.31 1.28
N TYR D 118 -52.27 -6.63 0.36
CA TYR D 118 -55.25 -7.03 0.38
CA TYR D 118 -52.61 -6.19 -1.00
C TYR D 118 -56.60 -7.14 1.09
C TYR D 118 -54.06 -6.54 -1.34
N LYS D 122 -56.12 -2.73 -4.13
N LYS D 122 -58.21 -5.09 -0.99
CA LYS D 122 -55.85 -1.84 -3.00
CA LYS D 122 -57.54 -3.95 -1.60
C LYS D 122 -55.09 -2.58 -1.92
C LYS D 122 -56.34 -3.51 -0.76
N TYR D 123 -54.46 -1.82 -1.01
N TYR D 123 -56.07 -2.20 -0.73
CA TYR D 123 -53.70 -2.40 0.10
CA TYR D 123 -54.94 -1.65 0.04
C TYR D 123 -54.09 -1.80 1.44
C TYR D 123 -55.28 -1.41 1.51
N VAL D 124 -54.56 -2.67 2.35
N VAL D 124 -54.89 -2.35 2.38
CA VAL D 124 -54.96 -2.26 3.69
CA VAL D 124 -55.17 -2.21 3.81
C VAL D 124 -54.07 -2.95 4.72
C VAL D 124 -54.21 -2.96 4.75
N THR D 125 -53.87 -2.31 5.87
CA THR D 125 -53.01 -2.89 6.91
C THR D 125 -53.77 -3.16 8.21
N VAL D 126 -53.66 -4.39 8.71
CA VAL D 126 -54.33 -4.78 9.95
C VAL D 126 -53.31 -5.02 11.06
N ASP D 127 -53.70 -4.81 12.32
CA ASP D 127 -52.80 -5.05 13.45
C ASP D 127 -52.33 -6.49 13.42
N SER D 128 -51.11 -6.73 13.89
CA SER D 128 -50.54 -8.06 13.90
C SER D 128 -51.02 -8.95 15.04
N VAL D 129 -50.92 -10.26 14.85
CA VAL D 129 -51.34 -11.23 15.86
C VAL D 129 -50.47 -12.44 15.68
N GLU D 130 -50.24 -13.19 16.76
CA GLU D 130 -49.39 -14.37 16.72
C GLU D 130 -49.44 -15.11 15.38
N LYS D 131 -50.64 -15.51 14.95
CA LYS D 131 -50.80 -16.23 13.68
C LYS D 131 -50.01 -15.60 12.53
N ASP D 132 -49.90 -14.28 12.53
CA ASP D 132 -49.14 -13.61 11.48
C ASP D 132 -47.70 -14.11 11.50
N ILE D 133 -47.11 -14.14 12.69
CA ILE D 133 -45.75 -14.61 12.83
C ILE D 133 -45.64 -16.03 12.30
N ALA D 134 -46.77 -16.70 12.17
CA ALA D 134 -46.73 -18.07 11.68
C ALA D 134 -46.65 -18.05 10.16
N ASP D 135 -47.45 -17.19 9.54
CA ASP D 135 -47.45 -17.09 8.09
C ASP D 135 -46.11 -16.55 7.62
N ILE D 136 -45.67 -15.45 8.22
CA ILE D 136 -44.39 -14.85 7.86
C ILE D 136 -43.25 -15.83 8.13
N ALA D 137 -43.37 -16.61 9.20
CA ALA D 137 -42.33 -17.60 9.46
C ALA D 137 -42.34 -18.55 8.26
N LYS D 138 -43.53 -18.95 7.84
CA LYS D 138 -43.69 -19.87 6.71
C LYS D 138 -43.06 -19.29 5.45
N LEU D 139 -43.43 -18.06 5.15
CA LEU D 139 -42.91 -17.37 3.97
C LEU D 139 -41.39 -17.29 4.02
N CYS D 140 -40.85 -16.86 5.17
CA CYS D 140 -39.42 -16.76 5.31
C CYS D 140 -38.70 -18.11 5.26
N ASP D 141 -39.43 -19.18 5.53
CA ASP D 141 -38.83 -20.53 5.51
C ASP D 141 -38.58 -20.96 4.08
N TRP D 142 -39.33 -20.36 3.17
CA TRP D 142 -39.24 -20.62 1.75
C TRP D 142 -38.17 -19.72 1.09
N ALA D 143 -38.12 -18.46 1.50
CA ALA D 143 -37.17 -17.49 0.96
C ALA D 143 -35.73 -17.99 1.07
N GLU D 144 -35.10 -18.22 -0.08
CA GLU D 144 -33.74 -18.74 -0.18
C GLU D 144 -32.64 -17.78 0.28
N ASN D 145 -32.83 -16.49 0.09
CA ASN D 145 -31.82 -15.54 0.51
C ASN D 145 -32.01 -15.05 1.92
N ILE D 146 -33.01 -15.61 2.61
CA ILE D 146 -33.29 -15.26 3.99
C ILE D 146 -32.67 -16.34 4.85
N ASP D 147 -31.48 -16.08 5.36
CA ASP D 147 -30.74 -17.03 6.18
C ASP D 147 -31.42 -17.48 7.46
N TYR D 148 -31.85 -16.55 8.28
CA TYR D 148 -32.54 -16.94 9.50
C TYR D 148 -33.73 -16.04 9.76
N PHE D 149 -34.62 -16.47 10.63
CA PHE D 149 -35.84 -15.74 10.93
C PHE D 149 -35.72 -14.85 12.16
N SER D 150 -36.23 -13.62 12.04
CA SER D 150 -36.20 -12.64 13.12
C SER D 150 -37.66 -12.34 13.46
N LEU D 151 -37.96 -12.02 14.73
CA LEU D 151 -39.33 -11.70 15.12
C LEU D 151 -39.80 -10.60 14.18
N PRO D 152 -40.77 -10.90 13.29
CA PRO D 152 -41.28 -9.93 12.32
C PRO D 152 -42.33 -8.94 12.81
N VAL D 153 -43.23 -9.40 13.66
CA VAL D 153 -44.30 -8.55 14.16
C VAL D 153 -44.69 -8.92 15.59
N SER D 154 -45.33 -7.99 16.30
CA SER D 154 -45.73 -8.27 17.65
C SER D 154 -47.02 -9.07 17.67
N ALA D 155 -47.05 -10.06 18.56
CA ALA D 155 -48.23 -10.89 18.72
C ALA D 155 -49.10 -10.07 19.68
N ARG D 156 -49.60 -8.95 19.18
CA ARG D 156 -50.43 -8.03 19.96
C ARG D 156 -51.58 -8.70 20.71
N ASP D 157 -52.32 -9.56 20.02
CA ASP D 157 -53.45 -10.25 20.62
C ASP D 157 -53.12 -10.97 21.93
N ILE D 158 -51.95 -11.59 21.99
CA ILE D 158 -51.52 -12.32 23.19
C ILE D 158 -51.24 -11.38 24.36
N ALA D 159 -51.24 -10.07 24.11
CA ALA D 159 -50.97 -9.08 25.16
C ALA D 159 -52.05 -9.02 26.25
N GLY D 160 -51.70 -9.47 27.46
CA GLY D 160 -52.63 -9.45 28.57
C GLY D 160 -53.32 -10.79 28.75
N GLN D 161 -52.97 -11.74 27.89
CA GLN D 161 -53.55 -13.08 27.94
C GLN D 161 -52.49 -14.07 28.39
N GLY D 162 -51.23 -13.69 28.22
CA GLY D 162 -50.11 -14.53 28.60
C GLY D 162 -48.78 -13.84 28.45
N ALA D 163 -47.73 -14.60 28.18
CA ALA D 163 -46.40 -14.02 28.02
C ALA D 163 -46.20 -13.81 26.53
N GLN D 164 -46.45 -12.60 26.06
CA GLN D 164 -46.32 -12.30 24.64
C GLN D 164 -44.96 -12.71 24.12
N ASP D 165 -43.93 -12.22 24.79
CA ASP D 165 -42.56 -12.52 24.42
C ASP D 165 -42.29 -14.02 24.33
N VAL D 166 -42.97 -14.81 25.15
CA VAL D 166 -42.75 -16.25 25.13
C VAL D 166 -43.59 -16.95 24.04
N HIS D 167 -44.67 -16.31 23.64
CA HIS D 167 -45.49 -16.85 22.55
C HIS D 167 -44.76 -16.47 21.27
N GLU D 168 -44.13 -15.30 21.33
CA GLU D 168 -43.35 -14.78 20.22
C GLU D 168 -42.08 -15.62 20.04
N THR D 169 -41.92 -16.64 20.88
CA THR D 169 -40.75 -17.51 20.80
C THR D 169 -41.09 -18.85 20.14
N LEU D 170 -42.06 -19.56 20.70
CA LEU D 170 -42.46 -20.86 20.18
C LEU D 170 -43.03 -20.82 18.76
N THR D 171 -43.98 -19.94 18.49
CA THR D 171 -44.58 -19.83 17.16
C THR D 171 -43.50 -19.91 16.08
N PRO D 172 -42.48 -19.02 16.15
CA PRO D 172 -41.37 -18.98 15.19
C PRO D 172 -40.66 -20.34 15.04
N LEU D 173 -40.19 -20.88 16.16
CA LEU D 173 -39.48 -22.16 16.15
C LEU D 173 -40.33 -23.24 15.50
N ALA D 174 -41.63 -23.18 15.76
CA ALA D 174 -42.57 -24.16 15.21
C ALA D 174 -42.76 -24.02 13.69
N ASN D 175 -43.07 -22.80 13.25
CA ASN D 175 -43.32 -22.52 11.84
C ASN D 175 -42.11 -22.41 10.88
N THR D 176 -40.90 -22.45 11.42
CA THR D 176 -39.69 -22.40 10.59
C THR D 176 -38.58 -23.23 11.19
N ALA D 177 -37.71 -23.76 10.34
CA ALA D 177 -36.59 -24.57 10.80
C ALA D 177 -35.29 -23.80 10.66
N LYS D 178 -35.39 -22.54 10.28
CA LYS D 178 -34.20 -21.71 10.17
C LYS D 178 -34.01 -21.16 11.58
N HIS D 179 -32.80 -20.68 11.88
CA HIS D 179 -32.49 -20.11 13.19
C HIS D 179 -33.49 -19.01 13.57
N PHE D 180 -33.66 -18.81 14.86
CA PHE D 180 -34.56 -17.78 15.34
C PHE D 180 -33.84 -16.69 16.13
N HIS D 181 -34.01 -15.45 15.69
CA HIS D 181 -33.41 -14.31 16.35
C HIS D 181 -34.54 -13.48 16.93
N HIS D 182 -34.66 -13.48 18.25
CA HIS D 182 -35.74 -12.74 18.90
C HIS D 182 -35.45 -11.24 18.91
N ILE D 183 -36.30 -10.49 18.23
CA ILE D 183 -36.12 -9.05 18.13
C ILE D 183 -36.56 -8.29 19.38
N ASP D 184 -37.49 -8.86 20.15
CA ASP D 184 -38.02 -8.18 21.34
C ASP D 184 -38.11 -9.07 22.59
N PRO D 185 -36.97 -9.44 23.18
CA PRO D 185 -37.00 -10.29 24.37
C PRO D 185 -37.26 -9.49 25.64
N VAL D 186 -37.49 -10.21 26.73
CA VAL D 186 -37.72 -9.58 28.02
C VAL D 186 -36.81 -10.29 28.99
N GLY D 187 -36.02 -9.50 29.71
CA GLY D 187 -35.08 -10.04 30.69
C GLY D 187 -35.66 -11.00 31.70
N GLU D 188 -36.89 -10.75 32.14
CA GLU D 188 -37.50 -11.64 33.11
C GLU D 188 -38.07 -12.89 32.49
N ASN D 189 -37.63 -13.26 31.29
CA ASN D 189 -38.14 -14.46 30.63
C ASN D 189 -37.12 -15.26 29.87
N VAL D 190 -35.86 -14.82 29.90
CA VAL D 190 -34.84 -15.54 29.16
C VAL D 190 -34.80 -17.01 29.61
N GLU D 191 -35.12 -17.26 30.88
CA GLU D 191 -35.12 -18.64 31.37
C GLU D 191 -36.12 -19.46 30.62
N TYR D 192 -37.30 -18.89 30.35
CA TYR D 192 -38.30 -19.62 29.57
C TYR D 192 -37.72 -19.91 28.18
N TYR D 193 -37.03 -18.93 27.59
CA TYR D 193 -36.45 -19.12 26.27
C TYR D 193 -35.46 -20.27 26.31
N ARG D 194 -34.55 -20.23 27.27
CA ARG D 194 -33.55 -21.28 27.41
C ARG D 194 -34.21 -22.66 27.54
N ASP D 195 -35.24 -22.73 28.39
CA ASP D 195 -35.93 -23.98 28.64
C ASP D 195 -36.72 -24.48 27.45
N ILE D 196 -37.26 -23.56 26.66
CA ILE D 196 -38.00 -23.94 25.47
C ILE D 196 -37.03 -24.65 24.53
N VAL D 197 -35.80 -24.13 24.48
CA VAL D 197 -34.77 -24.70 23.64
C VAL D 197 -34.22 -25.94 24.33
N LYS D 198 -34.21 -25.91 25.66
CA LYS D 198 -33.72 -27.04 26.44
C LYS D 198 -34.67 -28.19 26.13
N ALA D 199 -35.97 -27.87 26.05
CA ALA D 199 -37.00 -28.85 25.74
C ALA D 199 -36.78 -29.40 24.34
N TYR D 200 -36.61 -28.51 23.35
CA TYR D 200 -36.39 -28.95 21.97
C TYR D 200 -35.28 -29.99 21.86
N TYR D 201 -34.15 -29.74 22.51
CA TYR D 201 -33.03 -30.67 22.49
C TYR D 201 -33.23 -31.75 23.55
N GLY D 202 -34.50 -32.09 23.76
CA GLY D 202 -34.89 -33.12 24.71
C GLY D 202 -34.29 -33.08 26.10
N GLY D 203 -34.24 -31.88 26.68
CA GLY D 203 -33.70 -31.73 28.01
C GLY D 203 -32.19 -31.67 28.11
N ASP D 204 -31.49 -31.54 26.98
CA ASP D 204 -30.02 -31.49 27.00
C ASP D 204 -29.46 -30.08 26.82
N GLU D 205 -29.45 -29.31 27.90
CA GLU D 205 -28.95 -27.93 27.89
C GLU D 205 -27.53 -27.78 27.34
N GLU D 206 -26.75 -28.85 27.39
CA GLU D 206 -25.39 -28.79 26.88
C GLU D 206 -25.42 -28.70 25.35
N GLU D 207 -26.48 -29.24 24.74
CA GLU D 207 -26.62 -29.21 23.29
C GLU D 207 -27.31 -27.94 22.82
N ALA D 208 -28.17 -27.38 23.66
CA ALA D 208 -28.87 -26.15 23.33
C ALA D 208 -27.81 -25.06 23.19
N ARG D 209 -26.73 -25.22 23.93
CA ARG D 209 -25.62 -24.27 23.90
C ARG D 209 -24.75 -24.50 22.68
N LYS D 210 -24.46 -25.76 22.42
CA LYS D 210 -23.63 -26.16 21.28
C LYS D 210 -24.31 -25.85 19.94
N LYS D 211 -25.63 -26.07 19.88
CA LYS D 211 -26.38 -25.85 18.64
C LYS D 211 -27.49 -24.85 18.89
N PRO D 212 -27.13 -23.59 19.15
CA PRO D 212 -28.13 -22.56 19.41
C PRO D 212 -29.10 -22.24 18.29
N ILE D 213 -30.37 -22.64 18.45
CA ILE D 213 -31.38 -22.35 17.45
C ILE D 213 -32.08 -21.04 17.86
N PHE D 214 -31.59 -20.44 18.92
CA PHE D 214 -32.17 -19.21 19.44
C PHE D 214 -31.11 -18.18 19.83
N SER D 215 -31.32 -16.94 19.37
CA SER D 215 -30.46 -15.79 19.69
C SER D 215 -31.42 -14.65 19.99
N MET D 216 -30.90 -13.53 20.48
CA MET D 216 -31.77 -12.42 20.82
C MET D 216 -31.07 -11.06 20.84
N LEU D 217 -31.85 -10.02 20.57
CA LEU D 217 -31.40 -8.64 20.51
C LEU D 217 -31.82 -7.78 21.70
N LEU D 218 -31.13 -6.67 21.86
CA LEU D 218 -31.42 -5.71 22.92
C LEU D 218 -30.88 -4.38 22.41
N CYS D 219 -31.51 -3.27 22.81
CA CYS D 219 -31.04 -1.97 22.35
C CYS D 219 -30.59 -1.01 23.40
N PRO D 220 -29.38 -0.48 23.28
CA PRO D 220 -29.03 0.46 24.34
C PRO D 220 -29.98 1.66 24.16
N THR D 221 -30.33 2.34 25.24
CA THR D 221 -31.22 3.49 25.17
C THR D 221 -30.40 4.71 24.73
N SER D 222 -30.55 5.11 23.49
CA SER D 222 -29.78 6.24 23.00
C SER D 222 -30.31 7.56 23.56
N PRO D 223 -29.41 8.44 24.01
CA PRO D 223 -27.95 8.26 23.98
C PRO D 223 -27.27 7.92 25.30
N LEU D 224 -26.34 6.99 25.24
CA LEU D 224 -25.52 6.58 26.38
C LEU D 224 -26.08 5.93 27.65
N GLU D 225 -27.05 5.04 27.51
CA GLU D 225 -27.56 4.34 28.69
C GLU D 225 -28.10 2.94 28.43
N LEU D 226 -27.66 1.97 29.22
CA LEU D 226 -28.12 0.60 29.11
C LEU D 226 -29.22 0.39 30.16
N SER D 227 -30.41 0.00 29.74
CA SER D 227 -31.52 -0.21 30.67
C SER D 227 -31.44 -1.54 31.40
N VAL D 228 -32.30 -1.67 32.42
CA VAL D 228 -32.36 -2.89 33.20
C VAL D 228 -32.65 -4.06 32.27
N ASN D 229 -33.65 -3.87 31.41
CA ASN D 229 -34.02 -4.94 30.48
C ASN D 229 -32.84 -5.29 29.60
N ALA D 230 -32.25 -4.27 28.98
CA ALA D 230 -31.11 -4.51 28.10
C ALA D 230 -30.03 -5.28 28.83
N CYS D 231 -29.71 -4.86 30.05
CA CYS D 231 -28.67 -5.52 30.83
C CYS D 231 -29.01 -6.98 31.13
N GLN D 232 -30.25 -7.24 31.50
CA GLN D 232 -30.68 -8.60 31.80
C GLN D 232 -30.57 -9.49 30.57
N VAL D 233 -30.91 -8.95 29.40
CA VAL D 233 -30.83 -9.75 28.20
C VAL D 233 -29.38 -10.18 27.97
N ILE D 234 -28.46 -9.22 28.11
CA ILE D 234 -27.02 -9.47 27.94
C ILE D 234 -26.49 -10.44 28.99
N ILE D 235 -26.69 -10.11 30.26
CA ILE D 235 -26.21 -10.97 31.35
C ILE D 235 -26.73 -12.39 31.24
N LYS D 236 -28.05 -12.54 31.22
CA LYS D 236 -28.66 -13.87 31.13
C LYS D 236 -28.21 -14.56 29.87
N GLY D 237 -28.28 -13.84 28.75
CA GLY D 237 -27.86 -14.40 27.47
C GLY D 237 -26.44 -14.95 27.54
N ALA D 238 -25.54 -14.18 28.13
CA ALA D 238 -24.16 -14.62 28.28
C ALA D 238 -24.16 -15.87 29.16
N ARG D 239 -24.82 -15.77 30.30
CA ARG D 239 -24.92 -16.86 31.26
C ARG D 239 -25.58 -18.12 30.74
N PHE D 240 -26.55 -18.01 29.83
CA PHE D 240 -27.24 -19.20 29.31
C PHE D 240 -26.68 -19.77 28.01
N GLY D 241 -25.75 -19.05 27.39
CA GLY D 241 -25.16 -19.52 26.14
C GLY D 241 -26.02 -19.19 24.93
N ILE D 242 -26.65 -18.01 24.99
CA ILE D 242 -27.53 -17.54 23.94
C ILE D 242 -26.93 -16.34 23.22
N PRO D 243 -26.59 -16.50 21.93
CA PRO D 243 -26.00 -15.43 21.13
C PRO D 243 -26.78 -14.12 21.25
N VAL D 244 -26.12 -13.08 21.72
CA VAL D 244 -26.79 -11.80 21.90
C VAL D 244 -26.30 -10.70 20.97
N ASN D 245 -27.26 -10.04 20.33
CA ASN D 245 -27.03 -8.95 19.39
C ASN D 245 -27.17 -7.60 20.10
N VAL D 246 -26.05 -6.92 20.35
CA VAL D 246 -26.10 -5.60 21.01
C VAL D 246 -26.29 -4.53 19.93
N LEU D 247 -27.54 -4.29 19.56
CA LEU D 247 -27.91 -3.34 18.52
C LEU D 247 -28.32 -1.93 18.95
N SER D 248 -27.46 -0.94 18.71
CA SER D 248 -27.82 0.42 19.07
C SER D 248 -28.79 0.95 18.02
N MET D 249 -29.51 2.01 18.36
CA MET D 249 -30.52 2.61 17.48
C MET D 249 -30.63 4.10 17.78
N ALA D 250 -29.51 4.81 17.65
CA ALA D 250 -29.48 6.24 17.88
C ALA D 250 -29.99 6.92 16.62
N MET D 251 -30.28 8.22 16.69
CA MET D 251 -30.77 8.96 15.53
C MET D 251 -30.02 10.28 15.34
N SER D 252 -29.37 10.43 14.18
CA SER D 252 -28.63 11.67 13.86
C SER D 252 -29.57 12.85 14.01
N GLY D 253 -29.18 13.81 14.82
CA GLY D 253 -30.03 14.97 15.04
C GLY D 253 -31.04 14.74 16.17
N GLY D 254 -31.33 13.48 16.46
CA GLY D 254 -32.27 13.17 17.52
C GLY D 254 -31.59 12.88 18.84
N SER D 255 -31.05 11.67 18.98
CA SER D 255 -30.36 11.26 20.19
C SER D 255 -28.85 11.17 20.00
N SER D 256 -28.37 11.73 18.89
CA SER D 256 -26.96 11.73 18.57
C SER D 256 -26.70 12.87 17.60
N PRO D 257 -25.44 13.30 17.45
CA PRO D 257 -25.07 14.40 16.54
C PRO D 257 -25.65 14.26 15.13
N VAL D 258 -25.76 15.38 14.42
CA VAL D 258 -26.28 15.38 13.06
C VAL D 258 -25.23 14.73 12.17
N TYR D 259 -23.96 15.01 12.46
CA TYR D 259 -22.85 14.43 11.72
C TYR D 259 -22.87 12.92 11.92
N LEU D 260 -22.66 12.16 10.85
CA LEU D 260 -22.64 10.70 10.98
C LEU D 260 -21.44 10.21 11.81
N ALA D 261 -20.28 10.85 11.66
CA ALA D 261 -19.11 10.46 12.45
C ALA D 261 -19.45 10.52 13.94
N GLY D 262 -20.05 11.63 14.37
CA GLY D 262 -20.41 11.76 15.77
C GLY D 262 -21.44 10.74 16.18
N THR D 263 -22.36 10.42 15.27
CA THR D 263 -23.41 9.45 15.52
C THR D 263 -22.78 8.07 15.68
N LEU D 264 -21.68 7.85 14.99
CA LEU D 264 -21.02 6.56 15.12
C LEU D 264 -20.30 6.47 16.47
N VAL D 265 -19.80 7.60 16.99
CA VAL D 265 -19.12 7.58 18.28
C VAL D 265 -20.13 7.29 19.38
N THR D 266 -21.35 7.77 19.21
CA THR D 266 -22.37 7.52 20.22
C THR D 266 -22.72 6.04 20.08
N HIS D 267 -23.13 5.67 18.88
CA HIS D 267 -23.46 4.29 18.59
C HIS D 267 -22.37 3.36 19.15
N ASN D 268 -21.12 3.68 18.84
CA ASN D 268 -19.98 2.87 19.26
C ASN D 268 -19.84 2.77 20.78
N ALA D 269 -20.17 3.83 21.50
CA ALA D 269 -20.04 3.79 22.95
C ALA D 269 -21.10 2.88 23.57
N GLU D 270 -22.34 3.04 23.10
CA GLU D 270 -23.45 2.24 23.62
C GLU D 270 -23.30 0.76 23.37
N VAL D 271 -22.81 0.40 22.18
CA VAL D 271 -22.63 -1.00 21.84
C VAL D 271 -21.44 -1.67 22.52
N LEU D 272 -20.29 -0.99 22.54
CA LEU D 272 -19.11 -1.55 23.19
C LEU D 272 -19.41 -1.76 24.66
N SER D 273 -20.17 -0.84 25.26
CA SER D 273 -20.51 -0.97 26.67
C SER D 273 -21.30 -2.25 26.94
N GLY D 274 -22.23 -2.59 26.05
CA GLY D 274 -23.00 -3.81 26.24
C GLY D 274 -22.10 -5.02 25.98
N ILE D 275 -21.28 -4.94 24.95
CA ILE D 275 -20.37 -6.02 24.61
C ILE D 275 -19.43 -6.31 25.75
N VAL D 276 -19.03 -5.27 26.47
CA VAL D 276 -18.11 -5.43 27.58
C VAL D 276 -18.81 -6.03 28.80
N LEU D 277 -20.13 -5.91 28.85
CA LEU D 277 -20.87 -6.48 29.97
C LEU D 277 -20.94 -7.98 29.71
N ALA D 278 -21.32 -8.33 28.50
CA ALA D 278 -21.41 -9.72 28.11
C ALA D 278 -20.07 -10.39 28.42
N GLN D 279 -18.98 -9.80 27.95
CA GLN D 279 -17.66 -10.37 28.15
C GLN D 279 -17.20 -10.40 29.62
N LEU D 280 -17.62 -9.42 30.42
CA LEU D 280 -17.25 -9.45 31.82
C LEU D 280 -18.14 -10.45 32.61
N THR D 281 -19.35 -10.71 32.11
CA THR D 281 -20.26 -11.64 32.75
C THR D 281 -19.85 -13.09 32.49
N VAL D 282 -19.43 -13.37 31.26
CA VAL D 282 -18.97 -14.73 30.89
C VAL D 282 -17.96 -14.66 29.75
N PRO D 283 -16.65 -14.68 30.06
CA PRO D 283 -15.68 -14.62 28.97
C PRO D 283 -16.07 -15.50 27.80
N GLY D 284 -15.93 -14.98 26.58
CA GLY D 284 -16.27 -15.73 25.40
C GLY D 284 -17.74 -15.74 25.01
N ALA D 285 -18.57 -14.91 25.62
CA ALA D 285 -20.00 -14.87 25.28
C ALA D 285 -20.13 -14.48 23.81
N LYS D 286 -21.08 -15.08 23.12
CA LYS D 286 -21.28 -14.78 21.71
C LYS D 286 -22.07 -13.49 21.56
N VAL D 287 -21.44 -12.51 20.95
CA VAL D 287 -22.09 -11.22 20.74
C VAL D 287 -21.95 -10.69 19.31
N TRP D 288 -22.85 -9.78 18.98
CA TRP D 288 -22.93 -9.12 17.69
C TRP D 288 -22.78 -7.62 17.91
N TYR D 289 -21.99 -6.98 17.06
CA TYR D 289 -21.83 -5.53 17.11
C TYR D 289 -23.00 -5.25 16.19
N GLY D 290 -24.03 -4.57 16.68
CA GLY D 290 -25.19 -4.34 15.84
C GLY D 290 -25.69 -2.92 15.69
N SER D 291 -26.47 -2.69 14.63
CA SER D 291 -27.00 -1.36 14.38
C SER D 291 -28.22 -1.26 13.50
N SER D 292 -28.93 -0.16 13.71
CA SER D 292 -30.12 0.23 12.97
C SER D 292 -30.16 1.72 13.18
N THR D 293 -29.01 2.25 13.57
CA THR D 293 -28.86 3.68 13.78
C THR D 293 -29.15 4.38 12.46
N THR D 294 -30.00 5.39 12.52
CA THR D 294 -30.33 6.12 11.32
C THR D 294 -30.20 7.61 11.59
N THR D 295 -30.82 8.42 10.74
CA THR D 295 -30.76 9.86 10.90
C THR D 295 -32.19 10.39 11.10
N PHE D 296 -32.35 11.30 12.06
CA PHE D 296 -33.66 11.85 12.33
C PHE D 296 -33.90 12.93 11.28
N ASP D 297 -35.12 13.00 10.77
CA ASP D 297 -35.44 14.00 9.76
C ASP D 297 -35.97 15.27 10.44
N LEU D 298 -35.09 16.26 10.57
CA LEU D 298 -35.40 17.51 11.21
C LEU D 298 -36.48 18.32 10.48
N LYS D 299 -36.70 18.03 9.19
CA LYS D 299 -37.71 18.79 8.45
C LYS D 299 -38.99 18.01 8.23
N LYS D 300 -39.08 16.82 8.81
CA LYS D 300 -40.27 16.00 8.65
C LYS D 300 -40.68 15.44 10.00
N GLY D 301 -39.81 15.61 10.99
CA GLY D 301 -40.07 15.14 12.34
C GLY D 301 -40.46 13.68 12.32
N THR D 302 -39.73 12.91 11.53
CA THR D 302 -39.98 11.49 11.40
C THR D 302 -38.62 10.79 11.52
N ALA D 303 -38.63 9.46 11.66
CA ALA D 303 -37.40 8.66 11.79
C ALA D 303 -37.17 7.83 10.53
N PRO D 304 -36.90 8.49 9.39
CA PRO D 304 -36.67 7.80 8.10
C PRO D 304 -35.69 6.65 8.24
N VAL D 305 -35.81 5.67 7.37
CA VAL D 305 -34.96 4.50 7.47
C VAL D 305 -34.61 3.91 6.10
N GLY D 306 -35.05 4.58 5.03
CA GLY D 306 -34.77 4.15 3.68
C GLY D 306 -33.89 5.21 3.04
N SER D 307 -33.26 6.00 3.89
CA SER D 307 -32.42 7.09 3.45
C SER D 307 -31.01 6.63 3.14
N PRO D 308 -30.22 7.45 2.45
CA PRO D 308 -28.87 6.99 2.16
C PRO D 308 -28.02 7.05 3.45
N GLU D 309 -28.50 7.74 4.47
CA GLU D 309 -27.75 7.82 5.74
C GLU D 309 -27.81 6.50 6.50
N LEU D 310 -28.97 5.84 6.50
CA LEU D 310 -29.08 4.56 7.18
C LEU D 310 -28.17 3.57 6.45
N GLY D 311 -28.19 3.62 5.11
CA GLY D 311 -27.35 2.75 4.33
C GLY D 311 -25.88 2.98 4.67
N LEU D 312 -25.48 4.24 4.77
CA LEU D 312 -24.10 4.58 5.13
C LEU D 312 -23.76 4.11 6.55
N ILE D 313 -24.63 4.40 7.50
CA ILE D 313 -24.38 3.99 8.88
C ILE D 313 -24.19 2.48 9.03
N SER D 314 -25.09 1.68 8.43
CA SER D 314 -24.96 0.24 8.47
C SER D 314 -23.59 -0.15 7.94
N ALA D 315 -23.28 0.32 6.73
CA ALA D 315 -21.99 0.04 6.09
C ALA D 315 -20.81 0.38 7.00
N ALA D 316 -20.84 1.57 7.60
CA ALA D 316 -19.80 2.02 8.51
C ALA D 316 -19.72 1.07 9.71
N VAL D 317 -20.87 0.63 10.19
CA VAL D 317 -20.91 -0.26 11.35
C VAL D 317 -20.33 -1.63 11.03
N ALA D 318 -20.53 -2.12 9.80
CA ALA D 318 -19.98 -3.41 9.41
C ALA D 318 -18.46 -3.27 9.34
N LYS D 319 -18.01 -2.07 8.98
CA LYS D 319 -16.60 -1.80 8.89
C LYS D 319 -16.01 -1.70 10.28
N LEU D 320 -16.76 -1.09 11.19
CA LEU D 320 -16.30 -0.95 12.57
C LEU D 320 -16.21 -2.31 13.24
N ALA D 321 -17.24 -3.12 13.07
CA ALA D 321 -17.29 -4.45 13.65
C ALA D 321 -16.03 -5.16 13.24
N GLN D 322 -15.81 -5.15 11.94
CA GLN D 322 -14.68 -5.80 11.33
C GLN D 322 -13.38 -5.24 11.91
N PHE D 323 -13.38 -3.96 12.23
CA PHE D 323 -12.21 -3.30 12.80
C PHE D 323 -11.93 -3.82 14.20
N TYR D 324 -12.98 -4.24 14.90
CA TYR D 324 -12.87 -4.74 16.26
C TYR D 324 -12.79 -6.25 16.34
N GLY D 325 -13.03 -6.91 15.21
CA GLY D 325 -12.97 -8.35 15.19
C GLY D 325 -14.27 -9.02 15.53
N LEU D 326 -15.39 -8.34 15.30
CA LEU D 326 -16.70 -8.88 15.62
C LEU D 326 -17.67 -9.09 14.45
N PRO D 327 -18.70 -9.93 14.65
CA PRO D 327 -19.71 -10.20 13.63
C PRO D 327 -20.65 -9.00 13.67
N SER D 328 -21.10 -8.52 12.52
CA SER D 328 -22.00 -7.37 12.46
C SER D 328 -23.45 -7.73 12.12
N TYR D 329 -24.37 -6.94 12.68
CA TYR D 329 -25.81 -7.11 12.46
C TYR D 329 -26.33 -5.71 12.22
N VAL D 330 -26.67 -5.39 10.98
CA VAL D 330 -27.14 -4.06 10.65
C VAL D 330 -28.42 -4.00 9.86
N ALA D 331 -28.98 -2.80 9.79
CA ALA D 331 -30.22 -2.51 9.06
C ALA D 331 -29.97 -2.40 7.56
N GLY D 332 -30.90 -2.95 6.78
CA GLY D 332 -30.79 -2.91 5.34
C GLY D 332 -32.11 -3.32 4.72
N SER D 333 -32.22 -3.18 3.40
CA SER D 333 -33.45 -3.50 2.68
C SER D 333 -34.64 -2.94 3.44
CA PYL D 334 -35.60 -0.97 4.53
C PYL D 334 -36.20 0.09 3.64
N PYL D 334 -34.54 -1.66 3.80
N SER D 335 -37.32 0.68 4.09
CA SER D 335 -38.01 1.71 3.33
C SER D 335 -39.01 2.50 4.16
N ASP D 336 -39.28 3.73 3.75
CA ASP D 336 -40.22 4.62 4.43
C ASP D 336 -41.60 4.50 3.76
N ALA D 337 -41.61 4.02 2.52
CA ALA D 337 -42.83 3.87 1.73
C ALA D 337 -43.97 3.17 2.46
N LYS D 338 -45.18 3.65 2.23
CA LYS D 338 -46.37 3.10 2.85
C LYS D 338 -47.00 2.02 1.99
N VAL D 339 -46.50 1.88 0.77
CA VAL D 339 -47.02 0.88 -0.16
C VAL D 339 -45.84 0.39 -1.01
N PRO D 340 -45.84 -0.90 -1.40
CA PRO D 340 -44.71 -1.40 -2.21
C PRO D 340 -44.66 -0.82 -3.62
N ASP D 341 -44.27 0.46 -3.71
CA ASP D 341 -44.19 1.17 -4.98
C ASP D 341 -42.75 1.46 -5.37
N ASP D 342 -42.60 2.30 -6.39
CA ASP D 342 -41.30 2.69 -6.92
C ASP D 342 -40.35 3.15 -5.80
N GLN D 343 -40.90 3.75 -4.75
CA GLN D 343 -40.07 4.21 -3.64
C GLN D 343 -39.50 3.03 -2.83
N ALA D 344 -40.31 2.00 -2.60
CA ALA D 344 -39.86 0.84 -1.85
C ALA D 344 -38.62 0.23 -2.52
N GLY D 345 -38.76 -0.16 -3.78
CA GLY D 345 -37.65 -0.75 -4.51
C GLY D 345 -36.36 0.05 -4.40
N HIS D 346 -36.46 1.37 -4.49
CA HIS D 346 -35.29 2.22 -4.40
C HIS D 346 -34.67 2.14 -3.02
N GLU D 347 -35.42 2.58 -2.02
CA GLU D 347 -34.92 2.59 -0.66
C GLU D 347 -34.37 1.24 -0.22
N LYS D 348 -35.09 0.19 -0.53
CA LYS D 348 -34.66 -1.15 -0.18
C LYS D 348 -33.26 -1.35 -0.72
N THR D 349 -33.12 -1.22 -2.03
CA THR D 349 -31.85 -1.39 -2.73
C THR D 349 -30.74 -0.46 -2.21
N MET D 350 -31.10 0.79 -2.01
CA MET D 350 -30.16 1.77 -1.52
C MET D 350 -29.59 1.26 -0.20
N THR D 351 -30.50 1.00 0.74
CA THR D 351 -30.15 0.54 2.09
C THR D 351 -29.58 -0.86 2.28
N THR D 352 -29.60 -1.69 1.25
CA THR D 352 -29.05 -3.05 1.41
C THR D 352 -27.72 -3.16 0.67
N LEU D 353 -27.64 -2.55 -0.51
CA LEU D 353 -26.45 -2.60 -1.33
C LEU D 353 -25.20 -2.00 -0.68
N LEU D 354 -25.34 -0.87 0.01
CA LEU D 354 -24.18 -0.29 0.66
C LEU D 354 -23.66 -1.25 1.72
N PRO D 355 -24.53 -1.68 2.66
CA PRO D 355 -24.07 -2.62 3.70
C PRO D 355 -23.65 -3.99 3.17
N ALA D 356 -24.26 -4.43 2.09
CA ALA D 356 -23.88 -5.73 1.53
C ALA D 356 -22.45 -5.59 0.99
N LEU D 357 -22.23 -4.57 0.17
CA LEU D 357 -20.91 -4.36 -0.42
C LEU D 357 -19.85 -4.12 0.65
N ALA D 358 -20.25 -3.48 1.74
CA ALA D 358 -19.32 -3.22 2.82
C ALA D 358 -19.05 -4.48 3.64
N GLY D 359 -19.95 -5.46 3.55
CA GLY D 359 -19.74 -6.69 4.28
C GLY D 359 -20.38 -6.94 5.64
N ALA D 360 -21.54 -6.35 5.91
CA ALA D 360 -22.23 -6.60 7.17
C ALA D 360 -22.59 -8.11 7.18
N ASN D 361 -22.39 -8.78 8.31
CA ASN D 361 -22.64 -10.23 8.39
C ASN D 361 -24.11 -10.64 8.41
N THR D 362 -24.94 -9.69 8.81
CA THR D 362 -26.38 -9.88 8.81
C THR D 362 -26.98 -8.52 8.52
N ILE D 363 -27.85 -8.47 7.52
CA ILE D 363 -28.56 -7.25 7.13
C ILE D 363 -30.06 -7.58 7.34
N TYR D 364 -30.66 -7.08 8.41
CA TYR D 364 -32.05 -7.38 8.68
C TYR D 364 -32.95 -6.27 8.21
N GLY D 365 -34.11 -6.64 7.69
CA GLY D 365 -35.05 -5.66 7.20
C GLY D 365 -35.97 -6.16 6.10
N ALA D 366 -35.63 -7.26 5.45
CA ALA D 366 -36.50 -7.76 4.38
C ALA D 366 -37.95 -7.79 4.86
N GLY D 367 -38.86 -7.45 3.97
CA GLY D 367 -40.27 -7.44 4.31
C GLY D 367 -40.75 -6.15 4.96
N MET D 368 -39.82 -5.38 5.51
CA MET D 368 -40.19 -4.13 6.18
C MET D 368 -40.93 -3.17 5.25
N LEU D 369 -41.48 -2.12 5.83
CA LEU D 369 -42.23 -1.14 5.07
C LEU D 369 -42.73 -0.12 6.07
N GLU D 370 -43.02 1.10 5.60
CA GLU D 370 -43.53 2.16 6.45
C GLU D 370 -42.75 2.37 7.74
N LEU D 371 -41.47 2.68 7.62
CA LEU D 371 -40.62 2.95 8.78
C LEU D 371 -40.51 1.88 9.85
N GLY D 372 -40.93 0.66 9.54
CA GLY D 372 -40.84 -0.41 10.52
C GLY D 372 -42.15 -0.72 11.23
N MET D 373 -43.20 0.02 10.89
CA MET D 373 -44.49 -0.20 11.53
C MET D 373 -45.23 -1.36 10.87
N THR D 374 -44.99 -1.58 9.59
CA THR D 374 -45.67 -2.66 8.89
C THR D 374 -44.75 -3.70 8.30
N PHE D 375 -45.24 -4.92 8.23
CA PHE D 375 -44.49 -5.99 7.62
C PHE D 375 -45.31 -6.37 6.40
N SER D 376 -44.64 -6.64 5.29
CA SER D 376 -45.31 -7.00 4.04
C SER D 376 -44.71 -8.25 3.42
N MET D 377 -45.56 -9.23 3.18
CA MET D 377 -45.09 -10.46 2.58
C MET D 377 -44.78 -10.19 1.10
N GLU D 378 -45.54 -9.27 0.50
CA GLU D 378 -45.30 -8.94 -0.90
C GLU D 378 -43.90 -8.36 -1.01
N GLN D 379 -43.63 -7.29 -0.27
CA GLN D 379 -42.32 -6.67 -0.29
C GLN D 379 -41.29 -7.69 0.18
N LEU D 380 -41.69 -8.56 1.11
CA LEU D 380 -40.78 -9.57 1.63
C LEU D 380 -40.32 -10.51 0.54
N VAL D 381 -41.22 -10.96 -0.32
CA VAL D 381 -40.82 -11.86 -1.39
C VAL D 381 -40.04 -11.12 -2.46
N ILE D 382 -40.30 -9.83 -2.59
CA ILE D 382 -39.60 -8.99 -3.54
C ILE D 382 -38.16 -8.79 -3.06
N ASP D 383 -38.02 -8.53 -1.75
CA ASP D 383 -36.71 -8.31 -1.12
C ASP D 383 -35.85 -9.54 -1.26
N ASN D 384 -36.46 -10.71 -1.17
CA ASN D 384 -35.72 -11.96 -1.30
C ASN D 384 -35.05 -11.98 -2.67
N ASP D 385 -35.80 -11.54 -3.68
CA ASP D 385 -35.36 -11.49 -5.07
C ASP D 385 -34.28 -10.43 -5.28
N ILE D 386 -34.49 -9.27 -4.65
CA ILE D 386 -33.51 -8.20 -4.75
C ILE D 386 -32.14 -8.62 -4.20
N PHE D 387 -32.10 -9.58 -3.27
CA PHE D 387 -30.83 -10.04 -2.71
C PHE D 387 -30.17 -11.04 -3.65
N SER D 388 -30.92 -11.55 -4.61
CA SER D 388 -30.31 -12.48 -5.55
C SER D 388 -29.48 -11.59 -6.45
N MET D 389 -30.10 -10.51 -6.92
CA MET D 389 -29.44 -9.55 -7.81
C MET D 389 -28.27 -8.91 -7.10
N VAL D 390 -28.41 -8.69 -5.79
CA VAL D 390 -27.32 -8.09 -5.03
C VAL D 390 -26.16 -9.08 -4.84
N LYS D 391 -26.48 -10.35 -4.68
CA LYS D 391 -25.43 -11.35 -4.55
C LYS D 391 -24.64 -11.43 -5.85
N LYS D 392 -25.33 -11.50 -6.98
CA LYS D 392 -24.65 -11.56 -8.26
C LYS D 392 -23.72 -10.36 -8.40
N ALA D 393 -24.22 -9.18 -8.08
CA ALA D 393 -23.41 -7.97 -8.15
C ALA D 393 -22.14 -8.18 -7.30
N MET D 394 -22.31 -8.79 -6.12
CA MET D 394 -21.18 -9.03 -5.24
C MET D 394 -20.10 -9.95 -5.81
N GLN D 395 -20.41 -10.61 -6.92
CA GLN D 395 -19.43 -11.50 -7.53
C GLN D 395 -18.43 -10.63 -8.27
N GLY D 396 -18.74 -9.34 -8.32
CA GLY D 396 -17.88 -8.39 -8.99
C GLY D 396 -17.56 -8.83 -10.40
N ILE D 397 -16.30 -8.66 -10.76
CA ILE D 397 -15.85 -9.05 -12.09
C ILE D 397 -14.59 -9.89 -11.97
N PRO D 398 -14.77 -11.21 -12.02
CA PRO D 398 -13.65 -12.14 -11.91
C PRO D 398 -12.74 -12.03 -13.12
N VAL D 399 -11.46 -11.76 -12.87
CA VAL D 399 -10.54 -11.63 -13.98
C VAL D 399 -9.51 -12.74 -14.00
N SER D 400 -9.73 -13.71 -14.89
CA SER D 400 -8.79 -14.82 -15.04
C SER D 400 -8.61 -15.07 -16.53
N GLU D 401 -7.71 -15.98 -16.88
CA GLU D 401 -7.47 -16.27 -18.27
C GLU D 401 -8.70 -16.91 -18.92
N GLU D 402 -9.39 -17.78 -18.18
CA GLU D 402 -10.57 -18.43 -18.72
C GLU D 402 -11.70 -17.45 -18.97
N THR D 403 -11.93 -16.52 -18.03
CA THR D 403 -12.99 -15.53 -18.17
C THR D 403 -12.68 -14.43 -19.15
N LEU D 404 -11.40 -14.07 -19.29
CA LEU D 404 -11.03 -13.04 -20.25
C LEU D 404 -11.49 -13.58 -21.61
N ALA D 405 -11.50 -14.91 -21.71
CA ALA D 405 -11.97 -15.66 -22.88
C ALA D 405 -11.48 -15.24 -24.25
N VAL D 406 -10.22 -14.85 -24.36
CA VAL D 406 -9.68 -14.40 -25.64
C VAL D 406 -9.93 -15.42 -26.77
N GLU D 407 -9.72 -16.70 -26.48
CA GLU D 407 -9.93 -17.74 -27.49
C GLU D 407 -11.36 -17.73 -28.02
N SER D 408 -12.31 -17.57 -27.09
CA SER D 408 -13.71 -17.52 -27.44
C SER D 408 -13.94 -16.40 -28.45
N ILE D 409 -13.45 -15.21 -28.12
CA ILE D 409 -13.62 -14.05 -29.00
C ILE D 409 -13.02 -14.34 -30.37
N GLN D 410 -11.91 -15.07 -30.36
CA GLN D 410 -11.25 -15.40 -31.59
C GLN D 410 -12.05 -16.42 -32.38
N LYS D 411 -12.56 -17.43 -31.69
CA LYS D 411 -13.34 -18.47 -32.34
C LYS D 411 -14.57 -17.84 -32.99
N VAL D 412 -15.27 -17.01 -32.23
CA VAL D 412 -16.47 -16.36 -32.72
C VAL D 412 -16.18 -15.33 -33.81
N GLY D 413 -14.96 -14.80 -33.81
CA GLY D 413 -14.57 -13.81 -34.80
C GLY D 413 -15.48 -12.60 -34.94
N ILE D 414 -15.27 -11.85 -36.01
CA ILE D 414 -16.06 -10.66 -36.29
C ILE D 414 -17.46 -10.95 -36.85
N GLY D 415 -18.44 -10.18 -36.41
CA GLY D 415 -19.82 -10.33 -36.89
C GLY D 415 -20.73 -11.46 -36.42
N ASN D 416 -20.22 -12.43 -35.68
CA ASN D 416 -21.06 -13.54 -35.22
C ASN D 416 -21.46 -13.41 -33.76
N ASN D 417 -22.26 -14.36 -33.27
CA ASN D 417 -22.72 -14.33 -31.88
C ASN D 417 -22.17 -15.49 -31.05
N PHE D 418 -22.37 -15.42 -29.74
CA PHE D 418 -21.87 -16.46 -28.84
C PHE D 418 -22.93 -17.43 -28.32
N LEU D 419 -24.17 -17.29 -28.80
CA LEU D 419 -25.26 -18.14 -28.34
C LEU D 419 -24.96 -19.65 -28.40
N ALA D 420 -24.20 -20.09 -29.40
CA ALA D 420 -23.91 -21.51 -29.55
C ALA D 420 -22.55 -22.05 -29.07
N LEU D 421 -21.74 -21.24 -28.39
CA LEU D 421 -20.46 -21.76 -27.91
C LEU D 421 -20.71 -22.70 -26.74
N LYS D 422 -19.95 -23.78 -26.65
CA LYS D 422 -20.12 -24.73 -25.56
C LYS D 422 -20.06 -23.98 -24.24
N GLN D 423 -19.10 -23.07 -24.13
CA GLN D 423 -18.89 -22.24 -22.95
C GLN D 423 -20.14 -21.44 -22.54
N THR D 424 -20.88 -20.94 -23.54
CA THR D 424 -22.09 -20.14 -23.31
C THR D 424 -23.25 -21.01 -22.85
N ARG D 425 -23.16 -22.28 -23.20
CA ARG D 425 -24.18 -23.27 -22.89
C ARG D 425 -24.00 -23.73 -21.45
N GLN D 426 -22.76 -24.05 -21.11
CA GLN D 426 -22.40 -24.55 -19.79
C GLN D 426 -22.56 -23.53 -18.67
N LEU D 427 -22.57 -22.25 -19.03
CA LEU D 427 -22.74 -21.20 -18.04
C LEU D 427 -24.11 -20.59 -18.10
N VAL D 428 -25.09 -21.33 -18.62
CA VAL D 428 -26.43 -20.80 -18.72
C VAL D 428 -27.00 -20.32 -17.39
N ASP D 429 -26.59 -20.94 -16.29
CA ASP D 429 -27.09 -20.56 -14.98
C ASP D 429 -26.26 -19.51 -14.24
N TYR D 430 -25.08 -19.18 -14.76
CA TYR D 430 -24.21 -18.20 -14.13
C TYR D 430 -24.85 -16.81 -14.07
N PRO D 431 -25.42 -16.34 -15.20
CA PRO D 431 -26.04 -15.00 -15.24
C PRO D 431 -27.24 -14.89 -14.32
N SER D 432 -27.50 -13.68 -13.86
CA SER D 432 -28.63 -13.45 -12.98
C SER D 432 -29.93 -13.90 -13.64
N ASN D 433 -30.84 -14.38 -12.80
CA ASN D 433 -32.15 -14.83 -13.25
C ASN D 433 -33.21 -14.59 -12.18
N PRO D 434 -33.58 -13.31 -11.96
CA PRO D 434 -34.59 -13.02 -10.95
C PRO D 434 -35.87 -13.84 -11.08
N MET D 435 -36.37 -14.28 -9.93
CA MET D 435 -37.59 -15.07 -9.83
C MET D 435 -38.83 -14.23 -10.12
N LEU D 436 -38.86 -12.99 -9.60
CA LEU D 436 -40.00 -12.12 -9.78
C LEU D 436 -39.84 -10.92 -10.70
N LEU D 437 -38.64 -10.37 -10.82
CA LEU D 437 -38.43 -9.21 -11.71
C LEU D 437 -38.71 -9.60 -13.15
N ASP D 438 -39.53 -8.81 -13.84
CA ASP D 438 -39.91 -9.12 -15.22
C ASP D 438 -38.91 -8.57 -16.22
N ARG D 439 -38.42 -9.44 -17.10
CA ARG D 439 -37.46 -8.99 -18.11
C ARG D 439 -38.01 -9.15 -19.53
N HIS D 440 -39.28 -9.51 -19.63
CA HIS D 440 -39.97 -9.70 -20.90
C HIS D 440 -40.25 -8.36 -21.58
N MET D 441 -40.66 -8.44 -22.84
CA MET D 441 -41.01 -7.24 -23.60
C MET D 441 -42.52 -7.08 -23.47
N PHE D 442 -42.96 -5.83 -23.46
CA PHE D 442 -44.36 -5.46 -23.33
C PHE D 442 -45.34 -6.54 -23.80
N GLY D 443 -45.13 -7.03 -25.02
CA GLY D 443 -45.98 -8.06 -25.59
C GLY D 443 -46.31 -9.25 -24.68
N ASP D 444 -45.30 -9.77 -23.99
CA ASP D 444 -45.53 -10.91 -23.10
C ASP D 444 -46.01 -10.42 -21.77
N TRP D 445 -45.44 -9.31 -21.34
CA TRP D 445 -45.82 -8.74 -20.07
C TRP D 445 -47.31 -8.43 -20.12
N ALA D 446 -47.72 -7.71 -21.17
CA ALA D 446 -49.11 -7.33 -21.36
C ALA D 446 -50.01 -8.55 -21.46
N ALA D 447 -49.50 -9.58 -22.11
CA ALA D 447 -50.22 -10.84 -22.33
C ALA D 447 -50.28 -11.69 -21.07
N ALA D 448 -49.63 -11.21 -20.02
CA ALA D 448 -49.59 -11.93 -18.76
C ALA D 448 -50.42 -11.17 -17.73
N GLY D 449 -51.05 -10.08 -18.16
CA GLY D 449 -51.88 -9.32 -17.24
C GLY D 449 -51.40 -7.90 -17.02
N SER D 450 -50.23 -7.57 -17.56
CA SER D 450 -49.65 -6.24 -17.39
C SER D 450 -49.50 -5.99 -15.89
N LYS D 451 -49.21 -7.05 -15.17
CA LYS D 451 -49.04 -7.00 -13.72
C LYS D 451 -47.80 -6.24 -13.32
N ASP D 452 -47.85 -5.65 -12.14
CA ASP D 452 -46.70 -4.91 -11.62
C ASP D 452 -46.05 -5.88 -10.66
N LEU D 453 -44.81 -5.60 -10.26
CA LEU D 453 -44.11 -6.49 -9.34
C LEU D 453 -44.96 -6.77 -8.09
N ALA D 454 -45.59 -5.73 -7.56
CA ALA D 454 -46.41 -5.88 -6.37
C ALA D 454 -47.43 -7.02 -6.46
N THR D 455 -48.23 -7.05 -7.52
CA THR D 455 -49.22 -8.11 -7.67
C THR D 455 -48.58 -9.45 -7.96
N VAL D 456 -47.48 -9.45 -8.73
CA VAL D 456 -46.81 -10.70 -9.04
C VAL D 456 -46.27 -11.28 -7.73
N ALA D 457 -45.82 -10.40 -6.84
CA ALA D 457 -45.28 -10.81 -5.56
C ALA D 457 -46.39 -11.42 -4.72
N HIS D 458 -47.54 -10.76 -4.72
CA HIS D 458 -48.68 -11.25 -3.96
C HIS D 458 -49.13 -12.62 -4.46
N GLU D 459 -49.00 -12.87 -5.76
CA GLU D 459 -49.40 -14.16 -6.28
C GLU D 459 -48.45 -15.21 -5.75
N LYS D 460 -47.17 -14.84 -5.66
CA LYS D 460 -46.16 -15.75 -5.16
C LYS D 460 -46.37 -15.99 -3.66
N VAL D 461 -46.68 -14.92 -2.93
CA VAL D 461 -46.91 -15.02 -1.49
C VAL D 461 -48.05 -16.00 -1.23
N GLU D 462 -49.15 -15.86 -1.96
CA GLU D 462 -50.29 -16.74 -1.80
C GLU D 462 -49.98 -18.19 -2.21
N ASP D 463 -48.96 -18.36 -3.05
CA ASP D 463 -48.55 -19.68 -3.52
C ASP D 463 -47.66 -20.40 -2.50
N VAL D 464 -46.67 -19.69 -1.98
CA VAL D 464 -45.76 -20.25 -0.99
C VAL D 464 -46.53 -20.69 0.26
N LEU D 465 -47.44 -19.83 0.72
CA LEU D 465 -48.23 -20.13 1.90
C LEU D 465 -49.27 -21.22 1.68
N LYS D 466 -49.40 -21.69 0.45
CA LYS D 466 -50.37 -22.72 0.14
C LYS D 466 -49.72 -24.07 -0.20
N ASN D 467 -48.45 -24.04 -0.63
CA ASN D 467 -47.78 -25.28 -1.00
C ASN D 467 -46.50 -25.59 -0.21
N HIS D 468 -45.82 -24.56 0.27
CA HIS D 468 -44.58 -24.80 1.00
C HIS D 468 -44.80 -25.50 2.33
N GLN D 469 -43.94 -26.48 2.60
CA GLN D 469 -44.01 -27.26 3.82
C GLN D 469 -42.78 -27.02 4.68
N VAL D 470 -43.01 -26.78 5.97
CA VAL D 470 -41.91 -26.56 6.91
C VAL D 470 -41.71 -27.84 7.72
N THR D 471 -40.46 -28.20 8.00
CA THR D 471 -40.18 -29.41 8.77
C THR D 471 -40.71 -29.21 10.19
N PRO D 472 -41.76 -29.94 10.57
CA PRO D 472 -42.34 -29.81 11.91
C PRO D 472 -41.47 -30.39 13.03
N ILE D 473 -41.64 -29.85 14.24
CA ILE D 473 -40.89 -30.36 15.38
C ILE D 473 -41.66 -31.58 15.82
N ASP D 474 -40.95 -32.56 16.37
CA ASP D 474 -41.58 -33.79 16.83
C ASP D 474 -42.73 -33.53 17.80
N ALA D 475 -43.79 -34.31 17.66
CA ALA D 475 -45.00 -34.18 18.49
C ALA D 475 -44.72 -34.17 19.98
N ASP D 476 -43.84 -35.05 20.43
CA ASP D 476 -43.51 -35.11 21.86
C ASP D 476 -42.76 -33.86 22.29
N ILE D 477 -41.74 -33.48 21.52
CA ILE D 477 -40.96 -32.30 21.82
C ILE D 477 -41.84 -31.06 21.82
N PHE D 478 -42.67 -30.91 20.80
CA PHE D 478 -43.51 -29.72 20.76
C PHE D 478 -44.37 -29.61 22.02
N LYS D 479 -44.62 -30.73 22.68
CA LYS D 479 -45.44 -30.73 23.90
C LYS D 479 -44.63 -30.21 25.06
N ASP D 480 -43.42 -30.74 25.23
CA ASP D 480 -42.56 -30.32 26.32
C ASP D 480 -42.16 -28.86 26.16
N MET D 481 -42.17 -28.36 24.93
CA MET D 481 -41.83 -26.96 24.66
C MET D 481 -43.07 -26.11 24.87
N GLN D 482 -44.23 -26.66 24.52
CA GLN D 482 -45.49 -25.95 24.68
C GLN D 482 -45.81 -25.74 26.17
N ALA D 483 -45.46 -26.72 26.99
CA ALA D 483 -45.70 -26.66 28.43
C ALA D 483 -45.11 -25.39 29.04
N ILE D 484 -43.87 -25.08 28.64
CA ILE D 484 -43.17 -23.89 29.14
C ILE D 484 -43.95 -22.63 28.80
N VAL D 485 -44.56 -22.61 27.60
CA VAL D 485 -45.34 -21.46 27.19
C VAL D 485 -46.51 -21.39 28.15
N ASP D 486 -47.12 -22.55 28.37
CA ASP D 486 -48.26 -22.62 29.28
C ASP D 486 -47.80 -22.19 30.67
N LYS D 487 -46.67 -22.71 31.11
CA LYS D 487 -46.13 -22.36 32.43
C LYS D 487 -45.94 -20.86 32.53
N ALA D 488 -45.58 -20.22 31.42
CA ALA D 488 -45.36 -18.78 31.40
C ALA D 488 -46.67 -18.00 31.38
N ASP D 489 -47.71 -18.58 30.79
CA ASP D 489 -48.99 -17.89 30.77
C ASP D 489 -49.63 -17.99 32.14
N LYS D 490 -49.44 -19.13 32.82
CA LYS D 490 -49.98 -19.31 34.16
C LYS D 490 -49.38 -18.23 35.03
N ALA D 491 -48.05 -18.22 35.11
CA ALA D 491 -47.31 -17.25 35.90
C ALA D 491 -47.74 -15.83 35.57
N PHE D 492 -47.87 -15.53 34.28
CA PHE D 492 -48.28 -14.19 33.86
C PHE D 492 -49.60 -13.78 34.51
N ARG D 493 -50.64 -14.60 34.32
CA ARG D 493 -51.96 -14.33 34.87
C ARG D 493 -51.94 -14.41 36.40
N GLY D 494 -51.01 -15.20 36.94
CA GLY D 494 -50.90 -15.32 38.39
C GLY D 494 -50.36 -14.03 38.99
N MET D 495 -50.51 -12.95 38.24
CA MET D 495 -50.06 -11.62 38.66
C MET D 495 -51.16 -10.61 38.35
N ALA E 2 25.32 -20.10 14.99
CA ALA E 2 26.15 -18.87 14.93
C ALA E 2 25.27 -17.64 14.76
N LYS E 3 25.92 -16.48 14.62
CA LYS E 3 25.20 -15.21 14.43
C LYS E 3 24.53 -15.22 13.07
N ASN E 4 23.26 -14.81 13.04
CA ASN E 4 22.53 -14.79 11.79
C ASN E 4 23.22 -13.91 10.77
N ASN E 5 23.09 -14.29 9.51
CA ASN E 5 23.67 -13.55 8.42
C ASN E 5 22.89 -13.93 7.17
N ALA E 6 21.60 -14.18 7.38
CA ALA E 6 20.69 -14.55 6.31
C ALA E 6 19.27 -14.13 6.69
N VAL E 7 18.81 -13.02 6.12
CA VAL E 7 17.47 -12.52 6.41
C VAL E 7 16.58 -12.46 5.18
N ALA E 8 15.31 -12.78 5.34
CA ALA E 8 14.38 -12.75 4.21
C ALA E 8 14.05 -11.30 3.88
N GLY E 9 13.30 -11.11 2.79
CA GLY E 9 12.94 -9.78 2.36
C GLY E 9 12.58 -8.85 3.50
N PHE E 10 13.19 -7.67 3.52
CA PHE E 10 12.94 -6.70 4.57
C PHE E 10 12.63 -5.36 3.94
N ASN E 11 11.59 -4.70 4.43
CA ASN E 11 11.20 -3.39 3.90
C ASN E 11 11.81 -2.30 4.72
N ALA E 12 12.55 -1.41 4.05
CA ALA E 12 13.23 -0.33 4.74
C ALA E 12 12.91 1.04 4.16
N LEU E 13 13.07 2.06 4.99
CA LEU E 13 12.89 3.42 4.56
C LEU E 13 14.22 4.11 4.86
N ASN E 14 14.98 4.42 3.81
CA ASN E 14 16.27 5.08 4.00
C ASN E 14 16.04 6.58 4.04
N GLY E 15 16.40 7.18 5.16
CA GLY E 15 16.24 8.62 5.30
C GLY E 15 14.93 9.01 5.93
N VAL E 16 14.44 10.18 5.55
CA VAL E 16 13.20 10.72 6.06
C VAL E 16 12.26 11.06 4.91
N GLU E 17 11.08 10.44 4.90
CA GLU E 17 10.13 10.68 3.85
C GLU E 17 9.06 11.67 4.30
N LEU E 18 8.83 12.71 3.50
CA LEU E 18 7.82 13.72 3.79
C LEU E 18 6.76 13.70 2.68
N ASN E 19 5.49 13.55 3.08
CA ASN E 19 4.39 13.50 2.12
C ASN E 19 3.40 14.64 2.26
N LEU E 20 2.93 15.12 1.11
CA LEU E 20 1.97 16.21 1.07
C LEU E 20 0.75 15.82 0.23
N PHE E 21 0.93 14.84 -0.64
CA PHE E 21 -0.15 14.44 -1.52
C PHE E 21 -0.28 12.96 -1.74
N THR E 22 -1.41 12.60 -2.35
CA THR E 22 -1.72 11.25 -2.73
C THR E 22 -1.79 11.39 -4.24
N THR E 23 -1.73 10.27 -4.95
CA THR E 23 -1.80 10.32 -6.39
C THR E 23 -3.05 11.09 -6.83
N ASP E 24 -4.18 10.80 -6.20
CA ASP E 24 -5.44 11.45 -6.55
C ASP E 24 -5.31 12.96 -6.48
N GLU E 25 -4.58 13.44 -5.48
CA GLU E 25 -4.40 14.87 -5.31
C GLU E 25 -3.50 15.47 -6.37
N LEU E 26 -2.42 14.78 -6.71
CA LEU E 26 -1.53 15.30 -7.75
C LEU E 26 -2.32 15.37 -9.06
N LYS E 27 -3.16 14.36 -9.29
CA LYS E 27 -3.97 14.33 -10.51
C LYS E 27 -4.92 15.52 -10.52
N ALA E 28 -5.50 15.83 -9.36
CA ALA E 28 -6.43 16.95 -9.23
C ALA E 28 -5.79 18.24 -9.68
N ILE E 29 -4.58 18.48 -9.21
CA ILE E 29 -3.81 19.67 -9.55
C ILE E 29 -3.49 19.66 -11.05
N HIS E 30 -3.12 18.49 -11.58
CA HIS E 30 -2.82 18.35 -12.99
C HIS E 30 -4.05 18.69 -13.85
N TYR E 31 -5.19 18.09 -13.55
CA TYR E 31 -6.40 18.35 -14.30
C TYR E 31 -6.75 19.82 -14.22
N ALA E 32 -6.63 20.38 -13.03
CA ALA E 32 -6.96 21.79 -12.86
C ALA E 32 -6.03 22.64 -13.72
N THR E 33 -4.77 22.21 -13.89
CA THR E 33 -3.85 22.98 -14.70
C THR E 33 -4.18 22.85 -16.20
N MET E 34 -4.43 21.63 -16.66
CA MET E 34 -4.78 21.43 -18.06
C MET E 34 -6.00 22.29 -18.36
N GLU E 35 -6.91 22.37 -17.40
CA GLU E 35 -8.09 23.20 -17.57
C GLU E 35 -7.67 24.65 -17.82
N VAL E 36 -6.85 25.17 -16.89
CA VAL E 36 -6.35 26.53 -16.97
C VAL E 36 -5.57 26.81 -18.24
N LEU E 37 -4.83 25.82 -18.72
CA LEU E 37 -4.04 26.02 -19.94
C LEU E 37 -4.90 26.22 -21.18
N MET E 38 -6.17 25.81 -21.10
CA MET E 38 -7.12 25.97 -22.20
C MET E 38 -7.98 27.22 -21.97
N ASP E 39 -8.16 27.55 -20.70
CA ASP E 39 -8.93 28.72 -20.29
C ASP E 39 -8.36 29.19 -18.96
N PRO E 40 -7.88 30.43 -18.88
CA PRO E 40 -7.82 31.45 -19.92
C PRO E 40 -6.68 31.25 -20.91
N GLY E 41 -5.87 30.21 -20.68
CA GLY E 41 -4.75 29.98 -21.56
C GLY E 41 -3.56 30.80 -21.11
N ILE E 42 -2.55 30.91 -21.96
CA ILE E 42 -1.35 31.66 -21.60
C ILE E 42 -0.98 32.70 -22.64
N GLN E 43 -0.66 33.90 -22.17
CA GLN E 43 -0.27 34.99 -23.03
C GLN E 43 1.23 34.93 -23.35
N VAL E 44 1.55 34.67 -24.61
CA VAL E 44 2.92 34.57 -25.07
C VAL E 44 3.26 35.81 -25.89
N SER E 45 4.00 36.73 -25.29
CA SER E 45 4.36 37.99 -25.95
C SER E 45 5.30 37.87 -27.14
N ASP E 46 6.23 36.93 -27.07
CA ASP E 46 7.19 36.76 -28.15
C ASP E 46 6.53 36.12 -29.39
N PRO E 47 6.57 36.81 -30.53
CA PRO E 47 5.99 36.30 -31.78
C PRO E 47 6.62 35.00 -32.24
N GLU E 48 7.92 34.87 -32.07
CA GLU E 48 8.64 33.65 -32.48
C GLU E 48 8.19 32.43 -31.68
N ALA E 49 7.92 32.63 -30.40
CA ALA E 49 7.47 31.55 -29.54
C ALA E 49 6.04 31.17 -29.94
N ARG E 50 5.21 32.19 -30.14
CA ARG E 50 3.82 32.00 -30.54
C ARG E 50 3.76 31.13 -31.80
N GLN E 51 4.72 31.33 -32.70
CA GLN E 51 4.78 30.60 -33.94
C GLN E 51 5.11 29.13 -33.68
N ILE E 52 6.08 28.92 -32.79
CA ILE E 52 6.49 27.56 -32.44
C ILE E 52 5.34 26.83 -31.79
N PHE E 53 4.55 27.56 -30.99
CA PHE E 53 3.39 26.94 -30.34
C PHE E 53 2.38 26.61 -31.44
N LYS E 54 2.03 27.60 -32.26
CA LYS E 54 1.07 27.40 -33.36
C LYS E 54 1.44 26.24 -34.28
N GLU E 55 2.72 26.14 -34.63
CA GLU E 55 3.19 25.10 -35.53
C GLU E 55 3.01 23.71 -34.98
N ASN E 56 2.80 23.59 -33.67
CA ASN E 56 2.67 22.27 -33.08
C ASN E 56 1.26 21.88 -32.68
N GLY E 57 0.28 22.75 -32.94
CA GLY E 57 -1.09 22.42 -32.63
C GLY E 57 -1.86 23.29 -31.66
N CYS E 58 -1.18 24.30 -31.11
CA CYS E 58 -1.83 25.19 -30.16
C CYS E 58 -2.70 26.20 -30.86
N GLU E 59 -3.78 26.62 -30.20
CA GLU E 59 -4.65 27.64 -30.75
C GLU E 59 -4.02 28.95 -30.33
N VAL E 60 -3.74 29.80 -31.31
CA VAL E 60 -3.14 31.09 -31.02
C VAL E 60 -3.92 32.25 -31.57
N ASN E 61 -4.40 33.11 -30.67
CA ASN E 61 -5.18 34.30 -31.00
C ASN E 61 -4.16 35.44 -31.18
N GLU E 62 -3.93 35.88 -32.41
CA GLU E 62 -2.95 36.93 -32.67
C GLU E 62 -3.29 38.31 -32.13
N LYS E 63 -4.56 38.56 -31.88
CA LYS E 63 -4.96 39.87 -31.34
C LYS E 63 -4.68 39.99 -29.84
N THR E 64 -4.92 38.92 -29.10
CA THR E 64 -4.71 38.92 -27.66
C THR E 64 -3.36 38.29 -27.29
N ASN E 65 -2.79 37.56 -28.24
CA ASN E 65 -1.52 36.87 -28.05
C ASN E 65 -1.62 35.71 -27.07
N VAL E 66 -2.84 35.26 -26.80
CA VAL E 66 -3.06 34.16 -25.89
C VAL E 66 -2.92 32.81 -26.59
N VAL E 67 -2.23 31.89 -25.94
CA VAL E 67 -2.02 30.57 -26.48
C VAL E 67 -2.72 29.54 -25.61
N LYS E 68 -3.42 28.61 -26.25
CA LYS E 68 -4.09 27.56 -25.50
C LYS E 68 -3.33 26.28 -25.78
N ILE E 69 -2.66 25.77 -24.76
CA ILE E 69 -1.87 24.57 -24.92
C ILE E 69 -2.69 23.33 -24.60
N PRO E 70 -2.84 22.43 -25.58
CA PRO E 70 -3.61 21.18 -25.39
C PRO E 70 -2.79 20.21 -24.55
N GLU E 71 -3.46 19.36 -23.78
CA GLU E 71 -2.76 18.42 -22.93
C GLU E 71 -1.78 17.49 -23.66
N TYR E 72 -2.08 17.09 -24.89
CA TYR E 72 -1.17 16.19 -25.59
C TYR E 72 0.20 16.83 -25.81
N LEU E 73 0.28 18.15 -25.83
CA LEU E 73 1.56 18.81 -26.00
C LEU E 73 2.28 18.84 -24.65
N VAL E 74 1.52 19.00 -23.57
CA VAL E 74 2.12 18.99 -22.25
C VAL E 74 2.71 17.59 -22.08
N ARG E 75 1.95 16.57 -22.47
CA ARG E 75 2.42 15.19 -22.37
C ARG E 75 3.64 14.98 -23.25
N LYS E 76 3.58 15.47 -24.50
CA LYS E 76 4.68 15.34 -25.43
C LYS E 76 5.95 15.99 -24.87
N ALA E 77 5.81 17.23 -24.43
CA ALA E 77 6.95 17.96 -23.87
C ALA E 77 7.56 17.18 -22.70
N LEU E 78 6.73 16.62 -21.84
CA LEU E 78 7.22 15.85 -20.69
C LEU E 78 7.95 14.57 -21.10
N GLN E 79 7.57 13.99 -22.23
CA GLN E 79 8.23 12.77 -22.68
C GLN E 79 9.58 13.13 -23.28
N LEU E 80 9.71 14.37 -23.78
CA LEU E 80 10.96 14.84 -24.38
C LEU E 80 11.99 15.34 -23.38
N ALA E 81 11.54 16.04 -22.34
CA ALA E 81 12.46 16.57 -21.35
C ALA E 81 13.24 15.48 -20.61
N PRO E 82 14.57 15.63 -20.50
CA PRO E 82 15.40 14.64 -19.82
C PRO E 82 15.16 14.64 -18.31
N SER E 83 15.15 13.46 -17.70
CA SER E 83 14.93 13.35 -16.26
C SER E 83 16.17 13.81 -15.49
N ARG E 84 17.28 13.95 -16.18
CA ARG E 84 18.48 14.42 -15.51
C ARG E 84 19.51 15.00 -16.47
N PHE E 85 20.43 15.77 -15.91
CA PHE E 85 21.49 16.38 -16.64
C PHE E 85 22.51 16.81 -15.60
N VAL E 86 23.76 16.95 -16.02
CA VAL E 86 24.85 17.30 -15.12
C VAL E 86 25.30 18.72 -15.31
N LEU E 87 25.43 19.43 -14.19
CA LEU E 87 25.88 20.81 -14.27
C LEU E 87 27.38 20.69 -14.01
N TRP E 88 28.19 21.08 -14.99
CA TRP E 88 29.62 21.00 -14.82
C TRP E 88 30.15 22.24 -14.16
N GLY E 89 31.24 22.07 -13.43
CA GLY E 89 31.89 23.20 -12.80
C GLY E 89 33.15 23.41 -13.63
N ARG E 90 33.89 24.47 -13.35
CA ARG E 90 35.13 24.70 -14.07
C ARG E 90 36.01 23.54 -13.60
N ASP E 91 35.76 23.09 -12.36
CA ASP E 91 36.47 21.97 -11.75
C ASP E 91 35.51 20.78 -11.68
N LYS E 92 35.87 19.71 -12.35
CA LYS E 92 35.05 18.50 -12.42
C LYS E 92 34.53 17.99 -11.08
N LYS E 93 35.27 18.24 -10.00
CA LYS E 93 34.83 17.76 -8.70
C LYS E 93 33.60 18.52 -8.19
N PHE E 94 33.33 19.68 -8.79
CA PHE E 94 32.18 20.47 -8.38
C PHE E 94 30.97 20.13 -9.22
N ASN E 95 31.10 19.12 -10.06
CA ASN E 95 29.98 18.70 -10.89
C ASN E 95 28.83 18.34 -9.98
N THR E 96 27.62 18.70 -10.39
CA THR E 96 26.42 18.46 -9.63
C THR E 96 25.35 17.89 -10.54
N VAL E 97 24.76 16.78 -10.13
CA VAL E 97 23.72 16.13 -10.91
C VAL E 97 22.36 16.64 -10.49
N GLN E 98 21.51 16.92 -11.48
CA GLN E 98 20.17 17.37 -11.21
C GLN E 98 19.29 16.30 -11.84
N GLU E 99 18.57 15.55 -11.02
CA GLU E 99 17.71 14.53 -11.58
C GLU E 99 16.43 14.33 -10.81
N CYS E 100 15.40 13.91 -11.53
CA CYS E 100 14.11 13.63 -10.94
C CYS E 100 14.36 12.72 -9.76
N GLY E 101 13.86 13.10 -8.59
CA GLY E 101 14.08 12.27 -7.42
C GLY E 101 14.23 13.10 -6.17
N GLY E 102 14.92 12.56 -5.18
CA GLY E 102 15.09 13.28 -3.93
C GLY E 102 16.50 13.70 -3.64
N LYS E 103 17.36 13.70 -4.65
CA LYS E 103 18.74 14.12 -4.42
C LYS E 103 18.76 15.62 -4.29
N VAL E 104 19.01 16.07 -3.07
CA VAL E 104 19.01 17.49 -2.74
C VAL E 104 20.35 18.20 -2.86
N HIS E 105 20.30 19.46 -3.29
CA HIS E 105 21.50 20.27 -3.43
C HIS E 105 21.10 21.69 -3.10
N TRP E 106 22.07 22.48 -2.68
CA TRP E 106 21.80 23.86 -2.32
C TRP E 106 22.67 24.81 -3.12
N THR E 107 22.13 26.02 -3.36
CA THR E 107 22.84 27.06 -4.06
C THR E 107 22.44 28.35 -3.37
N CYS E 108 23.26 29.39 -3.47
CA CYS E 108 22.92 30.63 -2.82
C CYS E 108 21.75 31.27 -3.58
N PHE E 109 21.22 32.36 -3.04
CA PHE E 109 20.12 33.03 -3.68
C PHE E 109 20.58 34.15 -4.60
N GLY E 110 19.64 34.66 -5.38
CA GLY E 110 19.93 35.74 -6.29
C GLY E 110 18.62 36.40 -6.66
N THR E 111 18.63 37.70 -6.92
CA THR E 111 19.83 38.52 -6.85
C THR E 111 19.51 39.70 -5.98
N GLY E 112 20.35 39.95 -4.99
CA GLY E 112 20.12 41.08 -4.12
C GLY E 112 20.59 42.35 -4.83
N VAL E 113 20.18 43.50 -4.32
CA VAL E 113 20.59 44.76 -4.89
C VAL E 113 21.48 45.44 -3.86
N LYS E 114 21.49 44.89 -2.66
CA LYS E 114 22.29 45.42 -1.57
C LYS E 114 23.12 44.33 -0.93
N VAL E 115 24.12 44.73 -0.15
CA VAL E 115 25.00 43.79 0.53
C VAL E 115 25.31 44.25 1.93
N CYS E 116 25.18 43.35 2.91
CA CYS E 116 25.47 43.67 4.31
C CYS E 116 26.98 43.77 4.54
N LYS E 117 27.35 44.75 5.36
N LYS E 117 27.38 44.72 5.37
CA LYS E 117 28.74 45.02 5.72
CA LYS E 117 28.81 44.90 5.65
C LYS E 117 28.79 45.84 7.01
C LYS E 117 29.16 45.10 7.13
N TYR E 118 29.34 45.25 8.07
N TYR E 118 29.01 44.05 7.92
CA TYR E 118 29.45 45.89 9.37
CA TYR E 118 29.32 44.04 9.34
C TYR E 118 30.32 47.14 9.28
C TYR E 118 30.77 44.52 9.49
N GLN E 119 29.89 48.22 9.94
N GLN E 119 30.95 45.78 9.90
CA GLN E 119 30.63 49.47 9.93
CA GLN E 119 32.30 46.34 10.05
C GLN E 119 30.54 50.22 11.25
C GLN E 119 32.88 46.12 11.44
N ASP E 120 31.54 49.99 12.11
N ASP E 120 32.08 46.37 12.46
CA ASP E 120 31.62 50.64 13.42
CA ASP E 120 32.51 46.20 13.85
C ASP E 120 30.50 50.22 14.37
C ASP E 120 31.31 46.11 14.79
N GLY E 121 30.20 48.93 14.43
N GLY E 121 30.47 45.11 14.57
CA GLY E 121 29.16 48.46 15.32
CA GLY E 121 29.30 44.93 15.40
C GLY E 121 27.76 48.54 14.74
C GLY E 121 28.02 45.41 14.77
N LYS E 122 27.49 49.53 13.90
N LYS E 122 28.14 46.40 13.88
CA LYS E 122 26.17 49.67 13.30
CA LYS E 122 26.99 46.98 13.19
C LYS E 122 26.03 48.80 12.06
C LYS E 122 26.82 46.52 11.75
N TYR E 123 24.93 48.05 12.00
N TYR E 123 25.67 45.89 11.47
CA TYR E 123 24.65 47.18 10.86
CA TYR E 123 25.37 45.39 10.12
C TYR E 123 24.58 48.07 9.62
C TYR E 123 24.77 46.52 9.29
N VAL E 124 25.11 47.60 8.50
N VAL E 124 25.49 46.95 8.26
CA VAL E 124 25.07 48.41 7.29
CA VAL E 124 25.00 48.02 7.39
C VAL E 124 24.95 47.67 5.97
C VAL E 124 24.74 47.44 6.00
N THR E 125 24.04 48.17 5.15
CA THR E 125 23.77 47.65 3.80
C THR E 125 24.16 48.68 2.74
N VAL E 126 24.97 48.27 1.77
CA VAL E 126 25.39 49.18 0.71
C VAL E 126 25.01 48.56 -0.62
N ASP E 127 24.55 49.38 -1.56
CA ASP E 127 24.14 48.88 -2.88
C ASP E 127 25.23 48.02 -3.49
N SER E 128 24.82 46.93 -4.15
CA SER E 128 25.75 45.98 -4.75
C SER E 128 26.49 46.45 -6.00
N VAL E 129 27.70 45.94 -6.16
CA VAL E 129 28.56 46.28 -7.28
C VAL E 129 29.26 45.00 -7.76
N GLU E 130 29.68 45.01 -9.02
CA GLU E 130 30.33 43.87 -9.62
C GLU E 130 31.37 43.21 -8.72
N LYS E 131 32.03 43.98 -7.88
CA LYS E 131 33.05 43.41 -7.01
C LYS E 131 32.44 42.51 -5.96
N ASP E 132 31.27 42.90 -5.45
CA ASP E 132 30.59 42.09 -4.44
C ASP E 132 30.33 40.69 -4.98
N ILE E 133 29.99 40.60 -6.27
CA ILE E 133 29.74 39.32 -6.90
C ILE E 133 31.00 38.47 -6.79
N ALA E 134 32.14 39.15 -6.97
CA ALA E 134 33.44 38.47 -6.91
C ALA E 134 33.73 37.91 -5.51
N ASP E 135 33.46 38.71 -4.48
CA ASP E 135 33.69 38.25 -3.13
C ASP E 135 32.77 37.08 -2.79
N ILE E 136 31.47 37.28 -3.01
CA ILE E 136 30.48 36.26 -2.74
C ILE E 136 30.78 34.99 -3.51
N ALA E 137 31.30 35.12 -4.72
CA ALA E 137 31.63 33.94 -5.53
C ALA E 137 32.75 33.16 -4.86
N LYS E 138 33.71 33.88 -4.27
CA LYS E 138 34.83 33.25 -3.60
C LYS E 138 34.32 32.50 -2.38
N LEU E 139 33.49 33.18 -1.60
CA LEU E 139 32.94 32.59 -0.41
C LEU E 139 32.21 31.31 -0.76
N CYS E 140 31.30 31.37 -1.74
CA CYS E 140 30.53 30.20 -2.16
C CYS E 140 31.41 29.06 -2.68
N ASP E 141 32.52 29.40 -3.31
CA ASP E 141 33.43 28.38 -3.83
C ASP E 141 33.94 27.55 -2.66
N TRP E 142 34.02 28.21 -1.51
CA TRP E 142 34.50 27.60 -0.28
C TRP E 142 33.43 26.77 0.43
N ALA E 143 32.21 27.30 0.50
CA ALA E 143 31.11 26.62 1.17
C ALA E 143 30.83 25.26 0.53
N GLU E 144 31.06 24.19 1.29
CA GLU E 144 30.88 22.83 0.78
C GLU E 144 29.46 22.38 0.52
N ASN E 145 28.50 23.02 1.18
CA ASN E 145 27.12 22.62 0.99
C ASN E 145 26.45 23.47 -0.07
N ILE E 146 27.23 24.36 -0.67
CA ILE E 146 26.74 25.21 -1.75
C ILE E 146 27.24 24.53 -3.03
N ASP E 147 26.45 23.62 -3.56
CA ASP E 147 26.81 22.87 -4.74
C ASP E 147 27.23 23.73 -5.92
N TYR E 148 26.45 24.76 -6.25
CA TYR E 148 26.85 25.63 -7.32
C TYR E 148 26.51 27.08 -7.05
N PHE E 149 27.09 27.96 -7.85
CA PHE E 149 26.92 29.38 -7.69
C PHE E 149 25.79 29.98 -8.50
N SER E 150 25.03 30.88 -7.86
CA SER E 150 23.91 31.55 -8.52
C SER E 150 24.13 33.04 -8.37
N LEU E 151 23.93 33.81 -9.44
CA LEU E 151 24.12 35.25 -9.42
C LEU E 151 23.51 35.79 -8.13
N PRO E 152 24.36 36.10 -7.12
CA PRO E 152 23.91 36.60 -5.82
C PRO E 152 23.37 38.03 -5.77
N VAL E 153 24.05 38.95 -6.44
CA VAL E 153 23.62 40.36 -6.45
C VAL E 153 23.87 40.99 -7.82
N SER E 154 23.22 42.14 -8.06
CA SER E 154 23.37 42.84 -9.33
C SER E 154 24.62 43.71 -9.39
N ALA E 155 25.23 43.73 -10.56
CA ALA E 155 26.41 44.55 -10.78
C ALA E 155 25.87 45.94 -11.12
N ARG E 156 25.22 46.58 -10.14
CA ARG E 156 24.63 47.90 -10.31
C ARG E 156 25.55 48.95 -10.94
N ASP E 157 26.84 48.87 -10.61
CA ASP E 157 27.82 49.82 -11.11
C ASP E 157 28.14 49.70 -12.62
N ILE E 158 27.54 48.72 -13.28
CA ILE E 158 27.76 48.52 -14.70
C ILE E 158 26.51 48.92 -15.47
N ALA E 159 25.46 49.23 -14.73
CA ALA E 159 24.21 49.65 -15.34
C ALA E 159 24.39 50.94 -16.12
N GLY E 160 24.02 50.93 -17.40
CA GLY E 160 24.16 52.11 -18.23
C GLY E 160 25.54 52.40 -18.79
N GLN E 161 26.54 51.65 -18.35
CA GLN E 161 27.92 51.83 -18.81
C GLN E 161 28.32 50.68 -19.74
N GLY E 162 27.68 49.53 -19.56
CA GLY E 162 27.99 48.38 -20.37
C GLY E 162 26.91 47.33 -20.27
N ALA E 163 27.22 46.11 -20.71
CA ALA E 163 26.27 45.01 -20.65
C ALA E 163 26.33 44.36 -19.25
N GLN E 164 25.53 44.89 -18.33
CA GLN E 164 25.51 44.39 -16.97
C GLN E 164 25.46 42.87 -16.87
N ASP E 165 24.49 42.26 -17.54
CA ASP E 165 24.31 40.81 -17.50
C ASP E 165 25.48 40.02 -18.06
N VAL E 166 26.31 40.64 -18.89
CA VAL E 166 27.46 39.95 -19.44
C VAL E 166 28.61 40.01 -18.44
N HIS E 167 28.65 41.10 -17.68
CA HIS E 167 29.65 41.26 -16.64
C HIS E 167 29.26 40.27 -15.54
N GLU E 168 27.95 40.14 -15.35
CA GLU E 168 27.41 39.24 -14.34
C GLU E 168 27.58 37.79 -14.75
N THR E 169 28.33 37.58 -15.83
CA THR E 169 28.60 36.23 -16.31
C THR E 169 30.07 35.89 -16.17
N LEU E 170 30.95 36.79 -16.61
CA LEU E 170 32.39 36.51 -16.53
C LEU E 170 32.88 36.58 -15.10
N THR E 171 32.48 37.61 -14.38
CA THR E 171 32.89 37.77 -12.99
C THR E 171 32.66 36.48 -12.19
N PRO E 172 31.43 35.94 -12.21
CA PRO E 172 31.20 34.70 -11.45
C PRO E 172 32.10 33.55 -11.94
N LEU E 173 32.11 33.33 -13.24
CA LEU E 173 32.92 32.25 -13.81
C LEU E 173 34.39 32.40 -13.46
N ALA E 174 34.84 33.63 -13.30
CA ALA E 174 36.24 33.87 -12.99
C ALA E 174 36.55 33.66 -11.51
N ASN E 175 35.56 33.87 -10.66
CA ASN E 175 35.75 33.74 -9.23
C ASN E 175 35.25 32.47 -8.57
N THR E 176 34.81 31.49 -9.37
CA THR E 176 34.35 30.22 -8.82
C THR E 176 34.60 29.12 -9.81
N ALA E 177 35.10 28.00 -9.33
CA ALA E 177 35.35 26.86 -10.21
C ALA E 177 34.08 26.01 -10.25
N LYS E 178 33.02 26.50 -9.62
CA LYS E 178 31.75 25.79 -9.59
C LYS E 178 30.84 26.27 -10.73
N HIS E 179 29.81 25.47 -11.01
CA HIS E 179 28.87 25.79 -12.07
C HIS E 179 28.19 27.13 -11.76
N PHE E 180 27.89 27.90 -12.80
CA PHE E 180 27.23 29.19 -12.59
C PHE E 180 25.81 29.19 -13.17
N HIS E 181 24.87 29.63 -12.35
CA HIS E 181 23.46 29.71 -12.75
C HIS E 181 23.15 31.19 -12.78
N HIS E 182 22.85 31.71 -13.98
CA HIS E 182 22.53 33.12 -14.13
C HIS E 182 21.07 33.37 -13.75
N ILE E 183 20.88 34.09 -12.65
CA ILE E 183 19.55 34.39 -12.13
C ILE E 183 18.82 35.49 -12.89
N ASP E 184 19.56 36.30 -13.64
CA ASP E 184 18.95 37.40 -14.36
C ASP E 184 19.50 37.61 -15.77
N PRO E 185 19.37 36.60 -16.65
CA PRO E 185 19.87 36.68 -18.02
C PRO E 185 19.00 37.59 -18.88
N VAL E 186 19.53 37.98 -20.03
CA VAL E 186 18.81 38.84 -20.96
C VAL E 186 18.65 38.09 -22.28
N GLY E 187 17.42 37.91 -22.73
CA GLY E 187 17.18 37.19 -23.97
C GLY E 187 18.08 37.61 -25.10
N GLU E 188 18.16 38.91 -25.35
CA GLU E 188 18.97 39.47 -26.43
C GLU E 188 20.46 39.10 -26.38
N ASN E 189 21.01 38.94 -25.18
CA ASN E 189 22.42 38.65 -25.05
C ASN E 189 22.84 37.19 -24.79
N VAL E 190 21.91 36.25 -24.91
CA VAL E 190 22.25 34.86 -24.65
C VAL E 190 23.44 34.40 -25.48
N GLU E 191 23.60 34.97 -26.68
CA GLU E 191 24.72 34.58 -27.55
C GLU E 191 26.04 34.87 -26.84
N TYR E 192 26.11 36.00 -26.14
CA TYR E 192 27.33 36.33 -25.42
C TYR E 192 27.66 35.24 -24.40
N TYR E 193 26.66 34.77 -23.67
CA TYR E 193 26.93 33.73 -22.68
C TYR E 193 27.47 32.52 -23.41
N ARG E 194 26.79 32.11 -24.49
CA ARG E 194 27.24 30.97 -25.27
C ARG E 194 28.70 31.15 -25.68
N ASP E 195 29.03 32.33 -26.19
CA ASP E 195 30.39 32.63 -26.64
C ASP E 195 31.41 32.62 -25.51
N ILE E 196 31.04 33.12 -24.36
CA ILE E 196 31.95 33.14 -23.23
C ILE E 196 32.26 31.72 -22.78
N VAL E 197 31.25 30.86 -22.83
CA VAL E 197 31.47 29.47 -22.45
C VAL E 197 32.24 28.75 -23.57
N LYS E 198 32.01 29.17 -24.81
CA LYS E 198 32.68 28.58 -25.95
C LYS E 198 34.16 28.94 -25.86
N ALA E 199 34.44 30.18 -25.50
CA ALA E 199 35.81 30.65 -25.36
C ALA E 199 36.51 29.79 -24.32
N TYR E 200 35.89 29.70 -23.14
CA TYR E 200 36.45 28.92 -22.05
C TYR E 200 36.92 27.56 -22.54
N TYR E 201 36.13 26.94 -23.41
CA TYR E 201 36.47 25.61 -23.93
C TYR E 201 37.29 25.68 -25.22
N GLY E 202 38.08 26.75 -25.34
CA GLY E 202 38.92 26.92 -26.51
C GLY E 202 38.20 27.00 -27.83
N GLY E 203 37.00 27.57 -27.84
CA GLY E 203 36.25 27.69 -29.06
C GLY E 203 35.56 26.41 -29.49
N ASP E 204 35.64 25.38 -28.66
CA ASP E 204 34.99 24.12 -28.98
C ASP E 204 33.53 24.11 -28.50
N GLU E 205 32.59 24.46 -29.38
CA GLU E 205 31.17 24.51 -29.02
C GLU E 205 30.58 23.17 -28.61
N GLU E 206 31.11 22.09 -29.15
CA GLU E 206 30.62 20.76 -28.82
C GLU E 206 30.96 20.47 -27.35
N GLU E 207 32.12 20.96 -26.91
CA GLU E 207 32.55 20.78 -25.52
C GLU E 207 31.67 21.61 -24.60
N ALA E 208 31.40 22.84 -25.02
CA ALA E 208 30.56 23.73 -24.23
C ALA E 208 29.19 23.10 -23.97
N ARG E 209 28.65 22.41 -24.98
CA ARG E 209 27.34 21.78 -24.83
C ARG E 209 27.36 20.55 -23.93
N LYS E 210 28.45 19.78 -24.03
CA LYS E 210 28.61 18.56 -23.25
C LYS E 210 28.96 18.82 -21.78
N LYS E 211 29.67 19.92 -21.51
CA LYS E 211 30.06 20.24 -20.14
C LYS E 211 29.60 21.64 -19.78
N PRO E 212 28.28 21.86 -19.74
CA PRO E 212 27.70 23.16 -19.41
C PRO E 212 28.13 23.73 -18.05
N ILE E 213 28.93 24.79 -18.07
CA ILE E 213 29.37 25.40 -16.82
C ILE E 213 28.46 26.59 -16.56
N PHE E 214 27.55 26.83 -17.48
CA PHE E 214 26.63 27.95 -17.38
C PHE E 214 25.20 27.53 -17.68
N SER E 215 24.27 27.99 -16.83
CA SER E 215 22.85 27.70 -16.99
C SER E 215 22.15 28.99 -16.62
N MET E 216 20.87 29.11 -16.97
CA MET E 216 20.15 30.34 -16.67
C MET E 216 18.68 30.15 -16.31
N LEU E 217 18.15 31.15 -15.62
CA LEU E 217 16.79 31.14 -15.14
C LEU E 217 15.92 32.20 -15.83
N LEU E 218 14.61 31.98 -15.79
CA LEU E 218 13.65 32.91 -16.36
C LEU E 218 12.36 32.78 -15.57
N CYS E 219 11.58 33.85 -15.51
CA CYS E 219 10.33 33.81 -14.76
C CYS E 219 9.09 34.08 -15.58
N PRO E 220 8.11 33.17 -15.51
CA PRO E 220 6.90 33.46 -16.28
C PRO E 220 6.30 34.68 -15.56
N THR E 221 5.65 35.57 -16.29
CA THR E 221 5.04 36.73 -15.66
C THR E 221 3.69 36.30 -15.12
N SER E 222 3.59 36.20 -13.80
CA SER E 222 2.36 35.74 -13.17
C SER E 222 1.35 36.88 -12.99
N PRO E 223 0.06 36.59 -13.23
CA PRO E 223 -0.46 35.28 -13.63
C PRO E 223 -0.56 34.94 -15.12
N LEU E 224 -0.16 33.72 -15.44
CA LEU E 224 -0.28 33.14 -16.78
C LEU E 224 0.21 33.86 -18.03
N GLU E 225 1.47 34.24 -18.06
CA GLU E 225 1.99 34.86 -19.28
C GLU E 225 3.51 34.85 -19.38
N LEU E 226 4.01 34.57 -20.57
CA LEU E 226 5.45 34.53 -20.80
C LEU E 226 5.86 35.81 -21.53
N SER E 227 6.80 36.54 -20.93
CA SER E 227 7.29 37.77 -21.55
C SER E 227 8.17 37.41 -22.74
N VAL E 228 8.56 38.43 -23.51
CA VAL E 228 9.42 38.21 -24.66
C VAL E 228 10.78 37.71 -24.17
N ASN E 229 11.29 38.35 -23.12
CA ASN E 229 12.60 37.97 -22.56
C ASN E 229 12.58 36.52 -22.10
N ALA E 230 11.49 36.14 -21.44
CA ALA E 230 11.36 34.78 -20.95
C ALA E 230 11.38 33.79 -22.10
N CYS E 231 10.66 34.11 -23.18
CA CYS E 231 10.60 33.23 -24.34
C CYS E 231 11.94 33.10 -25.04
N GLN E 232 12.66 34.21 -25.13
CA GLN E 232 13.97 34.22 -25.76
C GLN E 232 15.00 33.42 -24.97
N VAL E 233 14.96 33.54 -23.64
CA VAL E 233 15.89 32.80 -22.80
C VAL E 233 15.63 31.30 -23.00
N ILE E 234 14.36 30.92 -23.00
CA ILE E 234 13.98 29.53 -23.20
C ILE E 234 14.42 29.06 -24.57
N ILE E 235 13.96 29.73 -25.62
CA ILE E 235 14.28 29.37 -26.99
C ILE E 235 15.78 29.32 -27.25
N LYS E 236 16.47 30.41 -26.94
CA LYS E 236 17.90 30.43 -27.17
C LYS E 236 18.59 29.38 -26.32
N GLY E 237 18.17 29.26 -25.06
CA GLY E 237 18.74 28.26 -24.16
C GLY E 237 18.67 26.86 -24.75
N ALA E 238 17.48 26.45 -25.20
CA ALA E 238 17.32 25.13 -25.78
C ALA E 238 18.20 24.95 -27.02
N ARG E 239 18.29 25.99 -27.84
CA ARG E 239 19.07 25.90 -29.07
C ARG E 239 20.58 25.95 -28.85
N PHE E 240 21.02 26.54 -27.74
CA PHE E 240 22.45 26.62 -27.50
C PHE E 240 22.91 25.55 -26.52
N GLY E 241 21.97 24.69 -26.10
CA GLY E 241 22.33 23.64 -25.18
C GLY E 241 22.68 24.16 -23.80
N ILE E 242 21.94 25.15 -23.33
CA ILE E 242 22.16 25.75 -22.03
C ILE E 242 20.98 25.39 -21.12
N PRO E 243 21.24 24.70 -20.01
CA PRO E 243 20.16 24.31 -19.09
C PRO E 243 19.32 25.53 -18.67
N VAL E 244 18.00 25.40 -18.78
CA VAL E 244 17.12 26.47 -18.42
C VAL E 244 16.23 26.14 -17.22
N ASN E 245 16.14 27.08 -16.30
CA ASN E 245 15.35 26.94 -15.10
C ASN E 245 14.08 27.76 -15.28
N VAL E 246 12.96 27.09 -15.53
CA VAL E 246 11.68 27.76 -15.70
C VAL E 246 11.10 27.90 -14.29
N LEU E 247 11.30 29.07 -13.69
CA LEU E 247 10.89 29.33 -12.33
C LEU E 247 9.73 30.31 -12.17
N SER E 248 8.57 29.79 -11.79
CA SER E 248 7.42 30.65 -11.58
C SER E 248 7.68 31.42 -10.30
N MET E 249 6.96 32.53 -10.17
CA MET E 249 7.06 33.40 -9.03
C MET E 249 5.69 34.03 -8.82
N ALA E 250 4.73 33.20 -8.42
CA ALA E 250 3.38 33.69 -8.16
C ALA E 250 3.26 34.01 -6.67
N MET E 251 2.17 34.64 -6.27
CA MET E 251 1.93 35.00 -4.86
C MET E 251 0.48 34.77 -4.45
N SER E 252 0.28 33.92 -3.45
CA SER E 252 -1.05 33.61 -2.95
C SER E 252 -1.71 34.91 -2.52
N GLY E 253 -2.91 35.15 -3.03
CA GLY E 253 -3.62 36.36 -2.70
C GLY E 253 -3.27 37.53 -3.61
N GLY E 254 -2.11 37.45 -4.26
CA GLY E 254 -1.69 38.50 -5.16
C GLY E 254 -1.91 38.16 -6.62
N SER E 255 -1.01 37.37 -7.20
CA SER E 255 -1.12 36.99 -8.59
C SER E 255 -1.71 35.60 -8.76
N SER E 256 -2.13 35.00 -7.64
CA SER E 256 -2.73 33.67 -7.66
C SER E 256 -3.63 33.51 -6.46
N PRO E 257 -4.47 32.47 -6.43
CA PRO E 257 -5.40 32.24 -5.31
C PRO E 257 -4.76 32.29 -3.94
N VAL E 258 -5.58 32.58 -2.93
CA VAL E 258 -5.10 32.64 -1.55
C VAL E 258 -4.78 31.22 -1.11
N TYR E 259 -5.55 30.27 -1.64
CA TYR E 259 -5.35 28.86 -1.34
C TYR E 259 -4.05 28.38 -1.98
N LEU E 260 -3.23 27.67 -1.21
CA LEU E 260 -1.98 27.16 -1.74
C LEU E 260 -2.15 26.25 -2.96
N ALA E 261 -3.15 25.36 -2.92
CA ALA E 261 -3.38 24.46 -4.03
C ALA E 261 -3.67 25.22 -5.32
N GLY E 262 -4.53 26.23 -5.24
CA GLY E 262 -4.87 27.02 -6.41
C GLY E 262 -3.64 27.75 -6.92
N THR E 263 -2.80 28.17 -5.98
CA THR E 263 -1.56 28.86 -6.33
C THR E 263 -0.66 27.90 -7.07
N LEU E 264 -0.73 26.62 -6.71
CA LEU E 264 0.08 25.61 -7.39
C LEU E 264 -0.42 25.40 -8.81
N VAL E 265 -1.74 25.45 -9.01
CA VAL E 265 -2.31 25.28 -10.34
C VAL E 265 -1.78 26.40 -11.25
N THR E 266 -1.83 27.63 -10.75
CA THR E 266 -1.35 28.81 -11.46
C THR E 266 0.12 28.60 -11.80
N HIS E 267 0.92 28.36 -10.76
CA HIS E 267 2.34 28.10 -10.89
C HIS E 267 2.59 26.97 -11.89
N ASN E 268 1.80 25.91 -11.80
CA ASN E 268 1.96 24.75 -12.68
C ASN E 268 1.72 25.08 -14.16
N ALA E 269 0.70 25.88 -14.45
CA ALA E 269 0.40 26.25 -15.83
C ALA E 269 1.55 27.06 -16.38
N GLU E 270 1.95 28.09 -15.64
CA GLU E 270 3.05 28.95 -16.05
C GLU E 270 4.32 28.16 -16.38
N VAL E 271 4.78 27.34 -15.45
CA VAL E 271 5.99 26.56 -15.69
C VAL E 271 5.88 25.56 -16.82
N LEU E 272 4.78 24.82 -16.88
CA LEU E 272 4.60 23.83 -17.93
C LEU E 272 4.62 24.46 -19.31
N SER E 273 4.03 25.63 -19.46
CA SER E 273 4.03 26.28 -20.77
C SER E 273 5.45 26.61 -21.15
N GLY E 274 6.25 27.03 -20.18
CA GLY E 274 7.65 27.35 -20.45
C GLY E 274 8.38 26.10 -20.87
N ILE E 275 8.11 25.01 -20.16
CA ILE E 275 8.74 23.73 -20.46
C ILE E 275 8.29 23.21 -21.84
N VAL E 276 7.02 23.42 -22.19
CA VAL E 276 6.48 22.96 -23.47
C VAL E 276 7.17 23.70 -24.59
N LEU E 277 7.35 25.00 -24.40
CA LEU E 277 8.05 25.83 -25.38
C LEU E 277 9.45 25.29 -25.62
N ALA E 278 10.17 25.05 -24.53
CA ALA E 278 11.53 24.53 -24.60
C ALA E 278 11.63 23.25 -25.41
N GLN E 279 10.76 22.30 -25.12
CA GLN E 279 10.78 21.02 -25.83
C GLN E 279 10.36 21.12 -27.30
N LEU E 280 9.44 22.02 -27.62
CA LEU E 280 9.00 22.20 -29.01
C LEU E 280 10.11 22.87 -29.83
N THR E 281 10.89 23.73 -29.17
CA THR E 281 11.99 24.41 -29.83
C THR E 281 13.10 23.41 -30.12
N VAL E 282 13.40 22.58 -29.14
CA VAL E 282 14.45 21.55 -29.28
C VAL E 282 14.14 20.37 -28.39
N PRO E 283 13.67 19.25 -28.97
CA PRO E 283 13.36 18.10 -28.12
C PRO E 283 14.56 17.65 -27.28
N GLY E 284 14.31 17.38 -26.00
CA GLY E 284 15.37 16.95 -25.11
C GLY E 284 16.15 18.07 -24.45
N ALA E 285 15.67 19.30 -24.58
CA ALA E 285 16.31 20.45 -23.98
C ALA E 285 16.34 20.31 -22.46
N LYS E 286 17.47 20.63 -21.84
CA LYS E 286 17.60 20.52 -20.40
C LYS E 286 16.83 21.63 -19.68
N VAL E 287 15.90 21.22 -18.84
CA VAL E 287 15.08 22.18 -18.10
C VAL E 287 14.78 21.76 -16.69
N TRP E 288 14.49 22.78 -15.89
CA TRP E 288 14.15 22.64 -14.47
C TRP E 288 12.71 23.05 -14.26
N TYR E 289 12.01 22.35 -13.39
CA TYR E 289 10.64 22.73 -13.05
C TYR E 289 10.97 23.55 -11.80
N GLY E 290 10.88 24.86 -11.92
CA GLY E 290 11.25 25.69 -10.79
C GLY E 290 10.19 26.53 -10.13
N SER E 291 10.51 26.98 -8.92
CA SER E 291 9.59 27.79 -8.15
C SER E 291 10.20 28.61 -7.04
N SER E 292 9.63 29.79 -6.86
CA SER E 292 9.99 30.70 -5.78
C SER E 292 8.66 31.29 -5.34
N THR E 293 7.59 30.70 -5.83
CA THR E 293 6.24 31.11 -5.50
C THR E 293 6.07 31.11 -3.98
N THR E 294 5.46 32.18 -3.48
CA THR E 294 5.21 32.28 -2.06
C THR E 294 3.81 32.83 -1.82
N THR E 295 3.56 33.34 -0.63
CA THR E 295 2.27 33.89 -0.29
C THR E 295 2.42 35.38 -0.07
N PHE E 296 1.45 36.15 -0.56
CA PHE E 296 1.47 37.60 -0.39
C PHE E 296 0.83 37.88 0.96
N ASP E 297 1.52 38.62 1.83
CA ASP E 297 0.96 38.93 3.15
C ASP E 297 -0.12 40.01 3.00
N LEU E 298 -1.37 39.57 2.98
CA LEU E 298 -2.49 40.49 2.83
C LEU E 298 -2.56 41.52 3.95
N LYS E 299 -2.01 41.19 5.11
CA LYS E 299 -2.04 42.11 6.24
C LYS E 299 -0.80 43.00 6.38
N LYS E 300 0.23 42.76 5.57
CA LYS E 300 1.44 43.58 5.64
C LYS E 300 1.81 44.16 4.28
N GLY E 301 1.08 43.75 3.24
CA GLY E 301 1.35 44.27 1.92
C GLY E 301 2.78 44.07 1.49
N THR E 302 3.34 42.94 1.89
CA THR E 302 4.72 42.63 1.55
C THR E 302 4.75 41.19 1.04
N ALA E 303 5.88 40.76 0.49
CA ALA E 303 6.00 39.38 -0.03
C ALA E 303 6.93 38.57 0.86
N PRO E 304 6.45 38.18 2.04
CA PRO E 304 7.28 37.39 2.96
C PRO E 304 7.76 36.14 2.26
N VAL E 305 9.06 35.89 2.33
CA VAL E 305 9.62 34.73 1.67
C VAL E 305 10.25 33.77 2.69
N GLY E 306 10.05 34.06 3.97
CA GLY E 306 10.59 33.20 5.02
C GLY E 306 9.46 32.51 5.74
N SER E 307 8.25 32.60 5.18
CA SER E 307 7.08 32.02 5.79
C SER E 307 6.94 30.52 5.60
N PRO E 308 6.08 29.86 6.40
CA PRO E 308 5.89 28.42 6.26
C PRO E 308 5.24 28.09 4.90
N GLU E 309 4.53 29.05 4.32
CA GLU E 309 3.90 28.82 3.02
C GLU E 309 4.97 28.62 1.96
N LEU E 310 6.03 29.44 2.00
CA LEU E 310 7.09 29.28 1.03
C LEU E 310 7.72 27.89 1.13
N GLY E 311 7.93 27.42 2.37
CA GLY E 311 8.49 26.10 2.58
C GLY E 311 7.55 25.04 2.02
N LEU E 312 6.25 25.19 2.29
CA LEU E 312 5.26 24.24 1.80
C LEU E 312 5.17 24.24 0.27
N ILE E 313 5.11 25.42 -0.32
CA ILE E 313 5.01 25.52 -1.77
C ILE E 313 6.25 24.92 -2.43
N SER E 314 7.42 25.23 -1.89
CA SER E 314 8.65 24.68 -2.45
C SER E 314 8.66 23.17 -2.33
N ALA E 315 8.21 22.65 -1.19
CA ALA E 315 8.14 21.21 -0.98
C ALA E 315 7.15 20.62 -1.97
N ALA E 316 6.02 21.29 -2.15
CA ALA E 316 4.99 20.83 -3.07
C ALA E 316 5.50 20.81 -4.52
N VAL E 317 6.20 21.88 -4.91
CA VAL E 317 6.75 21.98 -6.27
C VAL E 317 7.74 20.82 -6.52
N ALA E 318 8.48 20.45 -5.48
CA ALA E 318 9.44 19.36 -5.63
C ALA E 318 8.68 18.08 -5.90
N LYS E 319 7.58 17.88 -5.17
CA LYS E 319 6.74 16.69 -5.33
C LYS E 319 6.12 16.68 -6.72
N LEU E 320 5.74 17.85 -7.21
CA LEU E 320 5.14 17.98 -8.52
C LEU E 320 6.19 17.68 -9.59
N ALA E 321 7.40 18.21 -9.42
CA ALA E 321 8.45 17.96 -10.38
C ALA E 321 8.67 16.46 -10.46
N GLN E 322 8.70 15.82 -9.30
CA GLN E 322 8.92 14.40 -9.24
C GLN E 322 7.79 13.70 -9.99
N PHE E 323 6.57 14.19 -9.78
CA PHE E 323 5.39 13.63 -10.41
C PHE E 323 5.46 13.73 -11.94
N TYR E 324 5.99 14.84 -12.44
CA TYR E 324 6.10 15.06 -13.87
C TYR E 324 7.40 14.50 -14.44
N GLY E 325 8.28 14.01 -13.57
CA GLY E 325 9.54 13.43 -14.02
C GLY E 325 10.67 14.41 -14.27
N LEU E 326 10.55 15.64 -13.78
CA LEU E 326 11.56 16.66 -13.99
C LEU E 326 12.37 17.04 -12.74
N PRO E 327 13.57 17.61 -12.93
CA PRO E 327 14.40 18.03 -11.80
C PRO E 327 13.73 19.29 -11.25
N SER E 328 13.81 19.52 -9.94
CA SER E 328 13.19 20.69 -9.33
C SER E 328 14.21 21.71 -8.81
N TYR E 329 13.82 22.97 -8.85
CA TYR E 329 14.65 24.08 -8.39
C TYR E 329 13.69 24.97 -7.60
N VAL E 330 13.86 25.03 -6.28
CA VAL E 330 12.95 25.82 -5.47
C VAL E 330 13.63 26.72 -4.46
N ALA E 331 12.86 27.64 -3.90
CA ALA E 331 13.35 28.56 -2.90
C ALA E 331 13.43 27.85 -1.56
N GLY E 332 14.46 28.17 -0.79
CA GLY E 332 14.65 27.57 0.51
C GLY E 332 15.73 28.33 1.23
N SER E 333 15.82 28.15 2.54
CA SER E 333 16.80 28.87 3.34
C SER E 333 16.69 30.36 3.04
CA PYL E 334 15.19 32.27 2.89
C PYL E 334 14.64 32.92 4.14
N PYL E 334 15.47 30.86 3.14
N SER E 335 14.79 34.24 4.25
CA SER E 335 14.31 34.95 5.41
C SER E 335 13.87 36.36 5.10
N ASP E 336 12.99 36.89 5.94
CA ASP E 336 12.49 38.24 5.76
C ASP E 336 13.21 39.13 6.76
N ALA E 337 13.98 38.51 7.64
CA ALA E 337 14.75 39.22 8.65
C ALA E 337 15.68 40.23 7.99
N LYS E 338 15.74 41.42 8.57
CA LYS E 338 16.60 42.50 8.07
C LYS E 338 18.02 42.39 8.59
N VAL E 339 18.25 41.47 9.52
CA VAL E 339 19.55 41.28 10.12
C VAL E 339 19.64 39.83 10.61
N PRO E 340 20.84 39.23 10.57
CA PRO E 340 21.06 37.83 11.00
C PRO E 340 20.78 37.54 12.49
N ASP E 341 19.51 37.50 12.86
CA ASP E 341 19.10 37.25 14.24
C ASP E 341 18.35 35.94 14.43
N ASP E 342 17.66 35.84 15.57
CA ASP E 342 16.86 34.68 15.92
C ASP E 342 15.87 34.35 14.79
N GLN E 343 15.27 35.39 14.22
CA GLN E 343 14.31 35.22 13.13
C GLN E 343 14.94 34.63 11.87
N ALA E 344 16.11 35.10 11.48
CA ALA E 344 16.75 34.56 10.30
C ALA E 344 16.94 33.06 10.49
N GLY E 345 17.50 32.68 11.63
CA GLY E 345 17.72 31.28 11.92
C GLY E 345 16.47 30.45 11.79
N HIS E 346 15.37 30.94 12.35
CA HIS E 346 14.11 30.22 12.28
C HIS E 346 13.63 30.07 10.85
N GLU E 347 13.40 31.20 10.19
CA GLU E 347 12.90 31.19 8.83
C GLU E 347 13.77 30.40 7.88
N LYS E 348 15.08 30.60 7.97
CA LYS E 348 16.01 29.88 7.12
C LYS E 348 15.85 28.38 7.26
N THR E 349 15.65 27.91 8.49
CA THR E 349 15.53 26.46 8.75
C THR E 349 14.17 25.93 8.36
N MET E 350 13.14 26.75 8.55
CA MET E 350 11.78 26.37 8.19
C MET E 350 11.65 26.20 6.67
N THR E 351 12.08 27.21 5.92
CA THR E 351 11.98 27.17 4.47
C THR E 351 12.99 26.27 3.80
N THR E 352 13.90 25.69 4.56
CA THR E 352 14.87 24.79 3.94
C THR E 352 14.54 23.34 4.27
N LEU E 353 14.15 23.09 5.52
CA LEU E 353 13.83 21.76 5.98
C LEU E 353 12.71 21.10 5.19
N LEU E 354 11.63 21.84 4.95
CA LEU E 354 10.51 21.28 4.19
C LEU E 354 10.92 20.85 2.78
N PRO E 355 11.39 21.78 1.93
CA PRO E 355 11.78 21.36 0.59
C PRO E 355 12.88 20.28 0.55
N ALA E 356 13.76 20.29 1.56
CA ALA E 356 14.83 19.29 1.59
C ALA E 356 14.23 17.91 1.90
N LEU E 357 13.45 17.81 2.96
CA LEU E 357 12.81 16.55 3.31
C LEU E 357 11.90 16.10 2.16
N ALA E 358 11.43 17.05 1.35
CA ALA E 358 10.55 16.74 0.23
C ALA E 358 11.33 16.25 -1.00
N GLY E 359 12.61 16.60 -1.08
CA GLY E 359 13.43 16.15 -2.19
C GLY E 359 13.72 17.14 -3.30
N ALA E 360 13.66 18.44 -3.01
CA ALA E 360 13.94 19.44 -4.02
C ALA E 360 15.37 19.23 -4.49
N ASN E 361 15.60 19.19 -5.81
CA ASN E 361 16.94 18.93 -6.34
C ASN E 361 17.95 20.08 -6.23
N THR E 362 17.43 21.29 -6.06
CA THR E 362 18.24 22.47 -5.84
C THR E 362 17.39 23.37 -4.98
N ILE E 363 17.98 23.87 -3.90
CA ILE E 363 17.28 24.77 -3.01
C ILE E 363 18.12 26.02 -2.99
N TYR E 364 17.56 27.11 -3.49
CA TYR E 364 18.29 28.37 -3.51
C TYR E 364 17.71 29.38 -2.53
N GLY E 365 18.59 30.14 -1.90
CA GLY E 365 18.13 31.12 -0.92
C GLY E 365 19.26 31.49 0.02
N ALA E 366 20.19 30.56 0.21
CA ALA E 366 21.33 30.78 1.08
C ALA E 366 21.90 32.18 0.93
N GLY E 367 22.23 32.79 2.06
CA GLY E 367 22.82 34.12 2.04
C GLY E 367 21.83 35.24 2.00
N MET E 368 20.56 34.92 1.75
CA MET E 368 19.56 35.96 1.68
C MET E 368 19.10 36.54 3.00
N LEU E 369 18.59 37.77 2.91
CA LEU E 369 18.02 38.52 4.03
C LEU E 369 17.12 39.57 3.43
N GLU E 370 16.38 40.27 4.27
CA GLU E 370 15.48 41.33 3.82
C GLU E 370 14.61 40.97 2.62
N LEU E 371 13.92 39.84 2.69
CA LEU E 371 13.03 39.39 1.62
C LEU E 371 13.64 39.34 0.22
N GLY E 372 14.93 39.07 0.12
CA GLY E 372 15.55 39.01 -1.20
C GLY E 372 16.26 40.27 -1.66
N MET E 373 16.15 41.35 -0.89
CA MET E 373 16.79 42.60 -1.27
C MET E 373 18.28 42.62 -0.96
N THR E 374 18.66 41.94 0.11
CA THR E 374 20.04 41.93 0.55
C THR E 374 20.71 40.56 0.54
N PHE E 375 22.03 40.58 0.47
CA PHE E 375 22.79 39.36 0.52
C PHE E 375 23.77 39.55 1.66
N SER E 376 23.79 38.60 2.58
CA SER E 376 24.66 38.64 3.74
C SER E 376 25.64 37.49 3.71
N MET E 377 26.93 37.83 3.66
CA MET E 377 27.95 36.79 3.65
C MET E 377 27.93 36.11 5.02
N GLU E 378 27.64 36.87 6.06
CA GLU E 378 27.59 36.27 7.40
C GLU E 378 26.53 35.19 7.37
N GLN E 379 25.35 35.58 6.89
CA GLN E 379 24.23 34.65 6.81
C GLN E 379 24.52 33.48 5.88
N LEU E 380 25.28 33.74 4.82
CA LEU E 380 25.62 32.67 3.87
C LEU E 380 26.40 31.54 4.53
N VAL E 381 27.45 31.85 5.30
CA VAL E 381 28.19 30.77 5.96
C VAL E 381 27.33 30.11 7.04
N ILE E 382 26.48 30.88 7.69
CA ILE E 382 25.58 30.32 8.70
C ILE E 382 24.64 29.31 8.02
N ASP E 383 24.09 29.67 6.86
CA ASP E 383 23.19 28.76 6.14
C ASP E 383 23.94 27.49 5.72
N ASN E 384 25.20 27.67 5.32
CA ASN E 384 26.01 26.54 4.90
C ASN E 384 26.16 25.54 6.04
N ASP E 385 26.23 26.05 7.27
CA ASP E 385 26.36 25.19 8.44
C ASP E 385 25.01 24.55 8.70
N ILE E 386 23.96 25.34 8.55
CA ILE E 386 22.61 24.81 8.72
C ILE E 386 22.38 23.62 7.77
N PHE E 387 22.90 23.70 6.55
CA PHE E 387 22.71 22.60 5.61
C PHE E 387 23.42 21.32 6.06
N SER E 388 24.53 21.46 6.78
CA SER E 388 25.23 20.26 7.29
C SER E 388 24.30 19.60 8.29
N MET E 389 23.68 20.39 9.15
CA MET E 389 22.75 19.88 10.14
C MET E 389 21.56 19.25 9.44
N VAL E 390 21.06 19.92 8.40
CA VAL E 390 19.92 19.40 7.65
C VAL E 390 20.29 18.09 6.96
N LYS E 391 21.52 18.01 6.43
CA LYS E 391 21.96 16.78 5.78
C LYS E 391 21.98 15.63 6.77
N LYS E 392 22.31 15.94 8.03
CA LYS E 392 22.37 14.92 9.06
C LYS E 392 20.96 14.44 9.38
N ALA E 393 20.04 15.38 9.51
CA ALA E 393 18.66 15.04 9.80
C ALA E 393 18.13 14.13 8.69
N MET E 394 18.53 14.40 7.45
CA MET E 394 18.09 13.61 6.30
C MET E 394 18.58 12.17 6.27
N GLN E 395 19.53 11.84 7.12
CA GLN E 395 20.04 10.48 7.16
C GLN E 395 19.02 9.61 7.88
N GLY E 396 18.03 10.27 8.48
CA GLY E 396 17.01 9.56 9.22
C GLY E 396 17.60 8.69 10.32
N ILE E 397 16.95 7.56 10.55
CA ILE E 397 17.43 6.64 11.57
C ILE E 397 17.62 5.28 10.92
N PRO E 398 18.85 5.00 10.47
CA PRO E 398 19.19 3.73 9.82
C PRO E 398 18.89 2.57 10.77
N VAL E 399 18.14 1.60 10.29
CA VAL E 399 17.80 0.45 11.13
C VAL E 399 18.29 -0.87 10.57
N SER E 400 19.35 -1.39 11.20
CA SER E 400 19.96 -2.67 10.81
C SER E 400 20.48 -3.35 12.07
N GLU E 401 20.87 -4.61 11.95
CA GLU E 401 21.40 -5.33 13.10
C GLU E 401 22.57 -4.57 13.69
N GLU E 402 23.40 -4.01 12.82
CA GLU E 402 24.56 -3.26 13.31
C GLU E 402 24.17 -1.98 14.04
N THR E 403 23.20 -1.23 13.53
CA THR E 403 22.78 0.00 14.18
C THR E 403 21.97 -0.23 15.45
N LEU E 404 21.20 -1.33 15.49
CA LEU E 404 20.41 -1.65 16.67
C LEU E 404 21.34 -1.93 17.83
N ALA E 405 22.57 -2.29 17.49
CA ALA E 405 23.66 -2.54 18.43
C ALA E 405 23.36 -3.28 19.74
N VAL E 406 22.64 -4.40 19.68
CA VAL E 406 22.31 -5.13 20.90
C VAL E 406 23.54 -5.67 21.61
N GLU E 407 24.48 -6.23 20.86
CA GLU E 407 25.69 -6.75 21.49
C GLU E 407 26.48 -5.69 22.22
N SER E 408 26.43 -4.46 21.75
CA SER E 408 27.13 -3.37 22.40
C SER E 408 26.44 -3.06 23.71
N ILE E 409 25.12 -2.99 23.67
CA ILE E 409 24.32 -2.70 24.84
C ILE E 409 24.57 -3.75 25.93
N GLN E 410 24.63 -5.00 25.51
CA GLN E 410 24.86 -6.08 26.43
C GLN E 410 26.30 -6.09 26.92
N LYS E 411 27.23 -5.74 26.03
CA LYS E 411 28.64 -5.69 26.39
C LYS E 411 28.86 -4.62 27.45
N VAL E 412 28.30 -3.43 27.22
CA VAL E 412 28.46 -2.33 28.17
C VAL E 412 27.73 -2.65 29.47
N GLY E 413 26.53 -3.21 29.35
CA GLY E 413 25.76 -3.54 30.54
C GLY E 413 25.18 -2.34 31.27
N ILE E 414 24.41 -2.66 32.30
CA ILE E 414 23.75 -1.67 33.14
C ILE E 414 24.69 -0.72 33.89
N GLY E 415 24.38 0.57 33.84
CA GLY E 415 25.15 1.56 34.56
C GLY E 415 26.53 1.95 34.09
N ASN E 416 26.88 1.61 32.86
CA ASN E 416 28.20 1.95 32.34
C ASN E 416 28.04 2.81 31.10
N ASN E 417 29.15 3.24 30.50
CA ASN E 417 29.05 4.07 29.30
C ASN E 417 29.66 3.42 28.07
N PHE E 418 29.51 4.08 26.92
CA PHE E 418 30.00 3.57 25.64
C PHE E 418 31.20 4.31 25.09
N LEU E 419 31.70 5.28 25.83
CA LEU E 419 32.83 6.10 25.41
C LEU E 419 34.05 5.33 24.91
N ALA E 420 34.38 4.21 25.55
CA ALA E 420 35.57 3.46 25.16
C ALA E 420 35.39 2.29 24.20
N LEU E 421 34.17 2.07 23.71
CA LEU E 421 33.95 0.98 22.78
C LEU E 421 34.62 1.24 21.43
N LYS E 422 35.00 0.18 20.75
CA LYS E 422 35.63 0.30 19.44
C LYS E 422 34.61 0.98 18.54
N GLN E 423 33.37 0.50 18.65
CA GLN E 423 32.24 1.00 17.89
C GLN E 423 32.18 2.53 17.95
N THR E 424 32.15 3.07 19.17
CA THR E 424 32.08 4.51 19.37
C THR E 424 33.23 5.29 18.72
N ARG E 425 34.46 4.80 18.83
CA ARG E 425 35.62 5.49 18.26
C ARG E 425 35.57 5.54 16.74
N GLN E 426 35.32 4.38 16.15
CA GLN E 426 35.25 4.28 14.69
C GLN E 426 34.23 5.22 14.08
N LEU E 427 33.21 5.58 14.85
CA LEU E 427 32.15 6.46 14.36
C LEU E 427 32.21 7.88 14.90
N VAL E 428 33.35 8.26 15.47
CA VAL E 428 33.49 9.60 16.05
C VAL E 428 33.14 10.73 15.07
N ASP E 429 33.28 10.48 13.78
CA ASP E 429 32.97 11.50 12.77
C ASP E 429 31.54 11.44 12.23
N TYR E 430 30.78 10.44 12.65
CA TYR E 430 29.40 10.30 12.17
C TYR E 430 28.44 11.36 12.73
N PRO E 431 28.38 11.52 14.06
CA PRO E 431 27.47 12.51 14.66
C PRO E 431 27.63 13.89 14.03
N SER E 432 26.57 14.68 14.06
CA SER E 432 26.63 16.03 13.50
C SER E 432 27.76 16.81 14.20
N ASN E 433 28.55 17.51 13.40
CA ASN E 433 29.65 18.30 13.92
C ASN E 433 29.67 19.69 13.29
N PRO E 434 28.77 20.57 13.74
CA PRO E 434 28.68 21.93 13.20
C PRO E 434 29.99 22.72 13.26
N MET E 435 30.21 23.54 12.24
CA MET E 435 31.40 24.37 12.12
C MET E 435 31.28 25.71 12.84
N LEU E 436 30.08 26.25 12.90
CA LEU E 436 29.84 27.55 13.55
C LEU E 436 28.91 27.51 14.75
N LEU E 437 27.87 26.69 14.68
CA LEU E 437 26.92 26.60 15.80
C LEU E 437 27.71 26.23 17.05
N ASP E 438 27.57 27.03 18.09
CA ASP E 438 28.28 26.81 19.35
C ASP E 438 27.65 25.79 20.29
N ARG E 439 28.42 24.76 20.62
CA ARG E 439 27.94 23.71 21.52
C ARG E 439 28.69 23.65 22.86
N HIS E 440 29.50 24.67 23.15
CA HIS E 440 30.25 24.69 24.39
C HIS E 440 29.39 25.14 25.55
N MET E 441 29.85 24.86 26.76
CA MET E 441 29.14 25.27 27.95
C MET E 441 29.45 26.75 28.14
N PHE E 442 28.64 27.44 28.94
CA PHE E 442 28.83 28.87 29.16
C PHE E 442 30.28 29.31 29.33
N GLY E 443 30.98 28.69 30.28
CA GLY E 443 32.37 29.04 30.53
C GLY E 443 33.28 29.14 29.34
N ASP E 444 33.42 28.05 28.58
CA ASP E 444 34.27 28.04 27.40
C ASP E 444 33.78 29.07 26.40
N TRP E 445 32.46 29.19 26.26
CA TRP E 445 31.86 30.13 25.34
C TRP E 445 32.16 31.58 25.72
N ALA E 446 31.99 31.91 27.00
CA ALA E 446 32.25 33.27 27.48
C ALA E 446 33.72 33.62 27.32
N ALA E 447 34.58 32.61 27.50
CA ALA E 447 36.02 32.78 27.37
C ALA E 447 36.44 33.05 25.93
N ALA E 448 35.66 32.52 24.98
CA ALA E 448 35.97 32.73 23.57
C ALA E 448 35.50 34.12 23.17
N GLY E 449 34.87 34.82 24.12
CA GLY E 449 34.43 36.17 23.85
C GLY E 449 32.93 36.40 23.92
N SER E 450 32.17 35.40 24.36
CA SER E 450 30.71 35.55 24.44
C SER E 450 30.19 36.09 23.12
N LYS E 451 30.54 35.41 22.03
CA LYS E 451 30.14 35.82 20.69
C LYS E 451 28.85 35.16 20.20
N ASP E 452 27.95 35.96 19.62
CA ASP E 452 26.72 35.41 19.08
C ASP E 452 27.11 34.78 17.72
N LEU E 453 26.20 34.05 17.10
CA LEU E 453 26.53 33.39 15.85
C LEU E 453 26.96 34.32 14.73
N ALA E 454 26.35 35.49 14.65
CA ALA E 454 26.68 36.42 13.59
C ALA E 454 28.14 36.88 13.59
N THR E 455 28.67 37.27 14.76
CA THR E 455 30.05 37.73 14.80
C THR E 455 30.98 36.56 14.50
N VAL E 456 30.62 35.38 14.96
CA VAL E 456 31.43 34.21 14.70
C VAL E 456 31.44 33.97 13.19
N ALA E 457 30.27 34.05 12.58
CA ALA E 457 30.16 33.85 11.15
C ALA E 457 31.03 34.87 10.42
N HIS E 458 30.91 36.13 10.83
CA HIS E 458 31.69 37.19 10.23
C HIS E 458 33.19 36.96 10.26
N GLU E 459 33.72 36.55 11.41
CA GLU E 459 35.15 36.28 11.52
C GLU E 459 35.50 35.17 10.53
N LYS E 460 34.56 34.24 10.31
CA LYS E 460 34.80 33.15 9.36
C LYS E 460 34.84 33.71 7.94
N VAL E 461 33.90 34.61 7.62
CA VAL E 461 33.87 35.23 6.31
C VAL E 461 35.21 35.92 6.06
N GLU E 462 35.65 36.74 7.02
CA GLU E 462 36.93 37.44 6.91
C GLU E 462 38.05 36.44 6.65
N ASP E 463 38.08 35.37 7.42
CA ASP E 463 39.11 34.36 7.25
C ASP E 463 39.06 33.71 5.87
N VAL E 464 37.86 33.36 5.40
CA VAL E 464 37.72 32.73 4.09
C VAL E 464 38.13 33.64 2.93
N LEU E 465 37.59 34.85 2.91
CA LEU E 465 37.90 35.80 1.85
C LEU E 465 39.39 36.06 1.81
N LYS E 466 40.02 35.98 2.97
CA LYS E 466 41.44 36.22 3.07
C LYS E 466 42.33 35.06 2.62
N ASN E 467 42.03 33.85 3.08
CA ASN E 467 42.88 32.71 2.76
C ASN E 467 42.39 31.66 1.76
N HIS E 468 41.16 31.77 1.26
CA HIS E 468 40.73 30.74 0.32
C HIS E 468 41.21 30.94 -1.11
N GLN E 469 41.68 29.85 -1.72
CA GLN E 469 42.19 29.90 -3.09
C GLN E 469 41.23 29.24 -4.08
N VAL E 470 40.90 29.97 -5.13
CA VAL E 470 39.99 29.47 -6.17
C VAL E 470 40.76 29.14 -7.44
N THR E 471 40.55 27.95 -7.99
CA THR E 471 41.22 27.55 -9.24
C THR E 471 41.00 28.60 -10.34
N PRO E 472 42.03 29.42 -10.61
CA PRO E 472 41.91 30.46 -11.63
C PRO E 472 41.74 29.89 -13.03
N ILE E 473 41.22 30.71 -13.94
CA ILE E 473 41.05 30.29 -15.31
C ILE E 473 42.34 30.63 -16.03
N ASP E 474 42.77 29.76 -16.95
CA ASP E 474 43.98 29.99 -17.73
C ASP E 474 43.97 31.44 -18.23
N ALA E 475 45.06 32.16 -17.96
CA ALA E 475 45.18 33.57 -18.37
C ALA E 475 44.88 33.84 -19.84
N ASP E 476 45.29 32.94 -20.71
CA ASP E 476 45.02 33.12 -22.13
C ASP E 476 43.54 32.92 -22.41
N ILE E 477 42.98 31.83 -21.90
CA ILE E 477 41.56 31.54 -22.07
C ILE E 477 40.80 32.72 -21.53
N PHE E 478 41.23 33.24 -20.38
CA PHE E 478 40.55 34.37 -19.77
C PHE E 478 40.48 35.57 -20.69
N LYS E 479 41.57 35.84 -21.42
CA LYS E 479 41.59 36.96 -22.34
C LYS E 479 40.49 36.83 -23.38
N ASP E 480 40.34 35.62 -23.92
CA ASP E 480 39.30 35.36 -24.92
C ASP E 480 37.93 35.64 -24.33
N MET E 481 37.70 35.11 -23.13
CA MET E 481 36.42 35.33 -22.45
C MET E 481 36.22 36.80 -22.17
N GLN E 482 37.29 37.45 -21.72
CA GLN E 482 37.22 38.88 -21.41
C GLN E 482 36.89 39.67 -22.67
N ALA E 483 37.37 39.20 -23.82
CA ALA E 483 37.10 39.88 -25.08
C ALA E 483 35.60 39.96 -25.34
N ILE E 484 34.91 38.82 -25.27
CA ILE E 484 33.48 38.77 -25.50
C ILE E 484 32.75 39.80 -24.64
N VAL E 485 33.16 39.94 -23.40
CA VAL E 485 32.53 40.92 -22.52
C VAL E 485 32.76 42.30 -23.10
N ASP E 486 33.98 42.57 -23.55
CA ASP E 486 34.28 43.88 -24.13
C ASP E 486 33.44 44.12 -25.39
N LYS E 487 33.36 43.09 -26.23
CA LYS E 487 32.57 43.17 -27.46
C LYS E 487 31.14 43.56 -27.09
N ALA E 488 30.60 42.89 -26.08
CA ALA E 488 29.24 43.16 -25.62
C ALA E 488 29.09 44.59 -25.08
N ASP E 489 30.15 45.08 -24.44
CA ASP E 489 30.14 46.44 -23.90
C ASP E 489 30.09 47.45 -25.04
N LYS E 490 30.91 47.24 -26.07
CA LYS E 490 30.94 48.14 -27.23
C LYS E 490 29.54 48.23 -27.81
N ALA E 491 28.98 47.08 -28.17
CA ALA E 491 27.63 47.04 -28.72
C ALA E 491 26.67 47.87 -27.87
N PHE E 492 26.75 47.70 -26.55
CA PHE E 492 25.89 48.44 -25.64
C PHE E 492 25.99 49.96 -25.84
N ARG E 493 27.22 50.44 -26.01
CA ARG E 493 27.43 51.87 -26.21
C ARG E 493 26.95 52.31 -27.59
N GLY E 494 26.97 51.37 -28.53
CA GLY E 494 26.52 51.67 -29.87
C GLY E 494 25.01 51.77 -29.96
N MET E 495 24.35 51.63 -28.81
CA MET E 495 22.89 51.71 -28.77
C MET E 495 22.39 53.10 -28.43
N ALA F 2 28.99 19.63 -6.06
CA ALA F 2 29.76 18.40 -5.71
C ALA F 2 28.86 17.17 -5.82
N LYS F 3 29.42 16.01 -5.47
CA LYS F 3 28.67 14.76 -5.52
C LYS F 3 27.58 14.78 -4.46
N ASN F 4 26.38 14.36 -4.84
CA ASN F 4 25.26 14.35 -3.92
C ASN F 4 25.57 13.49 -2.71
N ASN F 5 25.02 13.89 -1.57
CA ASN F 5 25.20 13.15 -0.34
C ASN F 5 24.05 13.55 0.57
N ALA F 6 22.89 13.78 -0.05
CA ALA F 6 21.69 14.18 0.66
C ALA F 6 20.48 13.78 -0.18
N VAL F 7 19.84 12.67 0.22
CA VAL F 7 18.68 12.17 -0.51
C VAL F 7 17.44 12.14 0.37
N ALA F 8 16.29 12.45 -0.20
CA ALA F 8 15.05 12.43 0.56
C ALA F 8 14.63 10.98 0.78
N GLY F 9 13.56 10.80 1.54
CA GLY F 9 13.05 9.46 1.83
C GLY F 9 13.08 8.55 0.62
N PHE F 10 13.63 7.36 0.81
CA PHE F 10 13.75 6.38 -0.26
C PHE F 10 13.25 5.04 0.26
N ASN F 11 12.41 4.38 -0.53
CA ASN F 11 11.87 3.08 -0.15
C ASN F 11 12.73 1.96 -0.72
N ALA F 12 13.20 1.09 0.15
CA ALA F 12 14.06 0.00 -0.26
C ALA F 12 13.56 -1.35 0.20
N LEU F 13 13.97 -2.39 -0.52
CA LEU F 13 13.64 -3.75 -0.18
C LEU F 13 14.98 -4.44 0.01
N ASN F 14 15.34 -4.73 1.24
CA ASN F 14 16.61 -5.41 1.51
C ASN F 14 16.41 -6.92 1.40
N GLY F 15 17.12 -7.54 0.47
CA GLY F 15 17.01 -8.97 0.31
C GLY F 15 15.98 -9.36 -0.72
N VAL F 16 15.38 -10.52 -0.50
CA VAL F 16 14.38 -11.06 -1.41
C VAL F 16 13.10 -11.37 -0.64
N GLU F 17 12.01 -10.77 -1.06
CA GLU F 17 10.75 -11.00 -0.37
C GLU F 17 9.90 -11.99 -1.14
N LEU F 18 9.39 -12.99 -0.42
CA LEU F 18 8.53 -13.99 -1.05
C LEU F 18 7.17 -13.95 -0.37
N ASN F 19 6.12 -13.83 -1.17
CA ASN F 19 4.76 -13.76 -0.62
C ASN F 19 3.86 -14.88 -1.06
N LEU F 20 3.06 -15.36 -0.11
CA LEU F 20 2.10 -16.45 -0.37
C LEU F 20 0.68 -16.04 -0.01
N PHE F 21 0.56 -15.07 0.88
CA PHE F 21 -0.75 -14.65 1.33
C PHE F 21 -0.95 -13.16 1.47
N THR F 22 -2.21 -12.81 1.64
CA THR F 22 -2.63 -11.44 1.88
C THR F 22 -3.20 -11.56 3.29
N THR F 23 -3.38 -10.43 3.97
CA THR F 23 -3.92 -10.47 5.30
C THR F 23 -5.25 -11.21 5.32
N ASP F 24 -6.11 -10.91 4.35
CA ASP F 24 -7.40 -11.57 4.25
C ASP F 24 -7.27 -13.08 4.25
N GLU F 25 -6.27 -13.58 3.54
CA GLU F 25 -6.05 -15.02 3.45
C GLU F 25 -5.56 -15.60 4.78
N LEU F 26 -4.64 -14.92 5.45
CA LEU F 26 -4.15 -15.43 6.72
C LEU F 26 -5.32 -15.48 7.70
N LYS F 27 -6.20 -14.48 7.63
CA LYS F 27 -7.37 -14.42 8.49
C LYS F 27 -8.28 -15.60 8.20
N ALA F 28 -8.44 -15.92 6.91
CA ALA F 28 -9.27 -17.03 6.50
C ALA F 28 -8.81 -18.34 7.16
N ILE F 29 -7.50 -18.57 7.13
CA ILE F 29 -6.92 -19.77 7.71
C ILE F 29 -7.10 -19.76 9.22
N HIS F 30 -6.98 -18.57 9.82
CA HIS F 30 -7.13 -18.43 11.26
C HIS F 30 -8.57 -18.75 11.68
N TYR F 31 -9.54 -18.15 11.00
CA TYR F 31 -10.94 -18.40 11.33
C TYR F 31 -11.26 -19.88 11.14
N ALA F 32 -10.77 -20.45 10.05
CA ALA F 32 -11.00 -21.86 9.78
C ALA F 32 -10.43 -22.71 10.92
N THR F 33 -9.30 -22.29 11.47
CA THR F 33 -8.70 -23.05 12.57
C THR F 33 -9.51 -22.89 13.86
N MET F 34 -9.87 -21.66 14.22
CA MET F 34 -10.66 -21.46 15.42
C MET F 34 -11.93 -22.31 15.30
N GLU F 35 -12.45 -22.41 14.10
CA GLU F 35 -13.65 -23.22 13.87
C GLU F 35 -13.32 -24.66 14.25
N VAL F 36 -12.27 -25.21 13.65
CA VAL F 36 -11.84 -26.57 13.90
C VAL F 36 -11.52 -26.84 15.36
N LEU F 37 -10.99 -25.84 16.06
CA LEU F 37 -10.64 -26.01 17.47
C LEU F 37 -11.86 -26.21 18.36
N MET F 38 -13.03 -25.84 17.86
CA MET F 38 -14.28 -25.98 18.60
C MET F 38 -15.02 -27.21 18.10
N ASP F 39 -14.77 -27.56 16.83
CA ASP F 39 -15.38 -28.71 16.19
C ASP F 39 -14.43 -29.19 15.12
N PRO F 40 -13.95 -30.44 15.22
CA PRO F 40 -14.23 -31.45 16.24
C PRO F 40 -13.48 -31.24 17.55
N GLY F 41 -12.64 -30.23 17.59
CA GLY F 41 -11.88 -29.98 18.80
C GLY F 41 -10.60 -30.79 18.78
N ILE F 42 -9.95 -30.91 19.92
CA ILE F 42 -8.70 -31.65 19.99
C ILE F 42 -8.69 -32.68 21.11
N GLN F 43 -8.26 -33.89 20.77
CA GLN F 43 -8.18 -34.99 21.72
C GLN F 43 -6.88 -34.94 22.52
N VAL F 44 -7.01 -34.64 23.81
CA VAL F 44 -5.85 -34.55 24.70
C VAL F 44 -5.82 -35.79 25.60
N SER F 45 -4.92 -36.71 25.29
CA SER F 45 -4.80 -37.96 26.03
C SER F 45 -4.31 -37.84 27.47
N ASP F 46 -3.42 -36.89 27.71
CA ASP F 46 -2.86 -36.71 29.04
C ASP F 46 -3.88 -36.07 29.99
N PRO F 47 -4.23 -36.75 31.09
CA PRO F 47 -5.19 -36.22 32.06
C PRO F 47 -4.75 -34.91 32.71
N GLU F 48 -3.45 -34.79 32.96
CA GLU F 48 -2.91 -33.59 33.59
C GLU F 48 -3.07 -32.37 32.67
N ALA F 49 -2.90 -32.59 31.37
CA ALA F 49 -3.04 -31.52 30.39
C ALA F 49 -4.50 -31.12 30.30
N ARG F 50 -5.35 -32.14 30.22
CA ARG F 50 -6.80 -31.94 30.14
C ARG F 50 -7.28 -31.07 31.30
N GLN F 51 -6.68 -31.25 32.47
CA GLN F 51 -7.02 -30.50 33.66
C GLN F 51 -6.61 -29.04 33.51
N ILE F 52 -5.39 -28.83 32.99
CA ILE F 52 -4.88 -27.49 32.79
C ILE F 52 -5.76 -26.77 31.79
N PHE F 53 -6.22 -27.49 30.76
CA PHE F 53 -7.10 -26.89 29.77
C PHE F 53 -8.42 -26.53 30.46
N LYS F 54 -9.03 -27.50 31.13
CA LYS F 54 -10.29 -27.30 31.83
C LYS F 54 -10.24 -26.14 32.82
N GLU F 55 -9.16 -26.05 33.59
CA GLU F 55 -9.00 -24.98 34.58
C GLU F 55 -8.99 -23.59 33.97
N ASN F 56 -8.75 -23.49 32.67
CA ASN F 56 -8.67 -22.19 32.05
C ASN F 56 -9.86 -21.79 31.21
N GLY F 57 -10.87 -22.65 31.14
CA GLY F 57 -12.07 -22.30 30.38
C GLY F 57 -12.47 -23.18 29.22
N CYS F 58 -11.66 -24.20 28.93
CA CYS F 58 -11.97 -25.10 27.82
C CYS F 58 -13.03 -26.12 28.20
N GLU F 59 -13.84 -26.51 27.22
CA GLU F 59 -14.85 -27.52 27.46
C GLU F 59 -14.12 -28.86 27.30
N VAL F 60 -14.18 -29.70 28.33
CA VAL F 60 -13.51 -31.00 28.26
C VAL F 60 -14.45 -32.16 28.52
N ASN F 61 -14.60 -33.00 27.52
CA ASN F 61 -15.43 -34.19 27.58
C ASN F 61 -14.55 -35.33 28.11
N GLU F 62 -14.76 -35.74 29.35
CA GLU F 62 -13.93 -36.80 29.93
C GLU F 62 -14.08 -38.18 29.31
N LYS F 63 -15.21 -38.45 28.66
CA LYS F 63 -15.41 -39.76 28.03
C LYS F 63 -14.65 -39.89 26.71
N THR F 64 -14.62 -38.82 25.93
CA THR F 64 -13.94 -38.83 24.64
C THR F 64 -12.55 -38.22 24.73
N ASN F 65 -12.30 -37.49 25.82
CA ASN F 65 -11.04 -36.80 26.06
C ASN F 65 -10.80 -35.65 25.09
N VAL F 66 -11.86 -35.21 24.41
CA VAL F 66 -11.76 -34.12 23.47
C VAL F 66 -11.86 -32.78 24.17
N VAL F 67 -10.98 -31.86 23.78
CA VAL F 67 -10.93 -30.52 24.34
C VAL F 67 -11.32 -29.50 23.28
N LYS F 68 -12.18 -28.56 23.64
CA LYS F 68 -12.57 -27.52 22.70
C LYS F 68 -11.94 -26.24 23.22
N ILE F 69 -10.97 -25.74 22.48
CA ILE F 69 -10.26 -24.54 22.87
C ILE F 69 -10.90 -23.29 22.29
N PRO F 70 -11.39 -22.39 23.16
CA PRO F 70 -12.03 -21.14 22.71
C PRO F 70 -10.97 -20.17 22.19
N GLU F 71 -11.34 -19.34 21.23
CA GLU F 71 -10.40 -18.40 20.65
C GLU F 71 -9.68 -17.48 21.66
N TYR F 72 -10.38 -17.04 22.69
CA TYR F 72 -9.74 -16.16 23.66
C TYR F 72 -8.53 -16.80 24.34
N LEU F 73 -8.48 -18.13 24.38
CA LEU F 73 -7.34 -18.79 24.98
C LEU F 73 -6.24 -18.85 23.95
N VAL F 74 -6.60 -18.99 22.67
CA VAL F 74 -5.58 -19.00 21.64
C VAL F 74 -4.94 -17.62 21.67
N ARG F 75 -5.76 -16.58 21.79
CA ARG F 75 -5.29 -15.20 21.85
C ARG F 75 -4.43 -14.97 23.08
N LYS F 76 -4.90 -15.45 24.23
CA LYS F 76 -4.18 -15.31 25.48
C LYS F 76 -2.81 -15.96 25.37
N ALA F 77 -2.79 -17.22 24.91
CA ALA F 77 -1.54 -17.94 24.78
C ALA F 77 -0.57 -17.17 23.89
N LEU F 78 -1.06 -16.65 22.77
CA LEU F 78 -0.21 -15.90 21.85
C LEU F 78 0.35 -14.62 22.47
N GLN F 79 -0.38 -14.03 23.41
CA GLN F 79 0.10 -12.81 24.05
C GLN F 79 1.17 -13.17 25.07
N LEU F 80 1.12 -14.39 25.58
CA LEU F 80 2.08 -14.87 26.56
C LEU F 80 3.40 -15.38 25.97
N ALA F 81 3.33 -16.09 24.84
CA ALA F 81 4.53 -16.64 24.20
C ALA F 81 5.51 -15.55 23.78
N PRO F 82 6.79 -15.69 24.13
CA PRO F 82 7.80 -14.70 23.76
C PRO F 82 8.07 -14.74 22.26
N SER F 83 8.29 -13.57 21.67
CA SER F 83 8.56 -13.46 20.24
C SER F 83 9.97 -13.93 19.91
N ARG F 84 10.81 -14.03 20.94
CA ARG F 84 12.15 -14.53 20.70
C ARG F 84 12.79 -15.12 21.95
N PHE F 85 13.82 -15.92 21.72
CA PHE F 85 14.60 -16.52 22.78
C PHE F 85 15.91 -16.96 22.14
N VAL F 86 16.95 -17.09 22.97
CA VAL F 86 18.27 -17.46 22.49
C VAL F 86 18.60 -18.89 22.82
N LEU F 87 19.06 -19.64 21.82
CA LEU F 87 19.47 -21.01 22.06
C LEU F 87 20.97 -20.88 22.31
N TRP F 88 21.40 -21.27 23.51
CA TRP F 88 22.82 -21.20 23.83
C TRP F 88 23.53 -22.46 23.40
N GLY F 89 24.82 -22.30 23.09
CA GLY F 89 25.61 -23.45 22.72
C GLY F 89 26.53 -23.65 23.91
N ARG F 90 27.33 -24.70 23.88
CA ARG F 90 28.26 -24.92 24.97
C ARG F 90 29.26 -23.76 24.82
N ASP F 91 29.44 -23.33 23.57
CA ASP F 91 30.31 -22.20 23.22
C ASP F 91 29.42 -21.02 22.83
N LYS F 92 29.55 -19.94 23.57
CA LYS F 92 28.77 -18.73 23.36
C LYS F 92 28.73 -18.23 21.91
N LYS F 93 29.79 -18.48 21.15
CA LYS F 93 29.81 -18.03 19.76
C LYS F 93 28.83 -18.79 18.88
N PHE F 94 28.36 -19.93 19.37
CA PHE F 94 27.41 -20.72 18.60
C PHE F 94 25.97 -20.38 18.98
N ASN F 95 25.83 -19.36 19.83
CA ASN F 95 24.50 -18.93 20.23
C ASN F 95 23.71 -18.57 18.98
N THR F 96 22.44 -18.95 18.97
CA THR F 96 21.56 -18.71 17.84
C THR F 96 20.25 -18.10 18.32
N VAL F 97 19.86 -16.97 17.74
CA VAL F 97 18.61 -16.34 18.12
C VAL F 97 17.44 -16.84 17.27
N GLN F 98 16.34 -17.14 17.92
CA GLN F 98 15.13 -17.58 17.23
C GLN F 98 14.09 -16.52 17.52
N GLU F 99 13.70 -15.76 16.51
CA GLU F 99 12.71 -14.73 16.73
C GLU F 99 11.77 -14.51 15.57
N CYS F 100 10.57 -14.09 15.92
CA CYS F 100 9.55 -13.80 14.94
C CYS F 100 10.19 -12.88 13.90
N GLY F 101 10.10 -13.26 12.63
CA GLY F 101 10.69 -12.46 11.58
C GLY F 101 11.25 -13.30 10.46
N GLY F 102 12.25 -12.77 9.75
CA GLY F 102 12.82 -13.50 8.65
C GLY F 102 14.24 -13.94 8.84
N LYS F 103 14.73 -13.92 10.08
CA LYS F 103 16.10 -14.35 10.33
C LYS F 103 16.15 -15.88 10.23
N VAL F 104 16.78 -16.34 9.16
CA VAL F 104 16.86 -17.76 8.88
C VAL F 104 18.10 -18.46 9.43
N HIS F 105 17.90 -19.70 9.86
CA HIS F 105 18.97 -20.55 10.38
C HIS F 105 18.69 -21.96 9.94
N TRP F 106 19.75 -22.77 9.86
CA TRP F 106 19.60 -24.15 9.43
C TRP F 106 20.14 -25.09 10.49
N THR F 107 19.54 -26.28 10.55
CA THR F 107 19.99 -27.33 11.47
C THR F 107 19.84 -28.63 10.69
N CYS F 108 20.58 -29.65 11.06
CA CYS F 108 20.45 -30.92 10.34
C CYS F 108 19.11 -31.55 10.68
N PHE F 109 18.77 -32.62 9.98
CA PHE F 109 17.51 -33.29 10.23
C PHE F 109 17.63 -34.41 11.27
N GLY F 110 16.49 -34.92 11.70
CA GLY F 110 16.45 -35.98 12.67
C GLY F 110 15.08 -36.62 12.60
N THR F 111 14.99 -37.91 12.87
CA THR F 111 16.15 -38.73 13.19
C THR F 111 16.13 -39.93 12.26
N GLY F 112 17.25 -40.20 11.60
CA GLY F 112 17.31 -41.35 10.72
C GLY F 112 17.52 -42.59 11.55
N VAL F 113 17.28 -43.75 10.94
CA VAL F 113 17.47 -45.02 11.63
C VAL F 113 18.63 -45.73 10.96
N LYS F 114 19.06 -45.18 9.83
CA LYS F 114 20.18 -45.72 9.08
C LYS F 114 21.19 -44.64 8.75
N VAL F 115 22.38 -45.05 8.35
CA VAL F 115 23.45 -44.11 8.00
C VAL F 115 24.22 -44.59 6.78
N CYS F 116 24.40 -43.70 5.80
CA CYS F 116 25.15 -44.03 4.59
C CYS F 116 26.65 -44.16 4.92
N LYS F 117 27.26 -45.23 4.45
N LYS F 117 27.28 -45.17 4.35
CA LYS F 117 28.68 -45.51 4.73
CA LYS F 117 28.72 -45.41 4.53
C LYS F 117 29.49 -45.91 3.51
C LYS F 117 29.37 -45.61 3.17
N TYR F 118 30.79 -46.12 3.73
N TYR F 118 29.60 -44.48 2.49
CA TYR F 118 31.70 -46.51 2.67
CA TYR F 118 30.21 -44.44 1.16
C TYR F 118 32.38 -47.82 3.07
C TYR F 118 31.35 -45.44 0.99
N GLN F 119 32.07 -48.90 2.34
N GLN F 119 31.35 -46.12 -0.15
CA GLN F 119 32.61 -50.22 2.62
CA GLN F 119 32.36 -47.12 -0.46
C GLN F 119 33.63 -50.70 1.58
C GLN F 119 33.21 -46.73 -1.68
N ASP F 120 33.19 -51.63 0.73
N ASP F 120 32.58 -46.62 -2.83
CA ASP F 120 34.04 -52.18 -0.33
CA ASP F 120 33.27 -46.24 -4.07
C ASP F 120 33.84 -51.36 -1.60
C ASP F 120 32.25 -45.57 -4.99
N GLY F 121 33.32 -50.15 -1.42
N GLY F 121 31.63 -44.50 -4.51
CA GLY F 121 33.07 -49.27 -2.55
CA GLY F 121 30.63 -43.82 -5.30
C GLY F 121 31.62 -48.80 -2.52
C GLY F 121 29.45 -44.76 -5.37
N LYS F 122 31.36 -47.62 -3.07
N LYS F 122 29.33 -45.59 -4.33
CA LYS F 122 30.00 -47.08 -3.08
CA LYS F 122 28.27 -46.58 -4.23
C LYS F 122 29.55 -46.79 -1.66
C LYS F 122 27.20 -46.19 -3.21
N TYR F 123 28.46 -46.05 -1.52
N TYR F 123 26.74 -47.17 -2.43
CA TYR F 123 27.93 -45.71 -0.21
CA TYR F 123 25.71 -46.95 -1.42
C TYR F 123 26.78 -46.67 0.07
C TYR F 123 25.62 -48.11 -0.43
N VAL F 124 26.84 -47.34 1.22
N VAL F 124 26.01 -47.85 0.82
CA VAL F 124 25.79 -48.29 1.61
CA VAL F 124 25.98 -48.86 1.88
C VAL F 124 25.08 -47.76 2.85
C VAL F 124 25.38 -48.31 3.17
N THR F 125 24.07 -48.49 3.34
CA THR F 125 23.36 -48.01 4.53
C THR F 125 23.36 -49.04 5.67
N VAL F 126 23.80 -48.60 6.84
CA VAL F 126 23.84 -49.49 8.01
C VAL F 126 23.03 -48.85 9.13
N ASP F 127 22.28 -49.67 9.87
CA ASP F 127 21.46 -49.17 10.96
C ASP F 127 22.30 -48.29 11.89
N SER F 128 21.70 -47.19 12.35
CA SER F 128 22.39 -46.24 13.21
C SER F 128 22.66 -46.71 14.65
N VAL F 129 23.76 -46.20 15.20
CA VAL F 129 24.19 -46.53 16.56
C VAL F 129 24.68 -45.26 17.23
N GLU F 130 24.66 -45.26 18.56
CA GLU F 130 25.09 -44.12 19.35
C GLU F 130 26.38 -43.47 18.85
N LYS F 131 27.27 -44.26 18.27
CA LYS F 131 28.53 -43.70 17.78
C LYS F 131 28.32 -42.80 16.57
N ASP F 132 27.38 -43.18 15.70
CA ASP F 132 27.06 -42.39 14.52
C ASP F 132 26.65 -40.97 14.94
N ILE F 133 25.89 -40.86 16.03
CA ILE F 133 25.47 -39.57 16.53
C ILE F 133 26.70 -38.74 16.85
N ALA F 134 27.72 -39.40 17.42
CA ALA F 134 28.95 -38.74 17.79
C ALA F 134 29.70 -38.20 16.57
N ASP F 135 29.77 -38.99 15.51
CA ASP F 135 30.46 -38.57 14.30
C ASP F 135 29.72 -37.40 13.66
N ILE F 136 28.41 -37.59 13.44
CA ILE F 136 27.58 -36.56 12.84
C ILE F 136 27.62 -35.28 13.66
N ALA F 137 27.72 -35.41 14.98
CA ALA F 137 27.77 -34.23 15.83
C ALA F 137 29.04 -33.45 15.56
N LYS F 138 30.12 -34.17 15.34
CA LYS F 138 31.41 -33.56 15.08
C LYS F 138 31.34 -32.82 13.76
N LEU F 139 30.80 -33.50 12.76
CA LEU F 139 30.68 -32.93 11.43
C LEU F 139 29.89 -31.63 11.49
N CYS F 140 28.72 -31.69 12.13
CA CYS F 140 27.86 -30.52 12.27
C CYS F 140 28.52 -29.38 13.03
N ASP F 141 29.35 -29.72 14.01
CA ASP F 141 30.04 -28.70 14.79
C ASP F 141 30.92 -27.89 13.85
N TRP F 142 31.39 -28.56 12.80
CA TRP F 142 32.25 -27.95 11.80
C TRP F 142 31.49 -27.13 10.76
N ALA F 143 30.35 -27.64 10.30
CA ALA F 143 29.54 -26.96 9.30
C ALA F 143 29.08 -25.58 9.80
N GLU F 144 29.55 -24.53 9.14
CA GLU F 144 29.22 -23.17 9.55
C GLU F 144 27.80 -22.73 9.31
N ASN F 145 27.12 -23.36 8.36
CA ASN F 145 25.74 -22.97 8.09
C ASN F 145 24.73 -23.80 8.88
N ILE F 146 25.25 -24.69 9.71
CA ILE F 146 24.44 -25.51 10.57
C ILE F 146 24.50 -24.82 11.93
N ASP F 147 23.58 -23.90 12.17
CA ASP F 147 23.54 -23.14 13.41
C ASP F 147 23.52 -23.98 14.67
N TYR F 148 22.68 -25.01 14.71
CA TYR F 148 22.68 -25.87 15.87
C TYR F 148 22.43 -27.32 15.51
N PHE F 149 22.72 -28.19 16.47
CA PHE F 149 22.61 -29.62 16.29
C PHE F 149 21.26 -30.21 16.67
N SER F 150 20.74 -31.10 15.83
CA SER F 150 19.48 -31.77 16.08
C SER F 150 19.73 -33.28 16.02
N LEU F 151 19.18 -34.01 16.98
CA LEU F 151 19.36 -35.47 17.02
C LEU F 151 19.21 -36.00 15.59
N PRO F 152 20.33 -36.35 14.93
CA PRO F 152 20.35 -36.87 13.55
C PRO F 152 19.85 -38.30 13.35
N VAL F 153 20.26 -39.21 14.21
CA VAL F 153 19.85 -40.61 14.10
C VAL F 153 19.62 -41.25 15.47
N SER F 154 18.90 -42.36 15.49
CA SER F 154 18.62 -43.06 16.73
C SER F 154 19.77 -43.94 17.20
N ALA F 155 19.98 -43.95 18.52
CA ALA F 155 21.00 -44.77 19.12
C ALA F 155 20.38 -46.16 19.28
N ARG F 156 20.08 -46.79 18.15
CA ARG F 156 19.46 -48.11 18.11
C ARG F 156 20.11 -49.15 19.03
N ASP F 157 21.44 -49.07 19.15
CA ASP F 157 22.19 -50.02 19.97
C ASP F 157 21.98 -49.89 21.48
N ILE F 158 21.21 -48.89 21.90
CA ILE F 158 20.94 -48.68 23.31
C ILE F 158 19.51 -49.08 23.64
N ALA F 159 18.76 -49.39 22.59
CA ALA F 159 17.37 -49.80 22.75
C ALA F 159 17.29 -51.09 23.56
N GLY F 160 16.52 -51.05 24.65
CA GLY F 160 16.35 -52.22 25.48
C GLY F 160 17.47 -52.51 26.47
N GLN F 161 18.57 -51.76 26.38
CA GLN F 161 19.70 -51.95 27.27
C GLN F 161 19.78 -50.82 28.27
N GLY F 162 19.25 -49.66 27.87
CA GLY F 162 19.28 -48.49 28.75
C GLY F 162 18.30 -47.44 28.25
N ALA F 163 18.44 -46.24 28.78
CA ALA F 163 17.58 -45.12 28.40
C ALA F 163 18.10 -44.50 27.11
N GLN F 164 17.65 -45.02 25.98
CA GLN F 164 18.09 -44.53 24.67
C GLN F 164 18.08 -43.01 24.54
N ASP F 165 16.94 -42.40 24.83
CA ASP F 165 16.80 -40.95 24.73
C ASP F 165 17.74 -40.17 25.64
N VAL F 166 18.22 -40.77 26.72
CA VAL F 166 19.13 -40.07 27.61
C VAL F 166 20.54 -40.15 27.04
N HIS F 167 20.83 -41.24 26.35
CA HIS F 167 22.12 -41.42 25.71
C HIS F 167 22.12 -40.44 24.54
N GLU F 168 20.96 -40.31 23.91
CA GLU F 168 20.79 -39.42 22.78
C GLU F 168 20.84 -37.96 23.22
N THR F 169 21.18 -37.74 24.48
CA THR F 169 21.28 -36.40 25.01
C THR F 169 22.73 -36.05 25.37
N LEU F 170 23.39 -36.94 26.10
CA LEU F 170 24.77 -36.67 26.50
C LEU F 170 25.72 -36.76 25.32
N THR F 171 25.56 -37.80 24.49
CA THR F 171 26.42 -37.98 23.32
C THR F 171 26.47 -36.70 22.49
N PRO F 172 25.30 -36.16 22.08
CA PRO F 172 25.35 -34.93 21.28
C PRO F 172 26.05 -33.80 22.03
N LEU F 173 25.62 -33.53 23.26
CA LEU F 173 26.22 -32.46 24.06
C LEU F 173 27.72 -32.62 24.23
N ALA F 174 28.19 -33.85 24.26
CA ALA F 174 29.61 -34.10 24.42
C ALA F 174 30.40 -33.89 23.13
N ASN F 175 29.74 -34.12 21.99
CA ASN F 175 30.40 -34.00 20.70
C ASN F 175 30.17 -32.71 19.91
N THR F 176 29.48 -31.74 20.49
CA THR F 176 29.24 -30.48 19.80
C THR F 176 29.15 -29.38 20.81
N ALA F 177 29.78 -28.25 20.52
CA ALA F 177 29.74 -27.12 21.42
C ALA F 177 28.53 -26.25 21.04
N LYS F 178 27.74 -26.74 20.09
CA LYS F 178 26.55 -26.03 19.64
C LYS F 178 25.31 -26.47 20.40
N HIS F 179 24.26 -25.68 20.32
CA HIS F 179 23.01 -26.00 21.00
C HIS F 179 22.47 -27.33 20.49
N PHE F 180 21.83 -28.09 21.39
CA PHE F 180 21.27 -29.37 20.98
C PHE F 180 19.74 -29.37 21.05
N HIS F 181 19.13 -29.82 19.97
CA HIS F 181 17.68 -29.88 19.90
C HIS F 181 17.35 -31.37 19.82
N HIS F 182 16.65 -31.88 20.83
CA HIS F 182 16.29 -33.29 20.89
C HIS F 182 15.04 -33.54 20.06
N ILE F 183 15.22 -34.25 18.96
CA ILE F 183 14.14 -34.57 18.03
C ILE F 183 13.20 -35.67 18.51
N ASP F 184 13.65 -36.46 19.47
CA ASP F 184 12.82 -37.54 19.97
C ASP F 184 12.90 -37.74 21.48
N PRO F 185 12.45 -36.73 22.24
CA PRO F 185 12.47 -36.80 23.71
C PRO F 185 11.35 -37.68 24.25
N VAL F 186 11.46 -38.06 25.51
CA VAL F 186 10.46 -38.89 26.16
C VAL F 186 9.91 -38.12 27.34
N GLY F 187 8.58 -37.97 27.36
CA GLY F 187 7.93 -37.26 28.44
C GLY F 187 8.42 -37.65 29.81
N GLU F 188 8.39 -38.95 30.10
CA GLU F 188 8.81 -39.50 31.39
C GLU F 188 10.23 -39.13 31.82
N ASN F 189 11.14 -38.98 30.87
CA ASN F 189 12.53 -38.69 31.21
C ASN F 189 13.01 -37.25 31.08
N VAL F 190 12.09 -36.32 30.88
CA VAL F 190 12.51 -34.93 30.74
C VAL F 190 13.37 -34.45 31.92
N GLU F 191 13.10 -34.99 33.12
CA GLU F 191 13.88 -34.62 34.31
C GLU F 191 15.36 -34.92 34.08
N TYR F 192 15.65 -36.04 33.45
CA TYR F 192 17.04 -36.40 33.17
C TYR F 192 17.71 -35.31 32.31
N TYR F 193 17.01 -34.85 31.27
CA TYR F 193 17.60 -33.82 30.42
C TYR F 193 17.87 -32.60 31.30
N ARG F 194 16.87 -32.21 32.08
CA ARG F 194 17.05 -31.06 32.96
C ARG F 194 18.29 -31.25 33.82
N ASP F 195 18.40 -32.41 34.46
CA ASP F 195 19.52 -32.70 35.33
C ASP F 195 20.88 -32.69 34.61
N ILE F 196 20.92 -33.24 33.39
CA ILE F 196 22.16 -33.26 32.63
C ILE F 196 22.59 -31.83 32.33
N VAL F 197 21.63 -30.98 31.98
CA VAL F 197 21.96 -29.59 31.69
C VAL F 197 22.32 -28.87 32.99
N LYS F 198 21.69 -29.28 34.09
CA LYS F 198 21.96 -28.67 35.39
C LYS F 198 23.38 -29.03 35.80
N ALA F 199 23.74 -30.29 35.58
CA ALA F 199 25.07 -30.76 35.91
C ALA F 199 26.09 -29.93 35.14
N TYR F 200 25.90 -29.82 33.83
CA TYR F 200 26.81 -29.06 32.99
C TYR F 200 27.09 -27.68 33.58
N TYR F 201 26.06 -27.06 34.14
CA TYR F 201 26.22 -25.75 34.74
C TYR F 201 26.57 -25.80 36.22
N GLY F 202 27.26 -26.86 36.61
CA GLY F 202 27.68 -27.01 37.99
C GLY F 202 26.54 -27.07 38.99
N GLY F 203 25.42 -27.66 38.58
CA GLY F 203 24.28 -27.77 39.47
C GLY F 203 23.49 -26.49 39.66
N ASP F 204 23.84 -25.45 38.90
CA ASP F 204 23.15 -24.17 38.98
C ASP F 204 21.94 -24.18 38.05
N GLU F 205 20.77 -24.51 38.58
CA GLU F 205 19.56 -24.57 37.75
C GLU F 205 19.14 -23.24 37.15
N GLU F 206 19.46 -22.15 37.83
CA GLU F 206 19.12 -20.82 37.34
C GLU F 206 19.92 -20.53 36.07
N GLU F 207 21.15 -21.03 36.03
CA GLU F 207 22.03 -20.86 34.88
C GLU F 207 21.51 -21.70 33.72
N ALA F 208 21.09 -22.92 34.04
CA ALA F 208 20.56 -23.82 33.03
C ALA F 208 19.37 -23.20 32.32
N ARG F 209 18.53 -22.50 33.08
CA ARG F 209 17.34 -21.86 32.51
C ARG F 209 17.67 -20.63 31.67
N LYS F 210 18.68 -19.87 32.11
CA LYS F 210 19.11 -18.67 31.42
C LYS F 210 19.93 -18.94 30.14
N LYS F 211 20.65 -20.05 30.13
CA LYS F 211 21.48 -20.38 28.98
C LYS F 211 21.16 -21.79 28.49
N PRO F 212 19.92 -22.00 28.01
CA PRO F 212 19.48 -23.31 27.52
C PRO F 212 20.31 -23.89 26.38
N ILE F 213 21.07 -24.93 26.69
CA ILE F 213 21.90 -25.56 25.66
C ILE F 213 21.13 -26.75 25.12
N PHE F 214 19.97 -26.98 25.69
CA PHE F 214 19.11 -28.10 25.31
C PHE F 214 17.67 -27.68 25.11
N SER F 215 17.08 -28.12 24.00
CA SER F 215 15.69 -27.83 23.67
C SER F 215 15.13 -29.12 23.10
N MET F 216 13.81 -29.24 23.01
CA MET F 216 13.22 -30.47 22.50
C MET F 216 11.98 -30.28 21.65
N LEU F 217 11.70 -31.28 20.85
CA LEU F 217 10.56 -31.27 19.93
C LEU F 217 9.52 -32.30 20.31
N LEU F 218 8.31 -32.11 19.79
CA LEU F 218 7.20 -33.03 20.04
C LEU F 218 6.25 -32.91 18.86
N CYS F 219 5.51 -33.96 18.57
CA CYS F 219 4.58 -33.93 17.46
C CYS F 219 3.13 -34.17 17.81
N PRO F 220 2.24 -33.27 17.40
CA PRO F 220 0.85 -33.56 17.72
C PRO F 220 0.50 -34.77 16.85
N THR F 221 -0.33 -35.66 17.35
CA THR F 221 -0.72 -36.83 16.57
C THR F 221 -1.81 -36.39 15.60
N SER F 222 -1.46 -36.27 14.32
CA SER F 222 -2.41 -35.83 13.30
C SER F 222 -3.31 -36.97 12.81
N PRO F 223 -4.61 -36.68 12.59
CA PRO F 223 -5.22 -35.36 12.78
C PRO F 223 -5.82 -35.01 14.15
N LEU F 224 -5.55 -33.78 14.58
CA LEU F 224 -6.10 -33.20 15.80
C LEU F 224 -6.05 -33.90 17.16
N GLU F 225 -4.87 -34.27 17.63
CA GLU F 225 -4.80 -34.88 18.94
C GLU F 225 -3.41 -34.89 19.54
N LEU F 226 -3.31 -34.58 20.82
CA LEU F 226 -2.03 -34.56 21.51
C LEU F 226 -1.90 -35.82 22.35
N SER F 227 -0.82 -36.57 22.13
CA SER F 227 -0.59 -37.80 22.86
C SER F 227 -0.14 -37.44 24.28
N VAL F 228 -0.03 -38.44 25.13
CA VAL F 228 0.41 -38.22 26.50
C VAL F 228 1.85 -37.75 26.48
N ASN F 229 2.68 -38.40 25.66
CA ASN F 229 4.08 -38.02 25.59
C ASN F 229 4.23 -36.57 25.12
N ALA F 230 3.44 -36.18 24.13
CA ALA F 230 3.49 -34.82 23.62
C ALA F 230 3.12 -33.81 24.70
N CYS F 231 2.09 -34.12 25.50
CA CYS F 231 1.65 -33.23 26.56
C CYS F 231 2.69 -33.11 27.67
N GLN F 232 3.32 -34.22 27.99
CA GLN F 232 4.34 -34.22 29.03
C GLN F 232 5.58 -33.44 28.62
N VAL F 233 5.99 -33.57 27.36
CA VAL F 233 7.15 -32.84 26.88
C VAL F 233 6.86 -31.36 26.96
N ILE F 234 5.65 -30.97 26.54
CA ILE F 234 5.23 -29.57 26.59
C ILE F 234 5.18 -29.07 28.02
N ILE F 235 4.41 -29.77 28.86
CA ILE F 235 4.26 -29.38 30.26
C ILE F 235 5.58 -29.33 31.01
N LYS F 236 6.33 -30.42 30.96
CA LYS F 236 7.61 -30.44 31.64
C LYS F 236 8.53 -29.38 31.06
N GLY F 237 8.54 -29.29 29.74
CA GLY F 237 9.38 -28.31 29.07
C GLY F 237 9.15 -26.92 29.58
N ALA F 238 7.89 -26.51 29.61
CA ALA F 238 7.55 -25.18 30.08
C ALA F 238 7.97 -24.98 31.53
N ARG F 239 7.78 -26.00 32.37
CA ARG F 239 8.13 -25.91 33.79
C ARG F 239 9.62 -25.97 34.08
N PHE F 240 10.40 -26.57 33.19
CA PHE F 240 11.83 -26.65 33.43
C PHE F 240 12.59 -25.58 32.65
N GLY F 241 11.85 -24.75 31.93
CA GLY F 241 12.49 -23.70 31.18
C GLY F 241 13.28 -24.24 30.00
N ILE F 242 12.72 -25.23 29.32
CA ILE F 242 13.37 -25.84 28.17
C ILE F 242 12.56 -25.47 26.93
N PRO F 243 13.19 -24.81 25.94
CA PRO F 243 12.49 -24.42 24.71
C PRO F 243 11.82 -25.62 24.06
N VAL F 244 10.54 -25.48 23.72
CA VAL F 244 9.81 -26.56 23.09
C VAL F 244 9.38 -26.24 21.67
N ASN F 245 9.61 -27.19 20.78
CA ASN F 245 9.26 -27.06 19.38
C ASN F 245 8.00 -27.88 19.13
N VAL F 246 6.86 -27.20 19.00
CA VAL F 246 5.59 -27.87 18.73
C VAL F 246 5.51 -28.03 17.22
N LEU F 247 5.92 -29.21 16.74
CA LEU F 247 5.96 -29.47 15.30
C LEU F 247 4.91 -30.44 14.77
N SER F 248 3.94 -29.93 14.03
CA SER F 248 2.91 -30.79 13.45
C SER F 248 3.58 -31.56 12.31
N MET F 249 2.95 -32.64 11.89
CA MET F 249 3.51 -33.45 10.82
C MET F 249 2.33 -34.14 10.10
N ALA F 250 1.42 -33.32 9.58
CA ALA F 250 0.26 -33.84 8.88
C ALA F 250 0.64 -34.18 7.44
N MET F 251 -0.28 -34.81 6.71
CA MET F 251 -0.04 -35.17 5.32
C MET F 251 -1.26 -34.93 4.43
N SER F 252 -1.10 -34.10 3.42
CA SER F 252 -2.19 -33.80 2.51
C SER F 252 -2.68 -35.09 1.91
N GLY F 253 -3.99 -35.32 1.99
CA GLY F 253 -4.57 -36.54 1.45
C GLY F 253 -4.56 -37.69 2.44
N GLY F 254 -3.69 -37.60 3.43
CA GLY F 254 -3.60 -38.65 4.43
C GLY F 254 -4.28 -38.30 5.73
N SER F 255 -3.61 -37.52 6.56
CA SER F 255 -4.18 -37.13 7.84
C SER F 255 -4.77 -35.72 7.79
N SER F 256 -4.79 -35.13 6.60
CA SER F 256 -5.35 -33.80 6.41
C SER F 256 -5.80 -33.65 4.95
N PRO F 257 -6.59 -32.60 4.64
CA PRO F 257 -7.09 -32.37 3.27
C PRO F 257 -6.03 -32.44 2.19
N VAL F 258 -6.46 -32.73 0.96
CA VAL F 258 -5.56 -32.82 -0.17
C VAL F 258 -5.10 -31.42 -0.48
N TYR F 259 -5.99 -30.46 -0.27
CA TYR F 259 -5.69 -29.04 -0.48
C TYR F 259 -4.68 -28.56 0.55
N LEU F 260 -3.64 -27.85 0.10
CA LEU F 260 -2.63 -27.34 1.02
C LEU F 260 -3.19 -26.42 2.10
N ALA F 261 -4.11 -25.53 1.73
CA ALA F 261 -4.71 -24.62 2.70
C ALA F 261 -5.41 -25.38 3.82
N GLY F 262 -6.23 -26.37 3.45
CA GLY F 262 -6.93 -27.16 4.46
C GLY F 262 -5.94 -27.88 5.34
N THR F 263 -4.84 -28.34 4.74
CA THR F 263 -3.79 -29.02 5.47
C THR F 263 -3.18 -28.04 6.47
N LEU F 264 -3.11 -26.76 6.10
CA LEU F 264 -2.57 -25.76 7.00
C LEU F 264 -3.51 -25.53 8.18
N VAL F 265 -4.81 -25.60 7.94
CA VAL F 265 -5.81 -25.41 8.98
C VAL F 265 -5.64 -26.51 10.03
N THR F 266 -5.48 -27.74 9.54
CA THR F 266 -5.29 -28.90 10.40
C THR F 266 -4.00 -28.70 11.20
N HIS F 267 -2.93 -28.46 10.47
CA HIS F 267 -1.64 -28.22 11.07
C HIS F 267 -1.72 -27.10 12.10
N ASN F 268 -2.43 -26.02 11.75
CA ASN F 268 -2.57 -24.86 12.60
C ASN F 268 -3.27 -25.17 13.93
N ALA F 269 -4.35 -25.93 13.88
CA ALA F 269 -5.08 -26.30 15.09
C ALA F 269 -4.17 -27.12 15.99
N GLU F 270 -3.57 -28.16 15.43
CA GLU F 270 -2.69 -29.02 16.19
C GLU F 270 -1.61 -28.22 16.92
N VAL F 271 -0.85 -27.41 16.18
CA VAL F 271 0.22 -26.63 16.80
C VAL F 271 -0.24 -25.61 17.81
N LEU F 272 -1.29 -24.87 17.49
CA LEU F 272 -1.81 -23.89 18.44
C LEU F 272 -2.25 -24.50 19.77
N SER F 273 -2.87 -25.67 19.72
CA SER F 273 -3.30 -26.33 20.95
C SER F 273 -2.09 -26.64 21.79
N GLY F 274 -1.03 -27.09 21.13
CA GLY F 274 0.19 -27.40 21.86
C GLY F 274 0.75 -26.13 22.48
N ILE F 275 0.74 -25.05 21.71
CA ILE F 275 1.24 -23.79 22.19
C ILE F 275 0.36 -23.25 23.34
N VAL F 276 -0.95 -23.43 23.24
CA VAL F 276 -1.88 -22.98 24.27
C VAL F 276 -1.59 -23.70 25.58
N LEU F 277 -1.36 -25.00 25.46
CA LEU F 277 -1.06 -25.82 26.63
C LEU F 277 0.19 -25.27 27.31
N ALA F 278 1.23 -25.06 26.53
CA ALA F 278 2.50 -24.56 27.03
C ALA F 278 2.32 -23.26 27.82
N GLN F 279 1.60 -22.30 27.24
CA GLN F 279 1.40 -21.02 27.91
C GLN F 279 0.52 -21.11 29.16
N LEU F 280 -0.46 -22.00 29.17
CA LEU F 280 -1.34 -22.16 30.32
C LEU F 280 -0.58 -22.82 31.48
N THR F 281 0.37 -23.69 31.13
CA THR F 281 1.19 -24.38 32.12
C THR F 281 2.14 -23.38 32.76
N VAL F 282 2.76 -22.55 31.94
CA VAL F 282 3.71 -21.54 32.42
C VAL F 282 3.72 -20.36 31.46
N PRO F 283 3.09 -19.24 31.83
CA PRO F 283 3.09 -18.09 30.92
C PRO F 283 4.50 -17.66 30.52
N GLY F 284 4.70 -17.41 29.23
CA GLY F 284 6.00 -16.98 28.75
C GLY F 284 6.95 -18.11 28.39
N ALA F 285 6.44 -19.34 28.36
CA ALA F 285 7.25 -20.50 28.02
C ALA F 285 7.77 -20.38 26.58
N LYS F 286 9.03 -20.70 26.38
CA LYS F 286 9.65 -20.60 25.06
C LYS F 286 9.15 -21.70 24.14
N VAL F 287 8.55 -21.30 23.03
CA VAL F 287 8.02 -22.26 22.07
C VAL F 287 8.21 -21.86 20.62
N TRP F 288 8.21 -22.89 19.78
CA TRP F 288 8.36 -22.76 18.35
C TRP F 288 7.05 -23.18 17.70
N TYR F 289 6.69 -22.49 16.62
CA TYR F 289 5.52 -22.86 15.85
C TYR F 289 6.25 -23.70 14.80
N GLY F 290 6.14 -25.02 14.89
CA GLY F 290 6.87 -25.87 13.98
C GLY F 290 6.08 -26.71 13.01
N SER F 291 6.76 -27.15 11.95
CA SER F 291 6.14 -27.96 10.92
C SER F 291 7.08 -28.79 10.07
N SER F 292 6.58 -29.97 9.72
CA SER F 292 7.28 -30.88 8.82
C SER F 292 6.17 -31.47 7.99
N THR F 293 5.00 -30.86 8.08
CA THR F 293 3.84 -31.28 7.32
C THR F 293 4.17 -31.31 5.84
N THR F 294 3.74 -32.37 5.17
CA THR F 294 3.99 -32.48 3.75
C THR F 294 2.74 -33.03 3.05
N THR F 295 2.92 -33.56 1.86
CA THR F 295 1.80 -34.12 1.11
C THR F 295 2.00 -35.61 0.97
N PHE F 296 0.92 -36.37 1.10
CA PHE F 296 0.99 -37.82 0.97
C PHE F 296 0.83 -38.12 -0.52
N ASP F 297 1.77 -38.88 -1.08
CA ASP F 297 1.69 -39.20 -2.51
C ASP F 297 0.62 -40.26 -2.73
N LEU F 298 -0.56 -39.82 -3.15
CA LEU F 298 -1.68 -40.73 -3.37
C LEU F 298 -1.37 -41.78 -4.44
N LYS F 299 -0.46 -41.45 -5.35
CA LYS F 299 -0.12 -42.38 -6.42
C LYS F 299 1.08 -43.28 -6.13
N LYS F 300 1.77 -43.04 -5.02
CA LYS F 300 2.94 -43.86 -4.68
C LYS F 300 2.83 -44.43 -3.28
N GLY F 301 1.81 -44.00 -2.54
CA GLY F 301 1.61 -44.52 -1.19
C GLY F 301 2.82 -44.31 -0.32
N THR F 302 3.49 -43.19 -0.52
CA THR F 302 4.67 -42.90 0.27
C THR F 302 4.54 -41.44 0.75
N ALA F 303 5.43 -41.02 1.64
CA ALA F 303 5.37 -39.66 2.15
C ALA F 303 6.56 -38.85 1.62
N PRO F 304 6.50 -38.45 0.35
CA PRO F 304 7.59 -37.68 -0.25
C PRO F 304 7.82 -36.41 0.56
N VAL F 305 9.07 -36.17 0.92
CA VAL F 305 9.38 -35.01 1.72
C VAL F 305 10.32 -34.06 0.97
N GLY F 306 10.57 -34.36 -0.30
CA GLY F 306 11.42 -33.51 -1.10
C GLY F 306 10.59 -32.82 -2.18
N SER F 307 9.27 -32.92 -2.05
CA SER F 307 8.36 -32.33 -3.03
C SER F 307 8.18 -30.81 -2.91
N PRO F 308 7.65 -30.17 -3.97
CA PRO F 308 7.44 -28.73 -3.90
C PRO F 308 6.38 -28.38 -2.85
N GLU F 309 5.51 -29.33 -2.53
CA GLU F 309 4.48 -29.07 -1.51
C GLU F 309 5.15 -28.87 -0.15
N LEU F 310 6.13 -29.70 0.17
CA LEU F 310 6.82 -29.53 1.45
C LEU F 310 7.44 -28.15 1.53
N GLY F 311 8.06 -27.70 0.44
CA GLY F 311 8.66 -26.37 0.43
C GLY F 311 7.61 -25.28 0.63
N LEU F 312 6.47 -25.44 -0.04
CA LEU F 312 5.37 -24.49 0.07
C LEU F 312 4.79 -24.47 1.47
N ILE F 313 4.51 -25.65 2.01
CA ILE F 313 3.94 -25.75 3.35
C ILE F 313 4.90 -25.15 4.38
N SER F 314 6.18 -25.48 4.28
CA SER F 314 7.16 -24.92 5.22
C SER F 314 7.20 -23.40 5.08
N ALA F 315 7.17 -22.91 3.84
CA ALA F 315 7.19 -21.46 3.62
C ALA F 315 5.92 -20.83 4.22
N ALA F 316 4.79 -21.51 4.03
CA ALA F 316 3.52 -21.02 4.55
C ALA F 316 3.53 -21.01 6.09
N VAL F 317 4.06 -22.07 6.69
CA VAL F 317 4.11 -22.16 8.15
C VAL F 317 4.96 -21.03 8.69
N ALA F 318 6.03 -20.67 7.97
CA ALA F 318 6.88 -19.57 8.40
C ALA F 318 6.09 -18.26 8.39
N LYS F 319 5.30 -18.07 7.34
CA LYS F 319 4.48 -16.89 7.22
C LYS F 319 3.44 -16.86 8.32
N LEU F 320 2.89 -18.03 8.66
CA LEU F 320 1.90 -18.15 9.71
C LEU F 320 2.52 -17.86 11.07
N ALA F 321 3.71 -18.37 11.30
CA ALA F 321 4.41 -18.13 12.55
C ALA F 321 4.60 -16.64 12.70
N GLN F 322 5.03 -16.00 11.62
CA GLN F 322 5.23 -14.55 11.61
C GLN F 322 3.91 -13.85 11.95
N PHE F 323 2.84 -14.31 11.31
CA PHE F 323 1.51 -13.76 11.53
C PHE F 323 1.09 -13.85 12.99
N TYR F 324 1.38 -14.97 13.63
CA TYR F 324 1.01 -15.17 15.03
C TYR F 324 2.05 -14.61 15.99
N GLY F 325 3.17 -14.15 15.45
CA GLY F 325 4.20 -13.57 16.32
C GLY F 325 5.19 -14.53 16.94
N LEU F 326 5.23 -15.76 16.45
CA LEU F 326 6.13 -16.79 16.99
C LEU F 326 7.28 -17.19 16.08
N PRO F 327 8.34 -17.77 16.67
CA PRO F 327 9.50 -18.20 15.90
C PRO F 327 9.06 -19.46 15.14
N SER F 328 9.56 -19.68 13.93
CA SER F 328 9.18 -20.86 13.16
C SER F 328 10.31 -21.89 13.04
N TYR F 329 9.93 -23.16 12.93
CA TYR F 329 10.87 -24.27 12.79
C TYR F 329 10.19 -25.16 11.74
N VAL F 330 10.79 -25.23 10.55
CA VAL F 330 10.19 -26.01 9.48
C VAL F 330 11.17 -26.93 8.74
N ALA F 331 10.60 -27.87 7.99
CA ALA F 331 11.39 -28.81 7.22
C ALA F 331 11.93 -28.12 5.96
N GLY F 332 13.15 -28.46 5.60
CA GLY F 332 13.78 -27.86 4.43
C GLY F 332 15.04 -28.62 4.12
N SER F 333 15.56 -28.44 2.91
CA SER F 333 16.76 -29.17 2.48
C SER F 333 16.55 -30.67 2.74
CA PYL F 334 15.07 -32.58 2.41
C PYL F 334 14.96 -33.24 1.03
N PYL F 334 15.42 -31.18 2.27
N SER F 335 15.16 -34.56 0.99
CA SER F 335 15.08 -35.28 -0.25
C SER F 335 14.54 -36.68 -0.11
N ASP F 336 13.96 -37.21 -1.18
CA ASP F 336 13.42 -38.55 -1.18
C ASP F 336 14.42 -39.47 -1.87
N ALA F 337 15.45 -38.85 -2.43
CA ALA F 337 16.51 -39.57 -3.12
C ALA F 337 17.17 -40.59 -2.20
N LYS F 338 17.41 -41.79 -2.72
CA LYS F 338 18.03 -42.87 -1.96
C LYS F 338 19.55 -42.78 -1.96
N VAL F 339 20.07 -41.86 -2.78
CA VAL F 339 21.51 -41.68 -2.90
C VAL F 339 21.78 -40.23 -3.33
N PRO F 340 22.91 -39.64 -2.91
CA PRO F 340 23.26 -38.26 -3.26
C PRO F 340 23.49 -37.97 -4.74
N ASP F 341 22.41 -37.93 -5.52
CA ASP F 341 22.49 -37.68 -6.94
C ASP F 341 21.86 -36.36 -7.40
N ASP F 342 21.57 -36.28 -8.70
CA ASP F 342 20.96 -35.10 -9.31
C ASP F 342 19.66 -34.79 -8.58
N GLN F 343 18.89 -35.83 -8.24
CA GLN F 343 17.62 -35.64 -7.53
C GLN F 343 17.81 -35.01 -6.15
N ALA F 344 18.77 -35.50 -5.39
CA ALA F 344 19.00 -34.96 -4.05
C ALA F 344 19.23 -33.45 -4.19
N GLY F 345 20.16 -33.09 -5.06
CA GLY F 345 20.46 -31.69 -5.26
C GLY F 345 19.23 -30.85 -5.56
N HIS F 346 18.38 -31.34 -6.46
CA HIS F 346 17.18 -30.60 -6.83
C HIS F 346 16.23 -30.44 -5.66
N GLU F 347 15.81 -31.57 -5.09
CA GLU F 347 14.88 -31.55 -3.98
C GLU F 347 15.41 -30.75 -2.79
N LYS F 348 16.67 -30.96 -2.45
CA LYS F 348 17.27 -30.23 -1.33
C LYS F 348 17.18 -28.71 -1.52
N THR F 349 17.40 -28.27 -2.75
CA THR F 349 17.37 -26.83 -3.05
C THR F 349 15.95 -26.29 -3.13
N MET F 350 15.04 -27.10 -3.64
CA MET F 350 13.65 -26.70 -3.76
C MET F 350 13.02 -26.51 -2.38
N THR F 351 13.19 -27.52 -1.52
CA THR F 351 12.60 -27.48 -0.19
C THR F 351 13.33 -26.57 0.77
N THR F 352 14.45 -26.00 0.35
CA THR F 352 15.16 -25.11 1.25
C THR F 352 14.97 -23.66 0.82
N LEU F 353 15.03 -23.42 -0.49
CA LEU F 353 14.88 -22.08 -1.04
C LEU F 353 13.57 -21.40 -0.67
N LEU F 354 12.45 -22.12 -0.83
CA LEU F 354 11.16 -21.56 -0.48
C LEU F 354 11.06 -21.12 0.99
N PRO F 355 11.23 -22.05 1.95
CA PRO F 355 11.14 -21.62 3.34
C PRO F 355 12.18 -20.55 3.74
N ALA F 356 13.34 -20.57 3.10
CA ALA F 356 14.38 -19.58 3.41
C ALA F 356 13.91 -18.21 2.91
N LEU F 357 13.54 -18.13 1.63
CA LEU F 357 13.05 -16.87 1.08
C LEU F 357 11.83 -16.40 1.88
N ALA F 358 11.12 -17.34 2.50
CA ALA F 358 9.92 -17.03 3.27
C ALA F 358 10.25 -16.52 4.67
N GLY F 359 11.43 -16.85 5.16
CA GLY F 359 11.83 -16.39 6.47
C GLY F 359 11.70 -17.38 7.63
N ALA F 360 11.75 -18.68 7.34
CA ALA F 360 11.65 -19.67 8.40
C ALA F 360 12.88 -19.48 9.31
N ASN F 361 12.64 -19.42 10.62
CA ASN F 361 13.73 -19.17 11.57
C ASN F 361 14.70 -20.31 11.82
N THR F 362 14.26 -21.52 11.51
CA THR F 362 15.08 -22.71 11.58
C THR F 362 14.56 -23.62 10.50
N ILE F 363 15.47 -24.12 9.68
CA ILE F 363 15.10 -25.03 8.60
C ILE F 363 15.90 -26.29 8.87
N TYR F 364 15.20 -27.37 9.17
CA TYR F 364 15.89 -28.62 9.45
C TYR F 364 15.65 -29.63 8.33
N GLY F 365 16.67 -30.41 8.03
CA GLY F 365 16.56 -31.40 6.97
C GLY F 365 17.95 -31.79 6.47
N ALA F 366 18.89 -30.87 6.60
CA ALA F 366 20.26 -31.09 6.17
C ALA F 366 20.76 -32.48 6.52
N GLY F 367 21.43 -33.12 5.56
CA GLY F 367 21.98 -34.44 5.76
C GLY F 367 21.01 -35.56 5.48
N MET F 368 19.75 -35.22 5.27
CA MET F 368 18.76 -36.26 5.02
C MET F 368 18.77 -36.87 3.62
N LEU F 369 18.25 -38.09 3.56
CA LEU F 369 18.09 -38.84 2.32
C LEU F 369 17.01 -39.89 2.60
N GLU F 370 16.58 -40.58 1.55
CA GLU F 370 15.59 -41.63 1.69
C GLU F 370 14.36 -41.26 2.55
N LEU F 371 13.74 -40.13 2.24
CA LEU F 371 12.55 -39.67 2.95
C LEU F 371 12.66 -39.61 4.48
N GLY F 372 13.87 -39.35 4.98
CA GLY F 372 14.04 -39.25 6.42
C GLY F 372 14.51 -40.52 7.11
N MET F 373 14.67 -41.61 6.36
CA MET F 373 15.11 -42.88 6.92
C MET F 373 16.62 -42.91 7.13
N THR F 374 17.34 -42.24 6.25
CA THR F 374 18.79 -42.23 6.29
C THR F 374 19.42 -40.88 6.51
N PHE F 375 20.64 -40.89 7.03
CA PHE F 375 21.40 -39.67 7.23
C PHE F 375 22.70 -39.87 6.49
N SER F 376 23.02 -38.94 5.60
CA SER F 376 24.23 -39.00 4.80
C SER F 376 25.17 -37.87 5.15
N MET F 377 26.36 -38.21 5.63
CA MET F 377 27.32 -37.18 5.97
C MET F 377 27.76 -36.49 4.69
N GLU F 378 27.84 -37.25 3.59
CA GLU F 378 28.24 -36.67 2.31
C GLU F 378 27.23 -35.59 1.97
N GLN F 379 25.95 -35.95 2.05
CA GLN F 379 24.87 -35.03 1.75
C GLN F 379 24.83 -33.86 2.71
N LEU F 380 25.20 -34.10 3.97
CA LEU F 380 25.21 -33.03 4.96
C LEU F 380 26.17 -31.90 4.59
N VAL F 381 27.40 -32.21 4.21
CA VAL F 381 28.33 -31.14 3.84
C VAL F 381 27.90 -30.48 2.52
N ILE F 382 27.29 -31.26 1.64
CA ILE F 382 26.79 -30.71 0.38
C ILE F 382 25.71 -29.69 0.69
N ASP F 383 24.79 -30.04 1.59
CA ASP F 383 23.70 -29.13 1.98
C ASP F 383 24.28 -27.86 2.59
N ASN F 384 25.31 -28.02 3.41
CA ASN F 384 25.97 -26.89 4.06
C ASN F 384 26.49 -25.91 3.02
N ASP F 385 26.96 -26.44 1.90
CA ASP F 385 27.49 -25.60 0.84
C ASP F 385 26.31 -24.96 0.14
N ILE F 386 25.25 -25.73 -0.05
CA ILE F 386 24.04 -25.20 -0.68
C ILE F 386 23.52 -24.00 0.13
N PHE F 387 23.60 -24.08 1.46
CA PHE F 387 23.13 -22.98 2.27
C PHE F 387 23.95 -21.71 2.06
N SER F 388 25.24 -21.85 1.74
CA SER F 388 26.06 -20.67 1.49
C SER F 388 25.53 -19.99 0.24
N MET F 389 25.23 -20.81 -0.77
CA MET F 389 24.68 -20.29 -2.02
C MET F 389 23.33 -19.66 -1.76
N VAL F 390 22.51 -20.31 -0.94
CA VAL F 390 21.20 -19.77 -0.62
C VAL F 390 21.32 -18.45 0.13
N LYS F 391 22.30 -18.36 1.05
CA LYS F 391 22.52 -17.14 1.81
C LYS F 391 22.89 -15.99 0.88
N LYS F 392 23.58 -16.34 -0.20
CA LYS F 392 24.00 -15.34 -1.18
C LYS F 392 22.78 -14.84 -1.93
N ALA F 393 21.96 -15.78 -2.36
CA ALA F 393 20.74 -15.44 -3.09
C ALA F 393 19.89 -14.52 -2.23
N MET F 394 19.84 -14.80 -0.92
CA MET F 394 19.06 -13.99 0.00
C MET F 394 19.52 -12.54 0.18
N GLN F 395 20.70 -12.21 -0.31
CA GLN F 395 21.20 -10.83 -0.18
C GLN F 395 20.50 -9.98 -1.23
N GLY F 396 19.76 -10.64 -2.12
CA GLY F 396 19.05 -9.96 -3.17
C GLY F 396 19.96 -9.10 -4.00
N ILE F 397 19.45 -7.96 -4.44
CA ILE F 397 20.24 -7.05 -5.23
C ILE F 397 20.19 -5.70 -4.57
N PRO F 398 21.22 -5.39 -3.76
CA PRO F 398 21.35 -4.13 -3.04
C PRO F 398 21.38 -2.98 -4.04
N VAL F 399 20.52 -1.98 -3.83
CA VAL F 399 20.48 -0.85 -4.75
C VAL F 399 20.79 0.47 -4.06
N SER F 400 21.99 0.98 -4.31
CA SER F 400 22.44 2.24 -3.75
C SER F 400 23.36 2.92 -4.77
N GLU F 401 23.70 4.18 -4.53
CA GLU F 401 24.57 4.90 -5.45
C GLU F 401 25.87 4.12 -5.62
N GLU F 402 26.36 3.55 -4.52
CA GLU F 402 27.59 2.80 -4.58
C GLU F 402 27.48 1.52 -5.40
N THR F 403 26.39 0.79 -5.22
CA THR F 403 26.21 -0.45 -5.97
C THR F 403 25.87 -0.23 -7.45
N LEU F 404 25.15 0.86 -7.74
CA LEU F 404 24.79 1.18 -9.11
C LEU F 404 26.08 1.43 -9.90
N ALA F 405 27.12 1.82 -9.17
CA ALA F 405 28.46 2.05 -9.70
C ALA F 405 28.62 2.77 -11.04
N VAL F 406 27.92 3.88 -11.25
CA VAL F 406 28.04 4.60 -12.52
C VAL F 406 29.45 5.13 -12.78
N GLU F 407 30.08 5.70 -11.76
CA GLU F 407 31.43 6.23 -11.95
C GLU F 407 32.41 5.16 -12.37
N SER F 408 32.19 3.92 -11.93
CA SER F 408 33.07 2.82 -12.31
C SER F 408 32.85 2.49 -13.77
N ILE F 409 31.59 2.42 -14.17
CA ILE F 409 31.24 2.11 -15.54
C ILE F 409 31.83 3.15 -16.49
N GLN F 410 31.75 4.41 -16.10
CA GLN F 410 32.28 5.49 -16.90
C GLN F 410 33.80 5.48 -16.88
N LYS F 411 34.37 5.15 -15.72
CA LYS F 411 35.82 5.09 -15.58
C LYS F 411 36.37 4.00 -16.50
N VAL F 412 35.77 2.81 -16.46
CA VAL F 412 36.22 1.71 -17.30
C VAL F 412 35.97 2.01 -18.77
N GLY F 413 34.81 2.59 -19.06
CA GLY F 413 34.50 2.92 -20.43
C GLY F 413 34.17 1.73 -21.31
N ILE F 414 33.80 2.03 -22.54
CA ILE F 414 33.45 1.02 -23.55
C ILE F 414 34.57 0.06 -23.94
N GLY F 415 34.24 -1.22 -23.99
CA GLY F 415 35.20 -2.23 -24.40
C GLY F 415 36.35 -2.61 -23.49
N ASN F 416 36.27 -2.27 -22.21
CA ASN F 416 37.34 -2.62 -21.28
C ASN F 416 36.77 -3.46 -20.14
N ASN F 417 37.61 -3.88 -19.20
CA ASN F 417 37.09 -4.70 -18.11
C ASN F 417 37.28 -4.05 -16.75
N PHE F 418 36.73 -4.70 -15.72
CA PHE F 418 36.78 -4.18 -14.35
C PHE F 418 37.73 -4.92 -13.44
N LEU F 419 38.43 -5.91 -13.97
CA LEU F 419 39.35 -6.70 -13.17
C LEU F 419 40.36 -5.93 -12.31
N ALA F 420 40.89 -4.81 -12.82
CA ALA F 420 41.89 -4.07 -12.08
C ALA F 420 41.41 -2.90 -11.22
N LEU F 421 40.10 -2.66 -11.17
CA LEU F 421 39.59 -1.56 -10.35
C LEU F 421 39.80 -1.83 -8.87
N LYS F 422 39.93 -0.75 -8.09
CA LYS F 422 40.10 -0.86 -6.66
C LYS F 422 38.82 -1.54 -6.16
N GLN F 423 37.69 -1.04 -6.66
CA GLN F 423 36.37 -1.53 -6.32
C GLN F 423 36.32 -3.06 -6.39
N THR F 424 36.70 -3.60 -7.55
CA THR F 424 36.69 -5.05 -7.75
C THR F 424 37.54 -5.84 -6.74
N ARG F 425 38.74 -5.35 -6.45
CA ARG F 425 39.64 -6.03 -5.52
C ARG F 425 39.09 -6.05 -4.09
N GLN F 426 38.64 -4.89 -3.63
CA GLN F 426 38.11 -4.78 -2.30
C GLN F 426 36.95 -5.73 -2.04
N LEU F 427 36.23 -6.07 -3.11
CA LEU F 427 35.06 -6.94 -3.00
C LEU F 427 35.29 -8.37 -3.48
N VAL F 428 36.55 -8.76 -3.64
CA VAL F 428 36.85 -10.10 -4.10
C VAL F 428 36.18 -11.22 -3.30
N ASP F 429 35.89 -10.97 -2.02
CA ASP F 429 35.26 -11.99 -1.18
C ASP F 429 33.74 -11.92 -1.15
N TYR F 430 33.14 -10.92 -1.79
CA TYR F 430 31.70 -10.76 -1.80
C TYR F 430 30.96 -11.81 -2.63
N PRO F 431 31.36 -11.99 -3.90
CA PRO F 431 30.69 -12.98 -4.77
C PRO F 431 30.64 -14.36 -4.12
N SER F 432 29.64 -15.16 -4.51
CA SER F 432 29.50 -16.49 -3.96
C SER F 432 30.78 -17.28 -4.23
N ASN F 433 31.26 -17.99 -3.20
CA ASN F 433 32.48 -18.78 -3.33
C ASN F 433 32.27 -20.15 -2.69
N PRO F 434 31.56 -21.04 -3.40
CA PRO F 434 31.28 -22.40 -2.92
C PRO F 434 32.53 -23.20 -2.52
N MET F 435 32.38 -24.00 -1.48
CA MET F 435 33.46 -24.82 -0.96
C MET F 435 33.59 -26.17 -1.68
N LEU F 436 32.46 -26.71 -2.13
CA LEU F 436 32.45 -28.01 -2.81
C LEU F 436 31.97 -28.00 -4.25
N LEU F 437 30.97 -27.16 -4.54
CA LEU F 437 30.45 -27.09 -5.91
C LEU F 437 31.62 -26.72 -6.81
N ASP F 438 31.82 -27.52 -7.85
CA ASP F 438 32.92 -27.33 -8.79
C ASP F 438 32.65 -26.32 -9.90
N ARG F 439 33.49 -25.29 -9.97
CA ARG F 439 33.34 -24.25 -10.99
C ARG F 439 34.50 -24.21 -11.99
N HIS F 440 35.35 -25.24 -11.98
CA HIS F 440 36.48 -25.28 -12.90
C HIS F 440 36.04 -25.73 -14.29
N MET F 441 36.89 -25.47 -15.28
CA MET F 441 36.61 -25.89 -16.64
C MET F 441 36.96 -27.36 -16.70
N PHE F 442 36.44 -28.06 -17.71
CA PHE F 442 36.68 -29.49 -17.85
C PHE F 442 38.11 -29.95 -17.53
N GLY F 443 39.09 -29.33 -18.19
CA GLY F 443 40.49 -29.68 -17.97
C GLY F 443 40.95 -29.78 -16.53
N ASP F 444 40.83 -28.69 -15.78
CA ASP F 444 41.24 -28.67 -14.38
C ASP F 444 40.45 -29.70 -13.59
N TRP F 445 39.15 -29.80 -13.92
CA TRP F 445 38.26 -30.73 -13.22
C TRP F 445 38.67 -32.18 -13.47
N ALA F 446 38.92 -32.51 -14.74
CA ALA F 446 39.32 -33.87 -15.09
C ALA F 446 40.65 -34.23 -14.44
N ALA F 447 41.52 -33.23 -14.32
CA ALA F 447 42.85 -33.42 -13.72
C ALA F 447 42.76 -33.67 -12.22
N ALA F 448 41.71 -33.13 -11.60
CA ALA F 448 41.54 -33.32 -10.16
C ALA F 448 40.96 -34.71 -9.94
N GLY F 449 40.68 -35.40 -11.03
CA GLY F 449 40.15 -36.75 -10.92
C GLY F 449 38.76 -36.97 -11.48
N SER F 450 38.20 -35.99 -12.15
CA SER F 450 36.86 -36.13 -12.71
C SER F 450 35.91 -36.67 -11.64
N LYS F 451 35.88 -35.98 -10.51
CA LYS F 451 35.05 -36.38 -9.37
C LYS F 451 33.68 -35.70 -9.33
N ASP F 452 32.64 -36.48 -9.08
CA ASP F 452 31.30 -35.91 -8.98
C ASP F 452 31.23 -35.28 -7.60
N LEU F 453 30.16 -34.54 -7.32
CA LEU F 453 30.07 -33.87 -6.02
C LEU F 453 30.10 -34.80 -4.82
N ALA F 454 29.47 -35.95 -4.93
CA ALA F 454 29.42 -36.88 -3.81
C ALA F 454 30.80 -37.37 -3.33
N THR F 455 31.68 -37.75 -4.24
CA THR F 455 33.01 -38.20 -3.83
C THR F 455 33.79 -37.05 -3.24
N VAL F 456 33.62 -35.86 -3.81
CA VAL F 456 34.31 -34.69 -3.31
C VAL F 456 33.80 -34.42 -1.88
N ALA F 457 32.50 -34.52 -1.69
CA ALA F 457 31.92 -34.31 -0.37
C ALA F 457 32.49 -35.31 0.61
N HIS F 458 32.52 -36.58 0.18
CA HIS F 458 33.03 -37.65 1.02
C HIS F 458 34.46 -37.40 1.49
N GLU F 459 35.34 -36.99 0.58
CA GLU F 459 36.72 -36.73 0.95
C GLU F 459 36.73 -35.62 1.99
N LYS F 460 35.79 -34.69 1.87
CA LYS F 460 35.70 -33.59 2.83
C LYS F 460 35.27 -34.15 4.20
N VAL F 461 34.26 -35.03 4.20
CA VAL F 461 33.80 -35.64 5.44
C VAL F 461 34.97 -36.33 6.13
N GLU F 462 35.69 -37.14 5.36
CA GLU F 462 36.85 -37.87 5.89
C GLU F 462 37.82 -36.88 6.52
N ASP F 463 38.11 -35.81 5.79
CA ASP F 463 39.04 -34.79 6.27
C ASP F 463 38.55 -34.12 7.55
N VAL F 464 37.25 -33.79 7.61
CA VAL F 464 36.69 -33.14 8.78
C VAL F 464 36.69 -34.04 10.02
N LEU F 465 36.16 -35.26 9.87
CA LEU F 465 36.10 -36.20 10.98
C LEU F 465 37.48 -36.46 11.52
N LYS F 466 38.47 -36.37 10.64
CA LYS F 466 39.84 -36.63 11.02
C LYS F 466 40.53 -35.47 11.73
N ASN F 467 40.44 -34.27 11.15
CA ASN F 467 41.12 -33.12 11.73
C ASN F 467 40.34 -32.08 12.53
N HIS F 468 39.01 -32.17 12.60
CA HIS F 468 38.29 -31.14 13.34
C HIS F 468 38.26 -31.32 14.85
N GLN F 469 38.52 -30.23 15.57
CA GLN F 469 38.53 -30.25 17.03
C GLN F 469 37.30 -29.57 17.63
N VAL F 470 36.63 -30.28 18.53
CA VAL F 470 35.44 -29.77 19.19
C VAL F 470 35.74 -29.44 20.65
N THR F 471 35.37 -28.25 21.09
CA THR F 471 35.59 -27.84 22.47
C THR F 471 35.01 -28.88 23.44
N PRO F 472 35.87 -29.70 24.05
CA PRO F 472 35.42 -30.73 24.98
C PRO F 472 34.81 -30.16 26.25
N ILE F 473 33.99 -30.95 26.92
CA ILE F 473 33.39 -30.51 28.17
C ILE F 473 34.36 -30.86 29.29
N ASP F 474 34.45 -29.98 30.29
CA ASP F 474 35.34 -30.20 31.43
C ASP F 474 35.17 -31.64 31.91
N ALA F 475 36.28 -32.37 32.02
CA ALA F 475 36.23 -33.77 32.44
C ALA F 475 35.46 -34.02 33.73
N ASP F 476 35.56 -33.10 34.69
CA ASP F 476 34.84 -33.28 35.95
C ASP F 476 33.35 -33.08 35.72
N ILE F 477 33.01 -31.99 35.03
CA ILE F 477 31.62 -31.70 34.73
C ILE F 477 31.06 -32.89 33.97
N PHE F 478 31.85 -33.41 33.03
CA PHE F 478 31.40 -34.54 32.24
C PHE F 478 31.02 -35.73 33.11
N LYS F 479 31.79 -35.99 34.15
CA LYS F 479 31.51 -37.11 35.04
C LYS F 479 30.13 -36.97 35.66
N ASP F 480 29.81 -35.75 36.09
CA ASP F 480 28.51 -35.49 36.69
C ASP F 480 27.41 -35.79 35.67
N MET F 481 27.59 -35.25 34.46
CA MET F 481 26.61 -35.45 33.41
C MET F 481 26.51 -36.94 33.10
N GLN F 482 27.66 -37.59 33.02
CA GLN F 482 27.69 -39.01 32.72
C GLN F 482 26.95 -39.78 33.80
N ALA F 483 27.02 -39.30 35.04
CA ALA F 483 26.36 -39.96 36.15
C ALA F 483 24.85 -40.06 35.91
N ILE F 484 24.23 -38.92 35.59
CA ILE F 484 22.79 -38.87 35.33
C ILE F 484 22.39 -39.92 34.30
N VAL F 485 23.20 -40.06 33.25
CA VAL F 485 22.90 -41.04 32.21
C VAL F 485 22.88 -42.41 32.84
N ASP F 486 23.89 -42.70 33.66
CA ASP F 486 23.97 -44.00 34.33
C ASP F 486 22.77 -44.21 35.24
N LYS F 487 22.42 -43.17 36.01
CA LYS F 487 21.27 -43.25 36.91
C LYS F 487 20.05 -43.63 36.09
N ALA F 488 19.88 -42.97 34.95
CA ALA F 488 18.75 -43.24 34.06
C ALA F 488 18.77 -44.68 33.54
N ASP F 489 19.97 -45.17 33.26
CA ASP F 489 20.12 -46.54 32.77
C ASP F 489 19.69 -47.54 33.83
N LYS F 490 20.11 -47.31 35.08
CA LYS F 490 19.75 -48.20 36.17
C LYS F 490 18.24 -48.30 36.24
N ALA F 491 17.59 -47.15 36.41
CA ALA F 491 16.14 -47.09 36.48
C ALA F 491 15.52 -47.91 35.36
N PHE F 492 16.04 -47.76 34.14
CA PHE F 492 15.53 -48.50 33.01
C PHE F 492 15.56 -50.01 33.23
N ARG F 493 16.65 -50.50 33.81
CA ARG F 493 16.78 -51.93 34.07
C ARG F 493 15.87 -52.34 35.21
N GLY F 494 15.58 -51.42 36.11
CA GLY F 494 14.71 -51.70 37.23
C GLY F 494 13.25 -51.79 36.82
N MET F 495 12.99 -51.66 35.52
CA MET F 495 11.64 -51.73 35.00
C MET F 495 11.28 -53.13 34.52
N ASN G 3 69.53 7.32 -4.34
CA ASN G 3 68.38 7.69 -5.24
C ASN G 3 67.89 6.46 -6.00
N LYS G 4 68.72 5.95 -6.90
CA LYS G 4 68.36 4.76 -7.68
C LYS G 4 67.71 3.71 -6.78
N GLU G 5 68.30 3.48 -5.61
CA GLU G 5 67.73 2.49 -4.71
C GLU G 5 66.33 2.91 -4.27
N GLU G 6 66.11 4.21 -4.20
CA GLU G 6 64.83 4.79 -3.80
C GLU G 6 63.84 4.78 -4.96
N ILE G 7 64.38 4.88 -6.18
CA ILE G 7 63.56 4.84 -7.39
C ILE G 7 63.10 3.40 -7.64
N ILE G 8 63.86 2.46 -7.11
CA ILE G 8 63.52 1.06 -7.26
C ILE G 8 62.62 0.66 -6.08
N ALA G 9 62.73 1.40 -4.98
CA ALA G 9 61.91 1.10 -3.81
C ALA G 9 60.49 1.56 -4.10
N LYS G 10 60.37 2.64 -4.86
CA LYS G 10 59.08 3.19 -5.24
C LYS G 10 58.46 2.33 -6.34
N ALA G 11 59.21 2.09 -7.41
CA ALA G 11 58.71 1.28 -8.51
C ALA G 11 58.06 0.00 -8.01
N LYS G 12 58.60 -0.53 -6.91
CA LYS G 12 58.08 -1.76 -6.32
C LYS G 12 56.83 -1.49 -5.52
N GLU G 13 56.87 -0.41 -4.75
CA GLU G 13 55.73 -0.04 -3.95
C GLU G 13 54.58 0.28 -4.91
N ALA G 14 54.91 0.93 -6.01
CA ALA G 14 53.91 1.29 -6.99
C ALA G 14 53.14 0.07 -7.45
N ILE G 15 53.84 -1.03 -7.70
CA ILE G 15 53.18 -2.24 -8.15
C ILE G 15 52.47 -3.09 -7.08
N THR G 16 53.07 -3.21 -5.89
CA THR G 16 52.42 -4.01 -4.86
C THR G 16 51.21 -3.30 -4.29
N ASP G 17 51.19 -1.97 -4.45
CA ASP G 17 50.11 -1.13 -3.97
C ASP G 17 49.00 -0.92 -4.99
N PHE G 18 49.25 -1.34 -6.23
CA PHE G 18 48.29 -1.25 -7.34
C PHE G 18 47.88 0.19 -7.69
N ASP G 19 48.87 1.08 -7.71
CA ASP G 19 48.64 2.49 -8.01
C ASP G 19 49.33 2.95 -9.29
N ASP G 20 48.53 3.16 -10.33
CA ASP G 20 49.04 3.60 -11.62
C ASP G 20 49.77 4.94 -11.56
N GLU G 21 49.23 5.88 -10.80
CA GLU G 21 49.84 7.21 -10.66
C GLU G 21 51.32 7.11 -10.25
N LEU G 22 51.55 6.59 -9.06
CA LEU G 22 52.90 6.42 -8.52
C LEU G 22 53.76 5.71 -9.56
N ALA G 23 53.16 4.78 -10.30
CA ALA G 23 53.88 4.04 -11.31
C ALA G 23 54.37 5.00 -12.40
N GLU G 24 53.66 6.11 -12.55
CA GLU G 24 54.04 7.10 -13.54
C GLU G 24 55.03 8.05 -12.88
N GLU G 25 54.77 8.38 -11.62
CA GLU G 25 55.64 9.27 -10.86
C GLU G 25 57.08 8.74 -10.87
N VAL G 26 57.25 7.53 -10.37
CA VAL G 26 58.56 6.91 -10.32
C VAL G 26 59.20 6.83 -11.70
N ALA G 27 58.44 6.46 -12.71
CA ALA G 27 58.97 6.38 -14.07
C ALA G 27 59.39 7.77 -14.52
N ASN G 28 58.90 8.79 -13.82
CA ASN G 28 59.24 10.18 -14.13
C ASN G 28 60.54 10.57 -13.43
N GLU G 29 60.57 10.47 -12.10
CA GLU G 29 61.77 10.82 -11.35
C GLU G 29 62.91 9.94 -11.85
N ALA G 30 62.53 8.88 -12.56
CA ALA G 30 63.48 7.94 -13.13
C ALA G 30 64.09 8.52 -14.41
N LEU G 31 63.25 9.17 -15.22
CA LEU G 31 63.72 9.78 -16.44
C LEU G 31 64.63 10.94 -16.05
N ALA G 32 64.24 11.64 -14.98
CA ALA G 32 64.99 12.78 -14.44
C ALA G 32 66.12 12.27 -13.56
N ALA G 33 67.00 11.46 -14.15
CA ALA G 33 68.13 10.89 -13.46
C ALA G 33 68.96 10.12 -14.49
N GLY G 34 68.43 10.04 -15.71
CA GLY G 34 69.11 9.35 -16.79
C GLY G 34 69.09 7.85 -16.61
N ILE G 35 68.48 7.39 -15.52
CA ILE G 35 68.38 5.96 -15.21
C ILE G 35 67.95 5.15 -16.43
N ASP G 36 68.64 4.05 -16.67
CA ASP G 36 68.33 3.18 -17.79
C ASP G 36 66.96 2.57 -17.52
N PRO G 37 65.97 2.88 -18.38
CA PRO G 37 64.62 2.35 -18.20
C PRO G 37 64.55 0.84 -18.00
N VAL G 38 65.39 0.10 -18.70
CA VAL G 38 65.39 -1.34 -18.55
C VAL G 38 65.71 -1.72 -17.10
N GLU G 39 66.48 -0.88 -16.42
CA GLU G 39 66.83 -1.13 -15.02
C GLU G 39 65.55 -1.03 -14.19
N LEU G 40 64.74 -0.02 -14.49
CA LEU G 40 63.48 0.21 -13.78
C LEU G 40 62.44 -0.89 -14.04
N ILE G 41 62.40 -1.37 -15.27
CA ILE G 41 61.45 -2.41 -15.65
C ILE G 41 61.80 -3.74 -14.99
N GLU G 42 63.03 -3.89 -14.53
CA GLU G 42 63.43 -5.15 -13.93
C GLU G 42 63.79 -5.04 -12.45
N LYS G 43 64.83 -4.31 -12.13
CA LYS G 43 65.18 -4.17 -10.74
C LYS G 43 64.03 -3.49 -9.99
N GLY G 44 63.33 -2.59 -10.69
CA GLY G 44 62.23 -1.84 -10.11
C GLY G 44 60.80 -2.39 -10.17
N PHE G 45 60.20 -2.41 -11.36
CA PHE G 45 58.83 -2.90 -11.49
C PHE G 45 58.64 -4.40 -11.39
N THR G 46 59.41 -5.19 -12.14
CA THR G 46 59.23 -6.63 -12.08
C THR G 46 59.55 -7.16 -10.69
N ALA G 47 60.33 -6.40 -9.92
CA ALA G 47 60.61 -6.86 -8.57
C ALA G 47 59.25 -7.02 -7.89
N GLY G 48 58.49 -5.93 -7.82
CA GLY G 48 57.17 -5.99 -7.21
C GLY G 48 56.21 -6.89 -7.97
N MET G 49 56.41 -6.98 -9.28
CA MET G 49 55.58 -7.82 -10.13
C MET G 49 55.65 -9.23 -9.55
N GLU G 50 56.88 -9.67 -9.32
CA GLU G 50 57.12 -11.01 -8.78
C GLU G 50 56.73 -11.20 -7.32
N GLU G 51 56.59 -10.12 -6.57
CA GLU G 51 56.19 -10.28 -5.19
C GLU G 51 54.70 -10.59 -5.16
N VAL G 52 53.96 -10.04 -6.12
CA VAL G 52 52.52 -10.28 -6.21
C VAL G 52 52.28 -11.72 -6.61
N GLY G 53 52.82 -12.12 -7.76
CA GLY G 53 52.66 -13.47 -8.23
C GLY G 53 52.98 -14.47 -7.12
N GLU G 54 53.88 -14.07 -6.23
CA GLU G 54 54.27 -14.90 -5.11
C GLU G 54 53.04 -15.12 -4.22
N LYS G 55 52.37 -14.02 -3.85
CA LYS G 55 51.18 -14.10 -3.04
C LYS G 55 50.05 -14.74 -3.85
N PHE G 56 50.07 -14.55 -5.15
CA PHE G 56 49.05 -15.12 -6.01
C PHE G 56 49.15 -16.62 -5.94
N GLY G 57 50.38 -17.10 -5.80
CA GLY G 57 50.62 -18.53 -5.73
C GLY G 57 50.25 -19.11 -4.39
N GLN G 58 50.34 -18.32 -3.33
CA GLN G 58 49.97 -18.81 -2.01
C GLN G 58 48.47 -18.70 -1.78
N GLY G 59 47.77 -18.02 -2.69
CA GLY G 59 46.33 -17.86 -2.56
C GLY G 59 45.95 -16.67 -1.67
N GLU G 60 46.85 -15.69 -1.54
CA GLU G 60 46.57 -14.51 -0.74
C GLU G 60 45.91 -13.42 -1.58
N LEU G 61 46.38 -13.28 -2.83
CA LEU G 61 45.83 -12.31 -3.76
C LEU G 61 45.21 -13.11 -4.90
N PHE G 62 44.38 -12.47 -5.72
CA PHE G 62 43.77 -13.20 -6.82
C PHE G 62 43.92 -12.46 -8.14
N LEU G 63 43.25 -12.96 -9.17
CA LEU G 63 43.33 -12.35 -10.50
C LEU G 63 43.30 -10.83 -10.43
N PRO G 64 42.31 -10.26 -9.73
CA PRO G 64 42.21 -8.81 -9.61
C PRO G 64 43.56 -8.13 -9.35
N HIS G 65 44.31 -8.66 -8.39
CA HIS G 65 45.60 -8.08 -8.04
C HIS G 65 46.63 -8.20 -9.14
N VAL G 66 46.64 -9.35 -9.83
CA VAL G 66 47.60 -9.54 -10.91
C VAL G 66 47.44 -8.42 -11.94
N LEU G 67 46.23 -8.30 -12.48
CA LEU G 67 45.91 -7.29 -13.49
C LEU G 67 46.11 -5.88 -13.00
N ALA G 68 45.65 -5.60 -11.78
CA ALA G 68 45.80 -4.29 -11.20
C ALA G 68 47.29 -3.92 -11.11
N ALA G 69 48.14 -4.92 -10.91
CA ALA G 69 49.57 -4.71 -10.80
C ALA G 69 50.15 -4.54 -12.21
N ALA G 70 49.63 -5.34 -13.14
CA ALA G 70 50.07 -5.27 -14.52
C ALA G 70 49.69 -3.93 -15.12
N GLU G 71 48.56 -3.38 -14.68
CA GLU G 71 48.08 -2.11 -15.17
C GLU G 71 49.04 -1.02 -14.70
N ALA G 72 49.57 -1.20 -13.48
CA ALA G 72 50.51 -0.23 -12.94
C ALA G 72 51.83 -0.33 -13.70
N MET G 73 52.32 -1.54 -13.91
CA MET G 73 53.59 -1.68 -14.60
C MET G 73 53.53 -1.02 -15.98
N ASN G 74 52.35 -1.02 -16.58
CA ASN G 74 52.21 -0.42 -17.89
C ASN G 74 52.06 1.09 -17.79
N SER G 75 51.43 1.55 -16.72
CA SER G 75 51.26 2.98 -16.53
C SER G 75 52.64 3.61 -16.41
N GLY G 76 53.59 2.84 -15.89
CA GLY G 76 54.95 3.34 -15.74
C GLY G 76 55.70 3.20 -17.04
N ILE G 77 55.77 1.98 -17.57
CA ILE G 77 56.46 1.73 -18.82
C ILE G 77 56.04 2.68 -19.92
N LYS G 78 54.79 3.13 -19.85
CA LYS G 78 54.24 4.07 -20.83
C LYS G 78 55.05 5.36 -20.68
N VAL G 79 55.05 5.88 -19.46
CA VAL G 79 55.76 7.12 -19.12
C VAL G 79 57.19 7.18 -19.69
N ILE G 80 57.79 6.02 -19.94
CA ILE G 80 59.14 5.97 -20.47
C ILE G 80 59.31 5.21 -21.78
N THR G 81 58.21 4.90 -22.48
CA THR G 81 58.32 4.18 -23.75
C THR G 81 59.05 5.02 -24.79
N PRO G 82 58.97 6.37 -24.69
CA PRO G 82 59.66 7.24 -25.65
C PRO G 82 61.18 7.18 -25.45
N GLU G 83 61.61 7.51 -24.23
CA GLU G 83 63.02 7.49 -23.83
C GLU G 83 63.60 6.11 -23.98
N MET G 84 62.75 5.11 -23.73
CA MET G 84 63.13 3.71 -23.79
C MET G 84 63.30 3.24 -25.23
N GLU G 85 63.23 1.92 -25.41
CA GLU G 85 63.36 1.24 -26.69
C GLU G 85 63.17 2.10 -27.94
N LYS G 86 62.15 2.96 -27.93
CA LYS G 86 61.91 3.82 -29.09
C LYS G 86 63.18 4.59 -29.45
N ARG G 87 63.79 5.23 -28.45
CA ARG G 87 65.01 6.01 -28.66
C ARG G 87 66.29 5.18 -28.51
N LYS G 88 66.60 4.77 -27.28
CA LYS G 88 67.80 3.98 -26.99
C LYS G 88 67.81 2.65 -27.73
N SER G 89 66.63 2.07 -27.94
CA SER G 89 66.50 0.79 -28.64
C SER G 89 67.05 -0.41 -27.86
N GLN G 90 66.83 -0.42 -26.55
CA GLN G 90 67.32 -1.52 -25.73
C GLN G 90 66.23 -2.52 -25.39
N THR G 91 66.62 -3.78 -25.26
CA THR G 91 65.69 -4.87 -24.96
C THR G 91 65.73 -5.27 -23.47
N LYS G 92 64.64 -5.89 -23.00
CA LYS G 92 64.54 -6.33 -21.61
C LYS G 92 65.12 -7.73 -21.45
N SER G 93 64.31 -8.66 -20.95
CA SER G 93 64.76 -10.02 -20.76
C SER G 93 63.67 -10.97 -20.23
N LEU G 94 63.93 -12.26 -20.38
CA LEU G 94 63.04 -13.35 -19.96
C LEU G 94 61.90 -13.59 -20.93
N GLY G 95 62.23 -14.11 -22.11
CA GLY G 95 61.23 -14.39 -23.11
C GLY G 95 60.37 -13.20 -23.55
N THR G 96 59.82 -13.30 -24.77
CA THR G 96 58.97 -12.27 -25.33
C THR G 96 57.80 -12.95 -26.03
N VAL G 97 56.60 -12.78 -25.48
CA VAL G 97 55.41 -13.40 -26.06
C VAL G 97 54.42 -12.37 -26.63
N ALA G 98 54.05 -12.56 -27.89
CA ALA G 98 53.07 -11.69 -28.56
C ALA G 98 51.76 -12.45 -28.45
N ILE G 99 50.73 -11.77 -27.97
CA ILE G 99 49.44 -12.42 -27.79
C ILE G 99 48.25 -11.57 -28.25
N GLY G 100 47.18 -12.26 -28.63
CA GLY G 100 45.98 -11.56 -29.07
C GLY G 100 44.88 -12.53 -29.42
N THR G 101 43.65 -12.05 -29.46
CA THR G 101 42.52 -12.89 -29.80
C THR G 101 42.43 -13.00 -31.32
N ILE G 102 42.41 -14.23 -31.82
CA ILE G 102 42.34 -14.53 -33.25
C ILE G 102 41.29 -13.67 -33.95
N GLU G 103 41.45 -13.48 -35.26
CA GLU G 103 40.50 -12.65 -36.00
C GLU G 103 39.12 -13.28 -35.99
N GLY G 104 38.10 -12.44 -36.00
CA GLY G 104 36.73 -12.92 -35.98
C GLY G 104 36.24 -13.21 -34.58
N ASP G 105 37.11 -12.95 -33.60
CA ASP G 105 36.78 -13.20 -32.21
C ASP G 105 37.03 -11.95 -31.36
N ILE G 106 36.04 -11.57 -30.56
CA ILE G 106 36.15 -10.40 -29.71
C ILE G 106 36.24 -10.74 -28.22
N HIS G 107 36.09 -12.01 -27.88
CA HIS G 107 36.22 -12.42 -26.47
C HIS G 107 37.65 -12.04 -26.11
N SER G 108 37.82 -11.31 -25.02
CA SER G 108 39.16 -10.90 -24.64
C SER G 108 39.53 -11.09 -23.18
N ILE G 109 38.54 -11.26 -22.31
CA ILE G 109 38.79 -11.45 -20.89
C ILE G 109 39.87 -12.50 -20.66
N GLY G 110 39.69 -13.69 -21.22
CA GLY G 110 40.66 -14.75 -21.06
C GLY G 110 42.04 -14.36 -21.55
N LYS G 111 42.12 -13.92 -22.80
CA LYS G 111 43.39 -13.52 -23.39
C LYS G 111 44.11 -12.51 -22.50
N ASP G 112 43.35 -11.59 -21.91
CA ASP G 112 43.95 -10.59 -21.04
C ASP G 112 44.47 -11.20 -19.75
N ILE G 113 43.83 -12.26 -19.28
CA ILE G 113 44.26 -12.91 -18.05
C ILE G 113 45.54 -13.69 -18.34
N VAL G 114 45.57 -14.35 -19.48
CA VAL G 114 46.76 -15.11 -19.85
C VAL G 114 47.92 -14.12 -20.01
N ALA G 115 47.63 -13.00 -20.68
CA ALA G 115 48.65 -11.98 -20.90
C ALA G 115 49.23 -11.48 -19.58
N SER G 116 48.38 -11.23 -18.60
CA SER G 116 48.85 -10.75 -17.30
C SER G 116 49.62 -11.81 -16.53
N MET G 117 49.08 -13.01 -16.47
CA MET G 117 49.77 -14.07 -15.75
C MET G 117 51.18 -14.30 -16.31
N LEU G 118 51.38 -14.00 -17.60
CA LEU G 118 52.69 -14.14 -18.23
C LEU G 118 53.52 -12.95 -17.80
N ASN G 119 52.95 -11.77 -17.96
CA ASN G 119 53.60 -10.53 -17.60
C ASN G 119 54.11 -10.61 -16.15
N ILE G 120 53.29 -11.19 -15.27
CA ILE G 120 53.65 -11.31 -13.86
C ILE G 120 54.60 -12.48 -13.60
N ALA G 121 54.66 -13.41 -14.55
CA ALA G 121 55.54 -14.56 -14.41
C ALA G 121 56.97 -14.12 -14.67
N GLY G 122 57.11 -13.04 -15.44
CA GLY G 122 58.42 -12.52 -15.76
C GLY G 122 58.63 -12.24 -17.23
N PHE G 123 57.68 -12.66 -18.07
CA PHE G 123 57.78 -12.44 -19.51
C PHE G 123 57.39 -11.03 -19.93
N LYS G 124 57.82 -10.65 -21.13
CA LYS G 124 57.49 -9.35 -21.70
C LYS G 124 56.30 -9.63 -22.61
N VAL G 125 55.15 -9.08 -22.28
CA VAL G 125 53.97 -9.33 -23.10
C VAL G 125 53.64 -8.19 -24.05
N VAL G 126 53.25 -8.56 -25.27
CA VAL G 126 52.87 -7.59 -26.29
C VAL G 126 51.45 -7.95 -26.71
N ASP G 127 50.48 -7.17 -26.24
CA ASP G 127 49.08 -7.44 -26.56
C ASP G 127 48.75 -6.87 -27.93
N LEU G 128 48.20 -7.72 -28.80
CA LEU G 128 47.82 -7.32 -30.15
C LEU G 128 46.34 -6.94 -30.18
N GLY G 129 45.67 -7.06 -29.04
CA GLY G 129 44.27 -6.73 -28.96
C GLY G 129 43.37 -7.92 -29.26
N ARG G 130 42.23 -7.67 -29.88
CA ARG G 130 41.31 -8.74 -30.22
C ARG G 130 40.86 -8.62 -31.67
N ASP G 131 40.23 -9.67 -32.18
CA ASP G 131 39.80 -9.69 -33.57
C ASP G 131 41.01 -9.36 -34.43
N VAL G 132 42.19 -9.73 -33.92
CA VAL G 132 43.45 -9.47 -34.60
C VAL G 132 43.51 -10.25 -35.91
N PRO G 133 43.64 -9.53 -37.04
CA PRO G 133 43.70 -10.19 -38.35
C PRO G 133 44.94 -11.08 -38.47
N ILE G 134 44.73 -12.28 -39.00
CA ILE G 134 45.80 -13.26 -39.16
C ILE G 134 47.10 -12.65 -39.65
N ASN G 135 47.01 -11.77 -40.63
CA ASN G 135 48.20 -11.14 -41.19
C ASN G 135 48.99 -10.35 -40.15
N THR G 136 48.29 -9.69 -39.24
CA THR G 136 48.98 -8.90 -38.22
C THR G 136 49.82 -9.78 -37.31
N PHE G 137 49.37 -11.01 -37.06
CA PHE G 137 50.12 -11.93 -36.21
C PHE G 137 51.48 -12.17 -36.87
N VAL G 138 51.45 -12.47 -38.17
CA VAL G 138 52.66 -12.73 -38.94
C VAL G 138 53.56 -11.49 -38.96
N GLU G 139 53.00 -10.36 -39.37
CA GLU G 139 53.74 -9.12 -39.45
C GLU G 139 54.39 -8.75 -38.12
N LYS G 140 53.70 -9.04 -37.02
CA LYS G 140 54.22 -8.74 -35.69
C LYS G 140 55.28 -9.75 -35.25
N VAL G 141 55.26 -10.94 -35.85
CA VAL G 141 56.23 -11.95 -35.51
C VAL G 141 57.60 -11.62 -36.09
N LYS G 142 57.65 -11.23 -37.36
CA LYS G 142 58.93 -10.91 -37.99
C LYS G 142 59.38 -9.47 -37.70
N GLU G 143 58.46 -8.65 -37.20
CA GLU G 143 58.76 -7.27 -36.88
C GLU G 143 59.31 -7.18 -35.45
N LEU G 144 58.80 -8.04 -34.58
CA LEU G 144 59.23 -8.06 -33.18
C LEU G 144 60.08 -9.28 -32.87
N LYS G 145 59.95 -10.31 -33.70
CA LYS G 145 60.71 -11.55 -33.53
C LYS G 145 60.62 -12.05 -32.08
N PRO G 146 59.39 -12.39 -31.63
CA PRO G 146 59.14 -12.88 -30.28
C PRO G 146 59.42 -14.36 -30.16
N GLN G 147 59.67 -14.82 -28.94
CA GLN G 147 59.94 -16.23 -28.68
C GLN G 147 58.65 -17.04 -28.82
N VAL G 148 57.53 -16.45 -28.42
CA VAL G 148 56.24 -17.11 -28.49
C VAL G 148 55.16 -16.23 -29.09
N VAL G 149 54.34 -16.82 -29.97
CA VAL G 149 53.24 -16.11 -30.61
C VAL G 149 51.98 -16.82 -30.13
N ALA G 150 51.10 -16.09 -29.45
CA ALA G 150 49.88 -16.70 -28.92
C ALA G 150 48.58 -16.10 -29.42
N SER G 151 47.65 -16.98 -29.77
CA SER G 151 46.33 -16.56 -30.25
C SER G 151 45.27 -17.13 -29.31
N SER G 152 44.13 -16.46 -29.21
CA SER G 152 43.06 -16.93 -28.36
C SER G 152 41.80 -17.06 -29.18
N ALA G 153 41.12 -18.18 -29.04
CA ALA G 153 39.88 -18.42 -29.79
C ALA G 153 38.89 -19.09 -28.85
N LEU G 154 37.70 -18.52 -28.72
CA LEU G 154 36.70 -19.07 -27.83
C LEU G 154 35.51 -19.71 -28.54
N MET G 155 35.55 -19.67 -29.87
CA MET G 155 34.47 -20.25 -30.65
C MET G 155 35.03 -21.36 -31.53
N THR G 156 34.16 -22.20 -32.07
CA THR G 156 34.59 -23.30 -32.94
C THR G 156 34.83 -22.75 -34.34
N THR G 157 34.32 -21.56 -34.59
CA THR G 157 34.45 -20.92 -35.90
C THR G 157 35.62 -19.96 -35.99
N THR G 158 36.17 -19.55 -34.85
CA THR G 158 37.30 -18.63 -34.85
C THR G 158 38.54 -19.41 -34.42
N MET G 159 38.30 -20.62 -33.93
CA MET G 159 39.37 -21.52 -33.50
C MET G 159 40.06 -22.04 -34.76
N VAL G 160 39.29 -22.13 -35.84
CA VAL G 160 39.78 -22.60 -37.13
C VAL G 160 40.79 -21.66 -37.75
N ASN G 161 40.72 -20.38 -37.41
CA ASN G 161 41.64 -19.39 -37.97
C ASN G 161 43.05 -19.56 -37.43
N GLN G 162 43.21 -20.38 -36.40
CA GLN G 162 44.52 -20.61 -35.82
C GLN G 162 45.40 -21.39 -36.79
N ILE G 163 44.76 -22.15 -37.67
CA ILE G 163 45.47 -22.94 -38.68
C ILE G 163 46.16 -21.94 -39.61
N GLN G 164 45.41 -20.91 -39.97
CA GLN G 164 45.93 -19.88 -40.86
C GLN G 164 47.13 -19.17 -40.26
N ILE G 165 47.22 -19.14 -38.94
CA ILE G 165 48.36 -18.49 -38.29
C ILE G 165 49.58 -19.38 -38.53
N GLU G 166 49.35 -20.69 -38.49
CA GLU G 166 50.42 -21.67 -38.71
C GLU G 166 50.92 -21.57 -40.14
N GLU G 167 49.99 -21.54 -41.09
CA GLU G 167 50.31 -21.45 -42.50
C GLU G 167 51.02 -20.18 -42.91
N GLN G 168 50.30 -19.06 -42.89
CA GLN G 168 50.87 -17.77 -43.27
C GLN G 168 52.18 -17.47 -42.55
N LEU G 169 52.44 -18.20 -41.48
CA LEU G 169 53.66 -18.02 -40.70
C LEU G 169 54.76 -18.87 -41.35
N LYS G 170 54.37 -20.03 -41.85
CA LYS G 170 55.31 -20.93 -42.52
C LYS G 170 55.74 -20.32 -43.84
N GLU G 171 54.77 -19.85 -44.63
CA GLU G 171 55.08 -19.24 -45.92
C GLU G 171 55.59 -17.82 -45.74
N ALA G 172 56.13 -17.54 -44.56
CA ALA G 172 56.70 -16.23 -44.25
C ALA G 172 58.12 -16.51 -43.80
N GLY G 173 58.47 -17.79 -43.77
CA GLY G 173 59.80 -18.22 -43.38
C GLY G 173 60.15 -17.87 -41.95
N VAL G 174 59.18 -17.99 -41.05
CA VAL G 174 59.42 -17.66 -39.66
C VAL G 174 58.74 -18.64 -38.70
N ARG G 175 58.02 -19.59 -39.25
CA ARG G 175 57.33 -20.58 -38.42
C ARG G 175 58.31 -21.27 -37.49
N ASP G 176 59.53 -21.43 -37.96
CA ASP G 176 60.59 -22.07 -37.19
C ASP G 176 61.37 -21.08 -36.33
N GLN G 177 61.04 -19.80 -36.46
CA GLN G 177 61.71 -18.75 -35.69
C GLN G 177 60.98 -18.51 -34.37
N VAL G 178 59.80 -19.08 -34.24
CA VAL G 178 58.99 -18.88 -33.04
C VAL G 178 58.06 -20.06 -32.73
N LYS G 179 57.80 -20.25 -31.44
CA LYS G 179 56.91 -21.31 -30.98
C LYS G 179 55.51 -20.74 -30.77
N THR G 180 54.54 -21.35 -31.43
CA THR G 180 53.15 -20.90 -31.33
C THR G 180 52.39 -21.57 -30.19
N MET G 181 51.38 -20.86 -29.68
CA MET G 181 50.55 -21.35 -28.59
C MET G 181 49.08 -21.10 -28.92
N VAL G 182 48.22 -22.04 -28.54
CA VAL G 182 46.79 -21.90 -28.76
C VAL G 182 46.01 -22.18 -27.48
N GLY G 183 44.98 -21.38 -27.26
CA GLY G 183 44.17 -21.55 -26.07
C GLY G 183 42.76 -20.99 -26.26
N GLY G 184 41.84 -21.45 -25.42
CA GLY G 184 40.46 -21.00 -25.52
C GLY G 184 39.54 -22.14 -25.10
N ALA G 185 38.35 -21.79 -24.63
CA ALA G 185 37.38 -22.78 -24.18
C ALA G 185 37.26 -24.00 -25.10
N PRO G 186 37.05 -23.79 -26.41
CA PRO G 186 36.93 -24.92 -27.33
C PRO G 186 38.26 -25.54 -27.76
N VAL G 187 39.35 -24.82 -27.55
CA VAL G 187 40.67 -25.31 -27.92
C VAL G 187 41.13 -26.40 -26.95
N THR G 188 41.70 -27.47 -27.50
CA THR G 188 42.19 -28.61 -26.73
C THR G 188 43.58 -29.00 -27.18
N GLN G 189 44.17 -30.00 -26.53
CA GLN G 189 45.50 -30.48 -26.89
C GLN G 189 45.47 -31.11 -28.28
N ASP G 190 44.42 -31.88 -28.55
CA ASP G 190 44.26 -32.53 -29.85
C ASP G 190 44.32 -31.51 -30.96
N TRP G 191 43.61 -30.39 -30.77
CA TRP G 191 43.61 -29.32 -31.76
C TRP G 191 45.02 -28.80 -31.94
N ALA G 192 45.70 -28.54 -30.83
CA ALA G 192 47.07 -28.03 -30.87
C ALA G 192 47.96 -28.96 -31.69
N ASP G 193 47.79 -30.27 -31.50
CA ASP G 193 48.58 -31.23 -32.23
C ASP G 193 48.18 -31.25 -33.71
N LYS G 194 46.90 -31.54 -33.95
CA LYS G 194 46.37 -31.59 -35.31
C LYS G 194 46.75 -30.37 -36.15
N ILE G 195 46.80 -29.21 -35.51
CA ILE G 195 47.11 -27.97 -36.22
C ILE G 195 48.63 -27.78 -36.34
N GLY G 196 49.38 -28.33 -35.39
CA GLY G 196 50.82 -28.20 -35.42
C GLY G 196 51.33 -27.12 -34.48
N ALA G 197 50.48 -26.64 -33.59
CA ALA G 197 50.86 -25.61 -32.63
C ALA G 197 51.84 -26.18 -31.61
N ASP G 198 52.86 -25.39 -31.27
CA ASP G 198 53.89 -25.82 -30.33
C ASP G 198 53.36 -26.04 -28.91
N ILE G 199 52.55 -25.10 -28.43
CA ILE G 199 52.02 -25.20 -27.08
C ILE G 199 50.50 -25.06 -26.97
N TYR G 200 49.92 -25.74 -25.99
CA TYR G 200 48.49 -25.67 -25.74
C TYR G 200 48.28 -25.17 -24.32
N GLY G 201 47.58 -24.05 -24.19
CA GLY G 201 47.31 -23.49 -22.88
C GLY G 201 45.95 -23.90 -22.32
N GLU G 202 45.96 -24.82 -21.36
CA GLU G 202 44.74 -25.29 -20.73
C GLU G 202 44.07 -24.11 -20.03
N SER G 203 44.89 -23.28 -19.40
CA SER G 203 44.43 -22.11 -18.67
C SER G 203 45.56 -21.09 -18.60
N ALA G 204 45.39 -20.06 -17.78
CA ALA G 204 46.41 -19.04 -17.64
C ALA G 204 47.63 -19.60 -16.93
N ASN G 205 47.41 -20.41 -15.90
CA ASN G 205 48.51 -21.02 -15.16
C ASN G 205 49.23 -22.06 -15.99
N ASP G 206 48.44 -22.87 -16.70
CA ASP G 206 49.00 -23.92 -17.55
C ASP G 206 49.80 -23.29 -18.69
N ALA G 207 49.29 -22.19 -19.23
CA ALA G 207 49.96 -21.51 -20.32
C ALA G 207 51.31 -20.96 -19.85
N VAL G 208 51.33 -20.36 -18.66
CA VAL G 208 52.56 -19.80 -18.12
C VAL G 208 53.58 -20.92 -17.86
N ALA G 209 53.10 -22.01 -17.27
CA ALA G 209 53.95 -23.15 -16.96
C ALA G 209 54.55 -23.75 -18.23
N LYS G 210 53.75 -23.83 -19.28
CA LYS G 210 54.20 -24.41 -20.54
C LYS G 210 55.09 -23.47 -21.35
N VAL G 211 54.84 -22.17 -21.25
CA VAL G 211 55.64 -21.20 -21.99
C VAL G 211 57.09 -21.24 -21.53
N LYS G 212 57.30 -21.34 -20.21
CA LYS G 212 58.65 -21.40 -19.68
C LYS G 212 59.24 -22.79 -19.91
N ALA G 213 58.44 -23.82 -19.69
CA ALA G 213 58.91 -25.18 -19.90
C ALA G 213 59.24 -25.40 -21.38
N ALA G 214 58.80 -24.48 -22.23
CA ALA G 214 59.05 -24.59 -23.67
C ALA G 214 60.27 -23.81 -24.14
N LEU G 215 60.68 -22.81 -23.36
CA LEU G 215 61.84 -22.02 -23.73
C LEU G 215 62.76 -21.70 -22.57
N ASN G 216 62.18 -21.47 -21.39
CA ASN G 216 62.95 -21.16 -20.18
C ASN G 216 64.08 -22.20 -20.04
N ALA H 2 59.11 -12.66 21.02
CA ALA H 2 60.20 -11.86 20.38
C ALA H 2 61.12 -11.31 21.46
N ASN H 3 62.13 -10.53 21.05
CA ASN H 3 63.07 -9.95 22.01
C ASN H 3 62.43 -8.74 22.66
N LYS H 4 62.77 -8.50 23.94
CA LYS H 4 62.21 -7.39 24.69
C LYS H 4 61.92 -6.14 23.85
N GLU H 5 62.80 -5.84 22.91
CA GLU H 5 62.63 -4.67 22.05
C GLU H 5 61.31 -4.74 21.30
N GLU H 6 61.06 -5.87 20.65
CA GLU H 6 59.84 -6.07 19.89
C GLU H 6 58.60 -6.12 20.78
N ILE H 7 58.73 -6.71 21.97
CA ILE H 7 57.60 -6.79 22.90
C ILE H 7 57.13 -5.41 23.38
N ILE H 8 58.10 -4.53 23.63
CA ILE H 8 57.81 -3.17 24.09
C ILE H 8 57.08 -2.40 22.99
N ALA H 9 57.44 -2.66 21.75
CA ALA H 9 56.78 -1.98 20.64
C ALA H 9 55.37 -2.50 20.46
N LYS H 10 55.21 -3.83 20.48
CA LYS H 10 53.90 -4.44 20.32
C LYS H 10 52.97 -3.98 21.45
N ALA H 11 53.56 -3.49 22.53
CA ALA H 11 52.80 -3.01 23.69
C ALA H 11 52.33 -1.56 23.49
N LYS H 12 53.10 -0.80 22.72
CA LYS H 12 52.78 0.60 22.42
C LYS H 12 51.70 0.58 21.34
N GLU H 13 51.87 -0.30 20.37
CA GLU H 13 50.92 -0.46 19.27
C GLU H 13 49.57 -0.90 19.82
N ALA H 14 49.58 -1.72 20.86
CA ALA H 14 48.34 -2.21 21.47
C ALA H 14 47.54 -1.03 21.97
N ILE H 15 48.25 -0.02 22.44
CA ILE H 15 47.60 1.18 22.93
C ILE H 15 47.20 2.08 21.77
N THR H 16 48.14 2.45 20.92
CA THR H 16 47.81 3.32 19.80
C THR H 16 46.70 2.76 18.90
N ASP H 17 46.40 1.48 19.07
CA ASP H 17 45.37 0.87 18.26
C ASP H 17 44.14 0.55 19.08
N PHE H 18 44.20 0.87 20.36
CA PHE H 18 43.06 0.62 21.24
C PHE H 18 42.68 -0.83 21.00
N ASP H 19 43.54 -1.74 21.42
CA ASP H 19 43.28 -3.15 21.22
C ASP H 19 43.61 -3.92 22.48
N ASP H 20 42.60 -4.16 23.29
CA ASP H 20 42.71 -4.88 24.55
C ASP H 20 43.31 -6.27 24.38
N GLU H 21 42.83 -7.02 23.39
CA GLU H 21 43.32 -8.37 23.15
C GLU H 21 44.81 -8.37 22.81
N LEU H 22 45.26 -7.30 22.16
CA LEU H 22 46.65 -7.18 21.76
C LEU H 22 47.47 -6.74 22.97
N ALA H 23 46.85 -6.01 23.88
CA ALA H 23 47.53 -5.56 25.08
C ALA H 23 47.74 -6.73 26.02
N GLU H 24 46.78 -7.65 26.02
CA GLU H 24 46.83 -8.82 26.87
C GLU H 24 47.83 -9.85 26.35
N GLU H 25 47.93 -9.98 25.04
CA GLU H 25 48.86 -10.93 24.45
C GLU H 25 50.30 -10.47 24.72
N VAL H 26 50.57 -9.19 24.56
CA VAL H 26 51.90 -8.66 24.81
C VAL H 26 52.25 -8.84 26.28
N ALA H 27 51.29 -8.58 27.16
CA ALA H 27 51.52 -8.73 28.59
C ALA H 27 51.96 -10.16 28.88
N ASN H 28 51.38 -11.13 28.17
CA ASN H 28 51.74 -12.53 28.34
C ASN H 28 53.12 -12.84 27.77
N GLU H 29 53.45 -12.20 26.65
CA GLU H 29 54.76 -12.40 26.04
C GLU H 29 55.79 -11.82 27.00
N ALA H 30 55.39 -10.78 27.72
CA ALA H 30 56.25 -10.11 28.68
C ALA H 30 56.51 -11.00 29.88
N LEU H 31 55.44 -11.45 30.52
CA LEU H 31 55.55 -12.33 31.68
C LEU H 31 56.29 -13.61 31.33
N ALA H 32 56.01 -14.17 30.15
CA ALA H 32 56.67 -15.38 29.70
C ALA H 32 58.18 -15.14 29.61
N ALA H 33 58.57 -14.06 28.93
CA ALA H 33 59.98 -13.72 28.78
C ALA H 33 60.60 -13.37 30.13
N GLY H 34 59.78 -13.26 31.16
CA GLY H 34 60.28 -12.92 32.48
C GLY H 34 60.57 -11.45 32.61
N ILE H 35 60.38 -10.71 31.51
CA ILE H 35 60.60 -9.27 31.47
C ILE H 35 59.88 -8.55 32.62
N ASP H 36 60.51 -7.49 33.13
CA ASP H 36 59.95 -6.70 34.24
C ASP H 36 58.67 -6.03 33.79
N PRO H 37 57.61 -6.11 34.59
CA PRO H 37 56.36 -5.47 34.21
C PRO H 37 56.51 -3.94 34.16
N VAL H 38 57.31 -3.42 35.08
CA VAL H 38 57.54 -1.99 35.14
C VAL H 38 58.14 -1.43 33.85
N GLU H 39 58.91 -2.23 33.11
CA GLU H 39 59.48 -1.72 31.85
C GLU H 39 58.44 -1.88 30.74
N LEU H 40 57.51 -2.81 30.92
CA LEU H 40 56.46 -3.02 29.92
C LEU H 40 55.46 -1.88 30.00
N ILE H 41 55.19 -1.43 31.21
CA ILE H 41 54.26 -0.33 31.43
C ILE H 41 54.89 1.01 31.06
N GLU H 42 56.03 1.31 31.66
CA GLU H 42 56.72 2.57 31.43
C GLU H 42 57.22 2.89 30.03
N LYS H 43 57.88 1.93 29.40
CA LYS H 43 58.41 2.17 28.06
C LYS H 43 57.48 1.61 26.98
N GLY H 44 56.51 0.81 27.40
CA GLY H 44 55.57 0.20 26.47
C GLY H 44 54.22 0.87 26.31
N PHE H 45 53.29 0.55 27.21
CA PHE H 45 51.95 1.13 27.16
C PHE H 45 51.98 2.65 27.28
N THR H 46 52.60 3.13 28.36
CA THR H 46 52.73 4.56 28.62
C THR H 46 53.28 5.30 27.41
N ALA H 47 54.16 4.66 26.65
CA ALA H 47 54.71 5.30 25.47
C ALA H 47 53.55 5.56 24.52
N GLY H 48 52.78 4.51 24.27
CA GLY H 48 51.64 4.59 23.37
C GLY H 48 50.50 5.38 23.96
N MET H 49 50.46 5.48 25.29
CA MET H 49 49.41 6.23 25.96
C MET H 49 49.63 7.72 25.80
N GLU H 50 50.90 8.12 25.89
CA GLU H 50 51.27 9.52 25.78
C GLU H 50 51.10 10.02 24.34
N GLU H 51 51.31 9.11 23.38
CA GLU H 51 51.18 9.44 21.98
C GLU H 51 49.75 9.82 21.64
N VAL H 52 48.80 9.13 22.27
CA VAL H 52 47.39 9.39 22.04
C VAL H 52 47.09 10.76 22.63
N GLY H 53 47.63 11.01 23.81
CA GLY H 53 47.40 12.29 24.46
C GLY H 53 47.80 13.45 23.56
N GLU H 54 48.88 13.26 22.81
CA GLU H 54 49.38 14.31 21.91
C GLU H 54 48.36 14.55 20.83
N LYS H 55 48.04 13.48 20.10
CA LYS H 55 47.09 13.53 19.01
C LYS H 55 45.74 14.05 19.47
N PHE H 56 45.45 13.91 20.75
CA PHE H 56 44.21 14.40 21.31
C PHE H 56 44.36 15.91 21.50
N GLY H 57 45.54 16.31 21.94
CA GLY H 57 45.83 17.72 22.16
C GLY H 57 45.99 18.47 20.85
N GLN H 58 46.03 17.74 19.74
CA GLN H 58 46.17 18.34 18.42
C GLN H 58 44.90 18.11 17.61
N GLY H 59 43.79 17.93 18.33
CA GLY H 59 42.50 17.71 17.70
C GLY H 59 42.43 16.59 16.70
N GLU H 60 43.44 15.73 16.69
CA GLU H 60 43.48 14.60 15.78
C GLU H 60 42.68 13.41 16.34
N LEU H 61 42.51 13.38 17.66
CA LEU H 61 41.78 12.32 18.33
C LEU H 61 40.88 12.96 19.39
N PHE H 62 39.87 12.23 19.86
CA PHE H 62 38.96 12.76 20.87
C PHE H 62 38.63 11.73 21.94
N LEU H 63 37.68 12.06 22.82
CA LEU H 63 37.27 11.18 23.92
C LEU H 63 37.20 9.68 23.63
N PRO H 64 36.49 9.26 22.57
CA PRO H 64 36.44 7.82 22.31
C PRO H 64 37.83 7.22 22.40
N HIS H 65 38.79 7.83 21.70
CA HIS H 65 40.17 7.36 21.70
C HIS H 65 40.86 7.38 23.08
N VAL H 66 40.72 8.48 23.80
CA VAL H 66 41.33 8.61 25.11
C VAL H 66 40.89 7.54 26.10
N LEU H 67 39.61 7.20 26.11
CA LEU H 67 39.11 6.19 27.03
C LEU H 67 39.44 4.80 26.57
N ALA H 68 39.50 4.61 25.26
CA ALA H 68 39.83 3.31 24.69
C ALA H 68 41.27 2.98 25.04
N ALA H 69 42.16 3.95 24.81
CA ALA H 69 43.58 3.77 25.10
C ALA H 69 43.78 3.42 26.58
N ALA H 70 43.17 4.17 27.48
CA ALA H 70 43.30 3.90 28.90
C ALA H 70 42.80 2.47 29.23
N GLU H 71 41.83 2.01 28.47
CA GLU H 71 41.26 0.68 28.66
C GLU H 71 42.13 -0.42 28.05
N ALA H 72 42.75 -0.14 26.90
CA ALA H 72 43.62 -1.14 26.29
C ALA H 72 44.76 -1.36 27.27
N MET H 73 45.22 -0.27 27.88
CA MET H 73 46.30 -0.36 28.83
C MET H 73 45.87 -1.09 30.08
N ASN H 74 44.64 -0.86 30.52
CA ASN H 74 44.19 -1.54 31.73
C ASN H 74 44.16 -3.04 31.50
N SER H 75 43.66 -3.47 30.34
CA SER H 75 43.58 -4.90 30.01
C SER H 75 44.93 -5.58 30.20
N GLY H 76 45.95 -5.04 29.53
CA GLY H 76 47.30 -5.58 29.60
C GLY H 76 47.97 -5.48 30.96
N ILE H 77 47.49 -4.58 31.82
CA ILE H 77 48.09 -4.45 33.13
C ILE H 77 47.39 -5.35 34.14
N LYS H 78 46.15 -5.72 33.84
CA LYS H 78 45.40 -6.59 34.72
C LYS H 78 46.08 -7.95 34.66
N VAL H 79 46.67 -8.24 33.50
CA VAL H 79 47.38 -9.49 33.27
C VAL H 79 48.68 -9.56 34.08
N ILE H 80 49.47 -8.50 34.02
CA ILE H 80 50.75 -8.46 34.72
C ILE H 80 50.64 -7.89 36.13
N THR H 81 49.43 -7.83 36.66
CA THR H 81 49.21 -7.30 38.01
C THR H 81 49.73 -8.22 39.10
N PRO H 82 49.29 -9.49 39.10
CA PRO H 82 49.79 -10.37 40.16
C PRO H 82 51.32 -10.36 40.18
N GLU H 83 51.93 -10.38 39.00
CA GLU H 83 53.37 -10.35 38.88
C GLU H 83 53.94 -9.15 39.65
N MET H 84 53.52 -7.95 39.28
CA MET H 84 54.01 -6.74 39.93
C MET H 84 53.83 -6.86 41.44
N GLU H 85 52.83 -7.63 41.84
CA GLU H 85 52.53 -7.85 43.26
C GLU H 85 53.61 -8.72 43.91
N LYS H 86 53.95 -9.81 43.25
CA LYS H 86 54.98 -10.71 43.77
C LYS H 86 56.38 -10.17 43.50
N ARG H 87 56.55 -8.85 43.60
CA ARG H 87 57.86 -8.24 43.38
C ARG H 87 57.88 -6.75 43.65
N LYS H 88 56.73 -6.20 44.03
CA LYS H 88 56.62 -4.77 44.33
C LYS H 88 56.85 -3.89 43.10
N SER H 89 55.83 -3.12 42.73
CA SER H 89 55.89 -2.22 41.58
C SER H 89 56.45 -2.96 40.35
N LYS H 92 54.92 4.41 38.62
CA LYS H 92 55.24 5.82 38.81
C LYS H 92 54.18 6.75 38.21
N SER H 93 53.56 7.59 39.05
CA SER H 93 52.52 8.53 38.60
C SER H 93 52.76 9.95 39.12
N LEU H 94 52.45 10.94 38.28
CA LEU H 94 52.60 12.34 38.64
C LEU H 94 51.98 12.64 40.00
N GLY H 95 51.19 11.70 40.50
CA GLY H 95 50.52 11.84 41.77
C GLY H 95 49.18 11.14 41.64
N THR H 96 48.63 10.67 42.74
CA THR H 96 47.35 9.99 42.66
C THR H 96 46.16 10.95 42.80
N VAL H 97 45.06 10.59 42.14
CA VAL H 97 43.85 11.40 42.16
C VAL H 97 42.64 10.51 42.48
N ALA H 98 41.91 10.85 43.53
CA ALA H 98 40.73 10.09 43.92
C ALA H 98 39.51 10.91 43.52
N ILE H 99 38.62 10.33 42.72
CA ILE H 99 37.43 11.06 42.28
C ILE H 99 36.16 10.22 42.23
N GLY H 100 35.03 10.91 42.19
CA GLY H 100 33.75 10.25 42.13
C GLY H 100 32.65 11.28 42.29
N THR H 101 31.43 10.92 41.91
CA THR H 101 30.34 11.87 42.06
C THR H 101 29.78 11.75 43.48
N ILE H 102 29.48 12.89 44.07
CA ILE H 102 28.96 12.97 45.41
C ILE H 102 27.60 12.34 45.62
N GLU H 103 27.31 12.00 46.87
CA GLU H 103 26.06 11.35 47.25
C GLU H 103 24.86 12.01 46.59
N GLY H 104 23.84 11.20 46.32
CA GLY H 104 22.63 11.70 45.71
C GLY H 104 22.81 12.15 44.27
N ASP H 105 23.96 11.85 43.69
CA ASP H 105 24.22 12.26 42.31
C ASP H 105 24.73 11.07 41.50
N ILE H 106 23.88 10.58 40.59
CA ILE H 106 24.23 9.46 39.75
C ILE H 106 24.71 9.87 38.37
N HIS H 107 24.99 11.16 38.19
CA HIS H 107 25.55 11.62 36.92
C HIS H 107 26.97 11.07 36.97
N SER H 108 27.61 10.82 35.84
CA SER H 108 28.96 10.27 35.89
C SER H 108 29.76 10.27 34.59
N ILE H 109 29.09 10.43 33.45
CA ILE H 109 29.79 10.45 32.17
C ILE H 109 30.99 11.39 32.23
N GLY H 110 30.76 12.59 32.73
CA GLY H 110 31.85 13.55 32.86
C GLY H 110 32.93 13.12 33.83
N LYS H 111 32.54 12.78 35.05
CA LYS H 111 33.49 12.33 36.05
C LYS H 111 34.40 11.27 35.45
N ASP H 112 33.81 10.39 34.65
CA ASP H 112 34.55 9.33 33.97
C ASP H 112 35.50 9.90 32.94
N ILE H 113 35.12 11.03 32.35
CA ILE H 113 35.95 11.67 31.34
C ILE H 113 37.11 12.44 31.99
N VAL H 114 36.81 13.16 33.06
CA VAL H 114 37.85 13.90 33.77
C VAL H 114 38.85 12.87 34.27
N ALA H 115 38.33 11.78 34.82
CA ALA H 115 39.16 10.69 35.34
C ALA H 115 40.09 10.14 34.27
N SER H 116 39.55 9.86 33.09
CA SER H 116 40.36 9.31 32.00
C SER H 116 41.29 10.35 31.40
N MET H 117 40.87 11.61 31.40
CA MET H 117 41.70 12.68 30.87
C MET H 117 42.94 12.86 31.75
N LEU H 118 42.92 12.22 32.91
CA LEU H 118 44.03 12.28 33.86
C LEU H 118 44.92 11.06 33.69
N ASN H 119 44.30 9.89 33.65
CA ASN H 119 45.03 8.65 33.48
C ASN H 119 45.96 8.78 32.28
N ILE H 120 45.47 9.46 31.23
CA ILE H 120 46.27 9.63 30.01
C ILE H 120 47.33 10.72 30.16
N ALA H 121 47.19 11.56 31.18
CA ALA H 121 48.15 12.62 31.43
C ALA H 121 49.32 12.08 32.23
N GLY H 122 49.03 11.10 33.10
CA GLY H 122 50.07 10.51 33.92
C GLY H 122 49.61 10.10 35.30
N PHE H 123 48.80 10.94 35.93
CA PHE H 123 48.31 10.66 37.28
C PHE H 123 47.65 9.30 37.43
N LYS H 124 47.79 8.73 38.62
CA LYS H 124 47.18 7.44 38.90
C LYS H 124 45.78 7.78 39.43
N VAL H 125 44.75 7.53 38.62
CA VAL H 125 43.40 7.86 39.04
C VAL H 125 42.72 6.74 39.82
N VAL H 126 42.14 7.11 40.96
CA VAL H 126 41.42 6.19 41.82
C VAL H 126 39.96 6.63 41.78
N ASP H 127 39.16 5.89 41.01
CA ASP H 127 37.74 6.16 40.81
C ASP H 127 36.89 5.54 41.92
N LEU H 128 36.24 6.37 42.72
CA LEU H 128 35.39 5.89 43.82
C LEU H 128 33.98 5.58 43.34
N GLY H 129 33.70 5.88 42.07
CA GLY H 129 32.39 5.60 41.53
C GLY H 129 31.45 6.79 41.46
N ARG H 130 30.18 6.53 41.78
CA ARG H 130 29.15 7.56 41.75
C ARG H 130 28.17 7.39 42.91
N ASP H 131 27.67 8.52 43.43
CA ASP H 131 26.71 8.54 44.54
C ASP H 131 27.47 8.23 45.83
N VAL H 132 28.78 8.48 45.81
CA VAL H 132 29.68 8.23 46.92
C VAL H 132 29.40 9.08 48.14
N PRO H 133 28.94 8.46 49.25
CA PRO H 133 28.65 9.22 50.46
C PRO H 133 29.91 9.91 51.02
N ILE H 134 29.71 11.12 51.54
CA ILE H 134 30.76 11.95 52.09
C ILE H 134 31.77 11.17 52.91
N ASN H 135 31.27 10.35 53.84
CA ASN H 135 32.17 9.57 54.67
C ASN H 135 33.17 8.82 53.82
N THR H 136 32.68 8.06 52.84
CA THR H 136 33.56 7.29 51.97
C THR H 136 34.64 8.18 51.34
N PHE H 137 34.30 9.44 51.11
CA PHE H 137 35.27 10.38 50.53
C PHE H 137 36.40 10.60 51.53
N VAL H 138 36.02 10.83 52.77
CA VAL H 138 36.97 11.07 53.84
C VAL H 138 37.77 9.79 54.14
N GLU H 139 37.04 8.69 54.34
CA GLU H 139 37.67 7.40 54.66
C GLU H 139 38.53 6.88 53.51
N LYS H 140 38.83 7.75 52.55
CA LYS H 140 39.67 7.39 51.42
C LYS H 140 40.89 8.28 51.40
N VAL H 141 40.76 9.47 51.98
CA VAL H 141 41.87 10.40 52.06
C VAL H 141 42.91 9.81 53.01
N LYS H 142 42.41 9.18 54.07
CA LYS H 142 43.23 8.56 55.11
C LYS H 142 43.87 7.24 54.70
N GLU H 143 43.31 6.60 53.69
CA GLU H 143 43.82 5.32 53.24
C GLU H 143 44.86 5.44 52.12
N LEU H 144 44.48 6.13 51.04
CA LEU H 144 45.35 6.33 49.88
C LEU H 144 46.21 7.58 49.96
N LYS H 145 45.76 8.58 50.71
CA LYS H 145 46.49 9.83 50.85
C LYS H 145 46.90 10.35 49.46
N PRO H 146 45.93 10.44 48.54
CA PRO H 146 46.19 10.93 47.17
C PRO H 146 46.40 12.43 47.19
N GLN H 147 47.12 12.94 46.19
CA GLN H 147 47.37 14.37 46.12
C GLN H 147 46.09 15.22 46.11
N VAL H 148 45.04 14.71 45.46
CA VAL H 148 43.78 15.47 45.38
C VAL H 148 42.50 14.63 45.42
N VAL H 149 41.51 15.11 46.19
CA VAL H 149 40.21 14.44 46.31
C VAL H 149 39.23 15.26 45.47
N ALA H 150 38.78 14.70 44.36
CA ALA H 150 37.86 15.40 43.47
C ALA H 150 36.44 14.86 43.51
N SER H 151 35.48 15.77 43.33
CA SER H 151 34.07 15.41 43.34
C SER H 151 33.35 15.99 42.12
N SER H 152 32.28 15.35 41.71
CA SER H 152 31.52 15.81 40.57
C SER H 152 30.04 15.93 40.89
N ALA H 153 29.53 17.15 40.76
CA ALA H 153 28.12 17.41 41.01
C ALA H 153 27.59 18.08 39.73
N LEU H 154 26.42 17.66 39.28
CA LEU H 154 25.83 18.23 38.08
C LEU H 154 24.49 18.85 38.46
N MET H 155 24.16 18.72 39.74
CA MET H 155 22.95 19.27 40.24
C MET H 155 23.27 20.29 41.33
N THR H 156 22.55 21.40 41.30
CA THR H 156 22.75 22.45 42.29
C THR H 156 22.32 21.91 43.65
N THR H 157 21.59 20.81 43.64
CA THR H 157 21.12 20.19 44.87
C THR H 157 22.21 19.31 45.45
N THR H 158 22.99 18.67 44.59
CA THR H 158 24.07 17.81 45.06
C THR H 158 25.37 18.60 45.10
N MET H 159 25.36 19.76 44.43
CA MET H 159 26.55 20.58 44.40
C MET H 159 26.84 21.00 45.83
N VAL H 160 25.78 21.24 46.58
CA VAL H 160 25.89 21.65 47.98
C VAL H 160 26.67 20.64 48.83
N ASN H 161 26.45 19.35 48.61
CA ASN H 161 27.15 18.32 49.37
C ASN H 161 28.66 18.55 49.27
N GLN H 162 29.09 19.27 48.25
CA GLN H 162 30.52 19.51 48.07
C GLN H 162 31.13 20.25 49.26
N ILE H 163 30.25 20.80 50.09
CA ILE H 163 30.68 21.52 51.28
C ILE H 163 31.03 20.50 52.36
N GLN H 164 30.10 19.59 52.60
CA GLN H 164 30.27 18.53 53.59
C GLN H 164 31.59 17.79 53.43
N ILE H 165 32.15 17.80 52.21
CA ILE H 165 33.43 17.14 51.98
C ILE H 165 34.52 17.94 52.68
N GLU H 166 34.29 19.24 52.78
CA GLU H 166 35.22 20.13 53.44
C GLU H 166 35.00 20.05 54.94
N GLU H 167 33.76 20.31 55.35
CA GLU H 167 33.35 20.30 56.75
C GLU H 167 33.44 18.92 57.41
N GLN H 168 34.17 18.00 56.80
CA GLN H 168 34.31 16.66 57.37
C GLN H 168 35.70 16.10 57.12
N LEU H 169 36.52 16.85 56.38
CA LEU H 169 37.90 16.45 56.13
C LEU H 169 38.76 17.27 57.09
N LYS H 170 38.17 18.36 57.59
CA LYS H 170 38.83 19.22 58.56
C LYS H 170 38.44 18.60 59.89
N GLU H 171 37.24 18.03 59.88
CA GLU H 171 36.65 17.35 61.03
C GLU H 171 37.49 16.10 61.33
N ALA H 172 38.42 15.79 60.43
CA ALA H 172 39.27 14.63 60.57
C ALA H 172 40.74 14.99 60.31
N GLY H 173 41.08 16.26 60.55
CA GLY H 173 42.44 16.74 60.35
C GLY H 173 43.16 16.23 59.12
N VAL H 174 42.43 15.98 58.04
CA VAL H 174 43.03 15.49 56.81
C VAL H 174 42.94 16.49 55.67
N ARG H 175 42.02 17.46 55.81
CA ARG H 175 41.84 18.48 54.79
C ARG H 175 43.21 19.10 54.47
N ASP H 176 43.89 19.54 55.52
CA ASP H 176 45.21 20.16 55.42
C ASP H 176 46.24 19.37 54.61
N GLN H 177 45.87 18.16 54.21
CA GLN H 177 46.75 17.29 53.44
C GLN H 177 46.45 17.33 51.94
N VAL H 178 45.32 16.75 51.59
CA VAL H 178 44.89 16.67 50.20
C VAL H 178 44.20 17.94 49.72
N LYS H 179 44.50 18.34 48.48
CA LYS H 179 43.88 19.51 47.87
C LYS H 179 42.56 19.03 47.27
N THR H 180 41.46 19.66 47.66
CA THR H 180 40.17 19.23 47.14
C THR H 180 39.92 19.85 45.76
N MET H 181 38.92 19.31 45.07
CA MET H 181 38.54 19.82 43.77
C MET H 181 37.09 19.50 43.47
N VAL H 182 36.40 20.48 42.90
CA VAL H 182 35.00 20.34 42.53
C VAL H 182 34.82 20.68 41.05
N GLY H 183 33.86 20.01 40.42
CA GLY H 183 33.58 20.26 39.02
C GLY H 183 32.16 19.88 38.70
N GLY H 184 31.65 20.37 37.57
CA GLY H 184 30.28 20.07 37.20
C GLY H 184 29.63 21.21 36.44
N ALA H 185 28.54 20.90 35.76
CA ALA H 185 27.78 21.87 34.98
C ALA H 185 27.36 23.04 35.87
N PRO H 186 26.89 22.75 37.09
CA PRO H 186 26.47 23.83 37.99
C PRO H 186 27.61 24.43 38.80
N VAL H 187 28.76 23.76 38.82
CA VAL H 187 29.91 24.25 39.58
C VAL H 187 30.72 25.33 38.85
N THR H 188 30.99 26.42 39.56
CA THR H 188 31.77 27.55 39.03
C THR H 188 33.00 27.84 39.89
N GLN H 189 33.85 28.76 39.42
CA GLN H 189 35.06 29.15 40.15
C GLN H 189 34.71 29.75 41.51
N ASP H 190 33.61 30.50 41.55
CA ASP H 190 33.16 31.13 42.79
C ASP H 190 32.81 30.08 43.82
N TRP H 191 31.87 29.20 43.45
CA TRP H 191 31.45 28.11 44.33
C TRP H 191 32.65 27.41 44.94
N ALA H 192 33.73 27.34 44.17
CA ALA H 192 34.96 26.71 44.62
C ALA H 192 35.59 27.59 45.69
N ASP H 193 35.72 28.87 45.37
CA ASP H 193 36.31 29.81 46.30
C ASP H 193 35.47 29.93 47.58
N LYS H 194 34.16 29.86 47.43
CA LYS H 194 33.24 29.95 48.56
C LYS H 194 33.44 28.82 49.57
N ILE H 195 33.20 27.58 49.14
CA ILE H 195 33.37 26.44 50.03
C ILE H 195 34.86 26.23 50.31
N GLY H 196 35.67 27.14 49.77
CA GLY H 196 37.10 27.08 49.98
C GLY H 196 37.80 25.82 49.47
N ALA H 197 37.49 25.43 48.24
CA ALA H 197 38.10 24.25 47.64
C ALA H 197 39.38 24.67 46.94
N ASP H 198 40.29 23.71 46.74
CA ASP H 198 41.59 23.95 46.10
C ASP H 198 41.55 24.25 44.61
N ILE H 199 40.85 23.42 43.83
CA ILE H 199 40.77 23.65 42.40
C ILE H 199 39.38 23.49 41.81
N TYR H 200 39.06 24.36 40.87
CA TYR H 200 37.77 24.31 40.19
C TYR H 200 37.98 23.67 38.83
N GLY H 201 37.13 22.70 38.50
CA GLY H 201 37.25 22.01 37.23
C GLY H 201 36.24 22.51 36.20
N GLU H 202 36.71 23.35 35.28
CA GLU H 202 35.88 23.90 34.20
C GLU H 202 35.45 22.74 33.32
N SER H 203 36.41 22.16 32.61
CA SER H 203 36.20 21.02 31.73
C SER H 203 37.31 20.01 32.06
N ALA H 204 37.29 18.86 31.41
CA ALA H 204 38.30 17.86 31.67
C ALA H 204 39.70 18.40 31.38
N ASN H 205 39.90 18.94 30.18
CA ASN H 205 41.20 19.48 29.78
C ASN H 205 41.69 20.46 30.82
N ASP H 206 40.81 21.38 31.19
CA ASP H 206 41.11 22.39 32.20
C ASP H 206 41.55 21.71 33.50
N ALA H 207 40.71 20.81 34.03
CA ALA H 207 41.02 20.08 35.26
C ALA H 207 42.41 19.50 35.21
N VAL H 208 42.76 18.86 34.09
CA VAL H 208 44.08 18.29 33.96
C VAL H 208 45.09 19.42 34.13
N ALA H 209 45.05 20.39 33.23
CA ALA H 209 45.95 21.53 33.26
C ALA H 209 46.06 22.16 34.65
N LYS H 210 44.96 22.20 35.39
CA LYS H 210 44.96 22.79 36.73
C LYS H 210 45.52 21.87 37.80
N VAL H 211 45.30 20.56 37.65
CA VAL H 211 45.82 19.64 38.65
C VAL H 211 47.34 19.64 38.56
N LYS H 212 47.85 19.86 37.35
CA LYS H 212 49.28 19.92 37.11
C LYS H 212 49.81 21.22 37.69
N ALA H 213 48.94 22.22 37.78
CA ALA H 213 49.31 23.52 38.33
C ALA H 213 49.84 23.33 39.75
N ALA H 214 49.39 22.26 40.39
CA ALA H 214 49.83 21.92 41.75
C ALA H 214 50.96 20.89 41.63
N LEU H 215 52.05 21.31 41.02
CA LEU H 215 53.22 20.45 40.82
C LEU H 215 54.08 20.42 42.09
N ASN I 3 -26.48 -51.34 -38.91
CA ASN I 3 -25.52 -50.21 -38.92
C ASN I 3 -26.25 -48.90 -39.21
N LYS I 4 -27.38 -48.99 -39.90
CA LYS I 4 -28.16 -47.80 -40.21
C LYS I 4 -28.78 -47.33 -38.89
N GLU I 5 -29.18 -48.30 -38.06
CA GLU I 5 -29.75 -48.01 -36.75
C GLU I 5 -28.71 -47.31 -35.87
N GLU I 6 -27.51 -47.88 -35.83
CA GLU I 6 -26.41 -47.33 -35.05
C GLU I 6 -26.05 -45.93 -35.56
N ILE I 7 -25.92 -45.81 -36.88
CA ILE I 7 -25.58 -44.54 -37.52
C ILE I 7 -26.61 -43.43 -37.28
N ILE I 8 -27.90 -43.76 -37.41
CA ILE I 8 -28.95 -42.78 -37.20
C ILE I 8 -29.00 -42.32 -35.74
N ALA I 9 -28.86 -43.27 -34.81
CA ALA I 9 -28.89 -42.94 -33.39
C ALA I 9 -27.72 -42.04 -33.00
N LYS I 10 -26.64 -42.12 -33.77
CA LYS I 10 -25.45 -41.29 -33.54
C LYS I 10 -25.76 -39.87 -33.99
N ALA I 11 -26.45 -39.75 -35.12
CA ALA I 11 -26.83 -38.45 -35.65
C ALA I 11 -27.74 -37.74 -34.64
N LYS I 12 -28.60 -38.50 -33.99
CA LYS I 12 -29.52 -37.91 -33.01
C LYS I 12 -28.79 -37.37 -31.79
N GLU I 13 -27.79 -38.09 -31.31
CA GLU I 13 -27.04 -37.65 -30.13
C GLU I 13 -26.02 -36.57 -30.50
N ALA I 14 -25.52 -36.62 -31.73
CA ALA I 14 -24.56 -35.61 -32.18
C ALA I 14 -25.21 -34.25 -31.98
N ILE I 15 -26.53 -34.22 -32.14
CA ILE I 15 -27.30 -33.00 -31.98
C ILE I 15 -27.65 -32.72 -30.52
N THR I 16 -28.01 -33.75 -29.76
CA THR I 16 -28.35 -33.59 -28.34
C THR I 16 -27.11 -33.36 -27.45
N ASP I 17 -25.93 -33.66 -27.97
CA ASP I 17 -24.69 -33.44 -27.21
C ASP I 17 -24.12 -32.13 -27.71
N PHE I 18 -24.74 -31.58 -28.75
CA PHE I 18 -24.32 -30.33 -29.34
C PHE I 18 -22.90 -30.45 -29.90
N ASP I 19 -22.49 -31.67 -30.20
CA ASP I 19 -21.16 -31.93 -30.74
C ASP I 19 -21.13 -31.72 -32.25
N ASP I 20 -20.42 -30.69 -32.71
CA ASP I 20 -20.31 -30.39 -34.13
C ASP I 20 -19.44 -31.43 -34.83
N GLU I 21 -18.31 -31.79 -34.23
CA GLU I 21 -17.40 -32.79 -34.79
C GLU I 21 -18.19 -34.08 -35.00
N LEU I 22 -18.70 -34.60 -33.88
CA LEU I 22 -19.47 -35.84 -33.87
C LEU I 22 -20.54 -35.84 -34.97
N ALA I 23 -21.13 -34.68 -35.24
CA ALA I 23 -22.15 -34.58 -36.27
C ALA I 23 -21.58 -34.69 -37.68
N GLU I 24 -20.34 -34.22 -37.86
CA GLU I 24 -19.70 -34.28 -39.17
C GLU I 24 -19.01 -35.62 -39.39
N GLU I 25 -18.68 -36.29 -38.30
CA GLU I 25 -18.03 -37.60 -38.34
C GLU I 25 -19.06 -38.65 -38.73
N VAL I 26 -20.25 -38.58 -38.12
CA VAL I 26 -21.34 -39.51 -38.40
C VAL I 26 -21.88 -39.31 -39.81
N ALA I 27 -22.00 -38.05 -40.22
CA ALA I 27 -22.48 -37.75 -41.57
C ALA I 27 -21.40 -38.21 -42.54
N ASN I 28 -20.21 -38.47 -42.01
CA ASN I 28 -19.09 -38.93 -42.81
C ASN I 28 -19.21 -40.45 -42.91
N GLU I 29 -19.62 -41.08 -41.81
CA GLU I 29 -19.81 -42.53 -41.76
C GLU I 29 -21.23 -42.80 -42.25
N ALA I 30 -21.65 -42.02 -43.25
CA ALA I 30 -22.96 -42.15 -43.84
C ALA I 30 -22.78 -41.96 -45.34
N LEU I 31 -21.94 -41.00 -45.70
CA LEU I 31 -21.65 -40.72 -47.10
C LEU I 31 -21.17 -42.04 -47.67
N ALA I 32 -20.04 -42.50 -47.15
CA ALA I 32 -19.45 -43.77 -47.57
C ALA I 32 -20.10 -44.87 -46.73
N ALA I 33 -21.44 -44.95 -46.79
CA ALA I 33 -22.20 -45.94 -46.06
C ALA I 33 -23.50 -46.21 -46.81
N GLY I 34 -23.60 -45.65 -48.01
CA GLY I 34 -24.79 -45.83 -48.83
C GLY I 34 -26.00 -45.04 -48.41
N ILE I 35 -26.19 -44.91 -47.10
CA ILE I 35 -27.32 -44.18 -46.53
C ILE I 35 -27.71 -42.95 -47.34
N ASP I 36 -29.00 -42.62 -47.32
CA ASP I 36 -29.50 -41.46 -48.03
C ASP I 36 -29.53 -40.30 -47.05
N PRO I 37 -29.02 -39.12 -47.46
CA PRO I 37 -29.02 -37.95 -46.59
C PRO I 37 -30.35 -37.68 -45.90
N VAL I 38 -31.46 -37.95 -46.60
CA VAL I 38 -32.80 -37.72 -46.04
C VAL I 38 -33.10 -38.58 -44.80
N GLU I 39 -32.52 -39.77 -44.72
CA GLU I 39 -32.71 -40.64 -43.56
C GLU I 39 -31.92 -40.04 -42.40
N LEU I 40 -30.63 -39.83 -42.65
CA LEU I 40 -29.71 -39.25 -41.68
C LEU I 40 -30.28 -37.96 -41.09
N ILE I 41 -31.11 -37.28 -41.87
CA ILE I 41 -31.72 -36.02 -41.45
C ILE I 41 -33.09 -36.23 -40.81
N GLU I 42 -34.05 -36.74 -41.58
CA GLU I 42 -35.41 -36.97 -41.09
C GLU I 42 -35.50 -37.89 -39.88
N LYS I 43 -34.78 -39.01 -39.93
CA LYS I 43 -34.80 -39.97 -38.83
C LYS I 43 -33.68 -39.80 -37.81
N GLY I 44 -32.60 -39.16 -38.23
CA GLY I 44 -31.46 -38.97 -37.33
C GLY I 44 -31.34 -37.59 -36.69
N PHE I 45 -30.84 -36.63 -37.45
CA PHE I 45 -30.66 -35.27 -36.94
C PHE I 45 -31.92 -34.65 -36.35
N THR I 46 -33.00 -34.62 -37.13
CA THR I 46 -34.24 -34.03 -36.64
C THR I 46 -34.81 -34.80 -35.47
N ALA I 47 -34.39 -36.05 -35.30
CA ALA I 47 -34.86 -36.83 -34.17
C ALA I 47 -34.20 -36.13 -32.99
N GLY I 48 -32.98 -35.65 -33.25
CA GLY I 48 -32.22 -34.94 -32.24
C GLY I 48 -32.79 -33.56 -32.03
N MET I 49 -33.13 -32.90 -33.13
CA MET I 49 -33.70 -31.55 -33.07
C MET I 49 -34.98 -31.55 -32.25
N GLU I 50 -35.92 -32.44 -32.59
CA GLU I 50 -37.18 -32.53 -31.87
C GLU I 50 -36.96 -32.79 -30.38
N GLU I 51 -35.93 -33.56 -30.03
CA GLU I 51 -35.67 -33.85 -28.62
C GLU I 51 -35.29 -32.56 -27.90
N VAL I 52 -34.32 -31.84 -28.45
CA VAL I 52 -33.89 -30.58 -27.87
C VAL I 52 -35.07 -29.62 -27.80
N GLY I 53 -35.86 -29.56 -28.86
CA GLY I 53 -37.02 -28.69 -28.89
C GLY I 53 -37.98 -28.99 -27.75
N GLU I 54 -38.11 -30.27 -27.43
CA GLU I 54 -39.00 -30.72 -26.35
C GLU I 54 -38.48 -30.14 -25.04
N LYS I 55 -37.22 -30.46 -24.74
CA LYS I 55 -36.56 -30.00 -23.52
C LYS I 55 -36.57 -28.47 -23.38
N PHE I 56 -36.66 -27.76 -24.50
CA PHE I 56 -36.71 -26.30 -24.47
C PHE I 56 -38.13 -25.90 -24.06
N GLY I 57 -39.11 -26.50 -24.72
CA GLY I 57 -40.51 -26.22 -24.42
C GLY I 57 -40.84 -26.52 -22.97
N GLN I 58 -40.23 -27.55 -22.40
CA GLN I 58 -40.46 -27.92 -21.02
C GLN I 58 -39.68 -26.97 -20.14
N GLY I 59 -38.72 -26.27 -20.75
CA GLY I 59 -37.90 -25.33 -20.00
C GLY I 59 -36.69 -25.96 -19.33
N GLU I 60 -36.27 -27.13 -19.79
CA GLU I 60 -35.10 -27.77 -19.20
C GLU I 60 -33.83 -27.29 -19.91
N LEU I 61 -33.94 -26.97 -21.20
CA LEU I 61 -32.82 -26.45 -21.98
C LEU I 61 -33.14 -25.03 -22.39
N PHE I 62 -32.19 -24.34 -23.02
CA PHE I 62 -32.44 -22.95 -23.42
C PHE I 62 -31.90 -22.56 -24.79
N LEU I 63 -32.03 -21.28 -25.11
CA LEU I 63 -31.57 -20.75 -26.39
C LEU I 63 -30.18 -21.24 -26.80
N PRO I 64 -29.19 -21.18 -25.88
CA PRO I 64 -27.86 -21.65 -26.28
C PRO I 64 -27.98 -23.03 -26.89
N HIS I 65 -28.75 -23.88 -26.21
CA HIS I 65 -28.97 -25.26 -26.66
C HIS I 65 -29.71 -25.33 -27.99
N VAL I 66 -30.77 -24.54 -28.15
CA VAL I 66 -31.50 -24.54 -29.40
C VAL I 66 -30.58 -24.09 -30.53
N LEU I 67 -29.75 -23.08 -30.27
CA LEU I 67 -28.82 -22.60 -31.28
C LEU I 67 -27.61 -23.52 -31.47
N ALA I 68 -27.20 -24.23 -30.41
CA ALA I 68 -26.08 -25.15 -30.52
C ALA I 68 -26.50 -26.34 -31.36
N ALA I 69 -27.78 -26.69 -31.27
CA ALA I 69 -28.35 -27.80 -32.01
C ALA I 69 -28.36 -27.49 -33.50
N ALA I 70 -29.07 -26.43 -33.87
CA ALA I 70 -29.17 -25.99 -35.26
C ALA I 70 -27.81 -25.81 -35.93
N GLU I 71 -26.78 -25.64 -35.10
CA GLU I 71 -25.41 -25.46 -35.57
C GLU I 71 -24.75 -26.81 -35.81
N ALA I 72 -25.07 -27.78 -34.97
CA ALA I 72 -24.50 -29.10 -35.11
C ALA I 72 -25.18 -29.80 -36.29
N MET I 73 -26.48 -29.61 -36.42
CA MET I 73 -27.22 -30.21 -37.53
C MET I 73 -26.78 -29.62 -38.85
N ASN I 74 -26.34 -28.36 -38.81
CA ASN I 74 -25.89 -27.71 -40.02
C ASN I 74 -24.49 -28.18 -40.40
N SER I 75 -23.71 -28.57 -39.39
CA SER I 75 -22.37 -29.05 -39.63
C SER I 75 -22.43 -30.39 -40.37
N GLY I 76 -23.43 -31.19 -40.02
CA GLY I 76 -23.60 -32.49 -40.64
C GLY I 76 -24.26 -32.44 -42.01
N ILE I 77 -25.13 -31.46 -42.22
CA ILE I 77 -25.79 -31.31 -43.51
C ILE I 77 -24.85 -30.52 -44.42
N LYS I 78 -23.60 -30.44 -43.99
CA LYS I 78 -22.55 -29.75 -44.74
C LYS I 78 -21.83 -30.87 -45.47
N VAL I 79 -21.43 -31.88 -44.69
CA VAL I 79 -20.72 -33.03 -45.20
C VAL I 79 -21.53 -33.79 -46.26
N ILE I 80 -22.81 -34.00 -46.00
CA ILE I 80 -23.66 -34.74 -46.94
C ILE I 80 -24.34 -33.90 -48.02
N THR I 81 -23.68 -32.84 -48.47
CA THR I 81 -24.27 -32.00 -49.51
C THR I 81 -23.93 -32.52 -50.91
N PRO I 82 -22.64 -32.83 -51.15
CA PRO I 82 -22.23 -33.34 -52.46
C PRO I 82 -22.97 -34.60 -52.90
N GLU I 83 -23.47 -35.37 -51.94
CA GLU I 83 -24.20 -36.60 -52.25
C GLU I 83 -25.71 -36.36 -52.22
N MET I 84 -26.11 -35.31 -51.50
CA MET I 84 -27.52 -34.98 -51.36
C MET I 84 -28.00 -34.14 -52.55
N GLU I 85 -28.76 -33.09 -52.25
CA GLU I 85 -29.30 -32.20 -53.25
C GLU I 85 -28.36 -31.94 -54.41
N LYS I 86 -27.06 -31.90 -54.12
CA LYS I 86 -26.07 -31.66 -55.17
C LYS I 86 -26.10 -32.76 -56.24
N ARG I 87 -26.16 -34.02 -55.81
CA ARG I 87 -26.21 -35.14 -56.75
C ARG I 87 -27.59 -35.79 -56.77
N LYS I 88 -27.90 -36.56 -55.73
CA LYS I 88 -29.20 -37.23 -55.66
C LYS I 88 -30.38 -36.29 -55.88
N SER I 89 -30.10 -35.00 -56.03
CA SER I 89 -31.14 -34.01 -56.25
C SER I 89 -32.33 -34.36 -55.37
N GLN I 90 -32.05 -34.62 -54.09
CA GLN I 90 -33.06 -35.00 -53.10
C GLN I 90 -33.55 -33.86 -52.21
N THR I 91 -34.87 -33.79 -52.04
CA THR I 91 -35.51 -32.75 -51.23
C THR I 91 -35.73 -33.15 -49.76
N LYS I 92 -36.39 -32.27 -49.00
CA LYS I 92 -36.66 -32.52 -47.59
C LYS I 92 -38.13 -32.40 -47.18
N SER I 93 -38.38 -32.05 -45.92
CA SER I 93 -39.74 -31.94 -45.42
C SER I 93 -40.14 -30.66 -44.69
N LEU I 94 -41.45 -30.49 -44.53
CA LEU I 94 -42.08 -29.34 -43.87
C LEU I 94 -41.63 -28.00 -44.45
N GLY I 95 -42.48 -26.99 -44.25
CA GLY I 95 -42.24 -25.64 -44.74
C GLY I 95 -40.82 -25.15 -44.92
N THR I 96 -40.69 -24.05 -45.65
CA THR I 96 -39.40 -23.44 -45.92
C THR I 96 -39.54 -21.92 -45.77
N VAL I 97 -38.85 -21.38 -44.76
CA VAL I 97 -38.91 -19.95 -44.50
C VAL I 97 -37.63 -19.20 -44.83
N ALA I 98 -37.76 -18.14 -45.61
CA ALA I 98 -36.62 -17.30 -45.97
C ALA I 98 -36.67 -16.13 -45.01
N ILE I 99 -35.61 -15.93 -44.24
CA ILE I 99 -35.59 -14.85 -43.28
C ILE I 99 -34.29 -14.03 -43.32
N GLY I 100 -34.36 -12.81 -42.84
CA GLY I 100 -33.20 -11.93 -42.81
C GLY I 100 -33.54 -10.57 -42.23
N THR I 101 -32.52 -9.83 -41.82
CA THR I 101 -32.75 -8.51 -41.25
C THR I 101 -32.88 -7.50 -42.40
N ILE I 102 -33.99 -6.76 -42.40
CA ILE I 102 -34.27 -5.75 -43.42
C ILE I 102 -33.04 -4.89 -43.72
N GLU I 103 -33.00 -4.31 -44.92
CA GLU I 103 -31.87 -3.48 -45.29
C GLU I 103 -31.77 -2.26 -44.40
N GLY I 104 -30.55 -1.81 -44.15
CA GLY I 104 -30.33 -0.66 -43.30
C GLY I 104 -30.29 -1.04 -41.83
N ASP I 105 -30.43 -2.34 -41.56
CA ASP I 105 -30.43 -2.83 -40.20
C ASP I 105 -29.42 -3.96 -40.03
N ILE I 106 -28.58 -3.84 -39.01
CA ILE I 106 -27.56 -4.85 -38.74
C ILE I 106 -27.83 -5.67 -37.48
N HIS I 107 -28.88 -5.32 -36.74
CA HIS I 107 -29.23 -6.08 -35.54
C HIS I 107 -29.56 -7.46 -36.08
N SER I 108 -28.95 -8.50 -35.53
CA SER I 108 -29.20 -9.85 -36.03
C SER I 108 -29.47 -10.91 -34.97
N ILE I 109 -29.12 -10.63 -33.71
CA ILE I 109 -29.35 -11.60 -32.63
C ILE I 109 -30.77 -12.15 -32.67
N GLY I 110 -31.75 -11.26 -32.66
CA GLY I 110 -33.14 -11.67 -32.70
C GLY I 110 -33.48 -12.52 -33.92
N LYS I 111 -33.18 -12.00 -35.11
CA LYS I 111 -33.45 -12.71 -36.34
C LYS I 111 -32.87 -14.11 -36.31
N ASP I 112 -31.68 -14.24 -35.71
CA ASP I 112 -31.02 -15.53 -35.63
C ASP I 112 -31.74 -16.46 -34.66
N ILE I 113 -32.35 -15.90 -33.62
CA ILE I 113 -33.08 -16.70 -32.66
C ILE I 113 -34.38 -17.18 -33.30
N VAL I 114 -35.03 -16.30 -34.04
CA VAL I 114 -36.27 -16.66 -34.71
C VAL I 114 -35.95 -17.74 -35.72
N ALA I 115 -34.88 -17.55 -36.46
CA ALA I 115 -34.46 -18.53 -37.47
C ALA I 115 -34.23 -19.92 -36.85
N SER I 116 -33.56 -19.97 -35.71
CA SER I 116 -33.30 -21.24 -35.05
C SER I 116 -34.56 -21.88 -34.50
N MET I 117 -35.37 -21.10 -33.79
CA MET I 117 -36.61 -21.64 -33.23
C MET I 117 -37.48 -22.26 -34.33
N LEU I 118 -37.37 -21.73 -35.56
CA LEU I 118 -38.13 -22.24 -36.68
C LEU I 118 -37.47 -23.53 -37.13
N ASN I 119 -36.16 -23.45 -37.33
CA ASN I 119 -35.36 -24.58 -37.75
C ASN I 119 -35.61 -25.77 -36.83
N ILE I 120 -35.71 -25.49 -35.52
CA ILE I 120 -35.92 -26.55 -34.52
C ILE I 120 -37.39 -26.95 -34.42
N ALA I 121 -38.27 -26.12 -34.94
CA ALA I 121 -39.70 -26.43 -34.92
C ALA I 121 -39.99 -27.47 -35.99
N GLY I 122 -39.16 -27.48 -37.03
CA GLY I 122 -39.33 -28.44 -38.11
C GLY I 122 -39.23 -27.81 -39.48
N PHE I 123 -39.20 -26.49 -39.55
CA PHE I 123 -39.10 -25.79 -40.82
C PHE I 123 -37.69 -25.75 -41.40
N LYS I 124 -37.61 -25.47 -42.69
CA LYS I 124 -36.34 -25.37 -43.39
C LYS I 124 -36.08 -23.88 -43.44
N VAL I 125 -35.03 -23.43 -42.76
CA VAL I 125 -34.72 -22.01 -42.74
C VAL I 125 -33.61 -21.62 -43.70
N VAL I 126 -33.79 -20.49 -44.36
CA VAL I 126 -32.81 -19.96 -45.29
C VAL I 126 -32.49 -18.56 -44.80
N ASP I 127 -31.32 -18.41 -44.17
CA ASP I 127 -30.92 -17.11 -43.65
C ASP I 127 -30.31 -16.25 -44.76
N LEU I 128 -30.84 -15.05 -44.91
CA LEU I 128 -30.37 -14.12 -45.93
C LEU I 128 -29.34 -13.16 -45.34
N GLY I 129 -29.06 -13.32 -44.05
CA GLY I 129 -28.11 -12.47 -43.37
C GLY I 129 -28.76 -11.23 -42.78
N ARG I 130 -28.03 -10.12 -42.80
CA ARG I 130 -28.54 -8.86 -42.27
C ARG I 130 -28.31 -7.74 -43.25
N ASP I 131 -28.95 -6.59 -43.01
CA ASP I 131 -28.82 -5.45 -43.91
C ASP I 131 -29.14 -5.94 -45.32
N VAL I 132 -29.98 -6.96 -45.39
CA VAL I 132 -30.40 -7.55 -46.65
C VAL I 132 -31.17 -6.55 -47.49
N PRO I 133 -30.66 -6.23 -48.68
CA PRO I 133 -31.32 -5.27 -49.57
C PRO I 133 -32.69 -5.78 -50.01
N ILE I 134 -33.67 -4.89 -49.98
CA ILE I 134 -35.05 -5.21 -50.34
C ILE I 134 -35.14 -6.08 -51.58
N ASN I 135 -34.37 -5.74 -52.60
CA ASN I 135 -34.39 -6.50 -53.83
C ASN I 135 -34.01 -7.96 -53.64
N THR I 136 -33.07 -8.25 -52.75
CA THR I 136 -32.67 -9.62 -52.53
C THR I 136 -33.79 -10.46 -51.95
N PHE I 137 -34.65 -9.84 -51.14
CA PHE I 137 -35.77 -10.55 -50.56
C PHE I 137 -36.65 -11.06 -51.69
N VAL I 138 -36.96 -10.17 -52.63
CA VAL I 138 -37.79 -10.49 -53.78
C VAL I 138 -37.12 -11.57 -54.64
N GLU I 139 -35.89 -11.33 -55.04
CA GLU I 139 -35.15 -12.27 -55.87
C GLU I 139 -35.07 -13.64 -55.24
N LYS I 140 -34.95 -13.69 -53.91
CA LYS I 140 -34.87 -14.96 -53.21
C LYS I 140 -36.24 -15.63 -53.08
N VAL I 141 -37.30 -14.83 -53.17
CA VAL I 141 -38.66 -15.37 -53.07
C VAL I 141 -39.03 -16.14 -54.33
N LYS I 142 -38.77 -15.57 -55.50
CA LYS I 142 -39.11 -16.23 -56.75
C LYS I 142 -38.05 -17.24 -57.19
N GLU I 143 -36.86 -17.16 -56.59
CA GLU I 143 -35.78 -18.07 -56.90
C GLU I 143 -35.89 -19.34 -56.06
N LEU I 144 -36.37 -19.18 -54.82
CA LEU I 144 -36.53 -20.31 -53.91
C LEU I 144 -37.99 -20.68 -53.72
N LYS I 145 -38.88 -19.74 -54.00
CA LYS I 145 -40.31 -19.93 -53.85
C LYS I 145 -40.65 -20.54 -52.49
N PRO I 146 -40.35 -19.80 -51.41
CA PRO I 146 -40.60 -20.24 -50.04
C PRO I 146 -42.04 -19.98 -49.62
N GLN I 147 -42.50 -20.72 -48.61
CA GLN I 147 -43.86 -20.57 -48.12
C GLN I 147 -43.98 -19.25 -47.34
N VAL I 148 -42.91 -18.91 -46.62
CA VAL I 148 -42.89 -17.69 -45.82
C VAL I 148 -41.62 -16.86 -46.04
N VAL I 149 -41.80 -15.54 -46.14
CA VAL I 149 -40.69 -14.62 -46.31
C VAL I 149 -40.70 -13.75 -45.07
N ALA I 150 -39.61 -13.76 -44.31
CA ALA I 150 -39.55 -12.99 -43.08
C ALA I 150 -38.42 -11.96 -43.01
N SER I 151 -38.78 -10.77 -42.56
CA SER I 151 -37.82 -9.68 -42.39
C SER I 151 -37.78 -9.29 -40.92
N SER I 152 -36.64 -8.77 -40.48
CA SER I 152 -36.50 -8.34 -39.11
C SER I 152 -36.06 -6.88 -39.11
N ALA I 153 -36.72 -6.06 -38.29
CA ALA I 153 -36.39 -4.64 -38.19
C ALA I 153 -36.47 -4.24 -36.73
N LEU I 154 -35.39 -3.65 -36.21
CA LEU I 154 -35.36 -3.26 -34.81
C LEU I 154 -35.40 -1.75 -34.58
N MET I 155 -35.44 -1.01 -35.67
CA MET I 155 -35.48 0.44 -35.58
C MET I 155 -36.78 0.96 -36.22
N THR I 156 -37.12 2.22 -35.96
CA THR I 156 -38.32 2.80 -36.54
C THR I 156 -38.02 3.26 -37.96
N THR I 157 -36.73 3.35 -38.28
CA THR I 157 -36.31 3.80 -39.58
C THR I 157 -36.00 2.67 -40.56
N THR I 158 -35.86 1.46 -40.05
CA THR I 158 -35.60 0.31 -40.91
C THR I 158 -36.84 -0.55 -40.95
N MET I 159 -37.76 -0.25 -40.05
CA MET I 159 -39.03 -0.96 -39.96
C MET I 159 -39.88 -0.54 -41.16
N VAL I 160 -39.65 0.69 -41.60
CA VAL I 160 -40.34 1.28 -42.74
C VAL I 160 -40.02 0.57 -44.06
N ASN I 161 -38.83 -0.03 -44.15
CA ASN I 161 -38.43 -0.72 -45.36
C ASN I 161 -39.22 -2.00 -45.59
N GLN I 162 -39.98 -2.41 -44.58
CA GLN I 162 -40.76 -3.63 -44.70
C GLN I 162 -41.92 -3.41 -45.68
N ILE I 163 -42.32 -2.16 -45.84
CA ILE I 163 -43.38 -1.80 -46.76
C ILE I 163 -42.88 -2.09 -48.17
N GLN I 164 -41.63 -1.72 -48.42
CA GLN I 164 -41.00 -1.93 -49.72
C GLN I 164 -40.92 -3.41 -50.06
N ILE I 165 -40.88 -4.27 -49.04
CA ILE I 165 -40.83 -5.71 -49.29
C ILE I 165 -42.18 -6.13 -49.82
N GLU I 166 -43.24 -5.53 -49.27
CA GLU I 166 -44.61 -5.81 -49.68
C GLU I 166 -44.82 -5.37 -51.12
N GLU I 167 -44.40 -4.14 -51.42
CA GLU I 167 -44.54 -3.57 -52.75
C GLU I 167 -43.76 -4.30 -53.84
N GLN I 168 -42.44 -4.19 -53.81
CA GLN I 168 -41.59 -4.83 -54.80
C GLN I 168 -41.90 -6.30 -54.98
N LEU I 169 -42.62 -6.87 -54.02
CA LEU I 169 -43.00 -8.27 -54.07
C LEU I 169 -44.29 -8.39 -54.88
N LYS I 170 -45.16 -7.39 -54.74
CA LYS I 170 -46.43 -7.35 -55.46
C LYS I 170 -46.14 -7.10 -56.94
N GLU I 171 -45.31 -6.10 -57.23
CA GLU I 171 -44.98 -5.77 -58.61
C GLU I 171 -43.96 -6.76 -59.17
N ALA I 172 -43.91 -7.94 -58.57
CA ALA I 172 -43.03 -9.00 -59.02
C ALA I 172 -43.92 -10.21 -59.29
N GLY I 173 -45.21 -10.01 -59.05
CA GLY I 173 -46.20 -11.05 -59.27
C GLY I 173 -45.98 -12.29 -58.41
N VAL I 174 -45.59 -12.07 -57.16
CA VAL I 174 -45.35 -13.18 -56.24
C VAL I 174 -45.84 -12.91 -54.84
N ARG I 175 -46.37 -11.72 -54.61
CA ARG I 175 -46.88 -11.36 -53.30
C ARG I 175 -47.92 -12.37 -52.82
N ASP I 176 -48.66 -12.93 -53.78
CA ASP I 176 -49.69 -13.91 -53.48
C ASP I 176 -49.15 -15.34 -53.49
N GLN I 177 -47.87 -15.48 -53.82
CA GLN I 177 -47.22 -16.79 -53.87
C GLN I 177 -46.60 -17.14 -52.52
N VAL I 178 -46.54 -16.15 -51.63
CA VAL I 178 -45.93 -16.36 -50.32
C VAL I 178 -46.51 -15.45 -49.24
N LYS I 179 -46.51 -15.95 -48.00
CA LYS I 179 -47.01 -15.20 -46.87
C LYS I 179 -45.84 -14.51 -46.16
N THR I 180 -45.94 -13.19 -46.01
CA THR I 180 -44.88 -12.42 -45.37
C THR I 180 -45.06 -12.30 -43.86
N MET I 181 -43.93 -12.12 -43.17
CA MET I 181 -43.93 -11.99 -41.72
C MET I 181 -43.03 -10.84 -41.30
N VAL I 182 -43.46 -10.10 -40.28
CA VAL I 182 -42.67 -8.98 -39.78
C VAL I 182 -42.48 -9.08 -38.27
N GLY I 183 -41.28 -8.74 -37.81
CA GLY I 183 -40.99 -8.80 -36.40
C GLY I 183 -39.85 -7.87 -36.01
N GLY I 184 -39.77 -7.56 -34.73
CA GLY I 184 -38.74 -6.65 -34.25
C GLY I 184 -39.29 -5.83 -33.10
N ALA I 185 -38.40 -5.38 -32.22
CA ALA I 185 -38.81 -4.59 -31.07
C ALA I 185 -39.87 -3.52 -31.36
N PRO I 186 -39.64 -2.67 -32.37
CA PRO I 186 -40.62 -1.63 -32.70
C PRO I 186 -41.80 -2.12 -33.53
N VAL I 187 -41.67 -3.28 -34.14
CA VAL I 187 -42.76 -3.84 -34.94
C VAL I 187 -43.89 -4.35 -34.06
N THR I 188 -45.12 -4.06 -34.47
CA THR I 188 -46.31 -4.47 -33.73
C THR I 188 -47.34 -5.07 -34.68
N GLN I 189 -48.46 -5.51 -34.14
CA GLN I 189 -49.53 -6.10 -34.96
C GLN I 189 -50.14 -5.03 -35.86
N ASP I 190 -50.32 -3.83 -35.32
CA ASP I 190 -50.88 -2.71 -36.08
C ASP I 190 -50.05 -2.45 -37.32
N TRP I 191 -48.73 -2.46 -37.16
CA TRP I 191 -47.82 -2.24 -38.28
C TRP I 191 -48.04 -3.35 -39.30
N ALA I 192 -48.07 -4.60 -38.83
CA ALA I 192 -48.28 -5.74 -39.71
C ALA I 192 -49.55 -5.56 -40.54
N ASP I 193 -50.62 -5.10 -39.90
CA ASP I 193 -51.88 -4.88 -40.58
C ASP I 193 -51.76 -3.71 -41.56
N LYS I 194 -51.44 -2.55 -41.02
CA LYS I 194 -51.31 -1.35 -41.83
C LYS I 194 -50.44 -1.56 -43.07
N ILE I 195 -49.41 -2.39 -42.94
CA ILE I 195 -48.50 -2.65 -44.05
C ILE I 195 -49.05 -3.73 -44.97
N GLY I 196 -49.84 -4.63 -44.41
CA GLY I 196 -50.42 -5.71 -45.20
C GLY I 196 -49.67 -7.03 -45.06
N ALA I 197 -48.79 -7.11 -44.05
CA ALA I 197 -48.02 -8.31 -43.81
C ALA I 197 -48.94 -9.43 -43.30
N ASP I 198 -48.71 -10.64 -43.80
CA ASP I 198 -49.52 -11.79 -43.40
C ASP I 198 -49.40 -12.16 -41.93
N ILE I 199 -48.18 -12.20 -41.42
CA ILE I 199 -47.94 -12.59 -40.04
C ILE I 199 -47.10 -11.58 -39.23
N TYR I 200 -47.38 -11.52 -37.93
CA TYR I 200 -46.64 -10.65 -37.03
C TYR I 200 -46.04 -11.51 -35.93
N GLY I 201 -44.72 -11.47 -35.81
CA GLY I 201 -44.03 -12.26 -34.81
C GLY I 201 -43.73 -11.48 -33.56
N GLU I 202 -44.52 -11.71 -32.50
CA GLU I 202 -44.32 -11.04 -31.22
C GLU I 202 -42.94 -11.40 -30.68
N SER I 203 -42.57 -12.66 -30.85
CA SER I 203 -41.28 -13.18 -30.41
C SER I 203 -40.92 -14.39 -31.23
N ALA I 204 -39.91 -15.13 -30.80
CA ALA I 204 -39.48 -16.32 -31.52
C ALA I 204 -40.52 -17.43 -31.38
N ASN I 205 -41.08 -17.57 -30.19
CA ASN I 205 -42.10 -18.60 -29.96
C ASN I 205 -43.39 -18.25 -30.69
N ASP I 206 -43.78 -16.98 -30.60
CA ASP I 206 -45.00 -16.50 -31.25
C ASP I 206 -44.87 -16.62 -32.76
N ALA I 207 -43.67 -16.33 -33.28
CA ALA I 207 -43.43 -16.41 -34.71
C ALA I 207 -43.56 -17.86 -35.18
N VAL I 208 -42.99 -18.79 -34.42
CA VAL I 208 -43.07 -20.20 -34.78
C VAL I 208 -44.52 -20.70 -34.73
N ALA I 209 -45.23 -20.29 -33.68
CA ALA I 209 -46.62 -20.69 -33.51
C ALA I 209 -47.49 -20.17 -34.64
N LYS I 210 -47.23 -18.93 -35.06
CA LYS I 210 -48.00 -18.32 -36.12
C LYS I 210 -47.63 -18.82 -37.52
N VAL I 211 -46.36 -19.16 -37.72
CA VAL I 211 -45.92 -19.64 -39.02
C VAL I 211 -46.62 -20.95 -39.36
N LYS I 212 -46.75 -21.83 -38.37
CA LYS I 212 -47.42 -23.11 -38.61
C LYS I 212 -48.93 -22.91 -38.67
N ALA I 213 -49.45 -22.08 -37.76
CA ALA I 213 -50.88 -21.80 -37.74
C ALA I 213 -51.31 -21.10 -39.04
N ALA I 214 -50.33 -20.59 -39.79
CA ALA I 214 -50.62 -19.88 -41.04
C ALA I 214 -50.50 -20.77 -42.28
N LEU I 215 -49.78 -21.88 -42.16
CA LEU I 215 -49.64 -22.78 -43.30
C LEU I 215 -49.73 -24.27 -42.92
N ASN I 216 -49.22 -24.61 -41.74
CA ASN I 216 -49.26 -26.00 -41.26
C ASN I 216 -50.68 -26.53 -41.40
N ALA J 2 -32.46 48.18 31.81
CA ALA J 2 -32.91 48.08 33.24
C ALA J 2 -34.41 48.32 33.40
N ASN J 3 -34.99 49.11 32.48
CA ASN J 3 -36.41 49.42 32.54
C ASN J 3 -37.27 48.45 31.71
N LYS J 4 -38.54 48.33 32.07
CA LYS J 4 -39.48 47.42 31.40
C LYS J 4 -39.49 47.36 29.88
N GLU J 5 -39.42 48.51 29.22
CA GLU J 5 -39.44 48.51 27.76
C GLU J 5 -38.27 47.72 27.20
N GLU J 6 -37.07 48.07 27.65
CA GLU J 6 -35.84 47.42 27.20
C GLU J 6 -35.81 45.94 27.57
N ILE J 7 -36.38 45.62 28.74
CA ILE J 7 -36.41 44.25 29.23
C ILE J 7 -37.25 43.30 28.37
N ILE J 8 -38.36 43.80 27.84
CA ILE J 8 -39.23 42.96 27.03
C ILE J 8 -38.67 42.71 25.63
N ALA J 9 -37.95 43.68 25.07
CA ALA J 9 -37.37 43.53 23.72
C ALA J 9 -36.11 42.67 23.77
N LYS J 10 -35.52 42.58 24.95
CA LYS J 10 -34.32 41.78 25.17
C LYS J 10 -34.82 40.37 25.42
N ALA J 11 -35.94 40.27 26.13
CA ALA J 11 -36.55 38.98 26.44
C ALA J 11 -37.08 38.37 25.15
N LYS J 12 -37.33 39.21 24.16
CA LYS J 12 -37.85 38.76 22.88
C LYS J 12 -36.71 38.31 22.00
N GLU J 13 -35.60 39.04 22.05
CA GLU J 13 -34.43 38.74 21.24
C GLU J 13 -33.72 37.50 21.78
N ALA J 14 -33.77 37.33 23.09
CA ALA J 14 -33.14 36.19 23.74
C ALA J 14 -33.70 34.95 23.10
N ILE J 15 -34.99 34.98 22.80
CA ILE J 15 -35.66 33.86 22.19
C ILE J 15 -35.49 33.74 20.67
N THR J 16 -35.69 34.83 19.94
CA THR J 16 -35.54 34.75 18.48
C THR J 16 -34.13 34.43 18.05
N ASP J 17 -33.16 34.73 18.92
CA ASP J 17 -31.74 34.49 18.68
C ASP J 17 -31.29 33.13 19.23
N PHE J 18 -32.12 32.52 20.05
CA PHE J 18 -31.85 31.20 20.64
C PHE J 18 -30.75 31.20 21.70
N ASP J 19 -30.31 32.39 22.09
CA ASP J 19 -29.26 32.56 23.10
C ASP J 19 -29.85 32.40 24.51
N ASP J 20 -29.55 31.26 25.14
CA ASP J 20 -30.05 30.97 26.47
C ASP J 20 -29.32 31.80 27.52
N GLU J 21 -28.14 32.28 27.15
CA GLU J 21 -27.33 33.08 28.05
C GLU J 21 -28.01 34.41 28.29
N LEU J 22 -28.67 34.90 27.24
CA LEU J 22 -29.37 36.17 27.28
C LEU J 22 -30.72 36.05 27.96
N ALA J 23 -31.36 34.89 27.83
CA ALA J 23 -32.66 34.66 28.45
C ALA J 23 -32.53 34.67 29.95
N GLU J 24 -31.35 34.26 30.43
CA GLU J 24 -31.08 34.24 31.86
C GLU J 24 -30.66 35.66 32.25
N GLU J 25 -29.70 36.20 31.49
CA GLU J 25 -29.19 37.55 31.69
C GLU J 25 -30.34 38.54 31.87
N VAL J 26 -31.37 38.38 31.04
CA VAL J 26 -32.53 39.27 31.09
C VAL J 26 -33.52 38.86 32.17
N ALA J 27 -33.56 37.57 32.48
CA ALA J 27 -34.47 37.09 33.50
C ALA J 27 -34.02 37.62 34.87
N ASN J 28 -32.73 37.89 35.00
CA ASN J 28 -32.15 38.41 36.25
C ASN J 28 -32.37 39.91 36.39
N GLU J 29 -32.22 40.65 35.30
CA GLU J 29 -32.44 42.10 35.36
C GLU J 29 -33.92 42.39 35.55
N ALA J 30 -34.75 41.38 35.29
CA ALA J 30 -36.20 41.50 35.45
C ALA J 30 -36.55 41.44 36.93
N LEU J 31 -35.73 40.72 37.68
CA LEU J 31 -35.93 40.60 39.13
C LEU J 31 -35.30 41.82 39.80
N ALA J 32 -34.16 42.26 39.27
CA ALA J 32 -33.45 43.42 39.80
C ALA J 32 -33.99 44.69 39.15
N ALA J 33 -35.27 44.64 38.82
CA ALA J 33 -35.98 45.76 38.20
C ALA J 33 -37.37 45.69 38.82
N GLY J 34 -37.68 44.54 39.40
CA GLY J 34 -38.97 44.32 40.03
C GLY J 34 -40.03 43.85 39.07
N ILE J 35 -39.73 43.94 37.77
CA ILE J 35 -40.66 43.52 36.72
C ILE J 35 -41.40 42.28 37.14
N ASP J 36 -42.70 42.25 36.88
CA ASP J 36 -43.50 41.09 37.23
C ASP J 36 -43.11 39.94 36.32
N PRO J 37 -42.86 38.76 36.90
CA PRO J 37 -42.47 37.61 36.08
C PRO J 37 -43.47 37.27 34.99
N VAL J 38 -44.71 37.00 35.37
CA VAL J 38 -45.71 36.67 34.37
C VAL J 38 -45.69 37.69 33.23
N GLU J 39 -45.19 38.89 33.52
CA GLU J 39 -45.10 39.95 32.53
C GLU J 39 -43.94 39.71 31.58
N LEU J 40 -42.81 39.28 32.13
CA LEU J 40 -41.62 39.00 31.34
C LEU J 40 -41.95 37.87 30.36
N ILE J 41 -42.76 36.92 30.83
CA ILE J 41 -43.13 35.77 30.02
C ILE J 41 -44.12 36.11 28.90
N GLU J 42 -45.35 36.48 29.27
CA GLU J 42 -46.36 36.79 28.27
C GLU J 42 -46.01 37.91 27.27
N LYS J 43 -45.32 38.95 27.72
CA LYS J 43 -44.97 40.03 26.80
C LYS J 43 -43.57 39.96 26.23
N GLY J 44 -42.66 39.33 26.98
CA GLY J 44 -41.28 39.21 26.53
C GLY J 44 -40.93 37.92 25.82
N PHE J 45 -40.93 36.81 26.56
CA PHE J 45 -40.58 35.52 25.99
C PHE J 45 -41.63 35.02 24.99
N THR J 46 -42.89 34.96 25.42
CA THR J 46 -43.96 34.49 24.54
C THR J 46 -43.97 35.25 23.23
N ALA J 47 -43.66 36.55 23.29
CA ALA J 47 -43.64 37.37 22.10
C ALA J 47 -42.61 36.81 21.10
N GLY J 48 -41.37 36.72 21.54
CA GLY J 48 -40.32 36.21 20.69
C GLY J 48 -40.61 34.78 20.27
N MET J 49 -41.15 34.03 21.23
CA MET J 49 -41.51 32.63 21.03
C MET J 49 -42.43 32.48 19.82
N GLU J 50 -43.50 33.26 19.78
CA GLU J 50 -44.46 33.18 18.69
C GLU J 50 -43.93 33.73 17.37
N GLU J 51 -42.89 34.55 17.41
CA GLU J 51 -42.33 35.06 16.17
C GLU J 51 -41.68 33.86 15.51
N VAL J 52 -41.03 33.04 16.32
CA VAL J 52 -40.36 31.84 15.86
C VAL J 52 -41.40 30.87 15.32
N GLY J 53 -42.49 30.71 16.07
CA GLY J 53 -43.56 29.82 15.64
C GLY J 53 -44.15 30.23 14.32
N GLU J 54 -44.15 31.54 14.07
CA GLU J 54 -44.66 32.10 12.83
C GLU J 54 -43.77 31.70 11.66
N LYS J 55 -42.47 31.90 11.81
CA LYS J 55 -41.51 31.52 10.78
C LYS J 55 -41.54 29.99 10.59
N PHE J 56 -41.84 29.28 11.65
CA PHE J 56 -41.89 27.84 11.58
C PHE J 56 -43.02 27.34 10.70
N GLY J 57 -44.17 28.00 10.82
CA GLY J 57 -45.35 27.63 10.03
C GLY J 57 -45.18 27.96 8.56
N GLN J 58 -44.37 28.97 8.27
CA GLN J 58 -44.10 29.40 6.90
C GLN J 58 -42.88 28.65 6.34
N GLY J 59 -42.62 27.45 6.88
CA GLY J 59 -41.50 26.65 6.44
C GLY J 59 -40.18 27.39 6.38
N GLU J 60 -40.14 28.54 7.05
CA GLU J 60 -38.92 29.36 7.06
C GLU J 60 -37.97 28.80 8.11
N LEU J 61 -38.53 28.27 9.20
CA LEU J 61 -37.76 27.67 10.29
C LEU J 61 -38.18 26.21 10.52
N PHE J 62 -37.43 25.48 11.35
CA PHE J 62 -37.74 24.08 11.57
C PHE J 62 -37.76 23.61 13.02
N LEU J 63 -37.98 22.32 13.22
CA LEU J 63 -38.03 21.75 14.56
C LEU J 63 -36.88 22.21 15.45
N PRO J 64 -35.63 22.07 14.96
CA PRO J 64 -34.51 22.50 15.79
C PRO J 64 -34.71 23.91 16.33
N HIS J 65 -35.21 24.80 15.49
CA HIS J 65 -35.44 26.16 15.92
C HIS J 65 -36.55 26.27 16.97
N VAL J 66 -37.63 25.51 16.78
CA VAL J 66 -38.74 25.52 17.71
C VAL J 66 -38.27 25.13 19.12
N LEU J 67 -37.53 24.03 19.19
CA LEU J 67 -37.01 23.54 20.46
C LEU J 67 -35.91 24.43 21.04
N ALA J 68 -34.98 24.86 20.18
CA ALA J 68 -33.88 25.71 20.63
C ALA J 68 -34.38 27.02 21.25
N ALA J 69 -35.61 27.38 20.90
CA ALA J 69 -36.22 28.60 21.40
C ALA J 69 -36.94 28.34 22.73
N ALA J 70 -37.81 27.34 22.75
CA ALA J 70 -38.54 27.02 23.98
C ALA J 70 -37.52 26.76 25.09
N GLU J 71 -36.33 26.34 24.69
CA GLU J 71 -35.26 26.06 25.65
C GLU J 71 -34.80 27.38 26.24
N ALA J 72 -34.55 28.36 25.38
CA ALA J 72 -34.14 29.67 25.85
C ALA J 72 -35.22 30.17 26.80
N MET J 73 -36.49 29.99 26.43
CA MET J 73 -37.59 30.44 27.25
C MET J 73 -37.55 29.79 28.63
N ASN J 74 -37.20 28.52 28.68
CA ASN J 74 -37.14 27.82 29.95
C ASN J 74 -35.88 28.17 30.71
N SER J 75 -34.82 28.53 29.98
CA SER J 75 -33.59 28.93 30.64
C SER J 75 -33.96 30.14 31.50
N GLY J 76 -34.76 31.03 30.92
CA GLY J 76 -35.19 32.24 31.60
C GLY J 76 -36.23 32.04 32.68
N ILE J 77 -37.24 31.22 32.39
CA ILE J 77 -38.30 30.96 33.36
C ILE J 77 -37.73 30.33 34.63
N LYS J 78 -36.62 29.61 34.48
CA LYS J 78 -35.98 28.96 35.62
C LYS J 78 -35.44 30.03 36.58
N VAL J 79 -34.72 30.99 36.01
CA VAL J 79 -34.13 32.10 36.75
C VAL J 79 -35.14 32.84 37.63
N ILE J 80 -36.37 32.98 37.15
CA ILE J 80 -37.40 33.66 37.89
C ILE J 80 -38.39 32.72 38.54
N THR J 81 -38.10 31.43 38.54
CA THR J 81 -39.01 30.45 39.15
C THR J 81 -39.19 30.70 40.65
N PRO J 82 -38.09 31.03 41.36
CA PRO J 82 -38.19 31.30 42.80
C PRO J 82 -39.06 32.53 43.07
N GLU J 83 -38.47 33.71 42.89
CA GLU J 83 -39.20 34.95 43.08
C GLU J 83 -40.61 34.85 42.49
N MET J 84 -40.76 34.02 41.46
CA MET J 84 -42.05 33.84 40.80
C MET J 84 -43.05 33.16 41.73
N GLU J 85 -43.47 31.97 41.34
CA GLU J 85 -44.42 31.18 42.09
C GLU J 85 -44.08 31.10 43.57
N LYS J 86 -42.84 30.73 43.88
CA LYS J 86 -42.39 30.60 45.27
C LYS J 86 -42.87 31.73 46.17
N ARG J 87 -43.33 32.82 45.57
CA ARG J 87 -43.82 33.96 46.33
C ARG J 87 -45.12 34.50 45.73
N LYS J 88 -44.98 35.38 44.75
CA LYS J 88 -46.13 35.97 44.08
C LYS J 88 -47.21 34.94 43.74
N SER J 89 -46.80 33.68 43.59
CA SER J 89 -47.72 32.58 43.26
C SER J 89 -48.68 32.93 42.12
N GLN J 90 -48.30 33.88 41.28
CA GLN J 90 -49.17 34.26 40.18
C GLN J 90 -49.18 33.29 39.01
N THR J 91 -50.35 33.17 38.40
CA THR J 91 -50.58 32.30 37.26
C THR J 91 -50.24 33.00 35.95
N LYS J 92 -50.22 32.27 34.85
CA LYS J 92 -49.89 32.86 33.55
C LYS J 92 -51.10 33.04 32.65
N SER J 93 -50.90 32.75 31.36
CA SER J 93 -51.94 32.88 30.35
C SER J 93 -51.96 31.73 29.34
N LEU J 94 -53.09 31.57 28.68
CA LEU J 94 -53.30 30.52 27.69
C LEU J 94 -53.30 29.16 28.35
N GLY J 95 -54.16 28.26 27.89
CA GLY J 95 -54.26 26.92 28.45
C GLY J 95 -52.99 26.34 29.05
N THR J 96 -53.18 25.48 30.05
CA THR J 96 -52.07 24.79 30.71
C THR J 96 -52.13 23.35 30.28
N VAL J 97 -51.00 22.83 29.79
CA VAL J 97 -50.94 21.44 29.34
C VAL J 97 -49.81 20.71 30.05
N ALA J 98 -50.17 19.57 30.63
CA ALA J 98 -49.21 18.71 31.33
C ALA J 98 -49.04 17.46 30.48
N ILE J 99 -47.83 17.24 29.98
CA ILE J 99 -47.56 16.09 29.14
C ILE J 99 -46.35 15.27 29.59
N GLY J 100 -46.33 14.00 29.22
CA GLY J 100 -45.24 13.12 29.59
C GLY J 100 -45.41 11.77 28.92
N THR J 101 -44.33 10.99 28.84
CA THR J 101 -44.41 9.67 28.23
C THR J 101 -44.95 8.66 29.26
N ILE J 102 -46.03 7.97 28.87
CA ILE J 102 -46.68 6.98 29.73
C ILE J 102 -45.66 6.06 30.42
N GLU J 103 -46.04 5.48 31.55
CA GLU J 103 -45.12 4.61 32.26
C GLU J 103 -44.77 3.38 31.43
N GLY J 104 -43.55 2.89 31.60
CA GLY J 104 -43.09 1.73 30.85
C GLY J 104 -42.56 2.12 29.50
N ASP J 105 -42.55 3.42 29.21
CA ASP J 105 -42.07 3.91 27.93
C ASP J 105 -41.02 4.99 28.13
N ILE J 106 -39.89 4.85 27.44
CA ILE J 106 -38.82 5.82 27.56
C ILE J 106 -38.61 6.66 26.30
N HIS J 107 -39.34 6.34 25.24
CA HIS J 107 -39.26 7.12 24.00
C HIS J 107 -39.70 8.50 24.43
N SER J 108 -38.90 9.52 24.12
CA SER J 108 -39.25 10.88 24.53
C SER J 108 -39.13 11.95 23.46
N ILE J 109 -38.37 11.67 22.39
CA ILE J 109 -38.20 12.64 21.30
C ILE J 109 -39.54 13.25 20.88
N GLY J 110 -40.48 12.39 20.51
CA GLY J 110 -41.79 12.86 20.08
C GLY J 110 -42.49 13.71 21.13
N LYS J 111 -42.62 13.18 22.34
CA LYS J 111 -43.27 13.89 23.42
C LYS J 111 -42.64 15.27 23.62
N ASP J 112 -41.34 15.36 23.47
CA ASP J 112 -40.64 16.64 23.63
C ASP J 112 -40.97 17.59 22.49
N ILE J 113 -41.20 17.04 21.29
CA ILE J 113 -41.54 17.87 20.14
C ILE J 113 -42.96 18.42 20.30
N VAL J 114 -43.86 17.56 20.76
CA VAL J 114 -45.24 17.98 20.99
C VAL J 114 -45.24 19.06 22.06
N ALA J 115 -44.50 18.80 23.14
CA ALA J 115 -44.40 19.75 24.24
C ALA J 115 -43.93 21.13 23.76
N SER J 116 -42.91 21.16 22.89
CA SER J 116 -42.40 22.43 22.39
C SER J 116 -43.38 23.12 21.46
N MET J 117 -43.93 22.37 20.51
CA MET J 117 -44.90 22.95 19.57
C MET J 117 -46.07 23.59 20.31
N LEU J 118 -46.38 23.06 21.50
CA LEU J 118 -47.47 23.62 22.30
C LEU J 118 -46.93 24.87 22.96
N ASN J 119 -45.77 24.73 23.59
CA ASN J 119 -45.13 25.83 24.27
C ASN J 119 -45.00 27.03 23.34
N ILE J 120 -44.65 26.76 22.08
CA ILE J 120 -44.49 27.81 21.09
C ILE J 120 -45.83 28.29 20.50
N ALA J 121 -46.87 27.48 20.67
CA ALA J 121 -48.19 27.84 20.18
C ALA J 121 -48.78 28.90 21.11
N GLY J 122 -48.35 28.86 22.37
CA GLY J 122 -48.84 29.83 23.34
C GLY J 122 -49.24 29.21 24.66
N PHE J 123 -49.27 27.88 24.70
CA PHE J 123 -49.65 27.17 25.93
C PHE J 123 -48.52 27.09 26.93
N LYS J 124 -48.90 26.82 28.18
CA LYS J 124 -47.94 26.66 29.27
C LYS J 124 -47.75 25.15 29.39
N VAL J 125 -46.55 24.67 29.10
CA VAL J 125 -46.30 23.23 29.17
C VAL J 125 -45.59 22.80 30.44
N VAL J 126 -46.05 21.68 30.98
CA VAL J 126 -45.44 21.11 32.17
C VAL J 126 -45.01 19.69 31.81
N ASP J 127 -43.71 19.51 31.60
CA ASP J 127 -43.21 18.19 31.23
C ASP J 127 -43.04 17.32 32.47
N LEU J 128 -43.62 16.13 32.43
CA LEU J 128 -43.55 15.18 33.53
C LEU J 128 -42.42 14.19 33.30
N GLY J 129 -41.74 14.33 32.16
CA GLY J 129 -40.63 13.44 31.83
C GLY J 129 -41.08 12.22 31.06
N ARG J 130 -40.43 11.09 31.29
CA ARG J 130 -40.79 9.86 30.60
C ARG J 130 -40.93 8.72 31.60
N ASP J 131 -41.50 7.61 31.13
CA ASP J 131 -41.72 6.46 32.00
C ASP J 131 -42.47 6.96 33.24
N VAL J 132 -43.27 8.01 33.03
CA VAL J 132 -44.06 8.62 34.09
C VAL J 132 -45.10 7.64 34.60
N PRO J 133 -45.03 7.29 35.90
CA PRO J 133 -45.99 6.35 36.50
C PRO J 133 -47.41 6.92 36.45
N ILE J 134 -48.35 6.07 36.07
CA ILE J 134 -49.76 6.44 35.95
C ILE J 134 -50.24 7.30 37.10
N ASN J 135 -49.85 6.94 38.33
CA ASN J 135 -50.27 7.69 39.49
C ASN J 135 -49.82 9.15 39.46
N THR J 136 -48.62 9.40 38.95
CA THR J 136 -48.10 10.77 38.90
C THR J 136 -48.93 11.64 37.98
N PHE J 137 -49.48 11.06 36.92
CA PHE J 137 -50.33 11.81 36.00
C PHE J 137 -51.52 12.35 36.78
N VAL J 138 -52.16 11.46 37.54
CA VAL J 138 -53.32 11.82 38.35
C VAL J 138 -52.95 12.87 39.40
N GLU J 139 -51.93 12.59 40.19
CA GLU J 139 -51.47 13.50 41.24
C GLU J 139 -51.13 14.87 40.68
N LYS J 140 -50.57 14.91 39.48
CA LYS J 140 -50.21 16.18 38.85
C LYS J 140 -51.44 16.89 38.29
N VAL J 141 -52.49 16.13 38.01
CA VAL J 141 -53.72 16.72 37.47
C VAL J 141 -54.47 17.50 38.54
N LYS J 142 -54.64 16.92 39.72
CA LYS J 142 -55.35 17.60 40.78
C LYS J 142 -54.47 18.57 41.56
N GLU J 143 -53.16 18.44 41.40
CA GLU J 143 -52.20 19.31 42.08
C GLU J 143 -51.99 20.58 41.26
N LEU J 144 -52.02 20.45 39.93
CA LEU J 144 -51.83 21.59 39.04
C LEU J 144 -53.13 22.01 38.37
N LYS J 145 -54.09 21.09 38.32
CA LYS J 145 -55.39 21.35 37.71
C LYS J 145 -55.22 21.98 36.32
N PRO J 146 -54.61 21.22 35.39
CA PRO J 146 -54.36 21.68 34.03
C PRO J 146 -55.58 21.48 33.14
N GLN J 147 -55.66 22.22 32.06
CA GLN J 147 -56.77 22.12 31.12
C GLN J 147 -56.66 20.82 30.32
N VAL J 148 -55.42 20.43 30.01
CA VAL J 148 -55.17 19.22 29.24
C VAL J 148 -54.09 18.35 29.86
N VAL J 149 -54.34 17.04 29.88
CA VAL J 149 -53.37 16.07 30.40
C VAL J 149 -52.99 15.20 29.21
N ALA J 150 -51.72 15.18 28.86
CA ALA J 150 -51.27 14.40 27.72
C ALA J 150 -50.24 13.33 28.01
N SER J 151 -50.45 12.16 27.44
CA SER J 151 -49.53 11.04 27.60
C SER J 151 -49.01 10.63 26.22
N SER J 152 -47.81 10.06 26.18
CA SER J 152 -47.24 9.63 24.93
C SER J 152 -46.87 8.16 25.05
N ALA J 153 -47.26 7.37 24.07
CA ALA J 153 -46.95 5.95 24.07
C ALA J 153 -46.54 5.55 22.65
N LEU J 154 -45.37 4.92 22.53
CA LEU J 154 -44.89 4.52 21.21
C LEU J 154 -44.89 3.02 20.97
N MET J 155 -45.33 2.27 21.97
CA MET J 155 -45.38 0.82 21.84
C MET J 155 -46.83 0.37 22.00
N THR J 156 -47.11 -0.87 21.63
CA THR J 156 -48.46 -1.42 21.76
C THR J 156 -48.66 -1.89 23.18
N THR J 157 -47.57 -2.02 23.91
CA THR J 157 -47.62 -2.49 25.28
C THR J 157 -47.62 -1.37 26.32
N THR J 158 -47.28 -0.17 25.89
CA THR J 158 -47.27 0.98 26.82
C THR J 158 -48.43 1.89 26.44
N MET J 159 -49.01 1.62 25.29
CA MET J 159 -50.15 2.37 24.78
C MET J 159 -51.37 1.97 25.62
N VAL J 160 -51.33 0.73 26.11
CA VAL J 160 -52.40 0.17 26.94
C VAL J 160 -52.52 0.86 28.30
N ASN J 161 -51.42 1.42 28.78
CA ASN J 161 -51.41 2.09 30.07
C ASN J 161 -52.19 3.40 30.05
N GLN J 162 -52.54 3.85 28.85
CA GLN J 162 -53.29 5.10 28.71
C GLN J 162 -54.70 4.92 29.24
N ILE J 163 -55.19 3.68 29.24
CA ILE J 163 -56.52 3.36 29.74
C ILE J 163 -56.50 3.63 31.24
N GLN J 164 -55.43 3.20 31.89
CA GLN J 164 -55.27 3.39 33.32
C GLN J 164 -55.25 4.87 33.69
N ILE J 165 -54.84 5.72 32.76
CA ILE J 165 -54.82 7.15 33.05
C ILE J 165 -56.27 7.63 33.08
N GLU J 166 -57.09 7.07 32.20
CA GLU J 166 -58.50 7.40 32.14
C GLU J 166 -59.19 6.96 33.42
N GLU J 167 -58.95 5.72 33.82
CA GLU J 167 -59.55 5.15 35.01
C GLU J 167 -59.16 5.85 36.31
N GLN J 168 -57.90 5.69 36.72
CA GLN J 168 -57.42 6.30 37.95
C GLN J 168 -57.73 7.79 38.05
N LEU J 169 -58.05 8.39 36.90
CA LEU J 169 -58.39 9.80 36.84
C LEU J 169 -59.88 9.97 37.16
N LYS J 170 -60.67 9.00 36.72
CA LYS J 170 -62.11 9.01 36.98
C LYS J 170 -62.36 8.74 38.46
N GLU J 171 -61.70 7.72 39.00
CA GLU J 171 -61.86 7.38 40.40
C GLU J 171 -61.06 8.31 41.30
N ALA J 172 -60.77 9.50 40.76
CA ALA J 172 -60.04 10.52 41.50
C ALA J 172 -60.93 11.76 41.47
N GLY J 173 -62.08 11.61 40.80
CA GLY J 173 -63.04 12.69 40.69
C GLY J 173 -62.52 13.92 39.97
N VAL J 174 -61.73 13.69 38.92
CA VAL J 174 -61.17 14.79 38.17
C VAL J 174 -61.16 14.55 36.68
N ARG J 175 -61.62 13.37 36.26
CA ARG J 175 -61.68 13.02 34.84
C ARG J 175 -62.46 14.08 34.07
N ASP J 176 -63.45 14.67 34.73
CA ASP J 176 -64.30 15.69 34.11
C ASP J 176 -63.74 17.10 34.34
N GLN J 177 -62.63 17.19 35.06
CA GLN J 177 -61.99 18.47 35.35
C GLN J 177 -60.94 18.79 34.30
N VAL J 178 -60.61 17.81 33.47
CA VAL J 178 -59.60 18.00 32.44
C VAL J 178 -59.81 17.13 31.21
N LYS J 179 -59.38 17.63 30.05
CA LYS J 179 -59.49 16.88 28.81
C LYS J 179 -58.18 16.16 28.53
N THR J 180 -58.27 14.85 28.32
CA THR J 180 -57.09 14.03 28.07
C THR J 180 -56.74 13.92 26.58
N MET J 181 -55.46 13.70 26.30
CA MET J 181 -54.98 13.57 24.93
C MET J 181 -54.03 12.38 24.85
N VAL J 182 -54.09 11.67 23.74
CA VAL J 182 -53.22 10.52 23.52
C VAL J 182 -52.54 10.61 22.15
N GLY J 183 -51.27 10.24 22.11
CA GLY J 183 -50.52 10.29 20.88
C GLY J 183 -49.36 9.32 20.88
N GLY J 184 -48.87 8.99 19.70
CA GLY J 184 -47.77 8.05 19.58
C GLY J 184 -47.92 7.25 18.31
N ALA J 185 -46.80 6.77 17.78
CA ALA J 185 -46.81 6.00 16.54
C ALA J 185 -47.94 4.97 16.45
N PRO J 186 -48.10 4.12 17.47
CA PRO J 186 -49.16 3.10 17.44
C PRO J 186 -50.56 3.64 17.82
N VAL J 187 -50.60 4.81 18.45
CA VAL J 187 -51.86 5.40 18.85
C VAL J 187 -52.60 5.96 17.66
N THR J 188 -53.91 5.70 17.62
CA THR J 188 -54.78 6.16 16.52
C THR J 188 -56.04 6.79 17.07
N GLN J 189 -56.90 7.27 16.18
CA GLN J 189 -58.16 7.90 16.61
C GLN J 189 -59.06 6.86 17.24
N ASP J 190 -59.10 5.67 16.64
CA ASP J 190 -59.92 4.57 17.16
C ASP J 190 -59.57 4.29 18.61
N TRP J 191 -58.27 4.24 18.91
CA TRP J 191 -57.82 3.99 20.25
C TRP J 191 -58.33 5.10 21.17
N ALA J 192 -58.15 6.34 20.73
CA ALA J 192 -58.60 7.49 21.50
C ALA J 192 -60.09 7.37 21.85
N ASP J 193 -60.89 6.94 20.87
CA ASP J 193 -62.32 6.77 21.09
C ASP J 193 -62.58 5.59 22.02
N LYS J 194 -62.12 4.42 21.62
CA LYS J 194 -62.31 3.22 22.41
C LYS J 194 -61.90 3.40 23.88
N ILE J 195 -60.86 4.17 24.12
CA ILE J 195 -60.38 4.40 25.48
C ILE J 195 -61.16 5.50 26.19
N GLY J 196 -61.69 6.43 25.41
CA GLY J 196 -62.46 7.53 25.97
C GLY J 196 -61.66 8.82 26.09
N ALA J 197 -60.50 8.86 25.45
CA ALA J 197 -59.65 10.04 25.48
C ALA J 197 -60.30 11.20 24.71
N ASP J 198 -60.21 12.40 25.27
CA ASP J 198 -60.81 13.57 24.64
C ASP J 198 -60.18 13.94 23.30
N ILE J 199 -58.86 13.93 23.24
CA ILE J 199 -58.15 14.31 22.02
C ILE J 199 -57.14 13.29 21.53
N TYR J 200 -56.96 13.23 20.22
CA TYR J 200 -56.00 12.34 19.60
C TYR J 200 -55.03 13.18 18.78
N GLY J 201 -53.75 13.10 19.12
CA GLY J 201 -52.74 13.87 18.41
C GLY J 201 -52.06 13.07 17.31
N GLU J 202 -52.43 13.34 16.07
CA GLU J 202 -51.84 12.66 14.92
C GLU J 202 -50.35 12.96 14.90
N SER J 203 -50.00 14.21 15.19
CA SER J 203 -48.62 14.67 15.21
C SER J 203 -48.52 15.87 16.13
N ALA J 204 -47.38 16.56 16.09
CA ALA J 204 -47.19 17.74 16.93
C ALA J 204 -48.08 18.90 16.47
N ASN J 205 -48.22 19.06 15.14
CA ASN J 205 -49.06 20.12 14.60
C ASN J 205 -50.52 19.81 14.83
N ASP J 206 -50.89 18.56 14.61
CA ASP J 206 -52.27 18.13 14.79
C ASP J 206 -52.65 18.25 16.26
N ALA J 207 -51.72 17.91 17.14
CA ALA J 207 -51.98 17.99 18.58
C ALA J 207 -52.21 19.45 18.99
N VAL J 208 -51.37 20.35 18.49
CA VAL J 208 -51.53 21.76 18.82
C VAL J 208 -52.85 22.30 18.29
N ALA J 209 -53.19 21.93 17.06
CA ALA J 209 -54.42 22.37 16.44
C ALA J 209 -55.65 21.88 17.20
N LYS J 210 -55.59 20.63 17.65
CA LYS J 210 -56.70 20.06 18.39
C LYS J 210 -56.80 20.54 19.84
N VAL J 211 -55.66 20.83 20.46
CA VAL J 211 -55.66 21.29 21.85
C VAL J 211 -56.38 22.63 21.96
N LYS J 212 -56.15 23.52 21.00
CA LYS J 212 -56.81 24.81 21.02
C LYS J 212 -58.26 24.66 20.56
N ALA J 213 -58.47 23.87 19.51
CA ALA J 213 -59.82 23.66 19.01
C ALA J 213 -60.68 22.97 20.08
N ALA J 214 -60.04 22.41 21.10
CA ALA J 214 -60.75 21.71 22.17
C ALA J 214 -61.04 22.60 23.39
N LEU J 215 -60.28 23.68 23.54
CA LEU J 215 -60.49 24.57 24.67
C LEU J 215 -60.40 26.05 24.31
N ASN J 216 -59.50 26.39 23.39
CA ASN J 216 -59.34 27.77 22.93
C ASN J 216 -60.71 28.36 22.59
N ASN K 3 -37.37 56.63 1.38
CA ASN K 3 -37.15 55.76 0.19
C ASN K 3 -36.12 56.35 -0.77
N LYS K 4 -35.65 57.55 -0.47
CA LYS K 4 -34.63 58.19 -1.30
C LYS K 4 -33.40 58.19 -0.40
N GLU K 5 -33.63 58.45 0.88
CA GLU K 5 -32.55 58.44 1.86
C GLU K 5 -32.30 56.98 2.20
N GLU K 6 -33.20 56.12 1.72
CA GLU K 6 -33.08 54.69 1.92
C GLU K 6 -32.18 54.13 0.83
N ILE K 7 -32.17 54.80 -0.32
CA ILE K 7 -31.34 54.39 -1.46
C ILE K 7 -29.90 54.87 -1.24
N ILE K 8 -29.74 56.11 -0.79
CA ILE K 8 -28.42 56.67 -0.53
C ILE K 8 -27.72 55.86 0.56
N ALA K 9 -28.48 54.98 1.21
CA ALA K 9 -27.93 54.14 2.26
C ALA K 9 -27.60 52.77 1.67
N LYS K 10 -28.52 52.26 0.85
CA LYS K 10 -28.33 50.97 0.20
C LYS K 10 -27.07 51.05 -0.67
N ALA K 11 -26.68 52.28 -1.01
CA ALA K 11 -25.49 52.49 -1.82
C ALA K 11 -24.24 52.49 -0.93
N LYS K 12 -24.37 52.92 0.32
CA LYS K 12 -23.22 52.92 1.21
C LYS K 12 -22.96 51.50 1.73
N GLU K 13 -24.04 50.73 1.87
CA GLU K 13 -23.94 49.37 2.38
C GLU K 13 -23.42 48.39 1.33
N ALA K 14 -23.77 48.62 0.07
CA ALA K 14 -23.30 47.76 -1.00
C ALA K 14 -21.78 47.81 -0.98
N ILE K 15 -21.23 48.94 -0.55
CA ILE K 15 -19.80 49.09 -0.49
C ILE K 15 -19.20 48.59 0.81
N THR K 16 -19.82 48.88 1.94
CA THR K 16 -19.27 48.41 3.20
C THR K 16 -19.28 46.89 3.26
N ASP K 17 -20.11 46.27 2.44
CA ASP K 17 -20.20 44.82 2.38
C ASP K 17 -19.49 44.29 1.14
N PHE K 18 -18.90 45.22 0.39
CA PHE K 18 -18.19 44.89 -0.85
C PHE K 18 -19.04 43.96 -1.68
N ASP K 19 -20.04 44.51 -2.34
CA ASP K 19 -20.92 43.72 -3.18
C ASP K 19 -21.10 44.50 -4.47
N ASP K 20 -20.48 44.06 -5.55
CA ASP K 20 -20.60 44.76 -6.82
C ASP K 20 -22.04 44.62 -7.30
N GLU K 21 -22.56 43.39 -7.19
CA GLU K 21 -23.92 43.08 -7.60
C GLU K 21 -24.92 44.06 -7.00
N LEU K 22 -24.93 44.15 -5.67
CA LEU K 22 -25.85 45.04 -4.97
C LEU K 22 -25.57 46.50 -5.35
N ALA K 23 -24.30 46.86 -5.46
CA ALA K 23 -23.90 48.22 -5.83
C ALA K 23 -24.50 48.59 -7.17
N GLU K 24 -24.53 47.63 -8.09
CA GLU K 24 -25.09 47.86 -9.41
C GLU K 24 -26.60 47.98 -9.34
N GLU K 25 -27.21 47.23 -8.43
CA GLU K 25 -28.65 47.26 -8.31
C GLU K 25 -29.14 48.57 -7.68
N VAL K 26 -28.46 49.02 -6.62
CA VAL K 26 -28.86 50.27 -5.97
C VAL K 26 -28.59 51.47 -6.89
N ALA K 27 -27.72 51.27 -7.88
CA ALA K 27 -27.39 52.33 -8.84
C ALA K 27 -28.47 52.43 -9.91
N ASN K 28 -29.18 51.33 -10.17
CA ASN K 28 -30.25 51.33 -11.15
C ASN K 28 -31.52 51.76 -10.43
N GLU K 29 -31.65 51.37 -9.16
CA GLU K 29 -32.81 51.75 -8.37
C GLU K 29 -32.71 53.26 -8.15
N ALA K 30 -31.54 53.81 -8.48
CA ALA K 30 -31.27 55.22 -8.35
C ALA K 30 -31.57 55.89 -9.69
N LEU K 31 -30.99 55.36 -10.76
CA LEU K 31 -31.19 55.88 -12.11
C LEU K 31 -32.68 55.98 -12.41
N ALA K 32 -33.42 55.00 -11.90
CA ALA K 32 -34.87 54.93 -12.09
C ALA K 32 -35.59 56.05 -11.32
N ALA K 33 -35.24 56.23 -10.05
CA ALA K 33 -35.86 57.25 -9.23
C ALA K 33 -35.60 58.64 -9.80
N GLY K 34 -34.74 58.71 -10.80
CA GLY K 34 -34.41 59.98 -11.42
C GLY K 34 -33.31 60.67 -10.63
N ILE K 35 -33.05 60.19 -9.42
CA ILE K 35 -32.03 60.76 -8.55
C ILE K 35 -30.76 61.13 -9.29
N ASP K 36 -30.25 62.34 -9.03
CA ASP K 36 -29.03 62.80 -9.68
C ASP K 36 -27.89 61.89 -9.24
N PRO K 37 -27.05 61.45 -10.21
CA PRO K 37 -25.92 60.57 -9.91
C PRO K 37 -24.94 61.12 -8.86
N VAL K 38 -24.66 62.41 -8.91
CA VAL K 38 -23.72 63.01 -7.96
C VAL K 38 -24.11 62.84 -6.50
N GLU K 39 -25.38 62.68 -6.20
CA GLU K 39 -25.75 62.51 -4.80
C GLU K 39 -25.55 61.08 -4.37
N LEU K 40 -25.74 60.16 -5.31
CA LEU K 40 -25.56 58.73 -5.05
C LEU K 40 -24.07 58.46 -4.76
N ILE K 41 -23.20 59.23 -5.41
CA ILE K 41 -21.75 59.09 -5.26
C ILE K 41 -21.19 59.83 -4.04
N GLU K 42 -21.32 61.15 -4.05
CA GLU K 42 -20.80 61.98 -2.97
C GLU K 42 -21.48 61.79 -1.61
N LYS K 43 -22.56 61.01 -1.57
CA LYS K 43 -23.25 60.78 -0.30
C LYS K 43 -23.65 59.32 -0.08
N GLY K 44 -23.52 58.49 -1.10
CA GLY K 44 -23.90 57.10 -0.94
C GLY K 44 -22.72 56.15 -0.96
N PHE K 45 -22.07 56.03 -2.12
CA PHE K 45 -20.93 55.16 -2.26
C PHE K 45 -19.74 55.68 -1.48
N THR K 46 -19.31 56.90 -1.78
CA THR K 46 -18.17 57.51 -1.11
C THR K 46 -18.31 57.54 0.40
N ALA K 47 -19.49 57.23 0.90
CA ALA K 47 -19.72 57.20 2.33
C ALA K 47 -19.10 55.91 2.86
N GLY K 48 -19.50 54.81 2.25
CA GLY K 48 -18.99 53.51 2.67
C GLY K 48 -17.54 53.32 2.26
N MET K 49 -17.09 54.12 1.30
CA MET K 49 -15.72 54.03 0.83
C MET K 49 -14.79 54.57 1.90
N GLU K 50 -15.18 55.69 2.48
CA GLU K 50 -14.37 56.31 3.53
C GLU K 50 -14.45 55.49 4.81
N GLU K 51 -15.61 54.87 5.03
CA GLU K 51 -15.83 54.04 6.21
C GLU K 51 -14.84 52.87 6.21
N VAL K 52 -14.78 52.16 5.09
CA VAL K 52 -13.86 51.03 4.95
C VAL K 52 -12.44 51.59 5.02
N GLY K 53 -12.29 52.85 4.60
CA GLY K 53 -10.98 53.47 4.62
C GLY K 53 -10.46 53.64 6.04
N GLU K 54 -11.34 54.05 6.96
CA GLU K 54 -10.98 54.26 8.35
C GLU K 54 -10.63 52.94 9.03
N LYS K 55 -11.58 52.01 9.01
CA LYS K 55 -11.39 50.70 9.61
C LYS K 55 -10.05 50.11 9.16
N PHE K 56 -9.63 50.47 7.96
CA PHE K 56 -8.36 50.01 7.43
C PHE K 56 -7.22 50.80 8.07
N GLY K 57 -7.45 52.09 8.25
CA GLY K 57 -6.45 52.95 8.85
C GLY K 57 -6.19 52.57 10.30
N GLN K 58 -7.19 51.95 10.92
CA GLN K 58 -7.07 51.51 12.30
C GLN K 58 -6.26 50.23 12.23
N GLY K 59 -6.87 49.22 11.62
CA GLY K 59 -6.22 47.93 11.50
C GLY K 59 -7.27 46.84 11.55
N GLU K 60 -8.52 47.24 11.31
CA GLU K 60 -9.64 46.31 11.32
C GLU K 60 -9.88 45.67 9.95
N LEU K 61 -9.44 46.36 8.89
CA LEU K 61 -9.59 45.87 7.53
C LEU K 61 -8.26 46.02 6.82
N PHE K 62 -8.04 45.22 5.79
CA PHE K 62 -6.78 45.28 5.06
C PHE K 62 -6.94 45.48 3.59
N LEU K 63 -5.82 45.48 2.88
CA LEU K 63 -5.80 45.67 1.44
C LEU K 63 -6.89 44.90 0.70
N PRO K 64 -7.23 43.70 1.17
CA PRO K 64 -8.27 42.95 0.48
C PRO K 64 -9.62 43.65 0.51
N HIS K 65 -9.87 44.39 1.57
CA HIS K 65 -11.15 45.10 1.74
C HIS K 65 -11.19 46.42 0.99
N VAL K 66 -10.12 47.19 1.09
CA VAL K 66 -10.02 48.49 0.43
C VAL K 66 -10.20 48.42 -1.08
N LEU K 67 -9.62 47.39 -1.71
CA LEU K 67 -9.70 47.23 -3.14
C LEU K 67 -11.02 46.60 -3.55
N ALA K 68 -11.61 45.80 -2.67
CA ALA K 68 -12.88 45.16 -2.96
C ALA K 68 -13.90 46.27 -2.94
N ALA K 69 -13.82 47.10 -1.92
CA ALA K 69 -14.72 48.22 -1.77
C ALA K 69 -14.64 49.08 -3.02
N ALA K 70 -13.41 49.41 -3.43
CA ALA K 70 -13.19 50.25 -4.60
C ALA K 70 -13.77 49.63 -5.87
N GLU K 71 -13.72 48.30 -5.95
CA GLU K 71 -14.27 47.61 -7.13
C GLU K 71 -15.80 47.71 -7.09
N ALA K 72 -16.38 47.60 -5.90
CA ALA K 72 -17.81 47.69 -5.74
C ALA K 72 -18.25 49.10 -6.14
N MET K 73 -17.53 50.09 -5.63
CA MET K 73 -17.87 51.46 -5.94
C MET K 73 -17.74 51.76 -7.43
N ASN K 74 -16.90 51.00 -8.11
CA ASN K 74 -16.71 51.27 -9.52
C ASN K 74 -17.59 50.44 -10.44
N SER K 75 -18.28 49.44 -9.89
CA SER K 75 -19.16 48.63 -10.71
C SER K 75 -20.52 49.31 -10.72
N GLY K 76 -20.86 49.95 -9.60
CA GLY K 76 -22.13 50.67 -9.51
C GLY K 76 -22.07 52.03 -10.20
N ILE K 77 -20.88 52.62 -10.25
CA ILE K 77 -20.70 53.91 -10.89
C ILE K 77 -20.64 53.80 -12.41
N LYS K 78 -20.33 52.62 -12.92
CA LYS K 78 -20.27 52.43 -14.37
C LYS K 78 -21.71 52.34 -14.87
N VAL K 79 -22.61 51.95 -13.98
CA VAL K 79 -24.03 51.82 -14.29
C VAL K 79 -24.62 53.20 -14.55
N ILE K 80 -24.29 54.15 -13.67
CA ILE K 80 -24.79 55.51 -13.80
C ILE K 80 -23.81 56.45 -14.51
N THR K 81 -22.85 55.89 -15.23
CA THR K 81 -21.87 56.71 -15.93
C THR K 81 -22.48 57.52 -17.08
N PRO K 82 -23.19 56.85 -18.02
CA PRO K 82 -23.80 57.59 -19.14
C PRO K 82 -24.73 58.68 -18.63
N GLU K 83 -25.44 58.40 -17.54
CA GLU K 83 -26.34 59.36 -16.94
C GLU K 83 -25.56 60.58 -16.47
N MET K 84 -24.42 60.35 -15.84
CA MET K 84 -23.59 61.46 -15.36
C MET K 84 -23.16 62.30 -16.55
N GLU K 85 -22.92 61.63 -17.68
CA GLU K 85 -22.50 62.30 -18.90
C GLU K 85 -23.62 63.18 -19.49
N LYS K 86 -24.83 62.62 -19.62
CA LYS K 86 -25.96 63.38 -20.16
C LYS K 86 -26.08 64.75 -19.50
N ARG K 87 -26.07 64.75 -18.17
CA ARG K 87 -26.16 65.98 -17.40
C ARG K 87 -24.73 66.49 -17.17
N LYS K 88 -24.35 66.72 -15.92
CA LYS K 88 -22.99 67.18 -15.62
C LYS K 88 -22.40 66.50 -14.39
N SER K 89 -21.32 65.75 -14.60
CA SER K 89 -20.67 65.04 -13.50
C SER K 89 -20.35 66.01 -12.36
N LYS K 92 -19.60 65.90 -9.80
CA LYS K 92 -18.23 66.36 -9.64
C LYS K 92 -17.35 65.33 -8.93
N SER K 93 -16.04 65.55 -9.02
CA SER K 93 -15.05 64.67 -8.39
C SER K 93 -13.99 65.54 -7.71
N LEU K 94 -12.71 65.20 -7.92
CA LEU K 94 -11.62 65.96 -7.34
C LEU K 94 -10.57 66.41 -8.36
N GLY K 95 -9.49 65.64 -8.50
CA GLY K 95 -8.45 65.99 -9.45
C GLY K 95 -7.94 64.83 -10.28
N THR K 96 -6.62 64.81 -10.50
CA THR K 96 -5.98 63.76 -11.28
C THR K 96 -4.71 63.27 -10.57
N VAL K 97 -4.37 62.01 -10.79
CA VAL K 97 -3.19 61.39 -10.20
C VAL K 97 -2.64 60.36 -11.19
N ALA K 98 -2.37 60.82 -12.41
CA ALA K 98 -1.86 59.97 -13.49
C ALA K 98 -0.68 59.12 -13.02
N ILE K 99 -0.82 57.79 -13.14
CA ILE K 99 0.24 56.88 -12.73
C ILE K 99 0.46 55.73 -13.71
N GLY K 100 1.13 54.68 -13.23
CA GLY K 100 1.39 53.53 -14.06
C GLY K 100 2.86 53.17 -14.04
N THR K 101 3.19 51.96 -13.60
CA THR K 101 4.58 51.52 -13.54
C THR K 101 5.32 51.95 -14.80
N ILE K 102 6.43 52.67 -14.63
CA ILE K 102 7.23 53.15 -15.74
C ILE K 102 7.54 51.99 -16.66
N GLU K 103 8.07 52.29 -17.85
CA GLU K 103 8.38 51.23 -18.79
C GLU K 103 9.44 50.29 -18.27
N GLY K 104 9.80 49.30 -19.08
CA GLY K 104 10.80 48.32 -18.71
C GLY K 104 10.47 47.57 -17.44
N ASP K 105 9.29 47.81 -16.87
CA ASP K 105 8.93 47.15 -15.63
C ASP K 105 7.48 46.64 -15.60
N ILE K 106 7.35 45.32 -15.44
CA ILE K 106 6.05 44.65 -15.39
C ILE K 106 5.48 44.55 -13.98
N HIS K 107 6.27 44.93 -12.97
CA HIS K 107 5.84 44.85 -11.57
C HIS K 107 4.68 45.80 -11.23
N SER K 108 3.55 45.58 -11.88
CA SER K 108 2.35 46.37 -11.65
C SER K 108 1.94 46.42 -10.19
N ILE K 109 1.33 45.32 -9.71
CA ILE K 109 0.85 45.16 -8.33
C ILE K 109 1.13 46.28 -7.34
N GLY K 110 2.39 46.64 -7.16
CA GLY K 110 2.75 47.71 -6.25
C GLY K 110 2.01 49.00 -6.57
N LYS K 111 1.78 49.22 -7.85
CA LYS K 111 1.07 50.39 -8.32
C LYS K 111 -0.44 50.16 -8.25
N ASP K 112 -0.87 48.94 -8.57
CA ASP K 112 -2.29 48.59 -8.52
C ASP K 112 -2.81 48.82 -7.12
N ILE K 113 -1.89 48.97 -6.17
CA ILE K 113 -2.25 49.20 -4.78
C ILE K 113 -2.17 50.69 -4.44
N VAL K 114 -1.02 51.31 -4.71
CA VAL K 114 -0.87 52.74 -4.43
C VAL K 114 -1.84 53.50 -5.31
N ALA K 115 -2.30 52.87 -6.38
CA ALA K 115 -3.26 53.50 -7.28
C ALA K 115 -4.66 53.33 -6.70
N SER K 116 -4.92 52.12 -6.19
CA SER K 116 -6.22 51.79 -5.60
C SER K 116 -6.28 52.00 -4.09
N MET K 117 -5.28 52.70 -3.56
CA MET K 117 -5.23 53.00 -2.13
C MET K 117 -5.49 54.49 -2.00
N LEU K 118 -5.46 55.17 -3.14
CA LEU K 118 -5.71 56.60 -3.23
C LEU K 118 -7.20 56.81 -3.48
N ASN K 119 -7.73 56.03 -4.42
CA ASN K 119 -9.14 56.10 -4.81
C ASN K 119 -10.06 55.93 -3.59
N ILE K 120 -9.55 55.30 -2.54
CA ILE K 120 -10.34 55.09 -1.33
C ILE K 120 -10.06 56.19 -0.31
N ALA K 121 -9.13 57.08 -0.67
CA ALA K 121 -8.75 58.20 0.17
C ALA K 121 -9.47 59.46 -0.31
N GLY K 122 -9.80 59.50 -1.59
CA GLY K 122 -10.50 60.65 -2.16
C GLY K 122 -10.02 61.03 -3.55
N PHE K 123 -8.73 61.26 -3.70
CA PHE K 123 -8.15 61.64 -5.00
C PHE K 123 -8.69 60.75 -6.10
N LYS K 124 -9.25 61.35 -7.13
CA LYS K 124 -9.79 60.56 -8.21
C LYS K 124 -8.61 60.03 -9.01
N VAL K 125 -8.09 58.87 -8.60
CA VAL K 125 -6.95 58.23 -9.25
C VAL K 125 -7.30 57.91 -10.70
N VAL K 126 -6.44 58.33 -11.63
CA VAL K 126 -6.67 58.11 -13.06
C VAL K 126 -5.66 57.18 -13.72
N ASP K 127 -5.35 56.07 -13.04
CA ASP K 127 -4.40 55.04 -13.51
C ASP K 127 -4.24 54.93 -15.03
N LEU K 128 -2.99 54.87 -15.50
CA LEU K 128 -2.76 54.78 -16.94
C LEU K 128 -1.99 53.53 -17.35
N GLY K 129 -2.34 52.41 -16.73
CA GLY K 129 -1.72 51.15 -17.07
C GLY K 129 -0.50 50.68 -16.31
N ARG K 130 0.32 49.93 -17.03
CA ARG K 130 1.53 49.37 -16.49
C ARG K 130 2.50 49.41 -17.66
N ASP K 131 3.80 49.32 -17.38
CA ASP K 131 4.81 49.33 -18.43
C ASP K 131 4.60 50.49 -19.41
N VAL K 132 4.27 51.66 -18.87
CA VAL K 132 4.04 52.86 -19.67
C VAL K 132 5.34 53.54 -20.09
N PRO K 133 5.68 53.51 -21.40
CA PRO K 133 6.91 54.14 -21.89
C PRO K 133 6.96 55.65 -21.57
N ILE K 134 8.12 56.11 -21.10
CA ILE K 134 8.30 57.50 -20.74
C ILE K 134 7.67 58.38 -21.83
N ASN K 135 7.98 58.04 -23.08
CA ASN K 135 7.44 58.77 -24.21
C ASN K 135 5.95 59.01 -24.06
N THR K 136 5.21 57.96 -23.75
CA THR K 136 3.76 58.06 -23.55
C THR K 136 3.48 59.00 -22.38
N PHE K 137 4.38 59.02 -21.41
CA PHE K 137 4.24 59.88 -20.25
C PHE K 137 4.42 61.32 -20.72
N VAL K 138 5.17 61.47 -21.82
CA VAL K 138 5.48 62.78 -22.41
C VAL K 138 4.54 63.24 -23.52
N GLU K 139 3.94 62.29 -24.24
CA GLU K 139 3.04 62.63 -25.34
C GLU K 139 1.59 62.80 -24.90
N LYS K 140 1.18 62.06 -23.86
CA LYS K 140 -0.18 62.17 -23.35
C LYS K 140 -0.15 62.98 -22.06
N VAL K 141 0.88 63.81 -21.93
CA VAL K 141 1.03 64.66 -20.75
C VAL K 141 0.92 66.12 -21.19
N LYS K 142 1.37 66.42 -22.39
CA LYS K 142 1.32 67.78 -22.92
C LYS K 142 -0.02 68.02 -23.61
N GLU K 143 -0.73 66.94 -23.89
CA GLU K 143 -2.04 67.03 -24.55
C GLU K 143 -3.13 67.12 -23.47
N LEU K 144 -3.30 66.04 -22.70
CA LEU K 144 -4.30 66.02 -21.64
C LEU K 144 -3.69 66.55 -20.34
N LYS K 145 -2.72 67.45 -20.50
CA LYS K 145 -1.99 68.11 -19.42
C LYS K 145 -2.41 67.73 -17.99
N PRO K 146 -1.93 66.57 -17.50
CA PRO K 146 -2.28 66.10 -16.15
C PRO K 146 -1.93 67.07 -15.02
N GLN K 147 -2.07 66.57 -13.79
CA GLN K 147 -1.79 67.37 -12.61
C GLN K 147 -1.27 66.47 -11.49
N VAL K 148 0.05 66.45 -11.32
CA VAL K 148 0.72 65.63 -10.30
C VAL K 148 0.87 64.18 -10.73
N VAL K 149 1.83 63.93 -11.62
CA VAL K 149 2.10 62.58 -12.13
C VAL K 149 2.74 61.70 -11.04
N ALA K 150 2.98 60.44 -11.39
CA ALA K 150 3.59 59.48 -10.49
C ALA K 150 3.98 58.24 -11.28
N SER K 151 4.49 57.22 -10.59
CA SER K 151 4.91 55.99 -11.25
C SER K 151 5.54 55.01 -10.28
N SER K 152 5.68 53.75 -10.68
CA SER K 152 6.28 52.74 -9.81
C SER K 152 7.38 51.93 -10.50
N ALA K 153 8.63 52.19 -10.12
CA ALA K 153 9.78 51.48 -10.68
C ALA K 153 10.26 50.49 -9.62
N LEU K 154 10.14 49.20 -9.91
CA LEU K 154 10.56 48.17 -8.99
C LEU K 154 11.67 47.33 -9.59
N MET K 155 12.85 47.92 -9.71
CA MET K 155 14.06 47.30 -10.27
C MET K 155 15.17 48.37 -10.40
N THR K 156 16.41 47.96 -10.22
CA THR K 156 17.53 48.90 -10.33
C THR K 156 17.78 49.29 -11.78
N THR K 157 17.29 48.47 -12.70
CA THR K 157 17.46 48.74 -14.12
C THR K 157 16.27 49.52 -14.68
N THR K 158 15.15 49.50 -13.95
CA THR K 158 13.96 50.22 -14.38
C THR K 158 13.73 51.41 -13.45
N MET K 159 14.66 51.62 -12.54
CA MET K 159 14.57 52.73 -11.60
C MET K 159 15.07 53.98 -12.30
N VAL K 160 16.05 53.81 -13.19
CA VAL K 160 16.62 54.90 -13.97
C VAL K 160 15.53 55.62 -14.77
N ASN K 161 14.64 54.84 -15.37
CA ASN K 161 13.54 55.35 -16.18
C ASN K 161 12.75 56.48 -15.53
N GLN K 162 12.78 56.53 -14.21
CA GLN K 162 12.04 57.57 -13.50
C GLN K 162 12.65 58.93 -13.82
N ILE K 163 13.90 58.91 -14.29
CA ILE K 163 14.61 60.13 -14.66
C ILE K 163 14.06 60.69 -15.96
N GLN K 164 13.86 59.81 -16.94
CA GLN K 164 13.34 60.22 -18.24
C GLN K 164 12.07 61.05 -18.07
N ILE K 165 11.18 60.57 -17.21
CA ILE K 165 9.94 61.28 -16.95
C ILE K 165 10.22 62.75 -16.60
N GLU K 166 11.49 63.09 -16.42
CA GLU K 166 11.92 64.45 -16.08
C GLU K 166 12.74 65.09 -17.21
N GLU K 167 13.57 64.27 -17.87
CA GLU K 167 14.42 64.72 -18.95
C GLU K 167 13.69 64.74 -20.29
N GLN K 168 12.62 63.97 -20.38
CA GLN K 168 11.79 63.90 -21.58
C GLN K 168 10.84 65.09 -21.54
N LEU K 169 10.58 65.59 -20.33
CA LEU K 169 9.71 66.74 -20.16
C LEU K 169 10.52 68.02 -20.37
N LYS K 170 11.77 68.01 -19.90
CA LYS K 170 12.65 69.17 -20.06
C LYS K 170 12.88 69.48 -21.53
N GLU K 171 13.34 68.48 -22.28
CA GLU K 171 13.63 68.63 -23.70
C GLU K 171 12.38 68.79 -24.56
N ALA K 172 11.23 68.35 -24.06
CA ALA K 172 9.97 68.46 -24.80
C ALA K 172 9.40 69.86 -24.56
N GLY K 173 9.93 70.53 -23.55
CA GLY K 173 9.47 71.87 -23.23
C GLY K 173 8.26 71.86 -22.32
N VAL K 174 8.20 70.87 -21.43
CA VAL K 174 7.08 70.75 -20.50
C VAL K 174 7.52 70.00 -19.25
N ARG K 175 8.11 70.72 -18.30
CA ARG K 175 8.58 70.11 -17.04
C ARG K 175 8.07 70.84 -15.80
N ASP K 176 7.75 72.12 -15.95
CA ASP K 176 7.25 72.93 -14.82
C ASP K 176 5.78 72.62 -14.57
N GLN K 177 5.21 71.83 -15.47
CA GLN K 177 3.80 71.44 -15.42
C GLN K 177 3.44 70.49 -14.28
N VAL K 178 3.30 71.05 -13.08
CA VAL K 178 2.93 70.29 -11.88
C VAL K 178 4.00 69.31 -11.41
N LYS K 179 3.91 68.90 -10.16
CA LYS K 179 4.85 67.98 -9.52
C LYS K 179 5.05 66.63 -10.22
N THR K 180 5.33 65.61 -9.40
CA THR K 180 5.57 64.24 -9.86
C THR K 180 5.70 63.32 -8.65
N MET K 181 6.30 62.14 -8.86
CA MET K 181 6.51 61.18 -7.79
C MET K 181 7.12 59.85 -8.26
N VAL K 182 7.95 59.25 -7.43
CA VAL K 182 8.59 57.97 -7.73
C VAL K 182 8.78 57.12 -6.48
N GLY K 183 8.12 55.96 -6.46
CA GLY K 183 8.22 55.06 -5.33
C GLY K 183 8.48 53.62 -5.78
N GLY K 184 8.98 52.80 -4.87
CA GLY K 184 9.27 51.42 -5.22
C GLY K 184 10.18 50.76 -4.22
N ALA K 185 10.50 49.49 -4.46
CA ALA K 185 11.38 48.74 -3.57
C ALA K 185 12.83 49.25 -3.65
N PRO K 186 13.44 49.26 -4.86
CA PRO K 186 14.83 49.75 -4.94
C PRO K 186 14.90 51.28 -4.96
N VAL K 187 13.74 51.93 -4.97
CA VAL K 187 13.64 53.39 -4.99
C VAL K 187 13.59 53.97 -3.58
N THR K 188 14.56 54.84 -3.26
CA THR K 188 14.62 55.49 -1.94
C THR K 188 14.35 56.99 -2.01
N GLN K 189 14.31 57.64 -0.84
CA GLN K 189 14.08 59.08 -0.79
C GLN K 189 15.25 59.80 -1.44
N ASP K 190 16.43 59.18 -1.37
CA ASP K 190 17.65 59.76 -1.93
C ASP K 190 17.63 59.68 -3.45
N TRP K 191 16.62 59.01 -3.98
CA TRP K 191 16.49 58.87 -5.42
C TRP K 191 15.34 59.75 -5.91
N ALA K 192 14.58 60.28 -4.96
CA ALA K 192 13.47 61.16 -5.29
C ALA K 192 13.99 62.58 -5.36
N ASP K 193 15.00 62.86 -4.55
CA ASP K 193 15.60 64.19 -4.49
C ASP K 193 16.63 64.35 -5.61
N LYS K 194 17.51 63.37 -5.73
CA LYS K 194 18.55 63.34 -6.76
C LYS K 194 17.96 63.46 -8.16
N ILE K 195 16.80 62.85 -8.35
CA ILE K 195 16.11 62.85 -9.64
C ILE K 195 15.44 64.19 -9.90
N GLY K 196 15.12 64.90 -8.84
CA GLY K 196 14.46 66.19 -8.99
C GLY K 196 12.97 65.99 -9.15
N ALA K 197 12.46 64.90 -8.59
CA ALA K 197 11.04 64.61 -8.64
C ALA K 197 10.36 65.60 -7.69
N ASP K 198 9.34 65.15 -6.97
CA ASP K 198 8.66 66.03 -6.03
C ASP K 198 8.11 65.33 -4.80
N ILE K 199 7.90 64.02 -4.91
CA ILE K 199 7.36 63.24 -3.78
C ILE K 199 7.82 61.79 -3.83
N TYR K 200 8.17 61.23 -2.67
CA TYR K 200 8.59 59.83 -2.62
C TYR K 200 7.68 59.02 -1.72
N GLY K 201 7.06 57.99 -2.29
CA GLY K 201 6.15 57.14 -1.54
C GLY K 201 6.81 55.91 -0.93
N GLU K 202 6.65 55.78 0.38
CA GLU K 202 7.22 54.66 1.13
C GLU K 202 6.35 53.43 0.88
N SER K 203 5.12 53.51 1.39
CA SER K 203 4.14 52.45 1.25
C SER K 203 2.94 52.95 0.46
N ALA K 204 1.79 52.30 0.63
CA ALA K 204 0.57 52.72 -0.04
C ALA K 204 0.01 53.81 0.85
N ASN K 205 0.06 53.56 2.16
CA ASN K 205 -0.43 54.51 3.15
C ASN K 205 0.37 55.80 3.03
N ASP K 206 1.65 55.74 3.40
CA ASP K 206 2.53 56.90 3.33
C ASP K 206 2.44 57.64 1.99
N ALA K 207 2.21 56.90 0.92
CA ALA K 207 2.10 57.50 -0.41
C ALA K 207 0.87 58.39 -0.45
N VAL K 208 -0.25 57.87 0.01
CA VAL K 208 -1.50 58.63 0.03
C VAL K 208 -1.37 59.84 0.96
N ALA K 209 -1.04 59.58 2.22
CA ALA K 209 -0.88 60.63 3.22
C ALA K 209 0.35 61.49 2.98
N LYS K 210 0.51 61.95 1.74
CA LYS K 210 1.62 62.79 1.35
C LYS K 210 1.25 63.47 0.04
N VAL K 211 0.10 63.08 -0.51
CA VAL K 211 -0.37 63.65 -1.77
C VAL K 211 -1.19 64.92 -1.54
N LYS K 212 -1.38 65.29 -0.26
CA LYS K 212 -2.13 66.49 0.07
C LYS K 212 -1.36 67.71 -0.44
N ALA K 213 -0.08 67.50 -0.74
CA ALA K 213 0.76 68.56 -1.27
C ALA K 213 0.12 69.06 -2.55
N ALA K 214 -0.74 68.21 -3.13
CA ALA K 214 -1.47 68.54 -4.35
C ALA K 214 -2.59 69.51 -3.99
N LEU K 215 -3.26 69.24 -2.87
CA LEU K 215 -4.35 70.09 -2.40
C LEU K 215 -3.83 71.52 -2.18
N ASN L 3 -35.52 -57.27 -8.13
CA ASN L 3 -34.86 -58.26 -9.06
C ASN L 3 -33.40 -58.50 -8.68
N LYS L 4 -33.08 -59.75 -8.36
CA LYS L 4 -31.73 -60.15 -7.97
C LYS L 4 -30.69 -59.71 -9.00
N GLU L 5 -31.03 -59.86 -10.28
CA GLU L 5 -30.13 -59.48 -11.36
C GLU L 5 -29.84 -57.98 -11.28
N GLU L 6 -30.89 -57.17 -11.14
CA GLU L 6 -30.74 -55.72 -11.05
C GLU L 6 -30.02 -55.31 -9.76
N ILE L 7 -30.37 -55.97 -8.66
CA ILE L 7 -29.78 -55.66 -7.36
C ILE L 7 -28.28 -55.96 -7.29
N ILE L 8 -27.88 -57.12 -7.80
CA ILE L 8 -26.46 -57.49 -7.78
C ILE L 8 -25.61 -56.62 -8.72
N ALA L 9 -26.22 -56.13 -9.79
CA ALA L 9 -25.51 -55.28 -10.74
C ALA L 9 -25.34 -53.89 -10.15
N LYS L 10 -26.21 -53.56 -9.20
CA LYS L 10 -26.18 -52.27 -8.53
C LYS L 10 -25.18 -52.31 -7.39
N ALA L 11 -25.19 -53.41 -6.65
CA ALA L 11 -24.27 -53.57 -5.54
C ALA L 11 -22.85 -53.42 -6.07
N LYS L 12 -22.69 -53.65 -7.37
CA LYS L 12 -21.38 -53.54 -8.02
C LYS L 12 -21.08 -52.08 -8.31
N GLU L 13 -21.98 -51.39 -8.99
CA GLU L 13 -21.77 -49.98 -9.30
C GLU L 13 -21.60 -49.24 -7.97
N ALA L 14 -22.38 -49.65 -6.97
CA ALA L 14 -22.33 -49.03 -5.64
C ALA L 14 -20.89 -48.95 -5.12
N ILE L 15 -20.04 -49.83 -5.62
CA ILE L 15 -18.64 -49.84 -5.19
C ILE L 15 -17.68 -49.26 -6.23
N THR L 16 -17.93 -49.51 -7.50
CA THR L 16 -17.09 -48.97 -8.55
C THR L 16 -17.37 -47.47 -8.64
N ASP L 17 -18.52 -47.05 -8.13
CA ASP L 17 -18.94 -45.65 -8.14
C ASP L 17 -18.58 -45.07 -6.77
N PHE L 18 -17.92 -45.89 -5.97
CA PHE L 18 -17.46 -45.49 -4.63
C PHE L 18 -18.54 -44.74 -3.83
N ASP L 19 -19.72 -45.34 -3.74
CA ASP L 19 -20.83 -44.70 -3.02
C ASP L 19 -21.38 -45.49 -1.82
N ASP L 20 -21.08 -45.03 -0.61
CA ASP L 20 -21.57 -45.68 0.61
C ASP L 20 -23.10 -45.74 0.56
N GLU L 21 -23.67 -44.71 -0.07
CA GLU L 21 -25.12 -44.61 -0.23
C GLU L 21 -25.63 -45.86 -0.91
N LEU L 22 -25.45 -45.93 -2.22
CA LEU L 22 -25.89 -47.07 -3.01
C LEU L 22 -25.55 -48.34 -2.26
N ALA L 23 -24.36 -48.37 -1.68
CA ALA L 23 -23.92 -49.54 -0.93
C ALA L 23 -24.96 -49.88 0.13
N GLU L 24 -25.27 -48.89 0.98
CA GLU L 24 -26.24 -49.09 2.05
C GLU L 24 -27.66 -49.17 1.52
N GLU L 25 -27.96 -48.44 0.45
CA GLU L 25 -29.30 -48.48 -0.13
C GLU L 25 -29.58 -49.84 -0.75
N VAL L 26 -28.80 -50.19 -1.76
CA VAL L 26 -28.95 -51.48 -2.41
C VAL L 26 -28.97 -52.58 -1.38
N ALA L 27 -28.17 -52.43 -0.33
CA ALA L 27 -28.10 -53.42 0.74
C ALA L 27 -29.44 -53.57 1.44
N ASN L 28 -30.32 -52.58 1.24
CA ASN L 28 -31.65 -52.62 1.82
C ASN L 28 -32.65 -53.21 0.85
N GLU L 29 -32.55 -52.81 -0.42
CA GLU L 29 -33.44 -53.34 -1.44
C GLU L 29 -32.98 -54.77 -1.72
N ALA L 30 -32.48 -55.41 -0.67
CA ALA L 30 -32.00 -56.78 -0.72
C ALA L 30 -32.44 -57.48 0.56
N LEU L 31 -32.34 -56.77 1.68
CA LEU L 31 -32.75 -57.30 2.97
C LEU L 31 -34.25 -57.48 2.94
N ALA L 32 -34.94 -56.41 2.53
CA ALA L 32 -36.39 -56.41 2.42
C ALA L 32 -36.76 -56.89 1.02
N ALA L 33 -35.92 -57.77 0.47
CA ALA L 33 -36.14 -58.34 -0.86
C ALA L 33 -35.75 -59.82 -0.86
N GLY L 34 -35.33 -60.33 0.30
CA GLY L 34 -34.98 -61.73 0.40
C GLY L 34 -33.57 -62.20 0.07
N ILE L 35 -33.02 -61.73 -1.05
CA ILE L 35 -31.67 -62.14 -1.49
C ILE L 35 -30.68 -62.58 -0.43
N ASP L 36 -29.91 -63.62 -0.74
CA ASP L 36 -28.92 -64.12 0.19
C ASP L 36 -27.94 -62.98 0.39
N PRO L 37 -27.65 -62.62 1.65
CA PRO L 37 -26.72 -61.53 1.91
C PRO L 37 -25.34 -61.89 1.35
N VAL L 38 -25.09 -63.19 1.24
CA VAL L 38 -23.82 -63.71 0.72
C VAL L 38 -23.77 -63.57 -0.80
N GLU L 39 -24.90 -63.75 -1.46
CA GLU L 39 -24.96 -63.63 -2.92
C GLU L 39 -24.69 -62.17 -3.26
N LEU L 40 -25.12 -61.27 -2.35
CA LEU L 40 -24.93 -59.83 -2.51
C LEU L 40 -23.46 -59.41 -2.40
N ILE L 41 -22.67 -60.21 -1.70
CA ILE L 41 -21.25 -59.92 -1.52
C ILE L 41 -20.41 -60.59 -2.61
N GLU L 42 -20.37 -61.92 -2.57
CA GLU L 42 -19.61 -62.72 -3.54
C GLU L 42 -19.87 -62.26 -4.97
N LYS L 43 -21.15 -62.13 -5.31
CA LYS L 43 -21.56 -61.74 -6.65
C LYS L 43 -21.75 -60.25 -6.87
N GLY L 44 -22.13 -59.54 -5.80
CA GLY L 44 -22.36 -58.12 -5.91
C GLY L 44 -21.18 -57.21 -5.56
N PHE L 45 -20.98 -56.99 -4.27
CA PHE L 45 -19.89 -56.14 -3.83
C PHE L 45 -18.53 -56.65 -4.28
N THR L 46 -18.16 -57.82 -3.83
CA THR L 46 -16.87 -58.38 -4.20
C THR L 46 -16.57 -58.28 -5.69
N ALA L 47 -17.61 -58.17 -6.52
CA ALA L 47 -17.41 -58.06 -7.96
C ALA L 47 -16.88 -56.67 -8.30
N GLY L 48 -17.43 -55.66 -7.61
CA GLY L 48 -16.98 -54.30 -7.83
C GLY L 48 -15.60 -54.14 -7.22
N MET L 49 -15.41 -54.77 -6.06
CA MET L 49 -14.14 -54.72 -5.37
C MET L 49 -13.04 -55.18 -6.31
N GLU L 50 -13.38 -56.17 -7.13
CA GLU L 50 -12.43 -56.70 -8.09
C GLU L 50 -12.26 -55.78 -9.27
N GLU L 51 -13.33 -55.09 -9.67
CA GLU L 51 -13.19 -54.18 -10.79
C GLU L 51 -12.18 -53.10 -10.41
N VAL L 52 -12.34 -52.54 -9.21
CA VAL L 52 -11.42 -51.50 -8.74
C VAL L 52 -10.04 -52.11 -8.69
N GLY L 53 -9.93 -53.24 -7.99
CA GLY L 53 -8.66 -53.92 -7.84
C GLY L 53 -7.87 -54.08 -9.14
N GLU L 54 -8.50 -54.67 -10.16
CA GLU L 54 -7.83 -54.87 -11.43
C GLU L 54 -7.39 -53.54 -11.99
N LYS L 55 -8.21 -52.52 -11.80
CA LYS L 55 -7.88 -51.18 -12.28
C LYS L 55 -6.79 -50.54 -11.43
N PHE L 56 -6.71 -50.93 -10.16
CA PHE L 56 -5.68 -50.36 -9.30
C PHE L 56 -4.33 -50.91 -9.75
N GLY L 57 -4.30 -52.20 -10.07
CA GLY L 57 -3.06 -52.82 -10.53
C GLY L 57 -2.65 -52.27 -11.88
N GLN L 58 -3.58 -52.25 -12.82
CA GLN L 58 -3.30 -51.75 -14.16
C GLN L 58 -2.92 -50.27 -14.11
N GLY L 59 -3.05 -49.67 -12.94
CA GLY L 59 -2.69 -48.27 -12.75
C GLY L 59 -3.63 -47.23 -13.29
N GLU L 60 -4.93 -47.51 -13.26
CA GLU L 60 -5.93 -46.55 -13.74
C GLU L 60 -6.57 -45.80 -12.56
N LEU L 61 -6.48 -46.40 -11.37
CA LEU L 61 -7.00 -45.83 -10.13
C LEU L 61 -5.90 -45.97 -9.08
N PHE L 62 -6.03 -45.32 -7.94
CA PHE L 62 -4.97 -45.41 -6.94
C PHE L 62 -5.47 -45.63 -5.52
N LEU L 63 -4.56 -45.54 -4.55
CA LEU L 63 -4.87 -45.74 -3.14
C LEU L 63 -6.25 -45.26 -2.71
N PRO L 64 -6.56 -43.99 -3.01
CA PRO L 64 -7.85 -43.41 -2.66
C PRO L 64 -9.00 -44.31 -3.07
N HIS L 65 -8.92 -44.82 -4.29
CA HIS L 65 -9.95 -45.69 -4.84
C HIS L 65 -10.17 -47.01 -4.12
N VAL L 66 -9.09 -47.71 -3.80
CA VAL L 66 -9.21 -48.97 -3.09
C VAL L 66 -9.84 -48.73 -1.70
N LEU L 67 -9.37 -47.72 -1.00
CA LEU L 67 -9.91 -47.39 0.32
C LEU L 67 -11.33 -46.90 0.18
N ALA L 68 -11.62 -46.28 -0.95
CA ALA L 68 -12.95 -45.78 -1.23
C ALA L 68 -13.93 -46.94 -1.46
N ALA L 69 -13.57 -47.84 -2.37
CA ALA L 69 -14.42 -48.98 -2.67
C ALA L 69 -14.67 -49.80 -1.41
N ALA L 70 -13.65 -49.90 -0.56
CA ALA L 70 -13.76 -50.66 0.69
C ALA L 70 -14.71 -50.00 1.68
N GLU L 71 -14.60 -48.68 1.83
CA GLU L 71 -15.47 -47.95 2.74
C GLU L 71 -16.91 -48.18 2.30
N ALA L 72 -17.11 -48.28 0.99
CA ALA L 72 -18.44 -48.50 0.42
C ALA L 72 -18.92 -49.90 0.73
N MET L 73 -18.06 -50.89 0.49
CA MET L 73 -18.45 -52.27 0.75
C MET L 73 -18.81 -52.45 2.21
N ASN L 74 -18.03 -51.83 3.10
CA ASN L 74 -18.31 -51.94 4.53
C ASN L 74 -19.65 -51.31 4.91
N SER L 75 -19.95 -50.15 4.34
CA SER L 75 -21.22 -49.49 4.63
C SER L 75 -22.38 -50.40 4.22
N GLY L 76 -22.27 -50.97 3.03
CA GLY L 76 -23.33 -51.85 2.55
C GLY L 76 -23.46 -53.10 3.39
N ILE L 77 -22.36 -53.54 3.97
CA ILE L 77 -22.39 -54.73 4.80
C ILE L 77 -22.86 -54.46 6.23
N LYS L 78 -22.28 -53.44 6.87
CA LYS L 78 -22.70 -53.10 8.22
C LYS L 78 -24.23 -53.12 8.27
N VAL L 79 -24.85 -52.66 7.19
CA VAL L 79 -26.30 -52.60 7.08
C VAL L 79 -27.00 -53.95 7.14
N ILE L 80 -26.44 -54.95 6.46
CA ILE L 80 -27.06 -56.27 6.45
C ILE L 80 -26.43 -57.23 7.45
N THR L 81 -25.76 -56.69 8.47
CA THR L 81 -25.15 -57.57 9.47
C THR L 81 -26.21 -58.30 10.29
N PRO L 82 -27.24 -57.57 10.78
CA PRO L 82 -28.29 -58.20 11.58
C PRO L 82 -28.90 -59.40 10.87
N GLU L 83 -28.87 -59.34 9.54
CA GLU L 83 -29.42 -60.39 8.69
C GLU L 83 -28.41 -61.51 8.50
N MET L 84 -27.14 -61.25 8.79
CA MET L 84 -26.10 -62.25 8.61
C MET L 84 -25.84 -63.13 9.82
N GLU L 85 -24.99 -62.66 10.74
CA GLU L 85 -24.66 -63.45 11.93
C GLU L 85 -25.83 -63.73 12.86
N LYS L 86 -26.62 -62.69 13.15
CA LYS L 86 -27.75 -62.86 14.06
C LYS L 86 -28.78 -63.91 13.62
N ARG L 87 -28.71 -64.33 12.36
CA ARG L 87 -29.64 -65.35 11.86
C ARG L 87 -29.00 -66.32 10.88
N LYS L 88 -29.18 -66.07 9.57
CA LYS L 88 -28.64 -66.94 8.54
C LYS L 88 -27.27 -67.51 8.90
N SER L 89 -26.47 -66.74 9.64
CA SER L 89 -25.14 -67.19 10.06
C SER L 89 -24.41 -67.86 8.90
N GLN L 90 -23.96 -67.04 7.95
CA GLN L 90 -23.26 -67.53 6.75
C GLN L 90 -21.74 -67.38 6.81
N THR L 91 -21.05 -68.05 5.88
CA THR L 91 -19.60 -68.00 5.79
C THR L 91 -19.12 -66.94 4.79
N LYS L 92 -17.82 -66.94 4.48
CA LYS L 92 -17.28 -65.95 3.55
C LYS L 92 -16.50 -66.57 2.39
N SER L 93 -15.31 -66.03 2.14
CA SER L 93 -14.44 -66.50 1.06
C SER L 93 -12.98 -66.04 1.24
N LEU L 94 -12.05 -66.96 1.04
CA LEU L 94 -10.60 -66.71 1.15
C LEU L 94 -10.13 -66.40 2.57
N GLY L 95 -8.81 -66.42 2.76
CA GLY L 95 -8.19 -66.18 4.06
C GLY L 95 -8.72 -65.08 4.96
N THR L 96 -8.20 -65.05 6.19
CA THR L 96 -8.59 -64.05 7.19
C THR L 96 -7.34 -63.52 7.92
N VAL L 97 -7.12 -62.21 7.85
CA VAL L 97 -5.95 -61.61 8.47
C VAL L 97 -6.27 -60.62 9.61
N ALA L 98 -5.70 -60.87 10.77
CA ALA L 98 -5.90 -59.98 11.91
C ALA L 98 -4.70 -59.03 11.86
N ILE L 99 -4.95 -57.75 11.63
CA ILE L 99 -3.87 -56.78 11.54
C ILE L 99 -4.06 -55.62 12.53
N GLY L 100 -2.97 -54.95 12.86
CA GLY L 100 -3.02 -53.81 13.76
C GLY L 100 -1.62 -53.26 14.01
N THR L 101 -1.53 -52.01 14.45
CA THR L 101 -0.24 -51.41 14.73
C THR L 101 0.21 -51.84 16.13
N ILE L 102 1.42 -52.41 16.20
CA ILE L 102 2.01 -52.90 17.45
C ILE L 102 1.82 -51.88 18.58
N GLU L 103 1.84 -52.35 19.82
CA GLU L 103 1.67 -51.45 20.96
C GLU L 103 2.81 -50.45 21.04
N GLY L 104 2.49 -49.25 21.51
CA GLY L 104 3.47 -48.20 21.64
C GLY L 104 3.64 -47.43 20.35
N ASP L 105 2.86 -47.81 19.34
CA ASP L 105 2.94 -47.17 18.03
C ASP L 105 1.55 -46.72 17.59
N ILE L 106 1.46 -45.45 17.17
CA ILE L 106 0.20 -44.88 16.72
C ILE L 106 0.16 -44.62 15.22
N HIS L 107 1.28 -44.82 14.53
CA HIS L 107 1.30 -44.63 13.08
C HIS L 107 0.29 -45.65 12.57
N SER L 108 -0.66 -45.22 11.74
CA SER L 108 -1.66 -46.15 11.25
C SER L 108 -1.94 -46.08 9.75
N ILE L 109 -1.54 -44.99 9.10
CA ILE L 109 -1.77 -44.83 7.67
C ILE L 109 -1.36 -46.09 6.90
N GLY L 110 -0.11 -46.50 7.09
CA GLY L 110 0.40 -47.69 6.42
C GLY L 110 -0.42 -48.93 6.71
N LYS L 111 -0.60 -49.22 8.00
CA LYS L 111 -1.36 -50.39 8.40
C LYS L 111 -2.73 -50.42 7.76
N ASP L 112 -3.34 -49.24 7.63
CA ASP L 112 -4.67 -49.14 7.02
C ASP L 112 -4.62 -49.43 5.53
N ILE L 113 -3.51 -49.06 4.90
CA ILE L 113 -3.37 -49.29 3.47
C ILE L 113 -3.15 -50.78 3.21
N VAL L 114 -2.36 -51.41 4.07
CA VAL L 114 -2.11 -52.84 3.93
C VAL L 114 -3.42 -53.56 4.16
N ALA L 115 -4.15 -53.15 5.19
CA ALA L 115 -5.44 -53.76 5.51
C ALA L 115 -6.41 -53.68 4.32
N SER L 116 -6.48 -52.53 3.66
CA SER L 116 -7.37 -52.38 2.53
C SER L 116 -6.92 -53.21 1.33
N MET L 117 -5.63 -53.12 0.98
CA MET L 117 -5.13 -53.87 -0.15
C MET L 117 -5.40 -55.37 0.01
N LEU L 118 -5.48 -55.82 1.26
CA LEU L 118 -5.76 -57.23 1.54
C LEU L 118 -7.24 -57.44 1.34
N ASN L 119 -8.02 -56.56 1.97
CA ASN L 119 -9.47 -56.59 1.88
C ASN L 119 -9.91 -56.62 0.42
N ILE L 120 -9.24 -55.84 -0.42
CA ILE L 120 -9.57 -55.75 -1.84
C ILE L 120 -8.97 -56.91 -2.64
N ALA L 121 -7.99 -57.58 -2.06
CA ALA L 121 -7.37 -58.72 -2.72
C ALA L 121 -8.32 -59.91 -2.64
N GLY L 122 -9.15 -59.93 -1.61
CA GLY L 122 -10.10 -61.01 -1.42
C GLY L 122 -10.14 -61.55 0.00
N PHE L 123 -9.20 -61.12 0.83
CA PHE L 123 -9.14 -61.56 2.22
C PHE L 123 -10.13 -60.85 3.13
N LYS L 124 -10.38 -61.48 4.27
CA LYS L 124 -11.28 -60.93 5.28
C LYS L 124 -10.35 -60.26 6.28
N VAL L 125 -10.42 -58.94 6.38
CA VAL L 125 -9.55 -58.22 7.30
C VAL L 125 -10.22 -57.85 8.61
N VAL L 126 -9.48 -57.98 9.70
CA VAL L 126 -9.98 -57.63 11.02
C VAL L 126 -8.98 -56.64 11.59
N ASP L 127 -9.34 -55.36 11.58
CA ASP L 127 -8.46 -54.33 12.09
C ASP L 127 -8.55 -54.26 13.62
N LEU L 128 -7.39 -54.33 14.27
CA LEU L 128 -7.32 -54.28 15.72
C LEU L 128 -7.03 -52.86 16.18
N GLY L 129 -6.87 -51.96 15.20
CA GLY L 129 -6.58 -50.56 15.52
C GLY L 129 -5.10 -50.29 15.60
N ARG L 130 -4.71 -49.37 16.49
CA ARG L 130 -3.31 -49.02 16.66
C ARG L 130 -2.93 -49.05 18.13
N ASP L 131 -1.63 -49.00 18.40
CA ASP L 131 -1.14 -49.06 19.78
C ASP L 131 -1.77 -50.29 20.43
N VAL L 132 -2.06 -51.29 19.60
CA VAL L 132 -2.65 -52.54 20.06
C VAL L 132 -1.71 -53.26 21.01
N PRO L 133 -2.17 -53.49 22.25
CA PRO L 133 -1.34 -54.19 23.25
C PRO L 133 -1.06 -55.62 22.83
N ILE L 134 0.21 -56.02 22.99
CA ILE L 134 0.67 -57.35 22.62
C ILE L 134 -0.31 -58.46 23.01
N ASN L 135 -0.85 -58.37 24.21
CA ASN L 135 -1.79 -59.37 24.69
C ASN L 135 -3.03 -59.48 23.82
N THR L 136 -3.52 -58.34 23.30
CA THR L 136 -4.71 -58.37 22.47
C THR L 136 -4.49 -59.13 21.19
N PHE L 137 -3.26 -59.08 20.66
CA PHE L 137 -2.93 -59.80 19.43
C PHE L 137 -3.14 -61.28 19.68
N VAL L 138 -2.60 -61.76 20.80
CA VAL L 138 -2.72 -63.16 21.19
C VAL L 138 -4.18 -63.54 21.42
N GLU L 139 -4.86 -62.78 22.27
CA GLU L 139 -6.26 -63.05 22.58
C GLU L 139 -7.14 -63.08 21.33
N LYS L 140 -6.82 -62.21 20.35
CA LYS L 140 -7.57 -62.17 19.11
C LYS L 140 -7.21 -63.32 18.18
N VAL L 141 -6.03 -63.88 18.37
CA VAL L 141 -5.60 -64.99 17.53
C VAL L 141 -6.35 -66.27 17.89
N LYS L 142 -6.45 -66.59 19.18
CA LYS L 142 -7.14 -67.79 19.60
C LYS L 142 -8.66 -67.61 19.70
N GLU L 143 -9.10 -66.36 19.68
CA GLU L 143 -10.52 -66.05 19.75
C GLU L 143 -11.11 -66.06 18.34
N LEU L 144 -10.33 -65.63 17.36
CA LEU L 144 -10.78 -65.59 15.97
C LEU L 144 -10.13 -66.67 15.13
N LYS L 145 -8.98 -67.17 15.59
CA LYS L 145 -8.23 -68.21 14.89
C LYS L 145 -8.06 -67.85 13.42
N PRO L 146 -7.34 -66.75 13.15
CA PRO L 146 -7.07 -66.27 11.80
C PRO L 146 -5.90 -67.00 11.16
N GLN L 147 -5.86 -66.99 9.83
CA GLN L 147 -4.78 -67.64 9.10
C GLN L 147 -3.50 -66.83 9.24
N VAL L 148 -3.64 -65.50 9.28
CA VAL L 148 -2.50 -64.61 9.40
C VAL L 148 -2.70 -63.53 10.46
N VAL L 149 -1.66 -63.30 11.25
CA VAL L 149 -1.68 -62.26 12.28
C VAL L 149 -0.63 -61.25 11.87
N ALA L 150 -1.05 -60.00 11.64
CA ALA L 150 -0.12 -58.96 11.21
C ALA L 150 0.00 -57.76 12.14
N SER L 151 1.24 -57.34 12.37
CA SER L 151 1.53 -56.19 13.21
C SER L 151 2.28 -55.15 12.37
N SER L 152 2.12 -53.89 12.71
CA SER L 152 2.81 -52.83 11.99
C SER L 152 3.63 -52.02 12.99
N ALA L 153 4.88 -51.76 12.65
CA ALA L 153 5.75 -50.98 13.52
C ALA L 153 6.56 -50.04 12.63
N LEU L 154 6.53 -48.75 12.95
CA LEU L 154 7.25 -47.77 12.15
C LEU L 154 8.46 -47.15 12.86
N MET L 155 8.68 -47.58 14.09
CA MET L 155 9.81 -47.08 14.85
C MET L 155 10.74 -48.23 15.20
N THR L 156 11.96 -47.91 15.63
CA THR L 156 12.93 -48.94 16.00
C THR L 156 12.65 -49.40 17.42
N THR L 157 11.85 -48.61 18.13
CA THR L 157 11.51 -48.93 19.50
C THR L 157 10.19 -49.66 19.66
N THR L 158 9.36 -49.65 18.61
CA THR L 158 8.08 -50.34 18.68
C THR L 158 8.16 -51.57 17.79
N MET L 159 9.22 -51.61 17.00
CA MET L 159 9.49 -52.73 16.09
C MET L 159 9.91 -53.92 16.96
N VAL L 160 10.54 -53.61 18.08
CA VAL L 160 11.02 -54.60 19.04
C VAL L 160 9.90 -55.38 19.71
N ASN L 161 8.73 -54.76 19.82
CA ASN L 161 7.58 -55.41 20.45
C ASN L 161 7.03 -56.55 19.60
N GLN L 162 7.49 -56.64 18.36
CA GLN L 162 7.02 -57.71 17.48
C GLN L 162 7.55 -59.05 17.96
N ILE L 163 8.67 -59.02 18.66
CA ILE L 163 9.26 -60.24 19.21
C ILE L 163 8.30 -60.79 20.25
N GLN L 164 7.76 -59.90 21.07
CA GLN L 164 6.82 -60.27 22.11
C GLN L 164 5.56 -60.90 21.53
N ILE L 165 5.23 -60.57 20.28
CA ILE L 165 4.05 -61.16 19.65
C ILE L 165 4.36 -62.61 19.33
N GLU L 166 5.62 -62.85 18.94
CA GLU L 166 6.07 -64.19 18.63
C GLU L 166 6.07 -65.06 19.89
N GLU L 167 6.63 -64.51 20.97
CA GLU L 167 6.73 -65.21 22.25
C GLU L 167 5.39 -65.53 22.88
N GLN L 168 4.70 -64.49 23.35
CA GLN L 168 3.40 -64.67 24.00
C GLN L 168 2.43 -65.51 23.16
N LEU L 169 2.75 -65.66 21.87
CA LEU L 169 1.91 -66.44 20.96
C LEU L 169 2.33 -67.90 21.06
N LYS L 170 3.63 -68.12 21.26
CA LYS L 170 4.18 -69.46 21.40
C LYS L 170 3.72 -70.04 22.73
N GLU L 171 3.87 -69.26 23.80
CA GLU L 171 3.48 -69.71 25.14
C GLU L 171 1.97 -69.63 25.32
N ALA L 172 1.26 -69.65 24.20
CA ALA L 172 -0.20 -69.60 24.21
C ALA L 172 -0.65 -70.82 23.41
N GLY L 173 0.34 -71.57 22.91
CA GLY L 173 0.09 -72.77 22.14
C GLY L 173 -0.68 -72.52 20.85
N VAL L 174 -0.35 -71.41 20.17
CA VAL L 174 -1.02 -71.08 18.93
C VAL L 174 -0.08 -70.51 17.89
N ARG L 175 1.19 -70.37 18.25
CA ARG L 175 2.18 -69.84 17.30
C ARG L 175 2.19 -70.66 16.02
N ASP L 176 1.90 -71.95 16.16
CA ASP L 176 1.88 -72.86 15.02
C ASP L 176 0.50 -72.95 14.39
N GLN L 177 -0.46 -72.24 14.97
CA GLN L 177 -1.83 -72.24 14.45
C GLN L 177 -2.02 -71.11 13.46
N VAL L 178 -1.04 -70.21 13.39
CA VAL L 178 -1.14 -69.07 12.50
C VAL L 178 0.22 -68.55 12.03
N LYS L 179 0.23 -67.99 10.83
CA LYS L 179 1.45 -67.43 10.27
C LYS L 179 1.49 -65.92 10.53
N THR L 180 2.57 -65.47 11.15
CA THR L 180 2.73 -64.05 11.47
C THR L 180 3.39 -63.25 10.36
N MET L 181 3.09 -61.96 10.33
CA MET L 181 3.65 -61.05 9.33
C MET L 181 4.10 -59.76 9.99
N VAL L 182 5.23 -59.22 9.53
CA VAL L 182 5.75 -57.97 10.08
C VAL L 182 6.04 -56.98 8.96
N GLY L 183 5.73 -55.72 9.22
CA GLY L 183 5.97 -54.68 8.24
C GLY L 183 6.10 -53.31 8.87
N GLY L 184 6.72 -52.39 8.13
CA GLY L 184 6.93 -51.05 8.65
C GLY L 184 8.22 -50.50 8.09
N ALA L 185 8.31 -49.19 7.99
CA ALA L 185 9.49 -48.52 7.46
C ALA L 185 10.83 -49.11 7.94
N PRO L 186 11.00 -49.27 9.27
CA PRO L 186 12.25 -49.83 9.81
C PRO L 186 12.32 -51.36 9.74
N VAL L 187 11.18 -52.01 9.54
CA VAL L 187 11.14 -53.46 9.46
C VAL L 187 11.72 -53.94 8.13
N THR L 188 12.55 -54.99 8.21
CA THR L 188 13.19 -55.57 7.03
C THR L 188 13.03 -57.10 7.03
N GLN L 189 13.55 -57.75 6.00
CA GLN L 189 13.48 -59.21 5.90
C GLN L 189 14.35 -59.84 7.00
N ASP L 190 15.52 -59.25 7.23
CA ASP L 190 16.43 -59.74 8.26
C ASP L 190 15.73 -59.79 9.61
N TRP L 191 15.01 -58.71 9.93
CA TRP L 191 14.27 -58.64 11.18
C TRP L 191 13.25 -59.77 11.22
N ALA L 192 12.50 -59.94 10.14
CA ALA L 192 11.49 -60.98 10.06
C ALA L 192 12.11 -62.35 10.35
N ASP L 193 13.29 -62.60 9.79
CA ASP L 193 13.98 -63.86 10.01
C ASP L 193 14.47 -63.95 11.45
N LYS L 194 15.31 -63.01 11.85
CA LYS L 194 15.86 -63.00 13.19
C LYS L 194 14.79 -63.17 14.27
N ILE L 195 13.61 -62.60 14.04
CA ILE L 195 12.52 -62.68 15.02
C ILE L 195 11.75 -64.00 14.88
N GLY L 196 11.73 -64.54 13.67
CA GLY L 196 11.02 -65.78 13.44
C GLY L 196 9.66 -65.59 12.81
N ALA L 197 9.41 -64.38 12.30
CA ALA L 197 8.13 -64.08 11.67
C ALA L 197 8.02 -64.82 10.34
N ASP L 198 6.83 -65.35 10.07
CA ASP L 198 6.58 -66.10 8.84
C ASP L 198 6.69 -65.26 7.57
N ILE L 199 6.11 -64.07 7.59
CA ILE L 199 6.12 -63.20 6.41
C ILE L 199 6.63 -61.78 6.68
N TYR L 200 7.25 -61.19 5.67
CA TYR L 200 7.75 -59.83 5.75
C TYR L 200 7.10 -59.03 4.63
N GLY L 201 6.38 -57.98 5.00
CA GLY L 201 5.72 -57.14 4.02
C GLY L 201 6.52 -55.91 3.64
N GLU L 202 7.14 -55.95 2.47
CA GLU L 202 7.93 -54.82 1.98
C GLU L 202 7.02 -53.61 1.85
N SER L 203 5.81 -53.86 1.34
CA SER L 203 4.82 -52.81 1.13
C SER L 203 3.44 -53.44 1.17
N ALA L 204 2.43 -52.68 0.74
CA ALA L 204 1.06 -53.19 0.73
C ALA L 204 0.89 -54.23 -0.35
N ASN L 205 1.50 -54.00 -1.52
CA ASN L 205 1.42 -54.95 -2.62
C ASN L 205 2.22 -56.21 -2.31
N ASP L 206 3.41 -56.02 -1.76
CA ASP L 206 4.28 -57.14 -1.41
C ASP L 206 3.62 -57.98 -0.32
N ALA L 207 2.97 -57.32 0.64
CA ALA L 207 2.31 -58.02 1.72
C ALA L 207 1.17 -58.88 1.17
N VAL L 208 0.38 -58.31 0.27
CA VAL L 208 -0.73 -59.05 -0.31
C VAL L 208 -0.22 -60.25 -1.12
N ALA L 209 0.82 -60.02 -1.91
CA ALA L 209 1.42 -61.07 -2.73
C ALA L 209 1.97 -62.21 -1.87
N LYS L 210 2.60 -61.85 -0.76
CA LYS L 210 3.17 -62.85 0.14
C LYS L 210 2.13 -63.56 1.01
N VAL L 211 1.06 -62.86 1.38
CA VAL L 211 0.03 -63.46 2.21
C VAL L 211 -0.64 -64.61 1.46
N LYS L 212 -0.90 -64.43 0.17
CA LYS L 212 -1.53 -65.48 -0.61
C LYS L 212 -0.50 -66.55 -0.94
N ALA L 213 0.70 -66.12 -1.30
CA ALA L 213 1.76 -67.07 -1.63
C ALA L 213 2.11 -67.91 -0.41
N ALA L 214 1.67 -67.46 0.77
CA ALA L 214 1.96 -68.17 2.01
C ALA L 214 0.84 -69.10 2.45
N LEU L 215 -0.37 -68.89 1.95
CA LEU L 215 -1.48 -69.76 2.31
C LEU L 215 -2.40 -70.10 1.14
N ASN L 216 -2.60 -69.16 0.24
CA ASN L 216 -3.44 -69.36 -0.95
C ASN L 216 -3.03 -70.66 -1.63
#